data_7M9C
#
_entry.id   7M9C
#
loop_
_entity.id
_entity.type
_entity.pdbx_description
1 polymer TnsC
2 polymer 'DNA (34-MER)'
3 polymer 'DNA (34-MER)'
4 non-polymer "ADENOSINE-5'-DIPHOSPHATE"
#
loop_
_entity_poly.entity_id
_entity_poly.type
_entity_poly.pdbx_seq_one_letter_code
_entity_poly.pdbx_strand_id
1 'polypeptide(L)'
;MTEAQAIAKQLGGVKPDDEWLQAEIARLKGKSIVPLQQVKTLHDWLDGKRKARKSCRVVGESRTGKTVACDAYRYRHKPQ
QEAGRPPTVPVVYIRPHQKCGPKDLFKKITEYLKYRVTKGTVSDFRDRTIEVLKGCGVEMLIIDEADRLKPETFADVRDI
AEDLGIAVVLVGTDRLDAVIKRDEQVLERFRAHLRFGKLSGEDFKNTVEMWEQMVLKLPVSSNLKSKEMLRILTSATEGY
IGRLDEILREAAIRSLSRGLKKIDKAVLQEVAKEYK
;
A,B,C,D,E,F,G,H,I,J,K,L,O,P
2 'polydeoxyribonucleotide'
;(DA)(DA)(DA)(DA)(DA)(DA)(DA)(DA)(DA)(DA)(DA)(DA)(DA)(DA)(DA)(DA)(DA)(DA)(DA)(DA)
(DA)(DA)(DA)(DA)(DA)(DA)(DA)(DA)(DA)(DA)(DA)(DA)(DA)(DA)
;
M
3 'polydeoxyribonucleotide'
;(DT)(DT)(DT)(DT)(DT)(DT)(DT)(DT)(DT)(DT)(DT)(DT)(DT)(DT)(DT)(DT)(DT)(DT)(DT)(DT)
(DT)(DT)(DT)(DT)(DT)(DT)(DT)(DT)(DT)(DT)(DT)(DT)(DT)(DT)
;
N
#
# COMPACT_ATOMS: atom_id res chain seq x y z
N GLU A 19 -57.97 4.76 -35.35
CA GLU A 19 -58.96 3.87 -35.93
C GLU A 19 -59.53 2.93 -34.88
N TRP A 20 -60.85 2.99 -34.68
CA TRP A 20 -61.48 2.12 -33.69
C TRP A 20 -61.36 0.65 -34.07
N LEU A 21 -61.45 0.35 -35.37
CA LEU A 21 -61.36 -1.04 -35.81
C LEU A 21 -60.03 -1.67 -35.41
N GLN A 22 -58.94 -0.90 -35.50
CA GLN A 22 -57.64 -1.44 -35.11
C GLN A 22 -57.57 -1.68 -33.60
N ALA A 23 -58.20 -0.81 -32.80
CA ALA A 23 -58.27 -1.05 -31.37
C ALA A 23 -59.08 -2.29 -31.05
N GLU A 24 -60.19 -2.50 -31.78
CA GLU A 24 -61.01 -3.68 -31.59
C GLU A 24 -60.24 -4.95 -31.97
N ILE A 25 -59.43 -4.87 -33.02
CA ILE A 25 -58.57 -5.98 -33.39
C ILE A 25 -57.52 -6.24 -32.31
N ALA A 26 -56.91 -5.17 -31.80
CA ALA A 26 -55.90 -5.32 -30.74
C ALA A 26 -56.48 -5.93 -29.48
N ARG A 27 -57.77 -5.67 -29.21
CA ARG A 27 -58.42 -6.32 -28.08
C ARG A 27 -58.43 -7.83 -28.23
N LEU A 28 -58.53 -8.33 -29.47
CA LEU A 28 -58.58 -9.75 -29.73
C LEU A 28 -57.19 -10.34 -29.96
N LYS A 29 -56.39 -9.70 -30.80
CA LYS A 29 -55.00 -10.12 -30.96
C LYS A 29 -54.27 -9.91 -29.64
N GLY A 30 -53.74 -11.00 -29.09
CA GLY A 30 -53.08 -10.95 -27.80
C GLY A 30 -53.32 -12.25 -27.05
N LYS A 31 -53.16 -12.18 -25.74
CA LYS A 31 -53.29 -13.34 -24.89
C LYS A 31 -54.24 -13.05 -23.72
N SER A 32 -55.14 -13.99 -23.45
CA SER A 32 -56.07 -13.89 -22.35
C SER A 32 -56.20 -15.25 -21.68
N ILE A 33 -56.64 -15.23 -20.41
CA ILE A 33 -56.74 -16.43 -19.60
C ILE A 33 -58.17 -16.95 -19.63
N VAL A 34 -58.33 -18.22 -19.97
CA VAL A 34 -59.63 -18.89 -19.95
C VAL A 34 -59.54 -20.04 -18.94
N PRO A 35 -60.08 -19.85 -17.74
CA PRO A 35 -59.96 -20.90 -16.71
C PRO A 35 -60.62 -22.20 -17.12
N LEU A 36 -59.97 -23.31 -16.76
CA LEU A 36 -60.49 -24.63 -17.04
C LEU A 36 -60.33 -25.50 -15.81
N GLN A 37 -61.07 -26.62 -15.78
CA GLN A 37 -60.98 -27.55 -14.66
C GLN A 37 -59.56 -28.10 -14.52
N GLN A 38 -58.82 -28.23 -15.62
CA GLN A 38 -57.42 -28.61 -15.55
C GLN A 38 -56.62 -27.63 -14.69
N VAL A 39 -56.85 -26.34 -14.89
CA VAL A 39 -56.09 -25.31 -14.18
C VAL A 39 -56.46 -25.30 -12.70
N LYS A 40 -57.77 -25.34 -12.40
CA LYS A 40 -58.20 -25.35 -11.00
C LYS A 40 -57.70 -26.60 -10.28
N THR A 41 -57.74 -27.74 -10.97
CA THR A 41 -57.19 -28.98 -10.41
C THR A 41 -55.72 -28.82 -10.05
N LEU A 42 -54.94 -28.27 -10.99
CA LEU A 42 -53.52 -28.04 -10.70
C LEU A 42 -53.33 -27.10 -9.51
N HIS A 43 -54.16 -26.06 -9.42
CA HIS A 43 -53.99 -25.08 -8.34
C HIS A 43 -54.26 -25.72 -6.99
N ASP A 44 -55.36 -26.48 -6.87
CA ASP A 44 -55.65 -27.17 -5.62
C ASP A 44 -54.57 -28.20 -5.29
N TRP A 45 -54.10 -28.91 -6.31
CA TRP A 45 -53.02 -29.88 -6.14
C TRP A 45 -51.78 -29.21 -5.56
N LEU A 46 -51.39 -28.08 -6.13
CA LEU A 46 -50.21 -27.35 -5.67
C LEU A 46 -50.41 -26.82 -4.26
N ASP A 47 -51.62 -26.39 -3.92
CA ASP A 47 -51.91 -25.97 -2.56
C ASP A 47 -51.66 -27.11 -1.58
N GLY A 48 -52.19 -28.30 -1.89
CA GLY A 48 -51.95 -29.45 -1.04
C GLY A 48 -50.48 -29.78 -0.91
N LYS A 49 -49.73 -29.67 -2.02
CA LYS A 49 -48.30 -29.94 -1.96
C LYS A 49 -47.55 -28.90 -1.13
N ARG A 50 -48.01 -27.65 -1.16
CA ARG A 50 -47.42 -26.61 -0.31
C ARG A 50 -47.62 -26.94 1.16
N LYS A 51 -48.84 -27.33 1.52
CA LYS A 51 -49.11 -27.66 2.91
C LYS A 51 -48.23 -28.82 3.39
N ALA A 52 -47.96 -29.77 2.51
CA ALA A 52 -47.15 -30.94 2.85
C ALA A 52 -45.66 -30.71 2.62
N ARG A 53 -45.27 -29.60 2.00
CA ARG A 53 -43.88 -29.37 1.60
C ARG A 53 -43.35 -30.56 0.79
N LYS A 54 -44.18 -31.02 -0.14
CA LYS A 54 -43.90 -32.23 -0.91
C LYS A 54 -43.56 -31.86 -2.35
N SER A 55 -42.47 -32.45 -2.85
CA SER A 55 -42.05 -32.24 -4.23
C SER A 55 -42.83 -33.16 -5.17
N CYS A 56 -42.91 -32.74 -6.44
CA CYS A 56 -43.72 -33.47 -7.42
C CYS A 56 -43.33 -33.01 -8.82
N ARG A 57 -43.95 -33.64 -9.82
CA ARG A 57 -43.74 -33.32 -11.23
C ARG A 57 -45.06 -32.92 -11.88
N VAL A 58 -44.94 -32.15 -12.96
CA VAL A 58 -46.08 -31.79 -13.81
C VAL A 58 -45.69 -32.13 -15.24
N VAL A 59 -46.32 -33.17 -15.80
CA VAL A 59 -45.94 -33.74 -17.09
C VAL A 59 -47.06 -33.46 -18.09
N GLY A 60 -46.69 -32.91 -19.24
CA GLY A 60 -47.67 -32.61 -20.27
C GLY A 60 -47.01 -32.14 -21.55
N GLU A 61 -47.79 -32.16 -22.62
CA GLU A 61 -47.30 -31.75 -23.92
C GLU A 61 -47.25 -30.22 -24.02
N SER A 62 -46.54 -29.74 -25.04
CA SER A 62 -46.36 -28.32 -25.23
C SER A 62 -47.64 -27.66 -25.74
N ARG A 63 -47.75 -26.35 -25.50
CA ARG A 63 -48.89 -25.54 -25.92
C ARG A 63 -50.20 -26.03 -25.31
N THR A 64 -50.15 -26.57 -24.09
CA THR A 64 -51.33 -27.04 -23.39
C THR A 64 -51.85 -26.03 -22.36
N GLY A 65 -51.18 -24.90 -22.21
CA GLY A 65 -51.58 -23.91 -21.22
C GLY A 65 -51.03 -24.13 -19.84
N LYS A 66 -50.12 -25.09 -19.66
CA LYS A 66 -49.55 -25.34 -18.34
C LYS A 66 -48.68 -24.16 -17.89
N THR A 67 -47.92 -23.59 -18.82
CA THR A 67 -47.10 -22.42 -18.50
C THR A 67 -47.95 -21.26 -18.01
N VAL A 68 -49.17 -21.12 -18.54
CA VAL A 68 -50.07 -20.07 -18.07
C VAL A 68 -50.60 -20.41 -16.68
N ALA A 69 -50.89 -21.69 -16.43
CA ALA A 69 -51.42 -22.08 -15.13
C ALA A 69 -50.41 -21.85 -14.02
N CYS A 70 -49.13 -22.05 -14.32
CA CYS A 70 -48.08 -21.78 -13.32
C CYS A 70 -48.11 -20.32 -12.88
N ASP A 71 -48.13 -19.40 -13.84
CA ASP A 71 -48.17 -17.97 -13.51
C ASP A 71 -49.49 -17.59 -12.84
N ALA A 72 -50.60 -18.17 -13.31
CA ALA A 72 -51.90 -17.86 -12.72
C ALA A 72 -51.95 -18.28 -11.26
N TYR A 73 -51.30 -19.40 -10.92
CA TYR A 73 -51.19 -19.79 -9.52
C TYR A 73 -50.28 -18.84 -8.77
N ARG A 74 -49.14 -18.47 -9.36
CA ARG A 74 -48.21 -17.58 -8.67
C ARG A 74 -48.86 -16.24 -8.32
N TYR A 75 -49.67 -15.71 -9.23
CA TYR A 75 -50.28 -14.40 -9.03
C TYR A 75 -51.43 -14.42 -8.02
N ARG A 76 -51.78 -15.59 -7.50
CA ARG A 76 -52.74 -15.68 -6.39
C ARG A 76 -52.07 -15.69 -5.03
N HIS A 77 -50.74 -15.86 -4.99
CA HIS A 77 -49.99 -15.98 -3.76
C HIS A 77 -48.85 -15.03 -4.13
N LYS A 78 -48.93 -13.80 -3.63
CA LYS A 78 -47.96 -12.76 -3.97
C LYS A 78 -47.19 -12.57 -2.66
N PRO A 79 -45.94 -12.13 -2.73
CA PRO A 79 -45.16 -11.91 -1.52
C PRO A 79 -45.79 -10.86 -0.61
N GLN A 80 -45.51 -10.99 0.69
CA GLN A 80 -46.03 -10.09 1.71
C GLN A 80 -44.89 -9.35 2.38
N GLN A 81 -44.98 -8.02 2.43
CA GLN A 81 -43.95 -7.18 3.01
C GLN A 81 -44.50 -6.27 4.11
N GLU A 82 -45.56 -6.74 4.80
CA GLU A 82 -46.24 -5.88 5.77
C GLU A 82 -45.37 -5.60 6.99
N ALA A 83 -44.66 -6.60 7.49
CA ALA A 83 -43.85 -6.43 8.69
C ALA A 83 -42.52 -5.79 8.36
N GLY A 84 -41.89 -5.20 9.38
CA GLY A 84 -40.60 -4.56 9.22
C GLY A 84 -39.49 -5.46 8.72
N ARG A 85 -39.74 -6.78 8.71
CA ARG A 85 -38.78 -7.75 8.23
C ARG A 85 -38.73 -7.78 6.70
N PRO A 86 -37.66 -8.34 6.13
CA PRO A 86 -37.58 -8.48 4.67
C PRO A 86 -38.79 -9.18 4.10
N PRO A 87 -39.16 -8.87 2.86
CA PRO A 87 -40.37 -9.45 2.27
C PRO A 87 -40.31 -10.98 2.20
N THR A 88 -41.48 -11.61 2.35
CA THR A 88 -41.60 -13.06 2.40
C THR A 88 -42.20 -13.56 1.10
N VAL A 89 -41.43 -14.35 0.36
CA VAL A 89 -41.84 -14.89 -0.93
C VAL A 89 -42.30 -16.34 -0.71
N PRO A 90 -43.57 -16.66 -0.90
CA PRO A 90 -44.01 -18.05 -0.71
C PRO A 90 -43.68 -18.94 -1.90
N VAL A 91 -43.66 -18.39 -3.11
CA VAL A 91 -43.52 -19.17 -4.33
C VAL A 91 -42.46 -18.54 -5.21
N VAL A 92 -41.49 -19.34 -5.66
CA VAL A 92 -40.47 -18.94 -6.61
C VAL A 92 -40.74 -19.66 -7.92
N TYR A 93 -40.70 -18.92 -9.03
CA TYR A 93 -40.98 -19.47 -10.35
C TYR A 93 -39.91 -19.02 -11.33
N ILE A 94 -39.17 -19.99 -11.89
CA ILE A 94 -38.04 -19.70 -12.75
C ILE A 94 -38.15 -20.52 -14.03
N ARG A 95 -37.50 -20.02 -15.09
CA ARG A 95 -37.42 -20.72 -16.37
C ARG A 95 -35.96 -20.70 -16.83
N PRO A 96 -35.23 -21.81 -16.66
CA PRO A 96 -33.84 -21.85 -17.12
C PRO A 96 -33.72 -21.64 -18.62
N HIS A 97 -32.60 -21.06 -19.04
CA HIS A 97 -32.35 -20.72 -20.43
C HIS A 97 -31.74 -21.93 -21.14
N GLN A 98 -32.62 -22.81 -21.64
CA GLN A 98 -32.22 -24.03 -22.36
C GLN A 98 -31.24 -24.81 -21.47
N LYS A 99 -30.10 -25.26 -21.97
CA LYS A 99 -29.14 -25.96 -21.12
C LYS A 99 -28.62 -25.02 -20.04
N CYS A 100 -28.53 -25.53 -18.80
CA CYS A 100 -28.12 -24.69 -17.68
C CYS A 100 -27.33 -25.52 -16.68
N GLY A 101 -26.45 -24.84 -15.95
CA GLY A 101 -25.67 -25.47 -14.91
C GLY A 101 -26.11 -25.03 -13.53
N PRO A 102 -25.56 -25.66 -12.48
CA PRO A 102 -25.93 -25.27 -11.11
C PRO A 102 -25.72 -23.79 -10.83
N LYS A 103 -24.62 -23.23 -11.34
CA LYS A 103 -24.32 -21.81 -11.15
C LYS A 103 -25.45 -20.94 -11.70
N ASP A 104 -26.04 -21.33 -12.83
CA ASP A 104 -27.07 -20.51 -13.46
C ASP A 104 -28.39 -20.58 -12.68
N LEU A 105 -28.75 -21.76 -12.21
CA LEU A 105 -29.93 -21.87 -11.36
C LEU A 105 -29.77 -21.02 -10.11
N PHE A 106 -28.59 -21.10 -9.48
CA PHE A 106 -28.33 -20.29 -8.30
C PHE A 106 -28.45 -18.80 -8.60
N LYS A 107 -27.85 -18.37 -9.72
CA LYS A 107 -27.91 -16.97 -10.12
C LYS A 107 -29.34 -16.51 -10.33
N LYS A 108 -30.13 -17.30 -11.05
CA LYS A 108 -31.51 -16.90 -11.35
C LYS A 108 -32.37 -16.88 -10.10
N ILE A 109 -32.22 -17.87 -9.21
CA ILE A 109 -32.99 -17.88 -7.97
C ILE A 109 -32.62 -16.66 -7.13
N THR A 110 -31.34 -16.33 -7.07
CA THR A 110 -30.91 -15.16 -6.31
C THR A 110 -31.50 -13.87 -6.88
N GLU A 111 -31.52 -13.74 -8.21
CA GLU A 111 -32.08 -12.54 -8.84
C GLU A 111 -33.58 -12.45 -8.62
N TYR A 112 -34.28 -13.60 -8.70
CA TYR A 112 -35.72 -13.62 -8.50
C TYR A 112 -36.09 -13.01 -7.15
N LEU A 113 -35.36 -13.39 -6.09
CA LEU A 113 -35.61 -12.90 -4.75
C LEU A 113 -35.05 -11.50 -4.52
N LYS A 114 -34.58 -10.84 -5.58
CA LYS A 114 -34.11 -9.45 -5.52
C LYS A 114 -32.88 -9.30 -4.63
N TYR A 115 -31.89 -10.17 -4.83
CA TYR A 115 -30.64 -10.12 -4.12
C TYR A 115 -29.48 -10.01 -5.10
N ARG A 116 -28.38 -9.42 -4.63
CA ARG A 116 -27.18 -9.31 -5.44
C ARG A 116 -26.53 -10.67 -5.62
N VAL A 117 -26.13 -10.99 -6.85
CA VAL A 117 -25.44 -12.25 -7.13
C VAL A 117 -23.97 -12.09 -6.78
N THR A 118 -23.49 -12.95 -5.88
CA THR A 118 -22.07 -12.92 -5.53
C THR A 118 -21.22 -13.37 -6.70
N LYS A 119 -19.97 -12.93 -6.71
CA LYS A 119 -18.98 -13.41 -7.66
C LYS A 119 -18.15 -14.51 -7.01
N GLY A 120 -17.69 -15.45 -7.83
CA GLY A 120 -16.97 -16.59 -7.32
C GLY A 120 -17.30 -17.88 -8.05
N THR A 121 -17.23 -19.02 -7.33
CA THR A 121 -17.43 -20.33 -7.92
C THR A 121 -18.73 -20.95 -7.43
N VAL A 122 -19.02 -22.16 -7.94
CA VAL A 122 -20.28 -22.84 -7.67
C VAL A 122 -20.61 -22.96 -6.18
N SER A 123 -19.61 -23.29 -5.36
CA SER A 123 -19.85 -23.46 -3.92
C SER A 123 -20.31 -22.15 -3.28
N ASP A 124 -19.73 -21.02 -3.71
CA ASP A 124 -20.13 -19.73 -3.16
C ASP A 124 -21.57 -19.39 -3.55
N PHE A 125 -21.90 -19.55 -4.84
CA PHE A 125 -23.26 -19.33 -5.30
C PHE A 125 -24.25 -20.19 -4.51
N ARG A 126 -23.87 -21.45 -4.23
CA ARG A 126 -24.76 -22.36 -3.53
C ARG A 126 -24.99 -21.91 -2.09
N ASP A 127 -23.92 -21.55 -1.39
CA ASP A 127 -24.06 -21.06 -0.02
C ASP A 127 -25.00 -19.86 0.02
N ARG A 128 -24.80 -18.91 -0.90
CA ARG A 128 -25.65 -17.72 -0.93
C ARG A 128 -27.11 -18.08 -1.27
N THR A 129 -27.31 -19.04 -2.18
CA THR A 129 -28.65 -19.42 -2.58
C THR A 129 -29.41 -20.04 -1.42
N ILE A 130 -28.79 -20.98 -0.72
CA ILE A 130 -29.46 -21.60 0.42
C ILE A 130 -29.65 -20.60 1.55
N GLU A 131 -28.86 -19.52 1.59
CA GLU A 131 -29.13 -18.46 2.54
C GLU A 131 -30.41 -17.71 2.19
N VAL A 132 -30.51 -17.23 0.95
CA VAL A 132 -31.69 -16.46 0.57
C VAL A 132 -32.96 -17.31 0.54
N LEU A 133 -32.82 -18.63 0.39
CA LEU A 133 -33.98 -19.52 0.45
C LEU A 133 -34.48 -19.73 1.88
N LYS A 134 -33.70 -19.33 2.89
CA LYS A 134 -34.16 -19.29 4.27
C LYS A 134 -34.59 -17.90 4.70
N GLY A 135 -33.98 -16.86 4.14
CA GLY A 135 -34.46 -15.51 4.40
C GLY A 135 -35.93 -15.35 4.03
N CYS A 136 -36.29 -15.72 2.81
CA CYS A 136 -37.67 -15.80 2.40
C CYS A 136 -38.24 -17.17 2.77
N GLY A 137 -39.56 -17.21 2.98
CA GLY A 137 -40.19 -18.49 3.33
C GLY A 137 -39.96 -19.55 2.27
N VAL A 138 -40.24 -19.20 1.01
CA VAL A 138 -40.11 -20.09 -0.14
C VAL A 138 -40.81 -21.45 -0.04
N GLU A 139 -42.04 -21.45 0.48
CA GLU A 139 -42.79 -22.69 0.58
C GLU A 139 -42.71 -23.65 -0.60
N MET A 140 -42.54 -23.13 -1.81
CA MET A 140 -42.56 -23.98 -2.99
C MET A 140 -41.76 -23.32 -4.11
N LEU A 141 -40.90 -24.10 -4.77
CA LEU A 141 -40.15 -23.66 -5.93
C LEU A 141 -40.65 -24.41 -7.16
N ILE A 142 -41.02 -23.67 -8.20
CA ILE A 142 -41.50 -24.25 -9.45
C ILE A 142 -40.47 -23.95 -10.55
N ILE A 143 -40.02 -25.00 -11.23
CA ILE A 143 -39.01 -24.89 -12.28
C ILE A 143 -39.68 -25.21 -13.62
N ASP A 144 -39.73 -24.22 -14.50
CA ASP A 144 -40.32 -24.38 -15.82
C ASP A 144 -39.29 -24.93 -16.81
N GLU A 145 -39.80 -25.54 -17.89
CA GLU A 145 -38.97 -26.13 -18.93
C GLU A 145 -37.87 -27.00 -18.32
N ALA A 146 -38.24 -27.81 -17.33
CA ALA A 146 -37.26 -28.61 -16.60
C ALA A 146 -36.61 -29.65 -17.50
N ASP A 147 -37.31 -30.09 -18.55
CA ASP A 147 -36.70 -31.01 -19.51
C ASP A 147 -35.44 -30.42 -20.10
N ARG A 148 -35.49 -29.15 -20.50
CA ARG A 148 -34.33 -28.45 -21.06
C ARG A 148 -33.46 -27.95 -19.91
N LEU A 149 -32.74 -28.88 -19.30
CA LEU A 149 -31.88 -28.58 -18.17
C LEU A 149 -30.85 -29.70 -18.05
N LYS A 150 -29.61 -29.34 -17.78
CA LYS A 150 -28.56 -30.34 -17.69
C LYS A 150 -28.90 -31.36 -16.62
N PRO A 151 -28.72 -32.65 -16.90
CA PRO A 151 -29.04 -33.67 -15.88
C PRO A 151 -28.21 -33.55 -14.62
N GLU A 152 -27.11 -32.78 -14.66
CA GLU A 152 -26.24 -32.64 -13.50
C GLU A 152 -26.88 -31.78 -12.41
N THR A 153 -27.75 -30.84 -12.78
CA THR A 153 -28.34 -29.93 -11.82
C THR A 153 -29.35 -30.62 -10.91
N PHE A 154 -29.90 -31.76 -11.34
CA PHE A 154 -30.88 -32.46 -10.52
C PHE A 154 -30.26 -33.04 -9.25
N ALA A 155 -28.95 -33.29 -9.26
CA ALA A 155 -28.27 -33.73 -8.04
C ALA A 155 -28.35 -32.65 -6.96
N ASP A 156 -28.22 -31.39 -7.36
CA ASP A 156 -28.37 -30.28 -6.42
C ASP A 156 -29.82 -30.05 -6.05
N VAL A 157 -30.73 -30.22 -7.03
CA VAL A 157 -32.15 -29.99 -6.77
C VAL A 157 -32.67 -30.97 -5.71
N ARG A 158 -32.38 -32.26 -5.89
CA ARG A 158 -32.85 -33.26 -4.94
C ARG A 158 -32.28 -33.04 -3.54
N ASP A 159 -31.10 -32.43 -3.46
CA ASP A 159 -30.50 -32.15 -2.15
C ASP A 159 -31.12 -30.94 -1.49
N ILE A 160 -31.35 -29.87 -2.26
CA ILE A 160 -31.97 -28.67 -1.71
C ILE A 160 -33.39 -28.98 -1.25
N ALA A 161 -34.11 -29.84 -1.99
CA ALA A 161 -35.48 -30.18 -1.63
C ALA A 161 -35.57 -30.88 -0.29
N GLU A 162 -34.48 -31.48 0.18
CA GLU A 162 -34.46 -32.21 1.45
C GLU A 162 -33.77 -31.46 2.57
N ASP A 163 -32.66 -30.76 2.25
CA ASP A 163 -31.98 -29.98 3.28
C ASP A 163 -32.86 -28.85 3.80
N LEU A 164 -33.58 -28.19 2.91
CA LEU A 164 -34.49 -27.12 3.25
C LEU A 164 -35.92 -27.60 3.02
N GLY A 165 -36.83 -27.17 3.89
CA GLY A 165 -38.23 -27.55 3.76
C GLY A 165 -38.95 -26.80 2.67
N ILE A 166 -38.59 -27.07 1.42
CA ILE A 166 -39.18 -26.41 0.26
C ILE A 166 -39.68 -27.48 -0.71
N ALA A 167 -40.89 -27.30 -1.21
CA ALA A 167 -41.46 -28.20 -2.21
C ALA A 167 -41.01 -27.78 -3.59
N VAL A 168 -40.47 -28.74 -4.35
CA VAL A 168 -39.93 -28.47 -5.69
C VAL A 168 -40.85 -29.12 -6.72
N VAL A 169 -41.30 -28.34 -7.69
CA VAL A 169 -42.16 -28.82 -8.77
C VAL A 169 -41.39 -28.73 -10.07
N LEU A 170 -41.29 -29.87 -10.76
CA LEU A 170 -40.59 -29.95 -12.05
C LEU A 170 -41.63 -30.02 -13.17
N VAL A 171 -41.68 -29.00 -14.00
CA VAL A 171 -42.66 -28.89 -15.09
C VAL A 171 -41.96 -29.24 -16.39
N GLY A 172 -42.49 -30.23 -17.12
CA GLY A 172 -41.89 -30.67 -18.37
C GLY A 172 -42.72 -31.66 -19.16
N THR A 173 -42.07 -32.52 -19.93
CA THR A 173 -42.76 -33.51 -20.76
C THR A 173 -41.98 -34.83 -20.73
N ASP A 174 -42.44 -35.80 -21.53
CA ASP A 174 -41.92 -37.16 -21.46
C ASP A 174 -40.41 -37.30 -21.31
N ARG A 175 -39.64 -36.50 -22.05
CA ARG A 175 -38.18 -36.59 -21.97
C ARG A 175 -37.68 -36.24 -20.57
N LEU A 176 -38.39 -35.35 -19.87
CA LEU A 176 -38.05 -35.08 -18.48
C LEU A 176 -38.24 -36.31 -17.62
N ASP A 177 -39.33 -37.05 -17.83
CA ASP A 177 -39.53 -38.30 -17.10
C ASP A 177 -38.45 -39.30 -17.41
N ALA A 178 -37.99 -39.33 -18.67
CA ALA A 178 -36.87 -40.20 -19.02
C ALA A 178 -35.63 -39.86 -18.21
N VAL A 179 -35.31 -38.56 -18.11
CA VAL A 179 -34.16 -38.14 -17.33
C VAL A 179 -34.35 -38.47 -15.86
N ILE A 180 -35.54 -38.23 -15.32
CA ILE A 180 -35.80 -38.45 -13.89
C ILE A 180 -35.70 -39.93 -13.55
N LYS A 181 -36.28 -40.80 -14.39
CA LYS A 181 -36.19 -42.22 -14.17
C LYS A 181 -34.77 -42.74 -14.36
N ARG A 182 -33.98 -42.06 -15.21
CA ARG A 182 -32.61 -42.51 -15.47
C ARG A 182 -31.79 -42.57 -14.18
N ASP A 183 -31.85 -41.51 -13.36
CA ASP A 183 -31.16 -41.47 -12.07
C ASP A 183 -32.17 -41.80 -10.98
N GLU A 184 -32.06 -43.00 -10.42
CA GLU A 184 -33.06 -43.48 -9.48
C GLU A 184 -33.15 -42.61 -8.23
N GLN A 185 -32.02 -42.06 -7.77
CA GLN A 185 -32.03 -41.25 -6.56
C GLN A 185 -32.90 -40.01 -6.70
N VAL A 186 -33.20 -39.59 -7.92
CA VAL A 186 -34.12 -38.46 -8.13
C VAL A 186 -35.56 -38.93 -8.28
N LEU A 187 -35.78 -40.00 -9.05
CA LEU A 187 -37.13 -40.55 -9.18
C LEU A 187 -37.70 -40.95 -7.83
N GLU A 188 -36.84 -41.38 -6.90
CA GLU A 188 -37.30 -41.83 -5.60
C GLU A 188 -38.13 -40.76 -4.89
N ARG A 189 -37.76 -39.49 -5.05
CA ARG A 189 -38.52 -38.41 -4.46
C ARG A 189 -39.64 -37.93 -5.39
N PHE A 190 -39.35 -37.79 -6.68
CA PHE A 190 -40.30 -37.24 -7.64
C PHE A 190 -41.18 -38.34 -8.24
N ARG A 191 -41.91 -39.02 -7.36
CA ARG A 191 -42.87 -40.03 -7.79
C ARG A 191 -44.25 -39.42 -8.03
N ALA A 192 -44.66 -38.51 -7.15
CA ALA A 192 -45.94 -37.82 -7.32
C ALA A 192 -45.90 -36.96 -8.57
N HIS A 193 -47.02 -36.93 -9.29
CA HIS A 193 -47.08 -36.18 -10.54
C HIS A 193 -48.53 -35.89 -10.90
N LEU A 194 -48.71 -34.84 -11.70
CA LEU A 194 -49.99 -34.47 -12.29
C LEU A 194 -49.82 -34.43 -13.80
N ARG A 195 -50.84 -34.88 -14.53
CA ARG A 195 -50.81 -34.90 -15.98
C ARG A 195 -51.73 -33.83 -16.55
N PHE A 196 -51.31 -33.24 -17.66
CA PHE A 196 -52.15 -32.40 -18.48
C PHE A 196 -52.67 -33.23 -19.66
N GLY A 197 -53.95 -33.09 -19.97
CA GLY A 197 -54.57 -33.86 -21.03
C GLY A 197 -54.74 -33.04 -22.30
N LYS A 198 -55.48 -33.62 -23.25
CA LYS A 198 -55.78 -32.98 -24.53
C LYS A 198 -57.29 -32.79 -24.65
N LEU A 199 -57.69 -31.91 -25.56
CA LEU A 199 -59.10 -31.61 -25.78
C LEU A 199 -59.73 -32.64 -26.70
N SER A 200 -61.00 -32.95 -26.43
CA SER A 200 -61.73 -33.92 -27.25
C SER A 200 -63.22 -33.84 -26.94
N GLY A 201 -64.03 -34.01 -27.99
CA GLY A 201 -65.46 -34.22 -27.80
C GLY A 201 -66.17 -33.06 -27.14
N GLU A 202 -67.00 -33.39 -26.14
CA GLU A 202 -67.77 -32.38 -25.43
C GLU A 202 -66.87 -31.44 -24.65
N ASP A 203 -65.78 -31.97 -24.08
CA ASP A 203 -64.82 -31.11 -23.40
C ASP A 203 -64.25 -30.08 -24.35
N PHE A 204 -63.90 -30.49 -25.57
CA PHE A 204 -63.37 -29.56 -26.57
C PHE A 204 -64.42 -28.55 -26.99
N LYS A 205 -65.66 -29.00 -27.20
CA LYS A 205 -66.74 -28.08 -27.59
C LYS A 205 -66.96 -27.02 -26.52
N ASN A 206 -67.03 -27.44 -25.26
CA ASN A 206 -67.20 -26.50 -24.16
C ASN A 206 -65.99 -25.57 -24.05
N THR A 207 -64.79 -26.10 -24.25
CA THR A 207 -63.59 -25.28 -24.18
C THR A 207 -63.62 -24.17 -25.21
N VAL A 208 -63.91 -24.52 -26.47
CA VAL A 208 -63.89 -23.51 -27.52
C VAL A 208 -65.07 -22.55 -27.38
N GLU A 209 -66.21 -23.01 -26.88
CA GLU A 209 -67.35 -22.11 -26.69
C GLU A 209 -67.09 -21.12 -25.58
N MET A 210 -66.56 -21.59 -24.45
CA MET A 210 -66.18 -20.69 -23.36
C MET A 210 -65.09 -19.72 -23.80
N TRP A 211 -64.07 -20.24 -24.50
CA TRP A 211 -63.03 -19.38 -25.06
C TRP A 211 -63.62 -18.30 -25.95
N GLU A 212 -64.57 -18.66 -26.81
CA GLU A 212 -65.16 -17.70 -27.73
C GLU A 212 -65.96 -16.65 -26.98
N GLN A 213 -66.80 -17.08 -26.03
CA GLN A 213 -67.62 -16.13 -25.29
C GLN A 213 -66.75 -15.15 -24.50
N MET A 214 -65.63 -15.63 -23.96
CA MET A 214 -64.79 -14.76 -23.13
C MET A 214 -63.89 -13.86 -23.97
N VAL A 215 -63.29 -14.42 -25.02
CA VAL A 215 -62.27 -13.71 -25.80
C VAL A 215 -62.93 -12.85 -26.87
N LEU A 216 -63.70 -13.48 -27.76
CA LEU A 216 -64.29 -12.76 -28.90
C LEU A 216 -65.31 -11.75 -28.40
N LYS A 217 -64.97 -10.47 -28.51
CA LYS A 217 -65.87 -9.38 -28.11
C LYS A 217 -66.81 -8.95 -29.22
N LEU A 218 -66.78 -9.64 -30.36
CA LEU A 218 -67.64 -9.27 -31.48
C LEU A 218 -69.11 -9.43 -31.09
N PRO A 219 -69.94 -8.39 -31.26
CA PRO A 219 -71.35 -8.49 -30.87
C PRO A 219 -72.12 -9.57 -31.61
N VAL A 220 -71.66 -10.01 -32.77
CA VAL A 220 -72.34 -11.03 -33.55
C VAL A 220 -71.77 -12.39 -33.19
N SER A 221 -72.63 -13.31 -32.80
CA SER A 221 -72.19 -14.64 -32.40
C SER A 221 -71.66 -15.42 -33.60
N SER A 222 -70.58 -16.18 -33.36
CA SER A 222 -70.03 -17.04 -34.40
C SER A 222 -70.75 -18.37 -34.50
N ASN A 223 -71.48 -18.77 -33.45
CA ASN A 223 -72.11 -20.09 -33.36
C ASN A 223 -71.06 -21.20 -33.56
N LEU A 224 -69.88 -20.98 -32.96
CA LEU A 224 -68.74 -21.86 -33.18
C LEU A 224 -69.03 -23.30 -32.77
N LYS A 225 -69.90 -23.50 -31.78
CA LYS A 225 -70.20 -24.85 -31.30
C LYS A 225 -70.89 -25.72 -32.34
N SER A 226 -71.40 -25.14 -33.43
CA SER A 226 -72.02 -25.92 -34.49
C SER A 226 -70.99 -26.82 -35.16
N LYS A 227 -71.47 -27.93 -35.72
CA LYS A 227 -70.58 -28.98 -36.21
C LYS A 227 -69.72 -28.49 -37.37
N GLU A 228 -70.27 -27.65 -38.24
CA GLU A 228 -69.54 -27.23 -39.43
C GLU A 228 -68.26 -26.49 -39.08
N MET A 229 -68.32 -25.62 -38.06
CA MET A 229 -67.15 -24.89 -37.61
C MET A 229 -66.34 -25.66 -36.59
N LEU A 230 -67.03 -26.41 -35.72
CA LEU A 230 -66.35 -27.22 -34.71
C LEU A 230 -65.41 -28.24 -35.34
N ARG A 231 -65.82 -28.82 -36.47
CA ARG A 231 -64.99 -29.85 -37.11
C ARG A 231 -63.71 -29.25 -37.70
N ILE A 232 -63.84 -28.13 -38.42
CA ILE A 232 -62.66 -27.46 -38.98
C ILE A 232 -61.73 -27.02 -37.87
N LEU A 233 -62.28 -26.45 -36.80
CA LEU A 233 -61.46 -26.04 -35.66
C LEU A 233 -60.80 -27.24 -34.99
N THR A 234 -61.48 -28.39 -34.93
CA THR A 234 -60.86 -29.58 -34.39
C THR A 234 -59.66 -30.00 -35.23
N SER A 235 -59.83 -30.02 -36.55
CA SER A 235 -58.74 -30.41 -37.44
C SER A 235 -57.55 -29.46 -37.28
N ALA A 236 -57.80 -28.16 -37.17
CA ALA A 236 -56.71 -27.20 -37.01
C ALA A 236 -56.12 -27.22 -35.62
N THR A 237 -56.91 -27.60 -34.61
CA THR A 237 -56.49 -27.49 -33.22
C THR A 237 -55.62 -28.67 -32.80
N GLU A 238 -55.95 -29.87 -33.27
CA GLU A 238 -55.25 -31.11 -32.93
C GLU A 238 -55.28 -31.38 -31.42
N GLY A 239 -56.21 -30.77 -30.70
CA GLY A 239 -56.35 -30.98 -29.27
C GLY A 239 -55.52 -30.07 -28.39
N TYR A 240 -54.80 -29.11 -28.96
CA TYR A 240 -53.94 -28.21 -28.20
C TYR A 240 -54.63 -26.87 -28.01
N ILE A 241 -54.68 -26.39 -26.75
CA ILE A 241 -55.39 -25.16 -26.44
C ILE A 241 -54.74 -23.97 -27.16
N GLY A 242 -53.41 -23.91 -27.16
CA GLY A 242 -52.73 -22.81 -27.82
C GLY A 242 -53.04 -22.73 -29.31
N ARG A 243 -53.28 -23.88 -29.93
CA ARG A 243 -53.56 -23.90 -31.37
C ARG A 243 -54.94 -23.34 -31.68
N LEU A 244 -55.96 -23.72 -30.89
CA LEU A 244 -57.27 -23.10 -31.09
C LEU A 244 -57.22 -21.61 -30.77
N ASP A 245 -56.43 -21.24 -29.77
CA ASP A 245 -56.20 -19.82 -29.47
C ASP A 245 -55.74 -19.08 -30.72
N GLU A 246 -54.64 -19.55 -31.31
CA GLU A 246 -54.10 -18.94 -32.52
C GLU A 246 -55.14 -18.90 -33.65
N ILE A 247 -55.80 -20.04 -33.88
CA ILE A 247 -56.70 -20.16 -35.04
C ILE A 247 -57.87 -19.19 -34.92
N LEU A 248 -58.54 -19.18 -33.77
CA LEU A 248 -59.73 -18.35 -33.62
C LEU A 248 -59.36 -16.87 -33.57
N ARG A 249 -58.23 -16.52 -32.93
CA ARG A 249 -57.82 -15.12 -32.93
C ARG A 249 -57.50 -14.64 -34.33
N GLU A 250 -56.81 -15.47 -35.13
CA GLU A 250 -56.50 -15.09 -36.50
C GLU A 250 -57.77 -14.96 -37.33
N ALA A 251 -58.73 -15.86 -37.13
CA ALA A 251 -60.01 -15.76 -37.83
C ALA A 251 -60.72 -14.46 -37.47
N ALA A 252 -60.68 -14.07 -36.20
CA ALA A 252 -61.29 -12.81 -35.78
C ALA A 252 -60.59 -11.61 -36.40
N ILE A 253 -59.25 -11.66 -36.47
CA ILE A 253 -58.49 -10.57 -37.08
C ILE A 253 -58.87 -10.42 -38.54
N ARG A 254 -58.89 -11.54 -39.28
CA ARG A 254 -59.24 -11.49 -40.69
C ARG A 254 -60.69 -11.06 -40.90
N SER A 255 -61.59 -11.48 -40.00
CA SER A 255 -62.99 -11.11 -40.14
C SER A 255 -63.20 -9.63 -39.89
N LEU A 256 -62.52 -9.06 -38.89
CA LEU A 256 -62.63 -7.64 -38.64
C LEU A 256 -61.98 -6.82 -39.76
N SER A 257 -60.87 -7.32 -40.30
CA SER A 257 -60.15 -6.57 -41.34
C SER A 257 -60.92 -6.57 -42.66
N ARG A 258 -61.45 -7.73 -43.07
CA ARG A 258 -62.20 -7.82 -44.30
C ARG A 258 -63.65 -7.38 -44.14
N GLY A 259 -64.10 -7.12 -42.91
CA GLY A 259 -65.43 -6.61 -42.68
C GLY A 259 -66.53 -7.65 -42.54
N LEU A 260 -66.21 -8.82 -42.02
CA LEU A 260 -67.20 -9.89 -41.93
C LEU A 260 -68.09 -9.72 -40.71
N LYS A 261 -69.35 -10.17 -40.85
CA LYS A 261 -70.28 -10.11 -39.73
C LYS A 261 -69.86 -11.06 -38.61
N LYS A 262 -69.26 -12.18 -38.94
CA LYS A 262 -68.88 -13.17 -37.93
C LYS A 262 -67.85 -14.11 -38.51
N ILE A 263 -67.09 -14.76 -37.61
CA ILE A 263 -66.29 -15.89 -38.02
C ILE A 263 -67.21 -17.00 -38.49
N ASP A 264 -66.96 -17.51 -39.69
CA ASP A 264 -67.82 -18.51 -40.30
C ASP A 264 -66.95 -19.69 -40.72
N LYS A 265 -67.59 -20.72 -41.30
CA LYS A 265 -66.86 -21.93 -41.67
C LYS A 265 -65.79 -21.61 -42.71
N ALA A 266 -66.09 -20.72 -43.66
CA ALA A 266 -65.11 -20.37 -44.68
C ALA A 266 -63.90 -19.67 -44.07
N VAL A 267 -64.12 -18.79 -43.10
CA VAL A 267 -63.02 -18.10 -42.44
C VAL A 267 -62.13 -19.09 -41.70
N LEU A 268 -62.77 -19.99 -40.94
CA LEU A 268 -62.03 -21.02 -40.23
C LEU A 268 -61.21 -21.86 -41.19
N GLN A 269 -61.76 -22.17 -42.36
CA GLN A 269 -61.01 -22.94 -43.35
C GLN A 269 -59.84 -22.13 -43.90
N GLU A 270 -60.04 -20.83 -44.14
CA GLU A 270 -58.98 -20.00 -44.70
C GLU A 270 -57.79 -19.92 -43.76
N VAL A 271 -58.05 -19.86 -42.46
CA VAL A 271 -56.96 -19.63 -41.50
C VAL A 271 -56.00 -20.82 -41.44
N ALA A 272 -56.54 -22.04 -41.43
CA ALA A 272 -55.73 -23.24 -41.25
C ALA A 272 -54.78 -23.51 -42.40
N LYS A 273 -54.90 -22.79 -43.52
CA LYS A 273 -54.08 -23.07 -44.69
C LYS A 273 -52.61 -22.74 -44.45
N GLU A 274 -52.33 -21.61 -43.79
CA GLU A 274 -50.95 -21.18 -43.61
C GLU A 274 -50.17 -22.17 -42.75
N TYR A 275 -50.79 -22.72 -41.73
CA TYR A 275 -50.13 -23.67 -40.86
C TYR A 275 -50.36 -25.11 -41.32
N GLU B 19 -56.65 -25.49 19.13
CA GLU B 19 -57.48 -26.64 18.79
C GLU B 19 -56.69 -27.95 18.90
N TRP B 20 -57.35 -28.98 19.42
CA TRP B 20 -56.72 -30.28 19.60
C TRP B 20 -56.19 -30.82 18.27
N LEU B 21 -57.03 -30.75 17.24
CA LEU B 21 -56.66 -31.31 15.93
C LEU B 21 -55.42 -30.63 15.38
N GLN B 22 -55.34 -29.30 15.48
CA GLN B 22 -54.20 -28.58 14.94
C GLN B 22 -52.91 -28.98 15.65
N ALA B 23 -52.97 -29.17 16.97
CA ALA B 23 -51.79 -29.61 17.72
C ALA B 23 -51.33 -30.97 17.24
N GLU B 24 -52.26 -31.93 17.12
CA GLU B 24 -51.87 -33.26 16.68
C GLU B 24 -51.32 -33.24 15.26
N ILE B 25 -51.93 -32.44 14.38
CA ILE B 25 -51.48 -32.38 12.98
C ILE B 25 -50.09 -31.76 12.90
N ALA B 26 -49.85 -30.68 13.64
CA ALA B 26 -48.52 -30.08 13.66
C ALA B 26 -47.49 -31.05 14.18
N ARG B 27 -47.86 -31.86 15.17
CA ARG B 27 -46.94 -32.88 15.67
C ARG B 27 -46.64 -33.92 14.58
N LEU B 28 -47.67 -34.35 13.85
CA LEU B 28 -47.48 -35.39 12.84
C LEU B 28 -46.59 -34.93 11.69
N LYS B 29 -46.61 -33.63 11.36
CA LYS B 29 -45.81 -33.11 10.28
C LYS B 29 -44.36 -32.84 10.68
N GLY B 30 -43.95 -33.26 11.87
CA GLY B 30 -42.59 -33.06 12.32
C GLY B 30 -41.65 -34.21 12.02
N LYS B 31 -40.86 -34.61 13.00
CA LYS B 31 -39.86 -35.67 12.84
C LYS B 31 -39.78 -36.49 14.12
N SER B 32 -39.56 -37.79 13.98
CA SER B 32 -39.42 -38.70 15.12
C SER B 32 -38.56 -39.88 14.69
N ILE B 33 -38.10 -40.65 15.69
CA ILE B 33 -37.21 -41.79 15.48
C ILE B 33 -37.85 -43.02 16.08
N VAL B 34 -37.89 -44.11 15.31
CA VAL B 34 -38.35 -45.41 15.79
C VAL B 34 -37.12 -46.29 16.00
N PRO B 35 -36.85 -46.75 17.22
CA PRO B 35 -35.69 -47.63 17.45
C PRO B 35 -35.82 -48.93 16.66
N LEU B 36 -34.75 -49.31 15.98
CA LEU B 36 -34.75 -50.52 15.16
C LEU B 36 -33.46 -51.31 15.41
N GLN B 37 -33.56 -52.63 15.19
CA GLN B 37 -32.39 -53.50 15.37
C GLN B 37 -31.24 -53.10 14.45
N GLN B 38 -31.56 -52.62 13.25
CA GLN B 38 -30.52 -52.15 12.33
C GLN B 38 -29.68 -51.05 12.99
N VAL B 39 -30.33 -50.13 13.70
CA VAL B 39 -29.63 -49.00 14.31
C VAL B 39 -28.72 -49.48 15.44
N LYS B 40 -29.24 -50.36 16.30
CA LYS B 40 -28.44 -50.86 17.41
C LYS B 40 -27.25 -51.66 16.90
N THR B 41 -27.47 -52.47 15.85
CA THR B 41 -26.38 -53.19 15.21
C THR B 41 -25.29 -52.24 14.75
N LEU B 42 -25.69 -51.19 14.01
CA LEU B 42 -24.72 -50.20 13.54
C LEU B 42 -23.97 -49.57 14.69
N HIS B 43 -24.67 -49.24 15.78
CA HIS B 43 -24.03 -48.52 16.88
C HIS B 43 -23.00 -49.39 17.60
N ASP B 44 -23.34 -50.65 17.87
CA ASP B 44 -22.35 -51.56 18.46
C ASP B 44 -21.13 -51.71 17.55
N TRP B 45 -21.38 -51.89 16.25
CA TRP B 45 -20.27 -52.02 15.30
C TRP B 45 -19.39 -50.78 15.30
N LEU B 46 -20.01 -49.60 15.32
CA LEU B 46 -19.26 -48.35 15.26
C LEU B 46 -18.44 -48.14 16.53
N ASP B 47 -19.00 -48.48 17.69
CA ASP B 47 -18.22 -48.39 18.92
C ASP B 47 -17.00 -49.30 18.86
N GLY B 48 -17.18 -50.52 18.34
CA GLY B 48 -16.03 -51.40 18.14
C GLY B 48 -14.97 -50.76 17.27
N LYS B 49 -15.38 -50.21 16.13
CA LYS B 49 -14.42 -49.61 15.20
C LYS B 49 -13.73 -48.39 15.82
N ARG B 50 -14.48 -47.59 16.59
CA ARG B 50 -13.91 -46.40 17.21
C ARG B 50 -12.86 -46.78 18.26
N LYS B 51 -13.15 -47.82 19.05
CA LYS B 51 -12.16 -48.29 20.01
C LYS B 51 -10.94 -48.86 19.32
N ALA B 52 -11.13 -49.57 18.21
CA ALA B 52 -10.02 -50.14 17.47
C ALA B 52 -9.33 -49.12 16.57
N ARG B 53 -9.93 -47.95 16.35
CA ARG B 53 -9.38 -46.91 15.48
C ARG B 53 -9.15 -47.44 14.07
N LYS B 54 -10.17 -48.13 13.55
CA LYS B 54 -10.12 -48.70 12.21
C LYS B 54 -11.14 -48.01 11.31
N SER B 55 -10.74 -47.76 10.07
CA SER B 55 -11.66 -47.23 9.07
C SER B 55 -12.53 -48.34 8.50
N CYS B 56 -13.69 -47.97 7.99
CA CYS B 56 -14.66 -48.95 7.51
C CYS B 56 -15.67 -48.26 6.58
N ARG B 57 -16.56 -49.06 6.01
CA ARG B 57 -17.57 -48.58 5.08
C ARG B 57 -18.96 -48.98 5.55
N VAL B 58 -19.96 -48.18 5.17
CA VAL B 58 -21.36 -48.46 5.43
C VAL B 58 -22.10 -48.35 4.10
N VAL B 59 -22.65 -49.46 3.63
CA VAL B 59 -23.25 -49.56 2.31
C VAL B 59 -24.73 -49.89 2.46
N GLY B 60 -25.57 -49.18 1.71
CA GLY B 60 -27.00 -49.42 1.75
C GLY B 60 -27.73 -48.53 0.77
N GLU B 61 -28.96 -48.95 0.45
CA GLU B 61 -29.79 -48.23 -0.51
C GLU B 61 -30.35 -46.95 0.12
N SER B 62 -30.88 -46.08 -0.74
CA SER B 62 -31.48 -44.83 -0.27
C SER B 62 -32.83 -45.09 0.38
N ARG B 63 -33.31 -44.09 1.11
CA ARG B 63 -34.57 -44.14 1.84
C ARG B 63 -34.61 -45.27 2.87
N THR B 64 -33.45 -45.73 3.32
CA THR B 64 -33.35 -46.71 4.39
C THR B 64 -33.00 -46.07 5.73
N GLY B 65 -32.66 -44.79 5.74
CA GLY B 65 -32.39 -44.08 6.98
C GLY B 65 -31.04 -44.32 7.60
N LYS B 66 -30.06 -44.80 6.83
CA LYS B 66 -28.73 -45.02 7.39
C LYS B 66 -28.13 -43.71 7.91
N THR B 67 -28.42 -42.61 7.21
CA THR B 67 -27.99 -41.29 7.68
C THR B 67 -28.53 -41.01 9.07
N VAL B 68 -29.81 -41.34 9.30
CA VAL B 68 -30.41 -41.10 10.61
C VAL B 68 -29.73 -41.96 11.67
N ALA B 69 -29.41 -43.21 11.34
CA ALA B 69 -28.75 -44.07 12.31
C ALA B 69 -27.39 -43.52 12.71
N CYS B 70 -26.62 -43.02 11.73
CA CYS B 70 -25.32 -42.42 12.07
C CYS B 70 -25.49 -41.14 12.88
N ASP B 71 -26.44 -40.29 12.48
CA ASP B 71 -26.71 -39.06 13.23
C ASP B 71 -27.09 -39.37 14.66
N ALA B 72 -27.83 -40.46 14.88
CA ALA B 72 -28.19 -40.86 16.24
C ALA B 72 -26.99 -41.38 16.99
N TYR B 73 -26.09 -42.10 16.31
CA TYR B 73 -24.85 -42.52 16.95
C TYR B 73 -24.10 -41.32 17.52
N ARG B 74 -24.08 -40.22 16.77
CA ARG B 74 -23.30 -39.05 17.18
C ARG B 74 -23.78 -38.50 18.54
N TYR B 75 -25.09 -38.47 18.77
CA TYR B 75 -25.61 -37.84 19.98
C TYR B 75 -25.31 -38.64 21.24
N ARG B 76 -25.01 -39.94 21.11
CA ARG B 76 -24.74 -40.76 22.29
C ARG B 76 -23.44 -40.34 22.96
N HIS B 77 -22.43 -39.97 22.17
CA HIS B 77 -21.14 -39.51 22.69
C HIS B 77 -21.02 -38.02 22.41
N LYS B 78 -21.29 -37.22 23.44
CA LYS B 78 -21.26 -35.76 23.31
C LYS B 78 -19.90 -35.21 23.74
N PRO B 79 -19.52 -34.03 23.25
CA PRO B 79 -18.24 -33.45 23.66
C PRO B 79 -18.32 -32.91 25.08
N GLN B 80 -17.16 -32.95 25.75
CA GLN B 80 -17.03 -32.47 27.13
C GLN B 80 -16.10 -31.28 27.15
N GLN B 81 -16.61 -30.14 27.63
CA GLN B 81 -15.81 -28.93 27.79
C GLN B 81 -15.91 -28.39 29.22
N GLU B 82 -16.08 -29.30 30.20
CA GLU B 82 -16.18 -28.88 31.58
C GLU B 82 -14.91 -28.18 32.04
N ALA B 83 -13.75 -28.69 31.63
CA ALA B 83 -12.48 -28.05 31.96
C ALA B 83 -12.29 -26.79 31.11
N GLY B 84 -11.34 -25.95 31.54
CA GLY B 84 -11.06 -24.73 30.82
C GLY B 84 -10.48 -24.94 29.43
N ARG B 85 -9.85 -26.09 29.20
CA ARG B 85 -9.16 -26.43 27.96
C ARG B 85 -10.12 -26.51 26.78
N PRO B 86 -9.62 -26.54 25.53
CA PRO B 86 -10.53 -26.63 24.39
C PRO B 86 -11.35 -27.89 24.44
N PRO B 87 -12.55 -27.87 23.85
CA PRO B 87 -13.41 -29.06 23.87
C PRO B 87 -12.78 -30.24 23.14
N THR B 88 -13.17 -31.45 23.56
CA THR B 88 -12.58 -32.68 23.03
C THR B 88 -13.81 -33.44 22.55
N VAL B 89 -14.20 -33.21 21.29
CA VAL B 89 -15.38 -33.92 20.78
C VAL B 89 -14.75 -35.18 20.20
N PRO B 90 -15.22 -36.37 20.56
CA PRO B 90 -14.59 -37.59 20.03
C PRO B 90 -15.10 -38.00 18.66
N VAL B 91 -16.26 -37.51 18.23
CA VAL B 91 -16.88 -37.94 16.98
C VAL B 91 -17.27 -36.71 16.16
N VAL B 92 -16.84 -36.67 14.91
CA VAL B 92 -17.15 -35.58 13.99
C VAL B 92 -17.98 -36.13 12.85
N TYR B 93 -19.03 -35.39 12.47
CA TYR B 93 -19.96 -35.82 11.42
C TYR B 93 -20.15 -34.68 10.43
N ILE B 94 -19.82 -34.94 9.17
CA ILE B 94 -19.90 -33.93 8.11
C ILE B 94 -20.70 -34.50 6.94
N ARG B 95 -21.24 -33.59 6.13
CA ARG B 95 -22.05 -33.96 4.96
C ARG B 95 -21.58 -33.14 3.76
N PRO B 96 -20.59 -33.67 3.02
CA PRO B 96 -20.09 -32.93 1.86
C PRO B 96 -21.14 -32.76 0.78
N HIS B 97 -21.06 -31.63 0.07
CA HIS B 97 -21.99 -31.36 -1.02
C HIS B 97 -21.48 -32.00 -2.31
N GLN B 98 -22.23 -31.81 -3.39
CA GLN B 98 -21.93 -32.48 -4.65
C GLN B 98 -20.57 -32.08 -5.19
N LYS B 99 -19.75 -33.08 -5.52
CA LYS B 99 -18.44 -32.89 -6.14
C LYS B 99 -17.51 -32.04 -5.27
N CYS B 100 -17.62 -32.22 -3.95
CA CYS B 100 -16.85 -31.42 -3.01
C CYS B 100 -15.36 -31.62 -3.21
N GLY B 101 -14.63 -30.51 -3.41
CA GLY B 101 -13.20 -30.56 -3.54
C GLY B 101 -12.52 -30.71 -2.20
N PRO B 102 -11.21 -30.98 -2.24
CA PRO B 102 -10.47 -31.16 -0.97
C PRO B 102 -10.48 -29.93 -0.08
N LYS B 103 -10.27 -28.75 -0.67
CA LYS B 103 -10.31 -27.50 0.07
C LYS B 103 -11.62 -27.36 0.84
N ASP B 104 -12.74 -27.66 0.18
CA ASP B 104 -14.04 -27.51 0.81
C ASP B 104 -14.24 -28.54 1.92
N LEU B 105 -13.71 -29.76 1.74
CA LEU B 105 -13.78 -30.76 2.79
C LEU B 105 -13.07 -30.28 4.05
N PHE B 106 -11.86 -29.72 3.87
CA PHE B 106 -11.14 -29.16 5.01
C PHE B 106 -11.94 -28.04 5.67
N LYS B 107 -12.60 -27.20 4.85
CA LYS B 107 -13.44 -26.16 5.41
C LYS B 107 -14.54 -26.73 6.28
N LYS B 108 -15.20 -27.79 5.81
CA LYS B 108 -16.25 -28.42 6.60
C LYS B 108 -15.72 -28.88 7.95
N ILE B 109 -14.57 -29.57 7.94
CA ILE B 109 -14.01 -30.09 9.18
C ILE B 109 -13.68 -28.94 10.14
N THR B 110 -13.01 -27.91 9.65
CA THR B 110 -12.58 -26.82 10.52
C THR B 110 -13.77 -26.04 11.07
N GLU B 111 -14.76 -25.75 10.22
CA GLU B 111 -15.92 -24.99 10.67
C GLU B 111 -16.73 -25.78 11.68
N TYR B 112 -16.84 -27.10 11.50
CA TYR B 112 -17.59 -27.92 12.44
C TYR B 112 -17.05 -27.79 13.85
N LEU B 113 -15.73 -27.82 14.01
CA LEU B 113 -15.09 -27.76 15.32
C LEU B 113 -14.97 -26.34 15.85
N LYS B 114 -15.62 -25.38 15.19
CA LYS B 114 -15.74 -23.99 15.68
C LYS B 114 -14.38 -23.28 15.70
N TYR B 115 -13.66 -23.34 14.59
CA TYR B 115 -12.39 -22.64 14.45
C TYR B 115 -12.41 -21.78 13.19
N ARG B 116 -11.66 -20.68 13.23
CA ARG B 116 -11.56 -19.80 12.07
C ARG B 116 -10.75 -20.46 10.96
N VAL B 117 -11.23 -20.31 9.73
CA VAL B 117 -10.59 -20.91 8.57
C VAL B 117 -9.63 -19.88 7.97
N THR B 118 -8.33 -20.14 8.07
CA THR B 118 -7.35 -19.24 7.50
C THR B 118 -7.41 -19.27 5.97
N LYS B 119 -7.19 -18.12 5.34
CA LYS B 119 -7.19 -18.04 3.89
C LYS B 119 -5.87 -18.52 3.33
N GLY B 120 -5.91 -19.07 2.13
CA GLY B 120 -4.70 -19.51 1.47
C GLY B 120 -4.99 -20.64 0.49
N THR B 121 -3.97 -21.47 0.28
CA THR B 121 -4.01 -22.57 -0.66
C THR B 121 -4.50 -23.85 0.03
N VAL B 122 -4.62 -24.93 -0.76
CA VAL B 122 -5.06 -26.20 -0.21
C VAL B 122 -4.08 -26.73 0.82
N SER B 123 -2.79 -26.41 0.67
CA SER B 123 -1.80 -26.86 1.63
C SER B 123 -1.95 -26.15 2.97
N ASP B 124 -2.31 -24.86 2.93
CA ASP B 124 -2.54 -24.12 4.17
C ASP B 124 -3.76 -24.67 4.92
N PHE B 125 -4.85 -24.91 4.20
CA PHE B 125 -6.04 -25.52 4.80
C PHE B 125 -5.70 -26.89 5.37
N ARG B 126 -4.89 -27.67 4.65
CA ARG B 126 -4.51 -28.99 5.12
C ARG B 126 -3.76 -28.91 6.45
N ASP B 127 -2.77 -28.02 6.54
CA ASP B 127 -2.03 -27.88 7.79
C ASP B 127 -2.93 -27.42 8.92
N ARG B 128 -3.79 -26.42 8.65
CA ARG B 128 -4.71 -25.93 9.67
C ARG B 128 -5.64 -27.03 10.17
N THR B 129 -6.18 -27.83 9.25
CA THR B 129 -7.09 -28.90 9.62
C THR B 129 -6.39 -29.96 10.45
N ILE B 130 -5.16 -30.33 10.08
CA ILE B 130 -4.44 -31.34 10.86
C ILE B 130 -4.21 -30.83 12.27
N GLU B 131 -3.81 -29.55 12.40
CA GLU B 131 -3.60 -28.98 13.73
C GLU B 131 -4.87 -29.06 14.57
N VAL B 132 -6.01 -28.66 13.99
CA VAL B 132 -7.26 -28.69 14.74
C VAL B 132 -7.64 -30.12 15.12
N LEU B 133 -7.44 -31.08 14.21
CA LEU B 133 -7.79 -32.46 14.48
C LEU B 133 -6.91 -33.06 15.57
N LYS B 134 -5.66 -32.59 15.68
CA LYS B 134 -4.82 -33.03 16.78
C LYS B 134 -5.26 -32.39 18.09
N GLY B 135 -5.71 -31.14 18.04
CA GLY B 135 -6.18 -30.49 19.25
C GLY B 135 -7.37 -31.19 19.88
N CYS B 136 -8.42 -31.41 19.09
CA CYS B 136 -9.59 -32.11 19.58
C CYS B 136 -9.34 -33.62 19.60
N GLY B 137 -10.25 -34.35 20.26
CA GLY B 137 -10.13 -35.79 20.34
C GLY B 137 -10.23 -36.46 18.99
N VAL B 138 -11.37 -36.29 18.32
CA VAL B 138 -11.61 -36.81 16.98
C VAL B 138 -11.34 -38.31 16.86
N GLU B 139 -11.87 -39.09 17.80
CA GLU B 139 -11.68 -40.53 17.73
C GLU B 139 -12.14 -41.15 16.42
N MET B 140 -13.23 -40.65 15.85
CA MET B 140 -13.77 -41.19 14.60
C MET B 140 -14.44 -40.07 13.82
N LEU B 141 -14.17 -40.05 12.51
CA LEU B 141 -14.80 -39.11 11.59
C LEU B 141 -15.75 -39.87 10.68
N ILE B 142 -17.00 -39.39 10.59
CA ILE B 142 -18.03 -40.00 9.78
C ILE B 142 -18.38 -39.07 8.63
N ILE B 143 -18.31 -39.58 7.40
CA ILE B 143 -18.60 -38.80 6.21
C ILE B 143 -19.88 -39.35 5.58
N ASP B 144 -20.91 -38.51 5.51
CA ASP B 144 -22.21 -38.92 4.99
C ASP B 144 -22.30 -38.70 3.49
N GLU B 145 -22.98 -39.62 2.80
CA GLU B 145 -23.16 -39.55 1.35
C GLU B 145 -21.83 -39.35 0.64
N ALA B 146 -20.87 -40.20 0.96
CA ALA B 146 -19.53 -40.08 0.40
C ALA B 146 -19.47 -40.40 -1.09
N ASP B 147 -20.52 -40.98 -1.65
CA ASP B 147 -20.52 -41.33 -3.07
C ASP B 147 -20.47 -40.09 -3.96
N ARG B 148 -20.90 -38.94 -3.47
CA ARG B 148 -20.84 -37.69 -4.21
C ARG B 148 -19.60 -36.87 -3.87
N LEU B 149 -18.62 -37.47 -3.21
CA LEU B 149 -17.36 -36.80 -2.89
C LEU B 149 -16.36 -37.01 -4.02
N LYS B 150 -15.66 -35.93 -4.37
CA LYS B 150 -14.77 -35.95 -5.53
C LYS B 150 -13.70 -37.03 -5.37
N PRO B 151 -13.43 -37.81 -6.42
CA PRO B 151 -12.46 -38.91 -6.29
C PRO B 151 -11.08 -38.47 -5.84
N GLU B 152 -10.66 -37.24 -6.17
CA GLU B 152 -9.35 -36.77 -5.76
C GLU B 152 -9.20 -36.75 -4.24
N THR B 153 -10.31 -36.54 -3.52
CA THR B 153 -10.25 -36.39 -2.07
C THR B 153 -9.99 -37.70 -1.35
N PHE B 154 -10.23 -38.85 -1.98
CA PHE B 154 -10.06 -40.13 -1.30
C PHE B 154 -8.61 -40.35 -0.92
N ALA B 155 -7.68 -39.86 -1.72
CA ALA B 155 -6.27 -39.97 -1.39
C ALA B 155 -5.94 -39.15 -0.15
N ASP B 156 -6.50 -37.94 -0.03
CA ASP B 156 -6.30 -37.13 1.17
C ASP B 156 -6.95 -37.77 2.38
N VAL B 157 -8.11 -38.40 2.19
CA VAL B 157 -8.79 -39.06 3.29
C VAL B 157 -7.96 -40.23 3.81
N ARG B 158 -7.41 -41.02 2.89
CA ARG B 158 -6.49 -42.09 3.27
C ARG B 158 -5.28 -41.53 4.01
N ASP B 159 -4.74 -40.41 3.51
CA ASP B 159 -3.58 -39.81 4.16
C ASP B 159 -3.88 -39.39 5.59
N ILE B 160 -5.02 -38.75 5.82
CA ILE B 160 -5.34 -38.33 7.19
C ILE B 160 -5.70 -39.53 8.06
N ALA B 161 -6.25 -40.60 7.46
CA ALA B 161 -6.53 -41.80 8.23
C ALA B 161 -5.24 -42.47 8.70
N GLU B 162 -4.16 -42.33 7.95
CA GLU B 162 -2.88 -42.88 8.38
C GLU B 162 -2.03 -41.91 9.20
N ASP B 163 -2.22 -40.60 8.99
CA ASP B 163 -1.39 -39.60 9.67
C ASP B 163 -1.80 -39.46 11.13
N LEU B 164 -3.11 -39.45 11.39
CA LEU B 164 -3.63 -39.41 12.74
C LEU B 164 -4.28 -40.74 13.08
N GLY B 165 -4.16 -41.13 14.34
CA GLY B 165 -4.76 -42.38 14.78
C GLY B 165 -6.21 -41.94 14.89
N ILE B 166 -7.00 -42.21 13.85
CA ILE B 166 -8.38 -41.75 13.76
C ILE B 166 -9.04 -42.75 12.83
N ALA B 167 -10.30 -43.06 13.12
CA ALA B 167 -11.10 -43.91 12.27
C ALA B 167 -11.93 -43.05 11.33
N VAL B 168 -12.06 -43.49 10.08
CA VAL B 168 -12.86 -42.79 9.08
C VAL B 168 -13.93 -43.75 8.56
N VAL B 169 -15.19 -43.34 8.64
CA VAL B 169 -16.32 -44.13 8.18
C VAL B 169 -16.89 -43.48 6.93
N LEU B 170 -16.96 -44.24 5.85
CA LEU B 170 -17.52 -43.77 4.58
C LEU B 170 -18.91 -44.38 4.43
N VAL B 171 -19.94 -43.55 4.51
CA VAL B 171 -21.33 -43.97 4.36
C VAL B 171 -21.76 -43.68 2.93
N GLY B 172 -22.05 -44.73 2.16
CA GLY B 172 -22.40 -44.51 0.77
C GLY B 172 -23.22 -45.65 0.19
N THR B 173 -23.71 -45.42 -1.03
CA THR B 173 -24.51 -46.39 -1.77
C THR B 173 -23.57 -47.14 -2.72
N ASP B 174 -24.13 -47.98 -3.59
CA ASP B 174 -23.29 -48.78 -4.48
C ASP B 174 -22.25 -48.02 -5.30
N ARG B 175 -22.57 -46.80 -5.71
CA ARG B 175 -21.62 -46.00 -6.50
C ARG B 175 -20.35 -45.70 -5.71
N LEU B 176 -20.46 -45.59 -4.38
CA LEU B 176 -19.28 -45.39 -3.56
C LEU B 176 -18.29 -46.53 -3.75
N ASP B 177 -18.77 -47.77 -3.64
CA ASP B 177 -17.91 -48.92 -3.94
C ASP B 177 -17.42 -48.88 -5.38
N ALA B 178 -18.26 -48.39 -6.29
CA ALA B 178 -17.85 -48.31 -7.70
C ALA B 178 -16.63 -47.42 -7.90
N VAL B 179 -16.52 -46.34 -7.11
CA VAL B 179 -15.40 -45.41 -7.28
C VAL B 179 -14.22 -45.70 -6.35
N ILE B 180 -14.45 -46.39 -5.23
CA ILE B 180 -13.33 -46.77 -4.37
C ILE B 180 -12.45 -47.81 -5.07
N LYS B 181 -13.10 -48.78 -5.73
CA LYS B 181 -12.36 -49.87 -6.39
C LYS B 181 -11.48 -49.37 -7.52
N ARG B 182 -11.72 -48.16 -8.03
CA ARG B 182 -10.90 -47.62 -9.11
C ARG B 182 -9.46 -47.37 -8.68
N ASP B 183 -9.20 -47.25 -7.38
CA ASP B 183 -7.86 -47.03 -6.85
C ASP B 183 -7.55 -48.15 -5.85
N GLU B 184 -6.59 -49.00 -6.19
CA GLU B 184 -6.23 -50.11 -5.31
C GLU B 184 -5.64 -49.63 -3.99
N GLN B 185 -5.07 -48.42 -3.97
CA GLN B 185 -4.37 -47.95 -2.77
C GLN B 185 -5.29 -47.81 -1.57
N VAL B 186 -6.56 -47.48 -1.80
CA VAL B 186 -7.51 -47.28 -0.71
C VAL B 186 -8.25 -48.56 -0.34
N LEU B 187 -8.17 -49.60 -1.17
CA LEU B 187 -8.85 -50.85 -0.84
C LEU B 187 -8.19 -51.57 0.33
N GLU B 188 -6.90 -51.32 0.55
CA GLU B 188 -6.23 -51.87 1.72
C GLU B 188 -6.71 -51.18 2.99
N ARG B 189 -6.97 -49.87 2.91
CA ARG B 189 -7.38 -49.12 4.08
C ARG B 189 -8.80 -49.50 4.52
N PHE B 190 -9.75 -49.47 3.59
CA PHE B 190 -11.16 -49.72 3.89
C PHE B 190 -11.50 -51.15 3.47
N ARG B 191 -11.36 -52.09 4.39
CA ARG B 191 -11.68 -53.49 4.13
C ARG B 191 -12.99 -53.93 4.78
N ALA B 192 -13.20 -53.62 6.06
CA ALA B 192 -14.41 -54.02 6.76
C ALA B 192 -15.58 -53.12 6.37
N HIS B 193 -16.79 -53.67 6.47
CA HIS B 193 -17.98 -52.92 6.09
C HIS B 193 -19.23 -53.54 6.72
N LEU B 194 -20.28 -52.72 6.79
CA LEU B 194 -21.59 -53.13 7.31
C LEU B 194 -22.65 -52.84 6.27
N ARG B 195 -23.65 -53.72 6.18
CA ARG B 195 -24.72 -53.59 5.21
C ARG B 195 -26.02 -53.17 5.90
N PHE B 196 -26.79 -52.33 5.22
CA PHE B 196 -28.15 -52.01 5.59
C PHE B 196 -29.11 -52.83 4.73
N GLY B 197 -30.15 -53.36 5.34
CA GLY B 197 -31.14 -54.16 4.65
C GLY B 197 -32.48 -53.45 4.53
N LYS B 198 -33.46 -54.22 4.06
CA LYS B 198 -34.83 -53.74 3.93
C LYS B 198 -35.77 -54.61 4.78
N LEU B 199 -36.95 -54.08 5.04
CA LEU B 199 -37.95 -54.83 5.80
C LEU B 199 -38.46 -56.02 4.99
N SER B 200 -38.77 -57.10 5.70
CA SER B 200 -39.29 -58.30 5.05
C SER B 200 -39.90 -59.21 6.09
N GLY B 201 -40.91 -59.97 5.67
CA GLY B 201 -41.51 -60.97 6.53
C GLY B 201 -42.10 -60.38 7.79
N GLU B 202 -41.83 -61.06 8.91
CA GLU B 202 -42.38 -60.62 10.20
C GLU B 202 -41.76 -59.30 10.66
N ASP B 203 -40.54 -59.01 10.22
CA ASP B 203 -39.88 -57.77 10.62
C ASP B 203 -40.66 -56.55 10.12
N PHE B 204 -41.25 -56.66 8.93
CA PHE B 204 -42.10 -55.59 8.42
C PHE B 204 -43.30 -55.36 9.34
N LYS B 205 -43.97 -56.44 9.74
CA LYS B 205 -45.13 -56.31 10.61
C LYS B 205 -44.74 -55.71 11.96
N ASN B 206 -43.61 -56.16 12.52
CA ASN B 206 -43.15 -55.60 13.78
C ASN B 206 -42.90 -54.10 13.66
N THR B 207 -42.14 -53.71 12.63
CA THR B 207 -41.86 -52.29 12.40
C THR B 207 -43.15 -51.49 12.26
N VAL B 208 -44.12 -52.03 11.51
CA VAL B 208 -45.37 -51.31 11.27
C VAL B 208 -46.15 -51.16 12.57
N GLU B 209 -46.27 -52.24 13.33
CA GLU B 209 -46.97 -52.17 14.61
C GLU B 209 -46.37 -51.09 15.49
N MET B 210 -45.05 -50.95 15.46
CA MET B 210 -44.41 -49.93 16.29
C MET B 210 -44.80 -48.50 15.89
N TRP B 211 -45.20 -48.28 14.64
CA TRP B 211 -45.55 -46.92 14.24
C TRP B 211 -46.79 -46.43 14.99
N GLU B 212 -47.81 -47.29 15.09
CA GLU B 212 -49.06 -46.93 15.75
C GLU B 212 -48.85 -46.47 17.18
N GLN B 213 -47.84 -46.99 17.87
CA GLN B 213 -47.60 -46.64 19.27
C GLN B 213 -46.51 -45.57 19.42
N MET B 214 -45.35 -45.78 18.79
CA MET B 214 -44.22 -44.88 18.99
C MET B 214 -44.46 -43.52 18.33
N VAL B 215 -44.99 -43.51 17.10
CA VAL B 215 -45.06 -42.23 16.39
C VAL B 215 -46.49 -41.71 16.42
N LEU B 216 -47.44 -42.53 15.96
CA LEU B 216 -48.83 -42.09 15.88
C LEU B 216 -49.47 -42.10 17.27
N LYS B 217 -50.43 -41.19 17.46
CA LYS B 217 -51.19 -41.08 18.69
C LYS B 217 -52.68 -41.04 18.40
N LEU B 218 -53.11 -41.82 17.41
CA LEU B 218 -54.50 -41.82 17.00
C LEU B 218 -55.38 -42.39 18.12
N PRO B 219 -56.60 -41.85 18.30
CA PRO B 219 -57.48 -42.39 19.34
C PRO B 219 -57.77 -43.88 19.19
N VAL B 220 -57.91 -44.36 17.95
CA VAL B 220 -58.25 -45.76 17.69
C VAL B 220 -57.21 -46.34 16.75
N SER B 221 -56.75 -47.55 17.06
CA SER B 221 -55.78 -48.24 16.22
C SER B 221 -56.38 -48.60 14.88
N SER B 222 -55.54 -48.58 13.85
CA SER B 222 -55.97 -48.89 12.49
C SER B 222 -55.95 -50.37 12.17
N ASN B 223 -55.52 -51.21 13.12
CA ASN B 223 -55.41 -52.65 12.90
C ASN B 223 -54.57 -52.94 11.66
N LEU B 224 -53.38 -52.32 11.62
CA LEU B 224 -52.49 -52.47 10.48
C LEU B 224 -51.96 -53.89 10.33
N LYS B 225 -51.96 -54.68 11.41
CA LYS B 225 -51.42 -56.04 11.38
C LYS B 225 -52.46 -56.99 10.78
N SER B 226 -52.68 -56.81 9.48
CA SER B 226 -53.60 -57.65 8.72
C SER B 226 -53.24 -57.52 7.26
N LYS B 227 -53.45 -58.59 6.50
CA LYS B 227 -53.17 -58.55 5.07
C LYS B 227 -53.92 -57.40 4.40
N GLU B 228 -55.09 -57.03 4.96
CA GLU B 228 -55.92 -55.97 4.40
C GLU B 228 -55.16 -54.65 4.29
N MET B 229 -54.28 -54.36 5.24
CA MET B 229 -53.45 -53.16 5.20
C MET B 229 -52.00 -53.45 4.86
N LEU B 230 -51.49 -54.61 5.27
CA LEU B 230 -50.09 -54.94 5.01
C LEU B 230 -49.83 -55.08 3.52
N ARG B 231 -50.77 -55.64 2.77
CA ARG B 231 -50.55 -55.83 1.34
C ARG B 231 -50.39 -54.51 0.62
N ILE B 232 -51.30 -53.56 0.88
CA ILE B 232 -51.22 -52.25 0.25
C ILE B 232 -50.05 -51.45 0.79
N LEU B 233 -49.57 -51.75 2.00
CA LEU B 233 -48.35 -51.11 2.48
C LEU B 233 -47.14 -51.63 1.74
N THR B 234 -47.02 -52.95 1.57
CA THR B 234 -45.83 -53.54 0.97
C THR B 234 -45.78 -53.30 -0.54
N SER B 235 -46.95 -53.20 -1.19
CA SER B 235 -46.95 -52.99 -2.64
C SER B 235 -46.31 -51.67 -3.01
N ALA B 236 -46.52 -50.64 -2.18
CA ALA B 236 -45.95 -49.32 -2.44
C ALA B 236 -44.65 -49.08 -1.69
N THR B 237 -44.47 -49.70 -0.52
CA THR B 237 -43.30 -49.44 0.32
C THR B 237 -42.06 -50.13 -0.22
N GLU B 238 -42.19 -51.38 -0.65
CA GLU B 238 -41.08 -52.19 -1.15
C GLU B 238 -39.98 -52.34 -0.11
N GLY B 239 -40.35 -52.29 1.17
CA GLY B 239 -39.42 -52.51 2.26
C GLY B 239 -38.63 -51.29 2.69
N TYR B 240 -38.90 -50.11 2.14
CA TYR B 240 -38.13 -48.91 2.45
C TYR B 240 -38.71 -48.20 3.64
N ILE B 241 -37.83 -47.66 4.49
CA ILE B 241 -38.25 -47.02 5.73
C ILE B 241 -38.86 -45.65 5.45
N GLY B 242 -38.20 -44.85 4.61
CA GLY B 242 -38.71 -43.52 4.33
C GLY B 242 -40.09 -43.54 3.68
N ARG B 243 -40.31 -44.46 2.75
CA ARG B 243 -41.61 -44.55 2.09
C ARG B 243 -42.69 -45.02 3.05
N LEU B 244 -42.37 -46.02 3.88
CA LEU B 244 -43.31 -46.48 4.90
C LEU B 244 -43.72 -45.33 5.82
N ASP B 245 -42.73 -44.56 6.29
CA ASP B 245 -43.00 -43.40 7.14
C ASP B 245 -43.93 -42.43 6.44
N GLU B 246 -43.55 -41.99 5.24
CA GLU B 246 -44.34 -41.01 4.51
C GLU B 246 -45.78 -41.47 4.36
N ILE B 247 -45.98 -42.72 3.94
CA ILE B 247 -47.32 -43.21 3.66
C ILE B 247 -48.15 -43.26 4.94
N LEU B 248 -47.60 -43.85 6.00
CA LEU B 248 -48.35 -43.99 7.25
C LEU B 248 -48.75 -42.62 7.81
N ARG B 249 -47.78 -41.70 7.89
CA ARG B 249 -48.08 -40.40 8.48
C ARG B 249 -49.02 -39.59 7.61
N GLU B 250 -48.89 -39.68 6.28
CA GLU B 250 -49.80 -38.98 5.38
C GLU B 250 -51.23 -39.45 5.59
N ALA B 251 -51.42 -40.78 5.65
CA ALA B 251 -52.75 -41.32 5.91
C ALA B 251 -53.31 -40.83 7.25
N ALA B 252 -52.47 -40.83 8.29
CA ALA B 252 -52.95 -40.38 9.60
C ALA B 252 -53.37 -38.91 9.58
N ILE B 253 -52.54 -38.06 8.96
CA ILE B 253 -52.84 -36.63 8.89
C ILE B 253 -54.17 -36.41 8.18
N ARG B 254 -54.33 -37.02 7.00
CA ARG B 254 -55.56 -36.82 6.24
C ARG B 254 -56.77 -37.39 6.97
N SER B 255 -56.62 -38.56 7.59
CA SER B 255 -57.73 -39.17 8.30
C SER B 255 -58.21 -38.28 9.44
N LEU B 256 -57.27 -37.73 10.21
CA LEU B 256 -57.64 -36.83 11.30
C LEU B 256 -58.32 -35.57 10.75
N SER B 257 -57.78 -35.02 9.66
CA SER B 257 -58.40 -33.84 9.06
C SER B 257 -59.81 -34.15 8.56
N ARG B 258 -60.08 -35.41 8.22
CA ARG B 258 -61.41 -35.83 7.79
C ARG B 258 -62.27 -36.31 8.95
N GLY B 259 -61.80 -36.14 10.19
CA GLY B 259 -62.59 -36.47 11.36
C GLY B 259 -62.54 -37.92 11.79
N LEU B 260 -61.58 -38.70 11.30
CA LEU B 260 -61.50 -40.11 11.63
C LEU B 260 -60.70 -40.31 12.92
N LYS B 261 -60.96 -41.44 13.57
CA LYS B 261 -60.16 -41.87 14.71
C LYS B 261 -59.04 -42.81 14.32
N LYS B 262 -59.00 -43.25 13.06
CA LYS B 262 -58.04 -44.25 12.61
C LYS B 262 -57.84 -44.10 11.11
N ILE B 263 -56.95 -44.93 10.57
CA ILE B 263 -56.72 -45.00 9.13
C ILE B 263 -57.58 -46.12 8.56
N ASP B 264 -58.54 -45.75 7.72
CA ASP B 264 -59.42 -46.74 7.10
C ASP B 264 -58.68 -47.47 5.98
N LYS B 265 -59.34 -48.50 5.45
CA LYS B 265 -58.69 -49.38 4.47
C LYS B 265 -58.44 -48.65 3.15
N ALA B 266 -59.36 -47.78 2.74
CA ALA B 266 -59.24 -47.14 1.44
C ALA B 266 -58.14 -46.07 1.40
N VAL B 267 -57.94 -45.38 2.52
CA VAL B 267 -57.08 -44.20 2.54
C VAL B 267 -55.63 -44.55 2.26
N LEU B 268 -55.17 -45.71 2.77
CA LEU B 268 -53.77 -46.08 2.62
C LEU B 268 -53.40 -46.26 1.15
N GLN B 269 -54.18 -47.06 0.42
CA GLN B 269 -53.96 -47.21 -1.02
C GLN B 269 -54.17 -45.89 -1.75
N GLU B 270 -55.13 -45.08 -1.28
CA GLU B 270 -55.40 -43.79 -1.92
C GLU B 270 -54.15 -42.91 -1.92
N VAL B 271 -53.44 -42.85 -0.80
CA VAL B 271 -52.22 -42.04 -0.80
C VAL B 271 -51.06 -42.77 -1.47
N ALA B 272 -51.08 -44.11 -1.47
CA ALA B 272 -50.01 -44.84 -2.14
C ALA B 272 -50.00 -44.56 -3.64
N LYS B 273 -51.17 -44.37 -4.24
CA LYS B 273 -51.22 -44.08 -5.68
C LYS B 273 -50.47 -42.80 -6.01
N GLU B 274 -50.65 -41.75 -5.20
CA GLU B 274 -50.02 -40.47 -5.48
C GLU B 274 -48.50 -40.58 -5.42
N TYR B 275 -47.96 -41.10 -4.33
CA TYR B 275 -46.53 -41.24 -4.16
C TYR B 275 -45.97 -42.39 -5.00
N GLU C 19 -6.28 -52.55 35.38
CA GLU C 19 -6.47 -53.93 34.93
C GLU C 19 -5.23 -54.41 34.16
N TRP C 20 -4.68 -55.54 34.61
CA TRP C 20 -3.51 -56.12 33.94
C TRP C 20 -3.82 -56.47 32.49
N LEU C 21 -5.00 -57.05 32.26
CA LEU C 21 -5.40 -57.41 30.90
C LEU C 21 -5.39 -56.19 29.99
N GLN C 22 -5.87 -55.05 30.48
CA GLN C 22 -5.87 -53.84 29.68
C GLN C 22 -4.46 -53.37 29.37
N ALA C 23 -3.51 -53.56 30.30
CA ALA C 23 -2.12 -53.23 30.02
C ALA C 23 -1.57 -54.09 28.89
N GLU C 24 -1.85 -55.39 28.93
CA GLU C 24 -1.40 -56.26 27.85
C GLU C 24 -2.05 -55.89 26.52
N ILE C 25 -3.33 -55.51 26.56
CA ILE C 25 -4.02 -55.09 25.34
C ILE C 25 -3.39 -53.82 24.78
N ALA C 26 -3.10 -52.85 25.65
CA ALA C 26 -2.45 -51.63 25.21
C ALA C 26 -1.09 -51.92 24.59
N ARG C 27 -0.38 -52.91 25.12
CA ARG C 27 0.87 -53.33 24.49
C ARG C 27 0.61 -53.91 23.10
N LEU C 28 -0.39 -54.78 22.99
CA LEU C 28 -0.68 -55.42 21.70
C LEU C 28 -1.16 -54.41 20.67
N LYS C 29 -1.84 -53.35 21.10
CA LYS C 29 -2.29 -52.31 20.19
C LYS C 29 -1.17 -51.37 19.74
N GLY C 30 0.04 -51.52 20.29
CA GLY C 30 1.16 -50.69 19.92
C GLY C 30 1.82 -51.16 18.65
N LYS C 31 2.92 -50.49 18.32
CA LYS C 31 3.69 -50.78 17.12
C LYS C 31 5.09 -51.23 17.51
N SER C 32 5.54 -52.32 16.89
CA SER C 32 6.86 -52.90 17.14
C SER C 32 7.61 -53.01 15.82
N ILE C 33 8.92 -53.28 15.91
CA ILE C 33 9.77 -53.44 14.74
C ILE C 33 10.52 -54.75 14.87
N VAL C 34 10.55 -55.53 13.79
CA VAL C 34 11.14 -56.86 13.78
C VAL C 34 12.17 -56.92 12.67
N PRO C 35 13.41 -57.34 12.94
CA PRO C 35 14.42 -57.40 11.88
C PRO C 35 14.21 -58.59 10.96
N LEU C 36 14.17 -58.32 9.66
CA LEU C 36 14.03 -59.35 8.64
C LEU C 36 15.16 -59.20 7.63
N GLN C 37 15.45 -60.29 6.92
CA GLN C 37 16.50 -60.26 5.91
C GLN C 37 16.21 -59.23 4.82
N GLN C 38 14.93 -59.03 4.49
CA GLN C 38 14.53 -58.00 3.54
C GLN C 38 15.02 -56.63 4.00
N VAL C 39 14.80 -56.31 5.28
CA VAL C 39 15.18 -55.00 5.81
C VAL C 39 16.69 -54.85 5.84
N LYS C 40 17.41 -55.90 6.29
CA LYS C 40 18.86 -55.82 6.34
C LYS C 40 19.45 -55.66 4.95
N THR C 41 18.88 -56.35 3.96
CA THR C 41 19.33 -56.19 2.58
C THR C 41 19.15 -54.75 2.12
N LEU C 42 17.97 -54.17 2.36
CA LEU C 42 17.75 -52.78 2.00
C LEU C 42 18.76 -51.86 2.68
N HIS C 43 19.05 -52.11 3.96
CA HIS C 43 19.96 -51.23 4.70
C HIS C 43 21.37 -51.29 4.13
N ASP C 44 21.88 -52.50 3.87
CA ASP C 44 23.21 -52.63 3.28
C ASP C 44 23.27 -51.96 1.91
N TRP C 45 22.24 -52.15 1.09
CA TRP C 45 22.19 -51.53 -0.22
C TRP C 45 22.22 -50.01 -0.12
N LEU C 46 21.45 -49.44 0.81
CA LEU C 46 21.39 -47.99 0.99
C LEU C 46 22.73 -47.45 1.48
N ASP C 47 23.39 -48.16 2.39
CA ASP C 47 24.71 -47.74 2.84
C ASP C 47 25.69 -47.69 1.67
N GLY C 48 25.65 -48.72 0.81
CA GLY C 48 26.48 -48.69 -0.38
C GLY C 48 26.22 -47.48 -1.26
N LYS C 49 24.94 -47.20 -1.51
CA LYS C 49 24.59 -46.07 -2.37
C LYS C 49 25.01 -44.74 -1.75
N ARG C 50 24.90 -44.62 -0.43
CA ARG C 50 25.30 -43.38 0.24
C ARG C 50 26.81 -43.18 0.15
N LYS C 51 27.59 -44.25 0.38
CA LYS C 51 29.03 -44.14 0.22
C LYS C 51 29.41 -43.79 -1.20
N ALA C 52 28.71 -44.37 -2.18
CA ALA C 52 29.00 -44.09 -3.58
C ALA C 52 28.51 -42.73 -4.03
N ARG C 53 27.63 -42.09 -3.26
CA ARG C 53 27.02 -40.81 -3.62
C ARG C 53 26.33 -40.89 -4.98
N LYS C 54 25.54 -41.95 -5.16
CA LYS C 54 24.84 -42.22 -6.41
C LYS C 54 23.34 -42.27 -6.17
N SER C 55 22.58 -41.56 -7.00
CA SER C 55 21.13 -41.60 -6.90
C SER C 55 20.59 -42.93 -7.42
N CYS C 56 19.46 -43.34 -6.86
CA CYS C 56 18.84 -44.61 -7.21
C CYS C 56 17.37 -44.55 -6.81
N ARG C 57 16.68 -45.69 -6.88
CA ARG C 57 15.27 -45.74 -6.54
C ARG C 57 14.91 -47.14 -6.04
N VAL C 58 13.88 -47.20 -5.20
CA VAL C 58 13.34 -48.44 -4.66
C VAL C 58 11.89 -48.56 -5.11
N VAL C 59 11.55 -49.69 -5.72
CA VAL C 59 10.18 -49.94 -6.17
C VAL C 59 9.68 -51.20 -5.46
N GLY C 60 8.56 -51.07 -4.77
CA GLY C 60 7.99 -52.17 -4.03
C GLY C 60 6.50 -51.98 -3.83
N GLU C 61 5.78 -53.10 -3.72
CA GLU C 61 4.33 -53.06 -3.67
C GLU C 61 3.83 -52.42 -2.36
N SER C 62 2.53 -52.21 -2.30
CA SER C 62 1.89 -51.63 -1.12
C SER C 62 1.80 -52.67 0.00
N ARG C 63 1.76 -52.17 1.23
CA ARG C 63 1.64 -53.01 2.43
C ARG C 63 2.76 -54.04 2.50
N THR C 64 3.98 -53.61 2.16
CA THR C 64 5.17 -54.44 2.32
C THR C 64 6.04 -53.99 3.48
N GLY C 65 5.82 -52.79 4.02
CA GLY C 65 6.60 -52.28 5.12
C GLY C 65 7.89 -51.58 4.73
N LYS C 66 8.12 -51.34 3.43
CA LYS C 66 9.35 -50.68 3.01
C LYS C 66 9.49 -49.30 3.64
N THR C 67 8.36 -48.63 3.89
CA THR C 67 8.40 -47.35 4.61
C THR C 67 9.03 -47.51 5.98
N VAL C 68 8.63 -48.56 6.71
CA VAL C 68 9.18 -48.80 8.04
C VAL C 68 10.66 -49.14 7.96
N ALA C 69 11.06 -49.90 6.94
CA ALA C 69 12.48 -50.25 6.78
C ALA C 69 13.32 -48.99 6.54
N CYS C 70 12.84 -48.08 5.70
CA CYS C 70 13.57 -46.83 5.48
C CYS C 70 13.64 -46.00 6.76
N ASP C 71 12.53 -45.96 7.52
CA ASP C 71 12.54 -45.22 8.79
C ASP C 71 13.57 -45.80 9.77
N ALA C 72 13.62 -47.12 9.87
CA ALA C 72 14.61 -47.77 10.74
C ALA C 72 16.03 -47.44 10.28
N TYR C 73 16.26 -47.45 8.96
CA TYR C 73 17.56 -47.04 8.45
C TYR C 73 17.92 -45.64 8.94
N ARG C 74 16.97 -44.70 8.85
CA ARG C 74 17.22 -43.35 9.36
C ARG C 74 17.61 -43.40 10.83
N TYR C 75 16.94 -44.24 11.62
CA TYR C 75 17.27 -44.33 13.04
C TYR C 75 18.66 -44.89 13.29
N ARG C 76 19.22 -45.65 12.34
CA ARG C 76 20.56 -46.18 12.54
C ARG C 76 21.61 -45.07 12.66
N HIS C 77 21.47 -44.00 11.87
CA HIS C 77 22.42 -42.89 11.88
C HIS C 77 21.70 -41.64 12.39
N LYS C 78 21.97 -41.28 13.64
CA LYS C 78 21.33 -40.14 14.27
C LYS C 78 22.13 -38.87 13.99
N PRO C 79 21.49 -37.70 14.11
CA PRO C 79 22.22 -36.43 13.92
C PRO C 79 23.45 -36.34 14.80
N GLN C 80 24.55 -35.87 14.22
CA GLN C 80 25.86 -35.81 14.90
C GLN C 80 26.14 -34.38 15.29
N GLN C 81 25.71 -33.98 16.49
CA GLN C 81 26.00 -32.66 17.03
C GLN C 81 27.37 -32.53 17.69
N GLU C 82 28.16 -33.61 17.71
CA GLU C 82 29.49 -33.54 18.30
C GLU C 82 30.42 -32.39 17.97
N ALA C 83 30.19 -31.72 16.84
CA ALA C 83 30.97 -30.55 16.49
C ALA C 83 30.21 -29.38 17.08
N GLY C 84 30.93 -28.31 17.39
CA GLY C 84 30.33 -27.19 18.08
C GLY C 84 29.33 -26.26 17.44
N ARG C 85 29.52 -25.88 16.16
CA ARG C 85 28.43 -25.23 15.44
C ARG C 85 27.17 -25.66 14.67
N PRO C 86 27.17 -26.65 13.77
CA PRO C 86 25.91 -27.08 13.18
C PRO C 86 25.59 -28.53 13.50
N PRO C 87 24.33 -28.95 13.34
CA PRO C 87 23.95 -30.32 13.70
C PRO C 87 24.58 -31.41 12.85
N THR C 88 24.95 -31.11 11.61
CA THR C 88 25.65 -32.07 10.73
C THR C 88 24.90 -33.40 10.61
N VAL C 89 23.62 -33.32 10.28
CA VAL C 89 22.83 -34.53 10.09
C VAL C 89 23.09 -35.07 8.69
N PRO C 90 23.57 -36.31 8.56
CA PRO C 90 23.95 -36.83 7.23
C PRO C 90 22.79 -37.37 6.42
N VAL C 91 21.67 -37.74 7.05
CA VAL C 91 20.56 -38.35 6.36
C VAL C 91 19.28 -37.60 6.71
N VAL C 92 18.52 -37.21 5.70
CA VAL C 92 17.23 -36.56 5.88
C VAL C 92 16.15 -37.45 5.27
N TYR C 93 14.93 -37.30 5.77
CA TYR C 93 13.81 -38.15 5.34
C TYR C 93 12.54 -37.31 5.37
N ILE C 94 11.88 -37.17 4.22
CA ILE C 94 10.72 -36.32 4.10
C ILE C 94 9.56 -37.11 3.49
N ARG C 95 8.35 -36.77 3.92
CA ARG C 95 7.12 -37.39 3.40
C ARG C 95 6.30 -36.31 2.72
N PRO C 96 6.33 -36.22 1.39
CA PRO C 96 5.54 -35.20 0.70
C PRO C 96 4.05 -35.52 0.75
N HIS C 97 3.24 -34.46 0.68
CA HIS C 97 1.80 -34.63 0.60
C HIS C 97 1.40 -34.87 -0.85
N GLN C 98 0.11 -35.07 -1.06
CA GLN C 98 -0.39 -35.26 -2.42
C GLN C 98 -0.23 -33.99 -3.23
N LYS C 99 0.09 -34.16 -4.52
CA LYS C 99 0.30 -33.03 -5.42
C LYS C 99 1.33 -32.07 -4.85
N CYS C 100 2.43 -32.63 -4.33
CA CYS C 100 3.46 -31.83 -3.69
C CYS C 100 4.14 -30.94 -4.72
N GLY C 101 4.09 -29.63 -4.51
CA GLY C 101 4.76 -28.69 -5.37
C GLY C 101 6.21 -28.50 -4.98
N PRO C 102 6.92 -27.68 -5.76
CA PRO C 102 8.33 -27.44 -5.45
C PRO C 102 8.53 -26.62 -4.19
N LYS C 103 7.63 -25.68 -3.93
CA LYS C 103 7.72 -24.86 -2.73
C LYS C 103 7.56 -25.71 -1.47
N ASP C 104 6.54 -26.58 -1.45
CA ASP C 104 6.32 -27.44 -0.30
C ASP C 104 7.49 -28.40 -0.10
N LEU C 105 8.07 -28.91 -1.19
CA LEU C 105 9.21 -29.80 -1.08
C LEU C 105 10.41 -29.10 -0.44
N PHE C 106 10.80 -27.96 -1.00
CA PHE C 106 11.91 -27.20 -0.43
C PHE C 106 11.63 -26.84 1.02
N LYS C 107 10.38 -26.48 1.34
CA LYS C 107 10.04 -26.05 2.69
C LYS C 107 10.14 -27.20 3.68
N LYS C 108 9.67 -28.39 3.30
CA LYS C 108 9.81 -29.54 4.17
C LYS C 108 11.27 -29.84 4.43
N ILE C 109 12.10 -29.79 3.39
CA ILE C 109 13.54 -30.00 3.59
C ILE C 109 14.10 -28.99 4.57
N THR C 110 13.70 -27.71 4.43
CA THR C 110 14.22 -26.68 5.32
C THR C 110 13.78 -26.89 6.77
N GLU C 111 12.49 -27.18 6.97
CA GLU C 111 11.96 -27.35 8.31
C GLU C 111 12.55 -28.56 9.01
N TYR C 112 12.85 -29.63 8.24
CA TYR C 112 13.42 -30.83 8.85
C TYR C 112 14.78 -30.54 9.50
N LEU C 113 15.50 -29.53 9.03
CA LEU C 113 16.81 -29.19 9.55
C LEU C 113 16.76 -28.07 10.60
N LYS C 114 15.58 -27.76 11.12
CA LYS C 114 15.41 -26.76 12.18
C LYS C 114 15.91 -25.39 11.74
N TYR C 115 15.61 -25.01 10.50
CA TYR C 115 15.93 -23.71 9.97
C TYR C 115 14.64 -23.00 9.58
N ARG C 116 14.53 -21.73 9.94
CA ARG C 116 13.31 -20.97 9.69
C ARG C 116 13.09 -20.76 8.20
N VAL C 117 11.82 -20.62 7.82
CA VAL C 117 11.43 -20.46 6.43
C VAL C 117 11.54 -18.99 6.04
N THR C 118 12.36 -18.70 5.04
CA THR C 118 12.54 -17.34 4.54
C THR C 118 11.44 -17.05 3.54
N LYS C 119 10.33 -16.50 4.03
CA LYS C 119 9.16 -16.25 3.19
C LYS C 119 9.52 -15.43 1.97
N GLY C 120 9.10 -15.92 0.80
CA GLY C 120 9.43 -15.24 -0.45
C GLY C 120 8.94 -16.05 -1.63
N THR C 121 9.69 -15.98 -2.72
CA THR C 121 9.36 -16.70 -3.93
C THR C 121 10.07 -18.05 -3.96
N VAL C 122 9.69 -18.89 -4.93
CA VAL C 122 10.27 -20.22 -5.05
C VAL C 122 11.77 -20.15 -5.33
N SER C 123 12.23 -19.07 -5.94
CA SER C 123 13.68 -18.90 -6.14
C SER C 123 14.39 -18.71 -4.81
N ASP C 124 13.78 -17.95 -3.90
CA ASP C 124 14.34 -17.78 -2.57
C ASP C 124 14.36 -19.10 -1.80
N PHE C 125 13.28 -19.88 -1.90
CA PHE C 125 13.26 -21.20 -1.26
C PHE C 125 14.33 -22.10 -1.84
N ARG C 126 14.53 -22.05 -3.15
CA ARG C 126 15.55 -22.85 -3.80
C ARG C 126 16.94 -22.53 -3.25
N ASP C 127 17.30 -21.25 -3.24
CA ASP C 127 18.61 -20.85 -2.73
C ASP C 127 18.76 -21.20 -1.25
N ARG C 128 17.71 -20.97 -0.45
CA ARG C 128 17.77 -21.25 0.98
C ARG C 128 17.96 -22.75 1.24
N THR C 129 17.24 -23.59 0.48
CA THR C 129 17.38 -25.03 0.62
C THR C 129 18.79 -25.48 0.25
N ILE C 130 19.33 -24.95 -0.85
CA ILE C 130 20.70 -25.31 -1.23
C ILE C 130 21.68 -24.94 -0.12
N GLU C 131 21.50 -23.75 0.47
CA GLU C 131 22.39 -23.31 1.54
C GLU C 131 22.36 -24.27 2.71
N VAL C 132 21.16 -24.62 3.19
CA VAL C 132 21.07 -25.48 4.37
C VAL C 132 21.50 -26.90 4.03
N LEU C 133 21.39 -27.32 2.77
CA LEU C 133 21.88 -28.63 2.39
C LEU C 133 23.40 -28.67 2.33
N LYS C 134 24.03 -27.54 2.01
CA LYS C 134 25.49 -27.48 2.01
C LYS C 134 26.04 -27.38 3.42
N GLY C 135 25.40 -26.61 4.29
CA GLY C 135 25.86 -26.50 5.66
C GLY C 135 25.82 -27.82 6.39
N CYS C 136 24.71 -28.54 6.26
CA CYS C 136 24.60 -29.87 6.83
C CYS C 136 25.31 -30.89 5.96
N GLY C 137 25.54 -32.07 6.52
CA GLY C 137 26.18 -33.14 5.77
C GLY C 137 25.34 -33.58 4.59
N VAL C 138 24.12 -34.05 4.88
CA VAL C 138 23.15 -34.50 3.89
C VAL C 138 23.65 -35.49 2.85
N GLU C 139 24.48 -36.43 3.29
CA GLU C 139 24.94 -37.47 2.38
C GLU C 139 23.88 -38.11 1.49
N MET C 140 22.68 -38.30 2.02
CA MET C 140 21.61 -38.94 1.26
C MET C 140 20.28 -38.34 1.67
N LEU C 141 19.38 -38.21 0.70
CA LEU C 141 18.02 -37.71 0.92
C LEU C 141 17.02 -38.77 0.46
N ILE C 142 16.07 -39.10 1.33
CA ILE C 142 15.08 -40.14 1.06
C ILE C 142 13.71 -39.47 0.93
N ILE C 143 13.00 -39.77 -0.15
CA ILE C 143 11.64 -39.29 -0.40
C ILE C 143 10.70 -40.47 -0.28
N ASP C 144 9.81 -40.42 0.72
CA ASP C 144 8.88 -41.51 0.98
C ASP C 144 7.56 -41.25 0.25
N GLU C 145 7.04 -42.28 -0.42
CA GLU C 145 5.82 -42.16 -1.22
C GLU C 145 6.00 -41.09 -2.31
N ALA C 146 7.04 -41.28 -3.12
CA ALA C 146 7.37 -40.33 -4.17
C ALA C 146 6.41 -40.42 -5.36
N ASP C 147 5.51 -41.40 -5.38
CA ASP C 147 4.58 -41.57 -6.49
C ASP C 147 3.53 -40.48 -6.56
N ARG C 148 3.43 -39.64 -5.53
CA ARG C 148 2.56 -38.48 -5.55
C ARG C 148 3.34 -37.18 -5.63
N LEU C 149 4.63 -37.24 -5.98
CA LEU C 149 5.43 -36.05 -6.18
C LEU C 149 5.22 -35.55 -7.60
N LYS C 150 4.90 -34.26 -7.73
CA LYS C 150 4.52 -33.70 -9.02
C LYS C 150 5.67 -33.84 -10.01
N PRO C 151 5.37 -34.09 -11.28
CA PRO C 151 6.45 -34.25 -12.28
C PRO C 151 7.29 -33.00 -12.47
N GLU C 152 6.73 -31.82 -12.19
CA GLU C 152 7.53 -30.60 -12.27
C GLU C 152 8.68 -30.63 -11.27
N THR C 153 8.44 -31.24 -10.10
CA THR C 153 9.39 -31.21 -8.99
C THR C 153 10.46 -32.30 -9.09
N PHE C 154 10.23 -33.35 -9.87
CA PHE C 154 11.29 -34.33 -10.10
C PHE C 154 12.48 -33.69 -10.81
N ALA C 155 12.22 -32.73 -11.68
CA ALA C 155 13.31 -31.98 -12.31
C ALA C 155 14.10 -31.19 -11.28
N ASP C 156 13.42 -30.56 -10.32
CA ASP C 156 14.10 -29.86 -9.24
C ASP C 156 14.92 -30.82 -8.39
N VAL C 157 14.36 -32.01 -8.12
CA VAL C 157 15.09 -33.02 -7.35
C VAL C 157 16.37 -33.41 -8.07
N ARG C 158 16.28 -33.64 -9.38
CA ARG C 158 17.48 -33.97 -10.15
C ARG C 158 18.48 -32.82 -10.14
N ASP C 159 17.99 -31.58 -10.23
CA ASP C 159 18.89 -30.44 -10.18
C ASP C 159 19.64 -30.38 -8.85
N ILE C 160 18.95 -30.70 -7.75
CA ILE C 160 19.61 -30.76 -6.45
C ILE C 160 20.65 -31.87 -6.44
N ALA C 161 20.30 -33.04 -6.98
CA ALA C 161 21.23 -34.16 -7.00
C ALA C 161 22.47 -33.85 -7.85
N GLU C 162 22.32 -32.97 -8.84
CA GLU C 162 23.44 -32.63 -9.71
C GLU C 162 24.31 -31.53 -9.10
N ASP C 163 23.70 -30.47 -8.60
CA ASP C 163 24.46 -29.33 -8.09
C ASP C 163 25.18 -29.65 -6.79
N LEU C 164 24.61 -30.54 -5.98
CA LEU C 164 25.21 -30.93 -4.72
C LEU C 164 25.55 -32.42 -4.77
N GLY C 165 26.63 -32.79 -4.08
CA GLY C 165 27.04 -34.19 -4.06
C GLY C 165 26.15 -35.04 -3.17
N ILE C 166 24.86 -35.10 -3.50
CA ILE C 166 23.86 -35.77 -2.67
C ILE C 166 23.22 -36.89 -3.46
N ALA C 167 23.08 -38.05 -2.83
CA ALA C 167 22.36 -39.18 -3.42
C ALA C 167 20.89 -39.10 -3.02
N VAL C 168 20.01 -39.20 -3.99
CA VAL C 168 18.57 -39.11 -3.76
C VAL C 168 17.96 -40.49 -3.98
N VAL C 169 17.19 -40.96 -3.00
CA VAL C 169 16.51 -42.24 -3.07
C VAL C 169 15.01 -41.98 -3.12
N LEU C 170 14.34 -42.59 -4.11
CA LEU C 170 12.90 -42.46 -4.28
C LEU C 170 12.24 -43.75 -3.83
N VAL C 171 11.34 -43.65 -2.84
CA VAL C 171 10.61 -44.80 -2.34
C VAL C 171 9.19 -44.76 -2.88
N GLY C 172 8.94 -45.48 -3.98
CA GLY C 172 7.61 -45.54 -4.56
C GLY C 172 7.38 -46.88 -5.20
N THR C 173 6.11 -47.15 -5.53
CA THR C 173 5.76 -48.43 -6.14
C THR C 173 5.67 -48.91 -7.59
N ASP C 174 4.67 -48.43 -8.33
CA ASP C 174 4.44 -48.93 -9.68
C ASP C 174 4.11 -47.59 -10.35
N ARG C 175 3.79 -46.57 -9.56
CA ARG C 175 3.35 -45.30 -10.13
C ARG C 175 4.60 -44.48 -10.39
N LEU C 176 5.69 -44.74 -9.66
CA LEU C 176 6.93 -44.01 -9.87
C LEU C 176 7.38 -44.09 -11.32
N ASP C 177 7.48 -45.31 -11.85
CA ASP C 177 8.07 -45.49 -13.18
C ASP C 177 7.19 -44.90 -14.26
N ALA C 178 5.87 -44.96 -14.11
CA ALA C 178 4.96 -44.36 -15.08
C ALA C 178 5.08 -42.84 -15.12
N VAL C 179 5.72 -42.22 -14.14
CA VAL C 179 6.00 -40.80 -14.15
C VAL C 179 7.45 -40.52 -14.57
N ILE C 180 8.38 -41.34 -14.09
CA ILE C 180 9.79 -41.17 -14.43
C ILE C 180 9.99 -41.30 -15.93
N LYS C 181 9.34 -42.27 -16.55
CA LYS C 181 9.54 -42.48 -17.98
C LYS C 181 8.93 -41.37 -18.85
N ARG C 182 8.46 -40.27 -18.28
CA ARG C 182 7.96 -39.14 -19.05
C ARG C 182 9.06 -38.14 -19.41
N ASP C 183 10.29 -38.38 -18.95
CA ASP C 183 11.41 -37.49 -19.21
C ASP C 183 12.66 -38.34 -19.43
N GLU C 184 13.37 -38.07 -20.54
CA GLU C 184 14.59 -38.81 -20.82
C GLU C 184 15.69 -38.49 -19.82
N GLN C 185 15.73 -37.25 -19.32
CA GLN C 185 16.81 -36.84 -18.42
C GLN C 185 16.72 -37.55 -17.07
N VAL C 186 15.50 -37.70 -16.55
CA VAL C 186 15.35 -38.25 -15.20
C VAL C 186 15.60 -39.75 -15.16
N LEU C 187 15.31 -40.47 -16.25
CA LEU C 187 15.46 -41.92 -16.24
C LEU C 187 16.92 -42.34 -16.12
N GLU C 188 17.85 -41.49 -16.57
CA GLU C 188 19.26 -41.83 -16.49
C GLU C 188 19.77 -41.74 -15.05
N ARG C 189 19.18 -40.88 -14.24
CA ARG C 189 19.69 -40.64 -12.89
C ARG C 189 19.35 -41.78 -11.93
N PHE C 190 18.19 -42.42 -12.11
CA PHE C 190 17.67 -43.41 -11.16
C PHE C 190 17.70 -44.86 -11.63
N ARG C 191 18.60 -45.18 -12.56
CA ARG C 191 18.62 -46.53 -13.13
C ARG C 191 18.70 -47.69 -12.13
N ALA C 192 19.57 -47.57 -11.13
CA ALA C 192 19.70 -48.62 -10.12
C ALA C 192 18.38 -48.77 -9.36
N HIS C 193 17.75 -49.94 -9.50
CA HIS C 193 16.45 -50.19 -8.91
C HIS C 193 16.48 -51.47 -8.08
N LEU C 194 15.75 -51.46 -6.97
CA LEU C 194 15.66 -52.61 -6.08
C LEU C 194 14.20 -52.95 -5.85
N ARG C 195 13.85 -54.22 -6.05
CA ARG C 195 12.49 -54.68 -5.84
C ARG C 195 12.25 -54.96 -4.36
N PHE C 196 10.98 -54.81 -3.94
CA PHE C 196 10.60 -54.98 -2.53
C PHE C 196 9.19 -55.57 -2.50
N GLY C 197 9.10 -56.90 -2.53
CA GLY C 197 7.83 -57.57 -2.72
C GLY C 197 7.26 -58.33 -1.54
N LYS C 198 6.46 -59.36 -1.84
CA LYS C 198 5.70 -60.10 -0.85
C LYS C 198 6.50 -61.26 -0.27
N LEU C 199 5.93 -61.89 0.77
CA LEU C 199 6.48 -63.09 1.38
C LEU C 199 5.74 -64.32 0.88
N SER C 200 6.42 -65.47 0.96
CA SER C 200 5.82 -66.72 0.50
C SER C 200 6.63 -67.90 1.03
N GLY C 201 5.95 -69.04 1.12
CA GLY C 201 6.64 -70.31 1.40
C GLY C 201 7.35 -70.33 2.74
N GLU C 202 8.58 -70.84 2.71
CA GLU C 202 9.37 -70.98 3.93
C GLU C 202 9.65 -69.61 4.57
N ASP C 203 9.91 -68.60 3.74
CA ASP C 203 10.12 -67.25 4.27
C ASP C 203 8.90 -66.78 5.05
N PHE C 204 7.70 -67.01 4.48
CA PHE C 204 6.48 -66.62 5.17
C PHE C 204 6.32 -67.37 6.48
N LYS C 205 6.54 -68.70 6.46
CA LYS C 205 6.35 -69.49 7.69
C LYS C 205 7.32 -69.05 8.79
N ASN C 206 8.60 -68.84 8.43
CA ASN C 206 9.57 -68.36 9.41
C ASN C 206 9.18 -66.98 9.94
N THR C 207 8.73 -66.09 9.05
CA THR C 207 8.28 -64.77 9.48
C THR C 207 7.11 -64.88 10.45
N VAL C 208 6.18 -65.79 10.19
CA VAL C 208 5.01 -65.93 11.05
C VAL C 208 5.43 -66.39 12.44
N GLU C 209 6.31 -67.39 12.50
CA GLU C 209 6.76 -67.85 13.82
C GLU C 209 7.48 -66.74 14.57
N MET C 210 8.34 -66.00 13.87
CA MET C 210 9.04 -64.90 14.51
C MET C 210 8.00 -63.92 15.00
N TRP C 211 6.98 -63.70 14.18
CA TRP C 211 5.90 -62.79 14.52
C TRP C 211 5.12 -63.25 15.73
N GLU C 212 4.87 -64.55 15.81
CA GLU C 212 4.12 -65.13 16.92
C GLU C 212 4.91 -65.11 18.22
N GLN C 213 6.24 -65.01 18.11
CA GLN C 213 7.07 -64.97 19.31
C GLN C 213 7.29 -63.54 19.78
N MET C 214 7.54 -62.61 18.85
CA MET C 214 7.89 -61.25 19.21
C MET C 214 6.67 -60.42 19.59
N VAL C 215 5.58 -60.53 18.83
CA VAL C 215 4.41 -59.69 19.06
C VAL C 215 3.40 -60.32 20.02
N LEU C 216 3.43 -61.65 20.18
CA LEU C 216 2.47 -62.29 21.07
C LEU C 216 3.19 -62.95 22.25
N LYS C 217 3.83 -62.14 23.10
CA LYS C 217 4.41 -62.62 24.34
C LYS C 217 3.05 -63.09 24.87
N LEU C 218 2.93 -64.39 25.12
CA LEU C 218 1.64 -64.99 25.39
C LEU C 218 1.96 -66.13 26.33
N PRO C 219 1.16 -66.30 27.39
CA PRO C 219 1.37 -67.42 28.32
C PRO C 219 1.09 -68.78 27.70
N VAL C 220 0.35 -68.83 26.60
CA VAL C 220 0.03 -70.08 25.91
C VAL C 220 0.33 -69.90 24.43
N SER C 221 1.13 -70.80 23.87
CA SER C 221 1.44 -70.74 22.46
C SER C 221 0.18 -70.94 21.62
N SER C 222 0.02 -70.11 20.61
CA SER C 222 -1.11 -70.25 19.70
C SER C 222 -0.84 -71.27 18.60
N ASN C 223 0.37 -71.79 18.52
CA ASN C 223 0.76 -72.79 17.52
C ASN C 223 0.46 -72.30 16.10
N LEU C 224 0.82 -71.05 15.82
CA LEU C 224 0.60 -70.51 14.48
C LEU C 224 1.48 -71.21 13.45
N LYS C 225 2.62 -71.75 13.87
CA LYS C 225 3.50 -72.50 12.98
C LYS C 225 2.96 -73.92 12.80
N SER C 226 1.81 -73.99 12.13
CA SER C 226 1.16 -75.27 11.89
C SER C 226 0.31 -75.19 10.62
N LYS C 227 0.02 -76.36 10.07
CA LYS C 227 -0.59 -76.47 8.74
C LYS C 227 -1.84 -75.60 8.60
N GLU C 228 -2.82 -75.80 9.48
CA GLU C 228 -4.11 -75.14 9.30
C GLU C 228 -4.05 -73.66 9.65
N MET C 229 -3.35 -73.31 10.73
CA MET C 229 -3.19 -71.90 11.08
C MET C 229 -2.48 -71.15 9.97
N LEU C 230 -1.44 -71.75 9.39
CA LEU C 230 -0.73 -71.14 8.28
C LEU C 230 -1.62 -71.03 7.05
N ARG C 231 -2.47 -72.02 6.80
CA ARG C 231 -3.39 -71.94 5.66
C ARG C 231 -4.37 -70.78 5.81
N ILE C 232 -4.95 -70.63 7.01
CA ILE C 232 -5.86 -69.51 7.26
C ILE C 232 -5.14 -68.18 7.05
N LEU C 233 -3.98 -68.03 7.70
CA LEU C 233 -3.23 -66.78 7.63
C LEU C 233 -2.80 -66.48 6.20
N THR C 234 -2.44 -67.52 5.44
CA THR C 234 -1.99 -67.32 4.06
C THR C 234 -3.16 -66.91 3.17
N SER C 235 -4.31 -67.56 3.33
CA SER C 235 -5.48 -67.18 2.55
C SER C 235 -5.86 -65.73 2.79
N ALA C 236 -5.76 -65.27 4.04
CA ALA C 236 -6.15 -63.89 4.34
C ALA C 236 -5.05 -62.88 4.02
N THR C 237 -3.79 -63.29 4.10
CA THR C 237 -2.63 -62.40 4.03
C THR C 237 -2.15 -62.16 2.60
N GLU C 238 -2.05 -63.23 1.80
CA GLU C 238 -1.58 -63.14 0.41
C GLU C 238 -0.17 -62.57 0.33
N GLY C 239 0.66 -62.91 1.32
CA GLY C 239 2.05 -62.49 1.32
C GLY C 239 2.30 -61.05 1.72
N TYR C 240 1.33 -60.37 2.31
CA TYR C 240 1.47 -58.98 2.72
C TYR C 240 1.58 -58.92 4.24
N ILE C 241 2.70 -58.40 4.74
CA ILE C 241 2.88 -58.27 6.18
C ILE C 241 1.92 -57.24 6.75
N GLY C 242 1.67 -56.16 6.00
CA GLY C 242 0.72 -55.16 6.45
C GLY C 242 -0.67 -55.74 6.69
N ARG C 243 -1.13 -56.59 5.78
CA ARG C 243 -2.41 -57.26 5.98
C ARG C 243 -2.37 -58.19 7.18
N LEU C 244 -1.22 -58.81 7.44
CA LEU C 244 -1.09 -59.79 8.52
C LEU C 244 -1.09 -59.12 9.89
N ASP C 245 -0.61 -57.88 9.96
CA ASP C 245 -0.49 -57.17 11.23
C ASP C 245 -1.83 -57.06 11.95
N GLU C 246 -2.82 -56.47 11.28
CA GLU C 246 -4.15 -56.32 11.86
C GLU C 246 -4.69 -57.67 12.32
N ILE C 247 -4.56 -58.69 11.46
CA ILE C 247 -5.13 -60.00 11.75
C ILE C 247 -4.59 -60.54 13.06
N LEU C 248 -3.27 -60.66 13.17
CA LEU C 248 -2.70 -61.36 14.33
C LEU C 248 -2.89 -60.55 15.60
N ARG C 249 -2.61 -59.24 15.55
CA ARG C 249 -2.77 -58.43 16.77
C ARG C 249 -4.20 -58.44 17.24
N GLU C 250 -5.16 -58.30 16.32
CA GLU C 250 -6.56 -58.22 16.69
C GLU C 250 -7.08 -59.55 17.20
N ALA C 251 -6.65 -60.67 16.58
CA ALA C 251 -7.07 -61.97 17.08
C ALA C 251 -6.56 -62.19 18.50
N ALA C 252 -5.30 -61.84 18.77
CA ALA C 252 -4.78 -61.97 20.12
C ALA C 252 -5.61 -61.14 21.11
N ILE C 253 -5.92 -59.90 20.73
CA ILE C 253 -6.65 -59.02 21.64
C ILE C 253 -8.06 -59.55 21.90
N ARG C 254 -8.76 -59.98 20.85
CA ARG C 254 -10.10 -60.51 21.04
C ARG C 254 -10.09 -61.75 21.92
N SER C 255 -9.12 -62.66 21.69
CA SER C 255 -9.02 -63.85 22.51
C SER C 255 -8.79 -63.50 23.98
N LEU C 256 -7.85 -62.58 24.24
CA LEU C 256 -7.56 -62.22 25.63
C LEU C 256 -8.72 -61.51 26.28
N SER C 257 -9.45 -60.68 25.52
CA SER C 257 -10.63 -60.02 26.07
C SER C 257 -11.71 -61.01 26.45
N ARG C 258 -11.88 -62.05 25.64
CA ARG C 258 -12.86 -63.09 25.97
C ARG C 258 -12.37 -63.96 27.13
N GLY C 259 -11.06 -64.07 27.31
CA GLY C 259 -10.48 -64.89 28.34
C GLY C 259 -9.54 -65.97 27.83
N LEU C 260 -9.58 -66.28 26.54
CA LEU C 260 -8.70 -67.28 25.97
C LEU C 260 -7.25 -66.79 26.03
N LYS C 261 -6.35 -67.66 26.47
CA LYS C 261 -4.94 -67.32 26.55
C LYS C 261 -4.22 -67.45 25.21
N LYS C 262 -4.83 -68.11 24.23
CA LYS C 262 -4.24 -68.30 22.92
C LYS C 262 -5.33 -68.19 21.86
N ILE C 263 -4.91 -68.10 20.61
CA ILE C 263 -5.84 -68.01 19.50
C ILE C 263 -6.32 -69.40 19.11
N ASP C 264 -7.62 -69.64 19.29
CA ASP C 264 -8.23 -70.85 18.74
C ASP C 264 -8.49 -70.65 17.25
N LYS C 265 -8.61 -71.77 16.53
CA LYS C 265 -8.72 -71.71 15.08
C LYS C 265 -10.00 -71.01 14.65
N ALA C 266 -11.11 -71.25 15.37
CA ALA C 266 -12.38 -70.60 15.02
C ALA C 266 -12.28 -69.09 15.15
N VAL C 267 -11.62 -68.62 16.21
CA VAL C 267 -11.45 -67.17 16.41
C VAL C 267 -10.64 -66.58 15.27
N LEU C 268 -9.58 -67.27 14.85
CA LEU C 268 -8.75 -66.79 13.76
C LEU C 268 -9.56 -66.70 12.46
N GLN C 269 -10.35 -67.74 12.17
CA GLN C 269 -11.20 -67.71 10.98
C GLN C 269 -12.19 -66.56 11.03
N GLU C 270 -12.78 -66.31 12.20
CA GLU C 270 -13.73 -65.21 12.34
C GLU C 270 -13.06 -63.86 12.07
N VAL C 271 -11.89 -63.64 12.65
CA VAL C 271 -11.17 -62.38 12.42
C VAL C 271 -10.86 -62.21 10.95
N ALA C 272 -10.43 -63.28 10.29
CA ALA C 272 -10.11 -63.21 8.86
C ALA C 272 -11.34 -62.85 8.04
N LYS C 273 -12.50 -63.41 8.40
CA LYS C 273 -13.73 -63.08 7.70
C LYS C 273 -14.09 -61.61 7.87
N GLU C 274 -13.79 -61.02 9.04
CA GLU C 274 -14.14 -59.62 9.25
C GLU C 274 -13.37 -58.68 8.32
N TYR C 275 -12.10 -59.01 8.03
CA TYR C 275 -11.26 -58.10 7.24
C TYR C 275 -11.09 -58.58 5.81
N GLU D 19 46.50 -46.08 4.55
CA GLU D 19 46.47 -47.24 3.67
C GLU D 19 46.63 -46.81 2.21
N TRP D 20 47.51 -47.51 1.49
CA TRP D 20 47.77 -47.17 0.09
C TRP D 20 46.50 -47.28 -0.75
N LEU D 21 45.65 -48.27 -0.45
CA LEU D 21 44.40 -48.44 -1.18
C LEU D 21 43.52 -47.20 -1.08
N GLN D 22 43.61 -46.48 0.05
CA GLN D 22 42.79 -45.28 0.24
C GLN D 22 43.11 -44.21 -0.79
N ALA D 23 44.38 -44.08 -1.17
CA ALA D 23 44.77 -43.11 -2.17
C ALA D 23 44.09 -43.41 -3.50
N GLU D 24 44.12 -44.67 -3.93
CA GLU D 24 43.47 -45.05 -5.17
C GLU D 24 41.97 -44.87 -5.09
N ILE D 25 41.36 -45.20 -3.94
CA ILE D 25 39.92 -45.05 -3.78
C ILE D 25 39.53 -43.59 -3.88
N ALA D 26 40.28 -42.71 -3.20
CA ALA D 26 40.01 -41.29 -3.26
C ALA D 26 40.18 -40.74 -4.68
N ARG D 27 41.14 -41.29 -5.42
CA ARG D 27 41.32 -40.87 -6.81
C ARG D 27 40.13 -41.32 -7.67
N LEU D 28 39.69 -42.57 -7.50
CA LEU D 28 38.63 -43.10 -8.35
C LEU D 28 37.33 -42.33 -8.21
N LYS D 29 37.06 -41.78 -7.01
CA LYS D 29 35.85 -41.00 -6.83
C LYS D 29 35.95 -39.66 -7.56
N GLY D 30 37.16 -39.12 -7.71
CA GLY D 30 37.31 -37.83 -8.35
C GLY D 30 37.10 -37.90 -9.85
N LYS D 31 36.75 -36.75 -10.42
CA LYS D 31 36.44 -36.62 -11.85
C LYS D 31 37.38 -35.62 -12.50
N SER D 32 37.89 -35.97 -13.67
CA SER D 32 38.81 -35.11 -14.41
C SER D 32 38.27 -34.79 -15.80
N ILE D 33 39.16 -34.47 -16.74
CA ILE D 33 38.79 -34.14 -18.11
C ILE D 33 39.72 -34.89 -19.06
N VAL D 34 39.15 -35.62 -20.01
CA VAL D 34 39.89 -36.33 -21.04
C VAL D 34 39.67 -35.61 -22.36
N PRO D 35 40.70 -35.05 -22.99
CA PRO D 35 40.50 -34.35 -24.27
C PRO D 35 39.97 -35.28 -25.34
N LEU D 36 38.92 -34.83 -26.02
CA LEU D 36 38.32 -35.58 -27.12
C LEU D 36 38.23 -34.68 -28.34
N GLN D 37 38.03 -35.31 -29.51
CA GLN D 37 37.93 -34.56 -30.75
C GLN D 37 36.76 -33.59 -30.72
N GLN D 38 35.66 -33.99 -30.10
CA GLN D 38 34.50 -33.12 -29.98
C GLN D 38 34.84 -31.87 -29.16
N VAL D 39 35.66 -32.02 -28.13
CA VAL D 39 36.02 -30.89 -27.28
C VAL D 39 36.82 -29.87 -28.07
N LYS D 40 37.86 -30.33 -28.79
CA LYS D 40 38.67 -29.42 -29.59
C LYS D 40 37.85 -28.78 -30.71
N THR D 41 36.98 -29.56 -31.34
CA THR D 41 36.12 -29.04 -32.40
C THR D 41 35.24 -27.91 -31.86
N LEU D 42 34.59 -28.14 -30.72
CA LEU D 42 33.74 -27.11 -30.13
C LEU D 42 34.55 -25.88 -29.75
N HIS D 43 35.75 -26.09 -29.20
CA HIS D 43 36.58 -24.95 -28.80
C HIS D 43 36.94 -24.08 -29.99
N ASP D 44 37.38 -24.70 -31.09
CA ASP D 44 37.73 -23.94 -32.28
C ASP D 44 36.52 -23.24 -32.87
N TRP D 45 35.38 -23.94 -32.95
CA TRP D 45 34.16 -23.35 -33.48
C TRP D 45 33.71 -22.14 -32.66
N LEU D 46 33.74 -22.29 -31.33
CA LEU D 46 33.33 -21.20 -30.45
C LEU D 46 34.30 -20.04 -30.50
N ASP D 47 35.59 -20.31 -30.67
CA ASP D 47 36.55 -19.22 -30.84
C ASP D 47 36.26 -18.43 -32.12
N GLY D 48 35.94 -19.15 -33.19
CA GLY D 48 35.51 -18.48 -34.41
C GLY D 48 34.29 -17.60 -34.19
N LYS D 49 33.28 -18.13 -33.49
CA LYS D 49 32.10 -17.33 -33.19
C LYS D 49 32.43 -16.14 -32.28
N ARG D 50 33.40 -16.30 -31.38
CA ARG D 50 33.76 -15.24 -30.46
C ARG D 50 34.42 -14.09 -31.20
N LYS D 51 35.38 -14.40 -32.08
CA LYS D 51 36.03 -13.33 -32.84
C LYS D 51 35.06 -12.61 -33.77
N ALA D 52 34.00 -13.29 -34.19
CA ALA D 52 33.02 -12.73 -35.10
C ALA D 52 31.76 -12.22 -34.43
N ARG D 53 31.59 -12.49 -33.12
CA ARG D 53 30.45 -11.99 -32.34
C ARG D 53 29.12 -12.40 -32.96
N LYS D 54 29.01 -13.68 -33.32
CA LYS D 54 27.81 -14.22 -33.95
C LYS D 54 27.12 -15.19 -33.00
N SER D 55 25.83 -14.97 -32.78
CA SER D 55 25.04 -15.85 -31.93
C SER D 55 24.87 -17.21 -32.58
N CYS D 56 24.99 -18.27 -31.77
CA CYS D 56 24.91 -19.62 -32.29
C CYS D 56 24.27 -20.54 -31.25
N ARG D 57 24.12 -21.81 -31.63
CA ARG D 57 23.44 -22.79 -30.79
C ARG D 57 24.24 -24.10 -30.78
N VAL D 58 24.27 -24.76 -29.64
CA VAL D 58 24.93 -26.06 -29.48
C VAL D 58 23.86 -27.08 -29.08
N VAL D 59 23.72 -28.13 -29.88
CA VAL D 59 22.69 -29.14 -29.69
C VAL D 59 23.34 -30.51 -29.51
N GLY D 60 22.86 -31.27 -28.53
CA GLY D 60 23.38 -32.60 -28.28
C GLY D 60 22.54 -33.32 -27.26
N GLU D 61 22.82 -34.63 -27.13
CA GLU D 61 22.10 -35.48 -26.19
C GLU D 61 22.71 -35.36 -24.79
N SER D 62 21.96 -35.86 -23.80
CA SER D 62 22.44 -35.86 -22.43
C SER D 62 23.50 -36.93 -22.23
N ARG D 63 24.31 -36.74 -21.17
CA ARG D 63 25.39 -37.66 -20.83
C ARG D 63 26.40 -37.80 -21.98
N THR D 64 26.60 -36.73 -22.73
CA THR D 64 27.64 -36.67 -23.75
C THR D 64 28.79 -35.77 -23.36
N GLY D 65 28.66 -35.03 -22.26
CA GLY D 65 29.75 -34.21 -21.77
C GLY D 65 29.87 -32.83 -22.39
N LYS D 66 28.84 -32.36 -23.09
CA LYS D 66 28.92 -31.03 -23.70
C LYS D 66 29.09 -29.94 -22.65
N THR D 67 28.49 -30.13 -21.47
CA THR D 67 28.67 -29.18 -20.37
C THR D 67 30.12 -29.10 -19.96
N VAL D 68 30.80 -30.25 -19.86
CA VAL D 68 32.20 -30.27 -19.46
C VAL D 68 33.06 -29.55 -20.50
N ALA D 69 32.74 -29.74 -21.78
CA ALA D 69 33.48 -29.04 -22.84
C ALA D 69 33.31 -27.53 -22.71
N CYS D 70 32.08 -27.08 -22.45
CA CYS D 70 31.86 -25.65 -22.24
C CYS D 70 32.66 -25.13 -21.06
N ASP D 71 32.72 -25.90 -19.98
CA ASP D 71 33.45 -25.45 -18.79
C ASP D 71 34.96 -25.37 -19.04
N ALA D 72 35.52 -26.40 -19.70
CA ALA D 72 36.93 -26.36 -20.04
C ALA D 72 37.26 -25.17 -20.91
N TYR D 73 36.40 -24.91 -21.91
CA TYR D 73 36.59 -23.73 -22.75
C TYR D 73 36.55 -22.45 -21.92
N ARG D 74 35.63 -22.37 -20.96
CA ARG D 74 35.57 -21.19 -20.11
C ARG D 74 36.86 -20.98 -19.33
N TYR D 75 37.44 -22.08 -18.83
CA TYR D 75 38.69 -21.96 -18.09
C TYR D 75 39.82 -21.46 -18.97
N ARG D 76 39.82 -21.89 -20.24
CA ARG D 76 40.92 -21.50 -21.14
C ARG D 76 41.07 -19.98 -21.22
N HIS D 77 39.98 -19.29 -21.51
CA HIS D 77 40.03 -17.84 -21.62
C HIS D 77 40.30 -17.13 -20.27
N LYS D 78 39.31 -17.16 -19.38
CA LYS D 78 39.36 -16.57 -18.01
C LYS D 78 39.47 -15.02 -17.90
N PRO D 79 39.28 -14.50 -16.68
CA PRO D 79 39.34 -13.07 -16.36
C PRO D 79 40.75 -12.63 -15.96
N GLN D 80 41.51 -12.14 -16.93
CA GLN D 80 42.87 -11.69 -16.70
C GLN D 80 42.90 -10.18 -16.73
N GLN D 81 43.32 -9.58 -15.61
CA GLN D 81 43.45 -8.14 -15.50
C GLN D 81 44.91 -7.80 -15.23
N GLU D 82 45.53 -7.05 -16.12
CA GLU D 82 46.91 -6.60 -15.95
C GLU D 82 47.00 -5.20 -15.37
N ALA D 83 45.86 -4.60 -15.01
CA ALA D 83 45.83 -3.27 -14.44
C ALA D 83 44.88 -3.25 -13.25
N GLY D 84 44.99 -2.21 -12.43
CA GLY D 84 44.10 -2.05 -11.31
C GLY D 84 42.64 -1.89 -11.71
N ARG D 85 42.39 -1.43 -12.95
CA ARG D 85 41.08 -1.29 -13.56
C ARG D 85 40.26 -2.55 -13.39
N PRO D 86 38.93 -2.45 -13.27
CA PRO D 86 38.09 -3.65 -13.14
C PRO D 86 38.40 -4.67 -14.23
N PRO D 87 38.22 -5.96 -13.94
CA PRO D 87 38.69 -7.01 -14.85
C PRO D 87 37.91 -7.07 -16.15
N THR D 88 38.56 -7.65 -17.16
CA THR D 88 37.99 -7.81 -18.50
C THR D 88 37.54 -9.25 -18.67
N VAL D 89 36.40 -9.58 -18.06
CA VAL D 89 35.82 -10.91 -18.14
C VAL D 89 35.39 -11.19 -19.58
N PRO D 90 36.05 -12.10 -20.30
CA PRO D 90 35.72 -12.31 -21.71
C PRO D 90 34.49 -13.18 -21.93
N VAL D 91 34.29 -14.19 -21.08
CA VAL D 91 33.23 -15.17 -21.25
C VAL D 91 32.36 -15.20 -19.99
N VAL D 92 31.04 -15.22 -20.18
CA VAL D 92 30.08 -15.37 -19.10
C VAL D 92 29.40 -16.72 -19.25
N TYR D 93 29.28 -17.45 -18.14
CA TYR D 93 28.71 -18.79 -18.15
C TYR D 93 27.75 -18.95 -16.98
N ILE D 94 26.49 -19.24 -17.28
CA ILE D 94 25.44 -19.33 -16.28
C ILE D 94 24.64 -20.61 -16.50
N ARG D 95 23.95 -21.04 -15.45
CA ARG D 95 23.10 -22.23 -15.47
C ARG D 95 21.74 -21.87 -14.89
N PRO D 96 20.78 -21.51 -15.75
CA PRO D 96 19.44 -21.17 -15.24
C PRO D 96 18.77 -22.36 -14.58
N HIS D 97 17.92 -22.07 -13.60
CA HIS D 97 17.16 -23.10 -12.91
C HIS D 97 15.87 -23.41 -13.68
N GLN D 98 15.10 -24.37 -13.16
CA GLN D 98 13.85 -24.75 -13.81
C GLN D 98 12.90 -23.56 -13.89
N LYS D 99 12.36 -23.31 -15.08
CA LYS D 99 11.42 -22.23 -15.32
C LYS D 99 12.01 -20.88 -14.90
N CYS D 100 13.27 -20.65 -15.26
CA CYS D 100 13.95 -19.42 -14.89
C CYS D 100 13.29 -18.22 -15.59
N GLY D 101 12.94 -17.20 -14.80
CA GLY D 101 12.28 -16.03 -15.31
C GLY D 101 13.24 -15.01 -15.88
N PRO D 102 12.74 -13.80 -16.16
CA PRO D 102 13.59 -12.73 -16.68
C PRO D 102 14.22 -11.86 -15.61
N LYS D 103 14.02 -12.17 -14.33
CA LYS D 103 14.67 -11.51 -13.22
C LYS D 103 15.87 -12.29 -12.71
N ASP D 104 15.68 -13.61 -12.54
CA ASP D 104 16.76 -14.47 -12.06
C ASP D 104 17.88 -14.60 -13.09
N LEU D 105 17.56 -14.54 -14.37
CA LEU D 105 18.60 -14.54 -15.40
C LEU D 105 19.55 -13.35 -15.22
N PHE D 106 18.98 -12.15 -15.14
CA PHE D 106 19.78 -10.95 -14.89
C PHE D 106 20.55 -11.07 -13.58
N LYS D 107 19.90 -11.60 -12.53
CA LYS D 107 20.58 -11.72 -11.24
C LYS D 107 21.79 -12.64 -11.32
N LYS D 108 21.66 -13.77 -12.02
CA LYS D 108 22.79 -14.69 -12.16
C LYS D 108 23.92 -14.04 -12.93
N ILE D 109 23.59 -13.31 -14.01
CA ILE D 109 24.64 -12.60 -14.75
C ILE D 109 25.36 -11.60 -13.85
N THR D 110 24.60 -10.87 -13.04
CA THR D 110 25.19 -9.85 -12.17
C THR D 110 26.09 -10.48 -11.12
N GLU D 111 25.64 -11.56 -10.49
CA GLU D 111 26.43 -12.21 -9.45
C GLU D 111 27.69 -12.85 -10.03
N TYR D 112 27.58 -13.39 -11.25
CA TYR D 112 28.75 -14.00 -11.90
C TYR D 112 29.89 -13.00 -12.03
N LEU D 113 29.58 -11.76 -12.39
CA LEU D 113 30.57 -10.70 -12.58
C LEU D 113 31.04 -10.09 -11.26
N LYS D 114 30.60 -10.63 -10.12
CA LYS D 114 31.01 -10.18 -8.79
C LYS D 114 30.55 -8.74 -8.51
N TYR D 115 29.28 -8.47 -8.81
CA TYR D 115 28.68 -7.18 -8.54
C TYR D 115 27.49 -7.34 -7.59
N ARG D 116 27.22 -6.30 -6.80
CA ARG D 116 26.10 -6.33 -5.87
C ARG D 116 24.79 -6.28 -6.63
N VAL D 117 23.86 -7.16 -6.27
CA VAL D 117 22.54 -7.19 -6.90
C VAL D 117 21.68 -6.11 -6.26
N THR D 118 21.12 -5.24 -7.10
CA THR D 118 20.23 -4.20 -6.62
C THR D 118 18.85 -4.78 -6.29
N LYS D 119 18.18 -4.15 -5.33
CA LYS D 119 16.76 -4.41 -5.12
C LYS D 119 15.95 -3.56 -6.08
N GLY D 120 14.74 -4.03 -6.40
CA GLY D 120 13.89 -3.28 -7.29
C GLY D 120 13.13 -4.13 -8.30
N THR D 121 12.79 -3.54 -9.45
CA THR D 121 11.94 -4.17 -10.43
C THR D 121 12.76 -4.88 -11.50
N VAL D 122 12.05 -5.50 -12.45
CA VAL D 122 12.71 -6.18 -13.58
C VAL D 122 13.45 -5.18 -14.45
N SER D 123 12.86 -4.00 -14.68
CA SER D 123 13.53 -2.99 -15.50
C SER D 123 14.79 -2.48 -14.83
N ASP D 124 14.77 -2.33 -13.50
CA ASP D 124 15.96 -1.93 -12.77
C ASP D 124 17.07 -2.96 -12.93
N PHE D 125 16.72 -4.24 -12.79
CA PHE D 125 17.69 -5.31 -13.01
C PHE D 125 18.24 -5.26 -14.43
N ARG D 126 17.38 -4.94 -15.41
CA ARG D 126 17.82 -4.87 -16.80
C ARG D 126 18.87 -3.77 -16.99
N ASP D 127 18.60 -2.58 -16.45
CA ASP D 127 19.56 -1.49 -16.53
C ASP D 127 20.88 -1.88 -15.87
N ARG D 128 20.80 -2.49 -14.68
CA ARG D 128 22.00 -2.90 -13.97
C ARG D 128 22.82 -3.90 -14.78
N THR D 129 22.14 -4.88 -15.41
CA THR D 129 22.83 -5.91 -16.17
C THR D 129 23.50 -5.34 -17.41
N ILE D 130 22.79 -4.48 -18.16
CA ILE D 130 23.39 -3.85 -19.33
C ILE D 130 24.64 -3.08 -18.92
N GLU D 131 24.55 -2.33 -17.82
CA GLU D 131 25.71 -1.56 -17.36
C GLU D 131 26.90 -2.46 -17.09
N VAL D 132 26.72 -3.50 -16.28
CA VAL D 132 27.85 -4.33 -15.89
C VAL D 132 28.40 -5.12 -17.08
N LEU D 133 27.55 -5.43 -18.08
CA LEU D 133 28.04 -6.16 -19.24
C LEU D 133 28.85 -5.25 -20.16
N LYS D 134 28.39 -4.01 -20.36
CA LYS D 134 29.15 -3.07 -21.17
C LYS D 134 30.50 -2.78 -20.54
N GLY D 135 30.53 -2.60 -19.21
CA GLY D 135 31.76 -2.22 -18.54
C GLY D 135 32.83 -3.29 -18.64
N CYS D 136 32.48 -4.54 -18.30
CA CYS D 136 33.48 -5.59 -18.19
C CYS D 136 33.99 -6.03 -19.55
N GLY D 137 33.13 -6.03 -20.56
CA GLY D 137 33.50 -6.54 -21.87
C GLY D 137 32.55 -7.62 -22.31
N VAL D 138 32.69 -8.82 -21.74
CA VAL D 138 31.79 -9.95 -22.00
C VAL D 138 31.70 -10.19 -23.50
N GLU D 139 32.79 -10.73 -24.07
CA GLU D 139 32.81 -11.00 -25.50
C GLU D 139 31.72 -11.98 -25.90
N MET D 140 31.36 -12.92 -25.03
CA MET D 140 30.35 -13.91 -25.34
C MET D 140 29.64 -14.35 -24.08
N LEU D 141 28.40 -14.81 -24.23
CA LEU D 141 27.58 -15.31 -23.13
C LEU D 141 27.13 -16.73 -23.46
N ILE D 142 27.39 -17.66 -22.55
CA ILE D 142 27.02 -19.06 -22.72
C ILE D 142 25.95 -19.40 -21.69
N ILE D 143 24.80 -19.87 -22.15
CA ILE D 143 23.68 -20.23 -21.30
C ILE D 143 23.55 -21.75 -21.32
N ASP D 144 23.80 -22.38 -20.18
CA ASP D 144 23.88 -23.84 -20.08
C ASP D 144 22.49 -24.44 -19.87
N GLU D 145 22.18 -25.48 -20.65
CA GLU D 145 20.91 -26.21 -20.56
C GLU D 145 19.73 -25.25 -20.63
N ALA D 146 19.51 -24.74 -21.85
CA ALA D 146 18.48 -23.74 -22.08
C ALA D 146 17.06 -24.29 -21.95
N ASP D 147 16.91 -25.60 -21.74
CA ASP D 147 15.58 -26.18 -21.63
C ASP D 147 14.82 -25.63 -20.43
N ARG D 148 15.49 -25.47 -19.30
CA ARG D 148 14.84 -24.95 -18.11
C ARG D 148 14.57 -23.46 -18.17
N LEU D 149 15.19 -22.74 -19.10
CA LEU D 149 14.92 -21.32 -19.27
C LEU D 149 13.52 -21.13 -19.85
N LYS D 150 12.78 -20.17 -19.29
CA LYS D 150 11.39 -19.98 -19.67
C LYS D 150 11.28 -19.44 -21.10
N PRO D 151 10.16 -19.72 -21.78
CA PRO D 151 9.96 -19.18 -23.13
C PRO D 151 9.90 -17.66 -23.19
N GLU D 152 9.64 -16.99 -22.06
CA GLU D 152 9.43 -15.55 -22.07
C GLU D 152 10.75 -14.78 -22.19
N THR D 153 11.84 -15.32 -21.66
CA THR D 153 13.10 -14.59 -21.54
C THR D 153 14.00 -14.69 -22.76
N PHE D 154 13.64 -15.53 -23.75
CA PHE D 154 14.39 -15.53 -25.00
C PHE D 154 14.35 -14.17 -25.67
N ALA D 155 13.27 -13.42 -25.45
CA ALA D 155 13.18 -12.06 -25.97
C ALA D 155 14.27 -11.16 -25.38
N ASP D 156 14.52 -11.27 -24.06
CA ASP D 156 15.55 -10.47 -23.43
C ASP D 156 16.94 -10.93 -23.84
N VAL D 157 17.13 -12.25 -23.99
CA VAL D 157 18.41 -12.76 -24.47
C VAL D 157 18.72 -12.20 -25.87
N ARG D 158 17.70 -12.20 -26.75
CA ARG D 158 17.88 -11.64 -28.08
C ARG D 158 18.17 -10.14 -28.02
N ASP D 159 17.48 -9.43 -27.10
CA ASP D 159 17.76 -8.02 -26.91
C ASP D 159 19.22 -7.77 -26.56
N ILE D 160 19.78 -8.59 -25.68
CA ILE D 160 21.21 -8.46 -25.34
C ILE D 160 22.07 -8.75 -26.56
N ALA D 161 21.74 -9.80 -27.30
CA ALA D 161 22.54 -10.16 -28.47
C ALA D 161 22.54 -9.06 -29.53
N GLU D 162 21.47 -8.28 -29.61
CA GLU D 162 21.35 -7.27 -30.66
C GLU D 162 21.82 -5.88 -30.20
N ASP D 163 21.31 -5.41 -29.05
CA ASP D 163 21.64 -4.06 -28.58
C ASP D 163 23.14 -3.91 -28.34
N LEU D 164 23.78 -4.95 -27.82
CA LEU D 164 25.20 -4.94 -27.52
C LEU D 164 25.91 -5.95 -28.41
N GLY D 165 27.18 -5.69 -28.69
CA GLY D 165 27.99 -6.60 -29.47
C GLY D 165 28.46 -7.79 -28.66
N ILE D 166 27.53 -8.67 -28.29
CA ILE D 166 27.82 -9.84 -27.47
C ILE D 166 27.26 -11.07 -28.16
N ALA D 167 28.11 -12.10 -28.32
CA ALA D 167 27.70 -13.35 -28.95
C ALA D 167 27.10 -14.27 -27.89
N VAL D 168 25.84 -14.66 -28.08
CA VAL D 168 25.13 -15.49 -27.12
C VAL D 168 25.02 -16.91 -27.66
N VAL D 169 25.35 -17.89 -26.82
CA VAL D 169 25.27 -19.30 -27.18
C VAL D 169 24.37 -20.01 -26.17
N LEU D 170 23.42 -20.78 -26.69
CA LEU D 170 22.50 -21.56 -25.86
C LEU D 170 22.85 -23.04 -26.03
N VAL D 171 23.33 -23.67 -24.96
CA VAL D 171 23.68 -25.08 -24.98
C VAL D 171 22.48 -25.87 -24.48
N GLY D 172 21.87 -26.68 -25.35
CA GLY D 172 20.69 -27.43 -24.95
C GLY D 172 20.39 -28.59 -25.88
N THR D 173 19.54 -29.48 -25.39
CA THR D 173 19.12 -30.65 -26.14
C THR D 173 17.99 -30.29 -27.11
N ASP D 174 17.50 -31.30 -27.83
CA ASP D 174 16.41 -31.11 -28.80
C ASP D 174 15.18 -30.44 -28.18
N ARG D 175 15.01 -30.59 -26.86
CA ARG D 175 13.96 -29.86 -26.15
C ARG D 175 14.07 -28.37 -26.39
N LEU D 176 15.30 -27.84 -26.38
CA LEU D 176 15.51 -26.43 -26.68
C LEU D 176 15.10 -26.10 -28.11
N ASP D 177 15.35 -27.01 -29.04
CA ASP D 177 14.98 -26.77 -30.44
C ASP D 177 13.48 -26.65 -30.59
N ALA D 178 12.71 -27.47 -29.86
CA ALA D 178 11.26 -27.37 -29.93
C ALA D 178 10.78 -26.00 -29.50
N VAL D 179 11.35 -25.45 -28.42
CA VAL D 179 10.94 -24.15 -27.93
C VAL D 179 11.39 -23.04 -28.88
N ILE D 180 12.61 -23.18 -29.42
CA ILE D 180 13.13 -22.16 -30.32
C ILE D 180 12.30 -22.08 -31.59
N LYS D 181 11.86 -23.22 -32.11
CA LYS D 181 11.03 -23.23 -33.32
C LYS D 181 9.60 -22.82 -32.99
N ARG D 182 9.44 -21.69 -32.30
CA ARG D 182 8.12 -21.16 -31.97
C ARG D 182 8.06 -19.67 -32.27
N ASP D 183 9.21 -18.99 -32.21
CA ASP D 183 9.31 -17.56 -32.48
C ASP D 183 10.34 -17.36 -33.58
N GLU D 184 9.87 -16.88 -34.73
CA GLU D 184 10.74 -16.78 -35.90
C GLU D 184 11.88 -15.80 -35.68
N GLN D 185 11.74 -14.83 -34.80
CA GLN D 185 12.83 -13.88 -34.59
C GLN D 185 13.95 -14.52 -33.78
N VAL D 186 13.61 -15.22 -32.70
CA VAL D 186 14.62 -15.91 -31.91
C VAL D 186 15.23 -17.07 -32.68
N LEU D 187 14.37 -17.89 -33.31
CA LEU D 187 14.84 -19.00 -34.13
C LEU D 187 15.71 -18.51 -35.28
N GLU D 188 15.26 -17.44 -35.96
CA GLU D 188 16.06 -16.82 -37.00
C GLU D 188 17.43 -16.39 -36.45
N ARG D 189 17.45 -15.83 -35.25
CA ARG D 189 18.70 -15.34 -34.68
C ARG D 189 19.68 -16.47 -34.41
N PHE D 190 19.19 -17.59 -33.86
CA PHE D 190 20.08 -18.67 -33.46
C PHE D 190 20.21 -19.76 -34.52
N ARG D 191 20.14 -19.40 -35.80
CA ARG D 191 20.14 -20.39 -36.87
C ARG D 191 21.44 -21.19 -36.91
N ALA D 192 22.58 -20.50 -36.95
CA ALA D 192 23.87 -21.19 -36.98
C ALA D 192 24.03 -22.05 -35.74
N HIS D 193 24.44 -23.30 -35.95
CA HIS D 193 24.48 -24.26 -34.85
C HIS D 193 25.57 -25.30 -35.10
N LEU D 194 25.92 -26.01 -34.03
CA LEU D 194 26.84 -27.15 -34.08
C LEU D 194 26.19 -28.33 -33.38
N ARG D 195 26.40 -29.53 -33.91
CA ARG D 195 25.83 -30.74 -33.37
C ARG D 195 26.89 -31.56 -32.65
N PHE D 196 26.48 -32.22 -31.56
CA PHE D 196 27.26 -33.24 -30.89
C PHE D 196 26.73 -34.61 -31.27
N GLY D 197 27.64 -35.58 -31.39
CA GLY D 197 27.26 -36.94 -31.73
C GLY D 197 27.60 -37.95 -30.66
N LYS D 198 27.45 -39.24 -30.98
CA LYS D 198 27.73 -40.31 -30.04
C LYS D 198 29.02 -41.03 -30.44
N LEU D 199 29.56 -41.80 -29.49
CA LEU D 199 30.74 -42.61 -29.77
C LEU D 199 30.36 -43.85 -30.60
N SER D 200 31.27 -44.27 -31.47
CA SER D 200 30.98 -45.40 -32.35
C SER D 200 32.28 -45.97 -32.91
N GLY D 201 32.32 -47.31 -33.01
CA GLY D 201 33.37 -47.99 -33.75
C GLY D 201 34.77 -47.74 -33.21
N GLU D 202 35.68 -47.43 -34.14
CA GLU D 202 37.08 -47.22 -33.77
C GLU D 202 37.23 -46.04 -32.83
N ASP D 203 36.42 -44.99 -33.02
CA ASP D 203 36.45 -43.86 -32.10
C ASP D 203 36.10 -44.29 -30.69
N PHE D 204 35.08 -45.13 -30.54
CA PHE D 204 34.70 -45.64 -29.23
C PHE D 204 35.81 -46.47 -28.60
N LYS D 205 36.41 -47.38 -29.39
CA LYS D 205 37.48 -48.23 -28.86
C LYS D 205 38.68 -47.40 -28.42
N ASN D 206 39.09 -46.44 -29.26
CA ASN D 206 40.22 -45.57 -28.92
C ASN D 206 39.91 -44.73 -27.69
N THR D 207 38.66 -44.26 -27.58
CA THR D 207 38.26 -43.50 -26.39
C THR D 207 38.36 -44.37 -25.14
N VAL D 208 37.97 -45.64 -25.24
CA VAL D 208 38.05 -46.54 -24.09
C VAL D 208 39.50 -46.74 -23.66
N GLU D 209 40.39 -46.97 -24.63
CA GLU D 209 41.80 -47.15 -24.27
C GLU D 209 42.40 -45.88 -23.67
N MET D 210 42.12 -44.73 -24.28
CA MET D 210 42.57 -43.45 -23.74
C MET D 210 42.04 -43.25 -22.32
N TRP D 211 40.81 -43.69 -22.06
CA TRP D 211 40.22 -43.57 -20.73
C TRP D 211 40.98 -44.45 -19.74
N GLU D 212 41.26 -45.69 -20.12
CA GLU D 212 42.00 -46.60 -19.25
C GLU D 212 43.38 -46.06 -18.92
N GLN D 213 44.00 -45.34 -19.87
CA GLN D 213 45.34 -44.82 -19.61
C GLN D 213 45.32 -43.52 -18.81
N MET D 214 44.38 -42.62 -19.12
CA MET D 214 44.38 -41.28 -18.53
C MET D 214 43.58 -41.20 -17.24
N VAL D 215 42.49 -41.95 -17.12
CA VAL D 215 41.64 -41.88 -15.93
C VAL D 215 42.04 -42.93 -14.90
N LEU D 216 42.15 -44.19 -15.31
CA LEU D 216 42.51 -45.26 -14.40
C LEU D 216 44.02 -45.37 -14.29
N LYS D 217 44.51 -45.59 -13.06
CA LYS D 217 45.93 -45.76 -12.78
C LYS D 217 46.17 -47.08 -12.07
N LEU D 218 45.48 -48.11 -12.52
CA LEU D 218 45.61 -49.44 -11.92
C LEU D 218 46.96 -50.08 -12.22
N PRO D 219 47.38 -51.02 -11.35
CA PRO D 219 48.65 -51.73 -11.50
C PRO D 219 48.75 -52.46 -12.83
N VAL D 220 47.99 -53.54 -12.97
CA VAL D 220 48.00 -54.32 -14.21
C VAL D 220 46.82 -53.90 -15.09
N SER D 221 47.06 -53.77 -16.39
CA SER D 221 46.04 -53.34 -17.31
C SER D 221 44.90 -54.35 -17.38
N SER D 222 43.67 -53.85 -17.45
CA SER D 222 42.50 -54.71 -17.59
C SER D 222 42.26 -55.15 -19.02
N ASN D 223 42.95 -54.56 -19.99
CA ASN D 223 42.86 -54.93 -21.41
C ASN D 223 41.43 -54.80 -21.92
N LEU D 224 40.79 -53.68 -21.58
CA LEU D 224 39.38 -53.48 -21.90
C LEU D 224 39.12 -53.43 -23.41
N LYS D 225 40.13 -53.11 -24.21
CA LYS D 225 39.96 -53.10 -25.66
C LYS D 225 39.84 -54.51 -26.25
N SER D 226 39.80 -55.54 -25.40
CA SER D 226 39.61 -56.89 -25.87
C SER D 226 38.23 -57.06 -26.50
N LYS D 227 38.15 -57.96 -27.48
CA LYS D 227 36.89 -58.18 -28.18
C LYS D 227 35.81 -58.70 -27.25
N GLU D 228 36.18 -59.51 -26.27
CA GLU D 228 35.19 -60.13 -25.39
C GLU D 228 34.53 -59.10 -24.47
N MET D 229 35.30 -58.13 -23.97
CA MET D 229 34.78 -57.15 -23.03
C MET D 229 34.25 -55.90 -23.71
N LEU D 230 34.80 -55.55 -24.88
CA LEU D 230 34.36 -54.35 -25.58
C LEU D 230 32.87 -54.41 -25.92
N ARG D 231 32.37 -55.60 -26.26
CA ARG D 231 30.95 -55.74 -26.60
C ARG D 231 30.07 -55.68 -25.35
N ILE D 232 30.55 -56.26 -24.23
CA ILE D 232 29.86 -56.09 -22.95
C ILE D 232 29.70 -54.61 -22.64
N LEU D 233 30.78 -53.85 -22.80
CA LEU D 233 30.70 -52.41 -22.57
C LEU D 233 29.85 -51.71 -23.63
N THR D 234 29.83 -52.25 -24.86
CA THR D 234 29.05 -51.65 -25.93
C THR D 234 27.57 -51.65 -25.59
N SER D 235 27.08 -52.75 -25.02
CA SER D 235 25.66 -52.83 -24.68
C SER D 235 25.28 -51.77 -23.65
N ALA D 236 26.10 -51.59 -22.61
CA ALA D 236 25.74 -50.68 -21.52
C ALA D 236 26.01 -49.22 -21.87
N THR D 237 27.15 -48.94 -22.51
CA THR D 237 27.55 -47.57 -22.80
C THR D 237 26.63 -46.93 -23.83
N GLU D 238 26.25 -47.68 -24.86
CA GLU D 238 25.39 -47.19 -25.94
C GLU D 238 25.99 -46.00 -26.67
N GLY D 239 27.23 -45.62 -26.33
CA GLY D 239 27.89 -44.48 -26.92
C GLY D 239 27.87 -43.22 -26.09
N TYR D 240 27.34 -43.27 -24.86
CA TYR D 240 27.31 -42.10 -23.99
C TYR D 240 28.51 -42.12 -23.06
N ILE D 241 29.35 -41.09 -23.16
CA ILE D 241 30.60 -41.05 -22.40
C ILE D 241 30.33 -41.05 -20.90
N GLY D 242 29.18 -40.54 -20.47
CA GLY D 242 28.88 -40.50 -19.05
C GLY D 242 28.76 -41.89 -18.45
N ARG D 243 27.93 -42.73 -19.05
CA ARG D 243 27.79 -44.11 -18.58
C ARG D 243 29.12 -44.85 -18.63
N LEU D 244 29.87 -44.67 -19.71
CA LEU D 244 31.16 -45.35 -19.85
C LEU D 244 32.12 -44.95 -18.74
N ASP D 245 32.16 -43.67 -18.39
CA ASP D 245 33.03 -43.23 -17.31
C ASP D 245 32.59 -43.83 -15.97
N GLU D 246 31.31 -43.67 -15.66
CA GLU D 246 30.78 -44.16 -14.38
C GLU D 246 31.06 -45.64 -14.18
N ILE D 247 30.83 -46.44 -15.24
CA ILE D 247 31.00 -47.89 -15.16
C ILE D 247 32.43 -48.24 -14.78
N LEU D 248 33.41 -47.63 -15.47
CA LEU D 248 34.80 -47.98 -15.24
C LEU D 248 35.26 -47.53 -13.87
N ARG D 249 34.84 -46.34 -13.44
CA ARG D 249 35.23 -45.86 -12.11
C ARG D 249 34.77 -46.83 -11.03
N GLU D 250 33.48 -47.20 -11.06
CA GLU D 250 32.96 -48.09 -10.02
C GLU D 250 33.59 -49.48 -10.12
N ALA D 251 33.78 -49.99 -11.34
CA ALA D 251 34.39 -51.30 -11.50
C ALA D 251 35.81 -51.32 -10.93
N ALA D 252 36.57 -50.25 -11.16
CA ALA D 252 37.91 -50.18 -10.60
C ALA D 252 37.88 -50.14 -9.07
N ILE D 253 36.94 -49.37 -8.50
CA ILE D 253 36.82 -49.32 -7.05
C ILE D 253 36.59 -50.71 -6.49
N ARG D 254 35.64 -51.45 -7.09
CA ARG D 254 35.31 -52.76 -6.54
C ARG D 254 36.43 -53.77 -6.77
N SER D 255 37.11 -53.69 -7.91
CA SER D 255 38.21 -54.62 -8.18
C SER D 255 39.35 -54.41 -7.20
N LEU D 256 39.65 -53.15 -6.87
CA LEU D 256 40.71 -52.90 -5.89
C LEU D 256 40.26 -53.30 -4.49
N SER D 257 39.00 -53.00 -4.14
CA SER D 257 38.51 -53.32 -2.80
C SER D 257 38.49 -54.83 -2.54
N ARG D 258 38.38 -55.63 -3.61
CA ARG D 258 38.46 -57.08 -3.49
C ARG D 258 39.88 -57.61 -3.63
N GLY D 259 40.87 -56.72 -3.76
CA GLY D 259 42.26 -57.11 -3.74
C GLY D 259 42.89 -57.41 -5.10
N LEU D 260 42.36 -56.88 -6.18
CA LEU D 260 42.87 -57.16 -7.52
C LEU D 260 43.73 -56.02 -8.03
N LYS D 261 44.60 -56.34 -8.98
CA LYS D 261 45.40 -55.35 -9.68
C LYS D 261 44.71 -54.80 -10.92
N LYS D 262 43.58 -55.38 -11.32
CA LYS D 262 42.88 -54.96 -12.53
C LYS D 262 41.43 -55.41 -12.46
N ILE D 263 40.60 -54.72 -13.26
CA ILE D 263 39.19 -55.09 -13.36
C ILE D 263 39.07 -56.43 -14.09
N ASP D 264 38.06 -57.21 -13.71
CA ASP D 264 37.85 -58.54 -14.27
C ASP D 264 36.50 -58.60 -14.98
N LYS D 265 36.30 -59.70 -15.71
CA LYS D 265 35.08 -59.86 -16.51
C LYS D 265 33.84 -59.91 -15.63
N ALA D 266 33.91 -60.66 -14.53
CA ALA D 266 32.76 -60.82 -13.66
C ALA D 266 32.27 -59.49 -13.10
N VAL D 267 33.21 -58.62 -12.67
CA VAL D 267 32.83 -57.36 -12.06
C VAL D 267 32.23 -56.41 -13.09
N LEU D 268 32.79 -56.38 -14.31
CA LEU D 268 32.21 -55.58 -15.37
C LEU D 268 30.76 -55.98 -15.63
N GLN D 269 30.53 -57.29 -15.76
CA GLN D 269 29.17 -57.77 -15.99
C GLN D 269 28.26 -57.39 -14.83
N GLU D 270 28.75 -57.50 -13.59
CA GLU D 270 27.92 -57.17 -12.43
C GLU D 270 27.49 -55.71 -12.44
N VAL D 271 28.45 -54.80 -12.71
CA VAL D 271 28.13 -53.38 -12.71
C VAL D 271 27.11 -53.05 -13.80
N ALA D 272 27.33 -53.57 -15.01
CA ALA D 272 26.41 -53.26 -16.10
C ALA D 272 25.02 -53.85 -15.86
N LYS D 273 24.97 -55.06 -15.28
CA LYS D 273 23.68 -55.70 -15.04
C LYS D 273 22.90 -54.96 -13.95
N GLU D 274 23.59 -54.49 -12.92
CA GLU D 274 22.90 -53.75 -11.86
C GLU D 274 22.26 -52.48 -12.41
N TYR D 275 22.90 -51.85 -13.38
CA TYR D 275 22.40 -50.60 -13.96
C TYR D 275 21.43 -50.88 -15.11
N GLU E 19 48.89 -4.87 -39.75
CA GLU E 19 48.61 -5.63 -40.95
C GLU E 19 47.46 -5.01 -41.75
N TRP E 20 47.63 -4.94 -43.07
CA TRP E 20 46.61 -4.34 -43.92
C TRP E 20 45.32 -5.14 -43.90
N LEU E 21 45.44 -6.47 -44.00
CA LEU E 21 44.27 -7.33 -43.97
C LEU E 21 43.44 -7.08 -42.71
N GLN E 22 44.11 -6.87 -41.59
CA GLN E 22 43.40 -6.63 -40.33
C GLN E 22 42.59 -5.34 -40.40
N ALA E 23 43.15 -4.29 -41.02
CA ALA E 23 42.40 -3.04 -41.16
C ALA E 23 41.16 -3.24 -42.02
N GLU E 24 41.33 -3.90 -43.17
CA GLU E 24 40.17 -4.12 -44.04
C GLU E 24 39.12 -4.99 -43.36
N ILE E 25 39.54 -6.03 -42.64
CA ILE E 25 38.61 -6.90 -41.95
C ILE E 25 37.90 -6.14 -40.84
N ALA E 26 38.63 -5.31 -40.08
CA ALA E 26 38.02 -4.51 -39.04
C ALA E 26 36.94 -3.60 -39.61
N ARG E 27 37.15 -3.10 -40.83
CA ARG E 27 36.07 -2.36 -41.48
C ARG E 27 34.90 -3.27 -41.81
N LEU E 28 35.17 -4.46 -42.37
CA LEU E 28 34.10 -5.32 -42.87
C LEU E 28 33.19 -5.81 -41.75
N LYS E 29 33.71 -6.00 -40.54
CA LYS E 29 32.86 -6.37 -39.42
C LYS E 29 32.07 -5.19 -38.87
N GLY E 30 32.34 -3.96 -39.34
CA GLY E 30 31.61 -2.79 -38.91
C GLY E 30 30.38 -2.53 -39.77
N LYS E 31 29.62 -1.51 -39.37
CA LYS E 31 28.33 -1.21 -39.98
C LYS E 31 28.40 0.05 -40.85
N SER E 32 27.55 0.08 -41.87
CA SER E 32 27.42 1.21 -42.78
C SER E 32 25.99 1.25 -43.30
N ILE E 33 25.68 2.26 -44.11
CA ILE E 33 24.35 2.41 -44.70
C ILE E 33 24.49 2.52 -46.22
N VAL E 34 23.70 1.72 -46.95
CA VAL E 34 23.69 1.73 -48.41
C VAL E 34 22.33 2.25 -48.86
N PRO E 35 22.28 3.40 -49.54
CA PRO E 35 20.99 3.98 -49.94
C PRO E 35 20.14 3.03 -50.75
N LEU E 36 18.83 3.02 -50.46
CA LEU E 36 17.88 2.15 -51.12
C LEU E 36 16.63 2.95 -51.49
N GLN E 37 15.87 2.40 -52.45
CA GLN E 37 14.60 3.02 -52.82
C GLN E 37 13.59 2.96 -51.69
N GLN E 38 13.56 1.84 -50.96
CA GLN E 38 12.64 1.69 -49.84
C GLN E 38 12.93 2.66 -48.71
N VAL E 39 14.14 3.23 -48.67
CA VAL E 39 14.46 4.22 -47.65
C VAL E 39 13.93 5.59 -48.07
N LYS E 40 14.17 5.99 -49.32
CA LYS E 40 13.69 7.27 -49.81
C LYS E 40 12.17 7.32 -49.81
N THR E 41 11.52 6.21 -50.15
CA THR E 41 10.06 6.15 -50.13
C THR E 41 9.52 6.46 -48.74
N LEU E 42 10.06 5.76 -47.72
CA LEU E 42 9.64 5.99 -46.35
C LEU E 42 9.94 7.41 -45.92
N HIS E 43 11.10 7.95 -46.32
CA HIS E 43 11.47 9.30 -45.92
C HIS E 43 10.50 10.33 -46.47
N ASP E 44 10.16 10.23 -47.75
CA ASP E 44 9.20 11.17 -48.33
C ASP E 44 7.82 11.01 -47.71
N TRP E 45 7.38 9.77 -47.48
CA TRP E 45 6.08 9.53 -46.87
C TRP E 45 6.01 10.14 -45.47
N LEU E 46 7.01 9.86 -44.63
CA LEU E 46 7.03 10.40 -43.28
C LEU E 46 7.25 11.91 -43.27
N ASP E 47 7.93 12.45 -44.28
CA ASP E 47 8.11 13.89 -44.39
C ASP E 47 6.77 14.57 -44.64
N GLY E 48 6.00 14.04 -45.58
CA GLY E 48 4.65 14.53 -45.77
C GLY E 48 3.81 14.40 -44.52
N LYS E 49 3.95 13.28 -43.81
CA LYS E 49 3.17 13.07 -42.59
C LYS E 49 3.57 14.04 -41.49
N ARG E 50 4.86 14.35 -41.38
CA ARG E 50 5.33 15.28 -40.35
C ARG E 50 4.90 16.70 -40.66
N LYS E 51 4.96 17.10 -41.94
CA LYS E 51 4.42 18.40 -42.32
C LYS E 51 2.92 18.45 -42.11
N ALA E 52 2.23 17.31 -42.25
CA ALA E 52 0.79 17.25 -42.03
C ALA E 52 0.42 16.90 -40.60
N ARG E 53 1.35 16.33 -39.84
CA ARG E 53 1.15 16.03 -38.41
C ARG E 53 -0.04 15.09 -38.18
N LYS E 54 -0.04 13.98 -38.91
CA LYS E 54 -1.06 12.93 -38.75
C LYS E 54 -0.38 11.62 -38.41
N SER E 55 -0.89 10.94 -37.38
CA SER E 55 -0.30 9.70 -36.92
C SER E 55 -0.55 8.56 -37.90
N CYS E 56 0.37 7.60 -37.92
CA CYS E 56 0.32 6.48 -38.86
C CYS E 56 1.18 5.34 -38.28
N ARG E 57 1.53 4.39 -39.14
CA ARG E 57 2.34 3.25 -38.70
C ARG E 57 3.08 2.66 -39.89
N VAL E 58 4.15 1.93 -39.60
CA VAL E 58 4.97 1.24 -40.60
C VAL E 58 5.03 -0.23 -40.21
N VAL E 59 4.62 -1.11 -41.12
CA VAL E 59 4.53 -2.54 -40.87
C VAL E 59 5.36 -3.29 -41.90
N GLY E 60 6.13 -4.28 -41.43
CA GLY E 60 6.95 -5.08 -42.32
C GLY E 60 7.55 -6.26 -41.58
N GLU E 61 8.27 -7.10 -42.33
CA GLU E 61 8.89 -8.29 -41.78
C GLU E 61 10.24 -7.95 -41.15
N SER E 62 10.78 -8.91 -40.40
CA SER E 62 12.08 -8.74 -39.76
C SER E 62 13.20 -8.89 -40.78
N ARG E 63 14.36 -8.36 -40.43
CA ARG E 63 15.55 -8.38 -41.28
C ARG E 63 15.31 -7.66 -42.61
N THR E 64 14.36 -6.72 -42.62
CA THR E 64 14.11 -5.90 -43.79
C THR E 64 14.76 -4.53 -43.71
N GLY E 65 15.35 -4.18 -42.57
CA GLY E 65 16.11 -2.95 -42.45
C GLY E 65 15.30 -1.71 -42.17
N LYS E 66 14.01 -1.83 -41.85
CA LYS E 66 13.18 -0.64 -41.64
C LYS E 66 13.63 0.16 -40.42
N THR E 67 14.16 -0.52 -39.40
CA THR E 67 14.68 0.19 -38.23
C THR E 67 15.81 1.12 -38.62
N VAL E 68 16.71 0.65 -39.49
CA VAL E 68 17.78 1.51 -40.00
C VAL E 68 17.21 2.70 -40.73
N ALA E 69 16.10 2.49 -41.46
CA ALA E 69 15.48 3.60 -42.19
C ALA E 69 14.96 4.67 -41.24
N CYS E 70 14.29 4.27 -40.15
CA CYS E 70 13.85 5.24 -39.16
C CYS E 70 15.02 5.99 -38.55
N ASP E 71 16.08 5.26 -38.19
CA ASP E 71 17.25 5.90 -37.59
C ASP E 71 17.90 6.90 -38.55
N ALA E 72 18.03 6.52 -39.82
CA ALA E 72 18.62 7.41 -40.81
C ALA E 72 17.76 8.65 -41.01
N TYR E 73 16.44 8.48 -41.08
CA TYR E 73 15.56 9.63 -41.19
C TYR E 73 15.77 10.58 -40.03
N ARG E 74 15.90 10.05 -38.82
CA ARG E 74 16.17 10.93 -37.68
C ARG E 74 17.50 11.66 -37.85
N TYR E 75 18.51 10.98 -38.39
CA TYR E 75 19.81 11.62 -38.58
C TYR E 75 19.74 12.78 -39.58
N ARG E 76 18.85 12.69 -40.57
CA ARG E 76 18.73 13.78 -41.54
C ARG E 76 18.38 15.11 -40.88
N HIS E 77 17.50 15.09 -39.87
CA HIS E 77 17.08 16.30 -39.16
C HIS E 77 17.77 16.34 -37.81
N LYS E 78 18.68 17.30 -37.62
CA LYS E 78 19.39 17.39 -36.36
C LYS E 78 18.95 18.62 -35.57
N PRO E 79 18.99 18.57 -34.24
CA PRO E 79 18.55 19.71 -33.44
C PRO E 79 19.55 20.85 -33.47
N GLN E 80 19.05 22.07 -33.62
CA GLN E 80 19.87 23.28 -33.67
C GLN E 80 19.48 24.20 -32.53
N GLN E 81 20.49 24.69 -31.79
CA GLN E 81 20.26 25.59 -30.65
C GLN E 81 21.31 26.71 -30.66
N GLU E 82 21.15 27.65 -31.59
CA GLU E 82 22.04 28.81 -31.64
C GLU E 82 21.78 29.75 -30.46
N ALA E 83 20.52 29.89 -30.06
CA ALA E 83 20.14 30.82 -29.01
C ALA E 83 20.26 30.17 -27.64
N GLY E 84 19.98 30.94 -26.59
CA GLY E 84 20.01 30.46 -25.22
C GLY E 84 18.78 29.70 -24.79
N ARG E 85 17.76 29.64 -25.62
CA ARG E 85 16.54 28.90 -25.33
C ARG E 85 16.80 27.39 -25.42
N PRO E 86 15.90 26.56 -24.92
CA PRO E 86 16.09 25.11 -25.04
C PRO E 86 16.14 24.71 -26.50
N PRO E 87 16.90 23.67 -26.82
CA PRO E 87 17.05 23.27 -28.23
C PRO E 87 15.75 22.74 -28.80
N THR E 88 15.54 22.99 -30.09
CA THR E 88 14.35 22.53 -30.80
C THR E 88 14.65 21.18 -31.42
N VAL E 89 14.08 20.12 -30.83
CA VAL E 89 14.27 18.75 -31.31
C VAL E 89 13.07 18.38 -32.17
N PRO E 90 13.24 18.18 -33.47
CA PRO E 90 12.08 17.89 -34.32
C PRO E 90 11.56 16.46 -34.20
N VAL E 91 12.45 15.49 -34.01
CA VAL E 91 12.07 14.07 -34.03
C VAL E 91 12.55 13.39 -32.75
N VAL E 92 11.67 12.59 -32.14
CA VAL E 92 11.99 11.76 -30.99
C VAL E 92 11.90 10.30 -31.41
N TYR E 93 12.90 9.50 -31.04
CA TYR E 93 12.96 8.10 -31.41
C TYR E 93 13.28 7.26 -30.19
N ILE E 94 12.41 6.29 -29.87
CA ILE E 94 12.55 5.46 -28.68
C ILE E 94 12.35 4.00 -29.04
N ARG E 95 12.85 3.12 -28.17
CA ARG E 95 12.72 1.68 -28.32
C ARG E 95 12.23 1.10 -27.00
N PRO E 96 10.92 0.92 -26.83
CA PRO E 96 10.41 0.34 -25.59
C PRO E 96 10.93 -1.08 -25.37
N HIS E 97 11.09 -1.44 -24.11
CA HIS E 97 11.54 -2.79 -23.77
C HIS E 97 10.36 -3.76 -23.74
N GLN E 98 10.68 -5.03 -23.56
CA GLN E 98 9.65 -6.05 -23.49
C GLN E 98 8.67 -5.75 -22.35
N LYS E 99 7.38 -5.69 -22.70
CA LYS E 99 6.32 -5.40 -21.72
C LYS E 99 6.53 -4.04 -21.07
N CYS E 100 6.83 -3.04 -21.89
CA CYS E 100 7.03 -1.68 -21.38
C CYS E 100 5.70 -1.07 -20.97
N GLY E 101 5.66 -0.50 -19.76
CA GLY E 101 4.46 0.14 -19.25
C GLY E 101 4.47 1.64 -19.44
N PRO E 102 3.46 2.32 -18.91
CA PRO E 102 3.40 3.79 -19.08
C PRO E 102 4.61 4.51 -18.49
N LYS E 103 4.98 4.16 -17.24
CA LYS E 103 6.06 4.88 -16.56
C LYS E 103 7.38 4.76 -17.31
N ASP E 104 7.71 3.55 -17.79
CA ASP E 104 8.96 3.36 -18.51
C ASP E 104 8.97 4.10 -19.84
N LEU E 105 7.84 4.11 -20.55
CA LEU E 105 7.74 4.86 -21.78
C LEU E 105 8.00 6.35 -21.54
N PHE E 106 7.35 6.90 -20.52
CA PHE E 106 7.57 8.31 -20.16
C PHE E 106 9.03 8.55 -19.78
N LYS E 107 9.64 7.60 -19.06
CA LYS E 107 11.04 7.75 -18.65
C LYS E 107 11.95 7.84 -19.87
N LYS E 108 11.73 6.97 -20.85
CA LYS E 108 12.56 6.99 -22.06
C LYS E 108 12.38 8.31 -22.82
N ILE E 109 11.13 8.76 -22.95
CA ILE E 109 10.89 10.03 -23.63
C ILE E 109 11.63 11.18 -22.94
N THR E 110 11.59 11.19 -21.60
CA THR E 110 12.25 12.26 -20.85
C THR E 110 13.77 12.19 -21.02
N GLU E 111 14.34 10.98 -20.95
CA GLU E 111 15.80 10.85 -21.07
C GLU E 111 16.28 11.23 -22.46
N TYR E 112 15.50 10.90 -23.49
CA TYR E 112 15.88 11.23 -24.87
C TYR E 112 16.11 12.73 -25.03
N LEU E 113 15.22 13.54 -24.47
CA LEU E 113 15.30 15.00 -24.57
C LEU E 113 16.33 15.61 -23.63
N LYS E 114 17.12 14.78 -22.93
CA LYS E 114 18.18 15.25 -22.05
C LYS E 114 17.64 16.05 -20.87
N TYR E 115 16.60 15.51 -20.23
CA TYR E 115 16.00 16.12 -19.05
C TYR E 115 16.11 15.16 -17.86
N ARG E 116 16.15 15.74 -16.66
CA ARG E 116 16.22 14.93 -15.45
C ARG E 116 14.88 14.25 -15.19
N VAL E 117 14.93 12.95 -14.91
CA VAL E 117 13.72 12.20 -14.56
C VAL E 117 13.43 12.43 -13.08
N THR E 118 12.23 12.93 -12.78
CA THR E 118 11.85 13.19 -11.40
C THR E 118 11.30 11.91 -10.75
N LYS E 119 11.35 11.89 -9.42
CA LYS E 119 10.72 10.83 -8.65
C LYS E 119 9.26 11.18 -8.40
N GLY E 120 8.43 10.16 -8.24
CA GLY E 120 7.02 10.36 -7.98
C GLY E 120 6.18 9.28 -8.62
N THR E 121 4.93 9.63 -8.89
CA THR E 121 3.93 8.68 -9.37
C THR E 121 3.85 8.68 -10.90
N VAL E 122 2.98 7.82 -11.43
CA VAL E 122 2.78 7.73 -12.88
C VAL E 122 2.14 9.02 -13.41
N SER E 123 1.21 9.61 -12.66
CA SER E 123 0.59 10.85 -13.08
C SER E 123 1.58 12.00 -13.12
N ASP E 124 2.46 12.08 -12.11
CA ASP E 124 3.52 13.08 -12.12
C ASP E 124 4.41 12.92 -13.34
N PHE E 125 4.79 11.67 -13.64
CA PHE E 125 5.58 11.38 -14.84
C PHE E 125 4.87 11.85 -16.10
N ARG E 126 3.56 11.63 -16.18
CA ARG E 126 2.79 12.02 -17.34
C ARG E 126 2.84 13.53 -17.54
N ASP E 127 2.59 14.28 -16.46
CA ASP E 127 2.65 15.74 -16.56
C ASP E 127 4.04 16.21 -16.97
N ARG E 128 5.09 15.60 -16.39
CA ARG E 128 6.46 15.98 -16.72
C ARG E 128 6.77 15.71 -18.20
N THR E 129 6.32 14.55 -18.70
CA THR E 129 6.54 14.22 -20.10
C THR E 129 5.86 15.22 -21.02
N ILE E 130 4.62 15.60 -20.69
CA ILE E 130 3.92 16.59 -21.51
C ILE E 130 4.67 17.92 -21.51
N GLU E 131 5.19 18.32 -20.35
CA GLU E 131 5.93 19.57 -20.28
C GLU E 131 7.16 19.55 -21.18
N VAL E 132 7.97 18.49 -21.04
CA VAL E 132 9.19 18.40 -21.85
C VAL E 132 8.87 18.20 -23.33
N LEU E 133 7.66 17.76 -23.66
CA LEU E 133 7.25 17.67 -25.06
C LEU E 133 6.83 19.02 -25.61
N LYS E 134 6.10 19.80 -24.81
CA LYS E 134 5.61 21.10 -25.28
C LYS E 134 6.75 22.10 -25.41
N GLY E 135 7.73 22.05 -24.51
CA GLY E 135 8.83 22.99 -24.56
C GLY E 135 9.62 22.91 -25.86
N CYS E 136 9.97 21.69 -26.26
CA CYS E 136 10.72 21.48 -27.49
C CYS E 136 9.76 21.37 -28.68
N GLY E 137 10.34 21.29 -29.87
CA GLY E 137 9.55 21.12 -31.07
C GLY E 137 8.76 19.83 -31.07
N VAL E 138 9.46 18.70 -31.10
CA VAL E 138 8.88 17.37 -31.05
C VAL E 138 7.77 17.25 -32.09
N GLU E 139 8.08 17.52 -33.35
CA GLU E 139 7.07 17.43 -34.39
C GLU E 139 6.67 15.98 -34.66
N MET E 140 7.58 15.04 -34.46
CA MET E 140 7.33 13.64 -34.79
C MET E 140 7.88 12.74 -33.70
N LEU E 141 7.15 11.67 -33.38
CA LEU E 141 7.56 10.68 -32.39
C LEU E 141 7.49 9.30 -33.04
N ILE E 142 8.63 8.62 -33.11
CA ILE E 142 8.75 7.30 -33.73
C ILE E 142 8.98 6.28 -32.64
N ILE E 143 8.10 5.27 -32.58
CA ILE E 143 8.18 4.21 -31.59
C ILE E 143 8.58 2.92 -32.30
N ASP E 144 9.79 2.44 -32.05
CA ASP E 144 10.32 1.27 -32.71
C ASP E 144 9.88 -0.01 -32.00
N GLU E 145 9.55 -1.03 -32.78
CA GLU E 145 9.01 -2.29 -32.26
C GLU E 145 7.85 -2.02 -31.32
N ALA E 146 6.88 -1.23 -31.81
CA ALA E 146 5.75 -0.80 -31.01
C ALA E 146 4.91 -1.98 -30.52
N ASP E 147 5.12 -3.17 -31.09
CA ASP E 147 4.39 -4.35 -30.63
C ASP E 147 4.69 -4.68 -29.17
N ARG E 148 5.87 -4.29 -28.68
CA ARG E 148 6.24 -4.59 -27.31
C ARG E 148 5.37 -3.85 -26.30
N LEU E 149 4.79 -2.73 -26.71
CA LEU E 149 4.04 -1.88 -25.80
C LEU E 149 2.81 -2.60 -25.25
N LYS E 150 2.60 -2.49 -23.94
CA LYS E 150 1.48 -3.16 -23.30
C LYS E 150 0.15 -2.65 -23.86
N PRO E 151 -0.91 -3.46 -23.77
CA PRO E 151 -2.22 -2.99 -24.26
C PRO E 151 -2.72 -1.77 -23.53
N GLU E 152 -2.46 -1.67 -22.22
CA GLU E 152 -3.00 -0.56 -21.44
C GLU E 152 -2.29 0.75 -21.74
N THR E 153 -0.99 0.72 -22.02
CA THR E 153 -0.25 1.95 -22.26
C THR E 153 -0.39 2.48 -23.68
N PHE E 154 -1.08 1.76 -24.57
CA PHE E 154 -1.34 2.28 -25.91
C PHE E 154 -2.24 3.50 -25.86
N ALA E 155 -3.22 3.49 -24.94
CA ALA E 155 -4.14 4.61 -24.82
C ALA E 155 -3.42 5.90 -24.46
N ASP E 156 -2.34 5.82 -23.68
CA ASP E 156 -1.58 7.02 -23.36
C ASP E 156 -0.90 7.60 -24.59
N VAL E 157 -0.35 6.73 -25.45
CA VAL E 157 0.22 7.19 -26.72
C VAL E 157 -0.85 7.87 -27.56
N ARG E 158 -2.06 7.28 -27.60
CA ARG E 158 -3.16 7.92 -28.31
C ARG E 158 -3.49 9.29 -27.72
N ASP E 159 -3.54 9.38 -26.39
CA ASP E 159 -3.84 10.64 -25.73
C ASP E 159 -2.79 11.70 -26.06
N ILE E 160 -1.53 11.29 -26.14
CA ILE E 160 -0.47 12.23 -26.53
C ILE E 160 -0.68 12.69 -27.97
N ALA E 161 -1.00 11.75 -28.86
CA ALA E 161 -1.24 12.11 -30.26
C ALA E 161 -2.38 13.11 -30.40
N GLU E 162 -3.37 13.04 -29.50
CA GLU E 162 -4.49 13.99 -29.55
C GLU E 162 -4.14 15.31 -28.88
N ASP E 163 -3.52 15.25 -27.70
CA ASP E 163 -3.29 16.46 -26.90
C ASP E 163 -2.24 17.36 -27.55
N LEU E 164 -1.19 16.78 -28.11
CA LEU E 164 -0.12 17.54 -28.73
C LEU E 164 -0.08 17.27 -30.23
N GLY E 165 0.36 18.26 -30.98
CA GLY E 165 0.50 18.11 -32.42
C GLY E 165 1.77 17.38 -32.79
N ILE E 166 1.81 16.08 -32.53
CA ILE E 166 2.98 15.24 -32.79
C ILE E 166 2.56 14.11 -33.71
N ALA E 167 3.37 13.86 -34.75
CA ALA E 167 3.09 12.79 -35.70
C ALA E 167 3.66 11.48 -35.15
N VAL E 168 2.87 10.85 -34.27
CA VAL E 168 3.27 9.57 -33.70
C VAL E 168 3.33 8.52 -34.80
N VAL E 169 4.40 7.72 -34.80
CA VAL E 169 4.62 6.70 -35.82
C VAL E 169 4.91 5.38 -35.12
N LEU E 170 4.06 4.37 -35.36
CA LEU E 170 4.23 3.05 -34.78
C LEU E 170 4.93 2.16 -35.80
N VAL E 171 6.14 1.72 -35.48
CA VAL E 171 6.91 0.83 -36.34
C VAL E 171 6.90 -0.55 -35.71
N GLY E 172 6.30 -1.52 -36.40
CA GLY E 172 6.20 -2.85 -35.83
C GLY E 172 6.02 -3.91 -36.90
N THR E 173 6.03 -5.17 -36.46
CA THR E 173 5.85 -6.30 -37.35
C THR E 173 4.36 -6.65 -37.43
N ASP E 174 4.03 -7.88 -37.83
CA ASP E 174 2.64 -8.25 -38.07
C ASP E 174 1.80 -8.18 -36.80
N ARG E 175 2.41 -8.43 -35.63
CA ARG E 175 1.67 -8.36 -34.38
C ARG E 175 1.01 -6.99 -34.18
N LEU E 176 1.48 -5.96 -34.88
CA LEU E 176 0.90 -4.64 -34.79
C LEU E 176 -0.56 -4.63 -35.21
N ASP E 177 -0.87 -5.29 -36.33
CA ASP E 177 -2.24 -5.32 -36.81
C ASP E 177 -3.16 -6.02 -35.81
N ALA E 178 -2.76 -7.22 -35.36
CA ALA E 178 -3.58 -7.97 -34.42
C ALA E 178 -3.78 -7.19 -33.12
N VAL E 179 -2.74 -6.52 -32.63
CA VAL E 179 -2.86 -5.82 -31.36
C VAL E 179 -3.67 -4.53 -31.49
N ILE E 180 -3.43 -3.76 -32.55
CA ILE E 180 -4.13 -2.50 -32.71
C ILE E 180 -5.61 -2.72 -32.96
N LYS E 181 -5.96 -3.72 -33.77
CA LYS E 181 -7.38 -3.98 -34.02
C LYS E 181 -8.14 -4.43 -32.78
N ARG E 182 -7.47 -4.60 -31.64
CA ARG E 182 -8.15 -4.99 -30.41
C ARG E 182 -8.84 -3.82 -29.72
N ASP E 183 -8.45 -2.57 -30.04
CA ASP E 183 -9.01 -1.39 -29.41
C ASP E 183 -9.49 -0.45 -30.51
N GLU E 184 -10.78 -0.07 -30.44
CA GLU E 184 -11.37 0.73 -31.51
C GLU E 184 -10.80 2.13 -31.56
N GLN E 185 -10.55 2.75 -30.40
CA GLN E 185 -10.07 4.13 -30.39
C GLN E 185 -8.66 4.24 -30.98
N VAL E 186 -7.78 3.30 -30.63
CA VAL E 186 -6.44 3.30 -31.19
C VAL E 186 -6.48 3.03 -32.69
N LEU E 187 -7.30 2.07 -33.11
CA LEU E 187 -7.46 1.81 -34.54
C LEU E 187 -8.01 3.03 -35.27
N GLU E 188 -8.87 3.80 -34.62
CA GLU E 188 -9.34 5.05 -35.20
C GLU E 188 -8.20 6.04 -35.36
N ARG E 189 -7.37 6.17 -34.33
CA ARG E 189 -6.26 7.12 -34.38
C ARG E 189 -5.25 6.75 -35.46
N PHE E 190 -4.98 5.46 -35.63
CA PHE E 190 -3.99 4.97 -36.58
C PHE E 190 -4.71 4.29 -37.75
N ARG E 191 -4.60 4.88 -38.94
CA ARG E 191 -5.24 4.30 -40.11
C ARG E 191 -4.26 4.22 -41.27
N ALA E 192 -3.67 5.35 -41.65
CA ALA E 192 -2.69 5.36 -42.72
C ALA E 192 -1.49 4.51 -42.34
N HIS E 193 -0.93 3.80 -43.32
CA HIS E 193 0.18 2.90 -43.04
C HIS E 193 1.01 2.72 -44.31
N LEU E 194 2.28 2.37 -44.09
CA LEU E 194 3.22 2.04 -45.16
C LEU E 194 3.70 0.62 -44.96
N ARG E 195 3.86 -0.11 -46.07
CA ARG E 195 4.27 -1.51 -46.03
C ARG E 195 5.71 -1.64 -46.52
N PHE E 196 6.46 -2.51 -45.87
CA PHE E 196 7.77 -2.95 -46.33
C PHE E 196 7.64 -4.34 -46.96
N GLY E 197 8.47 -4.59 -47.97
CA GLY E 197 8.46 -5.89 -48.62
C GLY E 197 9.82 -6.57 -48.59
N LYS E 198 10.06 -7.47 -49.53
CA LYS E 198 11.33 -8.18 -49.66
C LYS E 198 11.94 -7.90 -51.03
N LEU E 199 13.26 -7.91 -51.08
CA LEU E 199 13.96 -7.71 -52.34
C LEU E 199 13.68 -8.88 -53.29
N SER E 200 13.42 -8.56 -54.56
CA SER E 200 13.09 -9.59 -55.52
C SER E 200 13.37 -9.09 -56.93
N GLY E 201 13.69 -10.04 -57.82
CA GLY E 201 13.88 -9.72 -59.21
C GLY E 201 15.00 -8.74 -59.44
N GLU E 202 14.77 -7.80 -60.37
CA GLU E 202 15.77 -6.80 -60.71
C GLU E 202 16.22 -6.01 -59.50
N ASP E 203 15.29 -5.74 -58.57
CA ASP E 203 15.65 -5.01 -57.36
C ASP E 203 16.69 -5.79 -56.56
N PHE E 204 16.48 -7.09 -56.40
CA PHE E 204 17.44 -7.93 -55.67
C PHE E 204 18.78 -7.97 -56.39
N LYS E 205 18.76 -8.16 -57.70
CA LYS E 205 20.01 -8.22 -58.47
C LYS E 205 20.77 -6.89 -58.37
N ASN E 206 20.06 -5.78 -58.54
CA ASN E 206 20.65 -4.46 -58.41
C ASN E 206 21.20 -4.23 -57.01
N THR E 207 20.47 -4.69 -55.99
CA THR E 207 20.92 -4.50 -54.62
C THR E 207 22.20 -5.28 -54.33
N VAL E 208 22.29 -6.51 -54.83
CA VAL E 208 23.51 -7.30 -54.62
C VAL E 208 24.68 -6.64 -55.32
N GLU E 209 24.49 -6.25 -56.59
CA GLU E 209 25.57 -5.59 -57.32
C GLU E 209 25.95 -4.26 -56.68
N MET E 210 24.98 -3.55 -56.11
CA MET E 210 25.25 -2.29 -55.45
C MET E 210 26.00 -2.51 -54.13
N TRP E 211 25.66 -3.57 -53.41
CA TRP E 211 26.35 -3.89 -52.17
C TRP E 211 27.80 -4.29 -52.43
N GLU E 212 28.08 -4.91 -53.57
CA GLU E 212 29.46 -5.27 -53.86
C GLU E 212 30.35 -4.03 -54.05
N GLN E 213 29.83 -2.99 -54.70
CA GLN E 213 30.64 -1.81 -54.99
C GLN E 213 30.57 -0.75 -53.91
N MET E 214 29.48 -0.70 -53.15
CA MET E 214 29.33 0.30 -52.10
C MET E 214 29.88 -0.16 -50.76
N VAL E 215 29.83 -1.47 -50.47
CA VAL E 215 30.26 -2.00 -49.18
C VAL E 215 31.62 -2.68 -49.31
N LEU E 216 31.72 -3.65 -50.22
CA LEU E 216 32.96 -4.36 -50.43
C LEU E 216 33.92 -3.54 -51.27
N LYS E 217 35.20 -3.56 -50.90
CA LYS E 217 36.24 -2.84 -51.61
C LYS E 217 37.40 -3.76 -51.96
N LEU E 218 37.08 -5.01 -52.28
CA LEU E 218 38.12 -5.98 -52.62
C LEU E 218 38.83 -5.56 -53.91
N PRO E 219 40.15 -5.78 -53.99
CA PRO E 219 40.89 -5.33 -55.18
C PRO E 219 40.38 -5.92 -56.48
N VAL E 220 39.81 -7.12 -56.47
CA VAL E 220 39.29 -7.78 -57.66
C VAL E 220 37.82 -8.06 -57.45
N SER E 221 37.00 -7.72 -58.46
CA SER E 221 35.57 -7.93 -58.35
C SER E 221 35.24 -9.41 -58.26
N SER E 222 34.23 -9.73 -57.44
CA SER E 222 33.76 -11.10 -57.29
C SER E 222 32.64 -11.45 -58.27
N ASN E 223 32.12 -10.46 -59.00
CA ASN E 223 31.07 -10.67 -60.01
C ASN E 223 29.85 -11.34 -59.40
N LEU E 224 29.34 -10.75 -58.32
CA LEU E 224 28.28 -11.38 -57.53
C LEU E 224 26.94 -11.43 -58.26
N LYS E 225 26.71 -10.56 -59.25
CA LYS E 225 25.45 -10.56 -59.98
C LYS E 225 25.34 -11.70 -60.99
N SER E 226 26.44 -12.38 -61.31
CA SER E 226 26.42 -13.42 -62.31
C SER E 226 25.63 -14.65 -61.83
N LYS E 227 25.13 -15.41 -62.79
CA LYS E 227 24.23 -16.53 -62.51
C LYS E 227 24.83 -17.50 -61.47
N GLU E 228 26.09 -17.90 -61.70
CA GLU E 228 26.71 -18.96 -60.90
C GLU E 228 26.71 -18.61 -59.40
N MET E 229 26.91 -17.34 -59.06
CA MET E 229 26.91 -16.90 -57.68
C MET E 229 25.58 -16.28 -57.23
N LEU E 230 24.88 -15.63 -58.17
CA LEU E 230 23.59 -15.05 -57.85
C LEU E 230 22.62 -16.12 -57.35
N ARG E 231 22.70 -17.33 -57.89
CA ARG E 231 21.80 -18.39 -57.42
C ARG E 231 22.05 -18.73 -55.96
N ILE E 232 23.32 -18.79 -55.55
CA ILE E 232 23.64 -19.08 -54.16
C ILE E 232 23.11 -17.96 -53.26
N LEU E 233 23.36 -16.70 -53.64
CA LEU E 233 22.90 -15.59 -52.82
C LEU E 233 21.38 -15.54 -52.74
N THR E 234 20.71 -15.85 -53.86
CA THR E 234 19.25 -15.86 -53.87
C THR E 234 18.70 -16.92 -52.94
N SER E 235 19.26 -18.14 -53.00
CA SER E 235 18.78 -19.21 -52.14
C SER E 235 19.07 -18.93 -50.67
N ALA E 236 20.22 -18.31 -50.37
CA ALA E 236 20.61 -18.10 -48.98
C ALA E 236 19.88 -16.91 -48.36
N THR E 237 19.60 -15.86 -49.13
CA THR E 237 18.99 -14.66 -48.58
C THR E 237 17.48 -14.83 -48.40
N GLU E 238 16.80 -15.35 -49.42
CA GLU E 238 15.36 -15.56 -49.42
C GLU E 238 14.59 -14.26 -49.17
N GLY E 239 15.13 -13.14 -49.67
CA GLY E 239 14.43 -11.87 -49.66
C GLY E 239 14.72 -10.95 -48.50
N TYR E 240 15.54 -11.36 -47.53
CA TYR E 240 15.80 -10.55 -46.35
C TYR E 240 17.15 -9.86 -46.46
N ILE E 241 17.13 -8.52 -46.40
CA ILE E 241 18.34 -7.75 -46.61
C ILE E 241 19.34 -7.95 -45.47
N GLY E 242 18.86 -8.17 -44.24
CA GLY E 242 19.78 -8.40 -43.14
C GLY E 242 20.60 -9.66 -43.32
N ARG E 243 19.92 -10.76 -43.69
CA ARG E 243 20.62 -12.00 -44.01
C ARG E 243 21.70 -11.76 -45.06
N LEU E 244 21.34 -11.04 -46.12
CA LEU E 244 22.27 -10.78 -47.22
C LEU E 244 23.49 -9.99 -46.74
N ASP E 245 23.25 -8.95 -45.94
CA ASP E 245 24.34 -8.12 -45.41
C ASP E 245 25.34 -8.98 -44.65
N GLU E 246 24.83 -9.80 -43.71
CA GLU E 246 25.73 -10.64 -42.92
C GLU E 246 26.54 -11.57 -43.81
N ILE E 247 25.87 -12.24 -44.76
CA ILE E 247 26.56 -13.22 -45.61
C ILE E 247 27.68 -12.55 -46.40
N LEU E 248 27.40 -11.39 -46.99
CA LEU E 248 28.40 -10.73 -47.83
C LEU E 248 29.61 -10.32 -47.03
N ARG E 249 29.39 -9.67 -45.88
CA ARG E 249 30.52 -9.25 -45.05
C ARG E 249 31.38 -10.44 -44.65
N GLU E 250 30.74 -11.55 -44.26
CA GLU E 250 31.51 -12.70 -43.80
C GLU E 250 32.30 -13.34 -44.94
N ALA E 251 31.69 -13.48 -46.12
CA ALA E 251 32.41 -14.08 -47.24
C ALA E 251 33.65 -13.26 -47.59
N ALA E 252 33.50 -11.93 -47.62
CA ALA E 252 34.67 -11.09 -47.93
C ALA E 252 35.74 -11.22 -46.86
N ILE E 253 35.35 -11.26 -45.58
CA ILE E 253 36.34 -11.38 -44.51
C ILE E 253 37.09 -12.69 -44.63
N ARG E 254 36.37 -13.79 -44.87
CA ARG E 254 37.04 -15.09 -44.99
C ARG E 254 37.96 -15.12 -46.20
N SER E 255 37.56 -14.50 -47.30
CA SER E 255 38.42 -14.44 -48.48
C SER E 255 39.70 -13.67 -48.18
N LEU E 256 39.60 -12.56 -47.44
CA LEU E 256 40.80 -11.79 -47.10
C LEU E 256 41.69 -12.57 -46.13
N SER E 257 41.08 -13.22 -45.14
CA SER E 257 41.87 -13.96 -44.15
C SER E 257 42.53 -15.19 -44.75
N ARG E 258 41.97 -15.72 -45.84
CA ARG E 258 42.56 -16.86 -46.54
C ARG E 258 43.54 -16.43 -47.62
N GLY E 259 43.81 -15.12 -47.74
CA GLY E 259 44.73 -14.62 -48.73
C GLY E 259 44.16 -14.45 -50.12
N LEU E 260 42.87 -14.72 -50.30
CA LEU E 260 42.25 -14.61 -51.62
C LEU E 260 41.89 -13.16 -51.90
N LYS E 261 42.27 -12.68 -53.09
CA LYS E 261 41.98 -11.30 -53.45
C LYS E 261 40.49 -11.06 -53.59
N LYS E 262 39.76 -12.04 -54.10
CA LYS E 262 38.31 -11.95 -54.30
C LYS E 262 37.61 -13.04 -53.49
N ILE E 263 36.31 -13.20 -53.75
CA ILE E 263 35.47 -14.16 -53.03
C ILE E 263 35.28 -15.37 -53.93
N ASP E 264 35.84 -16.51 -53.51
CA ASP E 264 35.63 -17.74 -54.25
C ASP E 264 34.20 -18.24 -54.07
N LYS E 265 33.71 -18.96 -55.08
CA LYS E 265 32.34 -19.47 -55.07
C LYS E 265 32.15 -20.51 -53.97
N ALA E 266 33.12 -21.40 -53.81
CA ALA E 266 33.02 -22.43 -52.78
C ALA E 266 32.94 -21.82 -51.37
N VAL E 267 33.66 -20.72 -51.14
CA VAL E 267 33.62 -20.06 -49.85
C VAL E 267 32.20 -19.55 -49.56
N LEU E 268 31.54 -19.00 -50.58
CA LEU E 268 30.16 -18.56 -50.42
C LEU E 268 29.27 -19.73 -50.04
N GLN E 269 29.44 -20.88 -50.70
CA GLN E 269 28.67 -22.07 -50.32
C GLN E 269 28.88 -22.43 -48.85
N GLU E 270 30.14 -22.37 -48.40
CA GLU E 270 30.45 -22.69 -47.01
C GLU E 270 29.68 -21.79 -46.05
N VAL E 271 29.71 -20.47 -46.31
CA VAL E 271 29.00 -19.53 -45.44
C VAL E 271 27.51 -19.85 -45.40
N ALA E 272 26.92 -20.11 -46.56
CA ALA E 272 25.47 -20.36 -46.59
C ALA E 272 25.12 -21.60 -45.76
N LYS E 273 25.92 -22.66 -45.88
CA LYS E 273 25.58 -23.89 -45.14
C LYS E 273 25.79 -23.71 -43.63
N GLU E 274 26.82 -22.96 -43.24
CA GLU E 274 27.09 -22.80 -41.81
C GLU E 274 25.98 -21.99 -41.12
N TYR E 275 25.42 -21.00 -41.80
CA TYR E 275 24.40 -20.14 -41.21
C TYR E 275 23.01 -20.53 -41.70
N GLU F 19 4.73 34.38 -49.22
CA GLU F 19 3.87 33.80 -50.24
C GLU F 19 2.41 33.78 -49.78
N TRP F 20 1.54 34.41 -50.55
CA TRP F 20 0.12 34.45 -50.20
C TRP F 20 -0.48 33.05 -50.18
N LEU F 21 -0.05 32.20 -51.11
CA LEU F 21 -0.54 30.82 -51.13
C LEU F 21 -0.29 30.13 -49.79
N GLN F 22 0.84 30.46 -49.15
CA GLN F 22 1.14 29.87 -47.84
C GLN F 22 0.12 30.29 -46.79
N ALA F 23 -0.24 31.57 -46.76
CA ALA F 23 -1.24 32.03 -45.78
C ALA F 23 -2.61 31.43 -46.07
N GLU F 24 -3.00 31.39 -47.35
CA GLU F 24 -4.27 30.78 -47.73
C GLU F 24 -4.31 29.31 -47.32
N ILE F 25 -3.18 28.60 -47.48
CA ILE F 25 -3.11 27.20 -47.07
C ILE F 25 -3.17 27.08 -45.56
N ALA F 26 -2.46 27.97 -44.85
CA ALA F 26 -2.35 27.87 -43.40
C ALA F 26 -3.70 28.10 -42.72
N ARG F 27 -4.55 28.95 -43.31
CA ARG F 27 -5.86 29.18 -42.69
C ARG F 27 -6.69 27.91 -42.61
N LEU F 28 -6.53 27.01 -43.59
CA LEU F 28 -7.37 25.81 -43.63
C LEU F 28 -7.00 24.82 -42.53
N LYS F 29 -5.72 24.76 -42.16
CA LYS F 29 -5.26 23.84 -41.11
C LYS F 29 -5.82 24.22 -39.75
N GLY F 30 -6.65 25.27 -39.70
CA GLY F 30 -7.19 25.75 -38.45
C GLY F 30 -8.43 25.00 -38.00
N LYS F 31 -8.67 25.05 -36.70
CA LYS F 31 -9.83 24.44 -36.07
C LYS F 31 -10.98 25.43 -36.04
N SER F 32 -12.18 24.95 -36.37
CA SER F 32 -13.35 25.82 -36.44
C SER F 32 -14.59 25.01 -36.06
N ILE F 33 -15.63 25.72 -35.63
CA ILE F 33 -16.89 25.12 -35.22
C ILE F 33 -17.99 25.57 -36.17
N VAL F 34 -18.82 24.63 -36.60
CA VAL F 34 -19.91 24.87 -37.53
C VAL F 34 -21.23 24.54 -36.85
N PRO F 35 -22.15 25.50 -36.72
CA PRO F 35 -23.47 25.19 -36.14
C PRO F 35 -24.13 24.02 -36.84
N LEU F 36 -24.71 23.12 -36.06
CA LEU F 36 -25.37 21.94 -36.61
C LEU F 36 -26.61 21.64 -35.78
N GLN F 37 -27.47 20.78 -36.33
CA GLN F 37 -28.71 20.43 -35.65
C GLN F 37 -28.46 19.78 -34.30
N GLN F 38 -27.51 18.83 -34.24
CA GLN F 38 -27.22 18.14 -33.00
C GLN F 38 -26.62 19.08 -31.95
N VAL F 39 -25.75 19.99 -32.38
CA VAL F 39 -25.15 20.95 -31.45
C VAL F 39 -26.24 21.86 -30.86
N LYS F 40 -27.13 22.35 -31.72
CA LYS F 40 -28.23 23.19 -31.26
C LYS F 40 -29.10 22.45 -30.26
N THR F 41 -29.39 21.18 -30.51
CA THR F 41 -30.17 20.39 -29.55
C THR F 41 -29.44 20.27 -28.22
N LEU F 42 -28.14 19.99 -28.27
CA LEU F 42 -27.37 19.73 -27.05
C LEU F 42 -27.35 20.94 -26.14
N HIS F 43 -27.17 22.14 -26.71
CA HIS F 43 -27.05 23.33 -25.86
C HIS F 43 -28.33 23.57 -25.06
N ASP F 44 -29.48 23.48 -25.73
CA ASP F 44 -30.75 23.68 -25.04
C ASP F 44 -30.99 22.61 -23.98
N TRP F 45 -30.73 21.34 -24.33
CA TRP F 45 -30.96 20.25 -23.37
C TRP F 45 -30.10 20.43 -22.13
N LEU F 46 -28.81 20.74 -22.32
CA LEU F 46 -27.91 20.89 -21.19
C LEU F 46 -28.26 22.11 -20.35
N ASP F 47 -28.70 23.21 -20.99
CA ASP F 47 -29.11 24.37 -20.21
C ASP F 47 -30.35 24.06 -19.38
N GLY F 48 -31.28 23.28 -19.93
CA GLY F 48 -32.42 22.83 -19.14
C GLY F 48 -31.99 22.05 -17.91
N LYS F 49 -31.09 21.08 -18.11
CA LYS F 49 -30.62 20.30 -16.97
C LYS F 49 -29.84 21.16 -15.98
N ARG F 50 -29.12 22.18 -16.46
CA ARG F 50 -28.35 23.05 -15.59
C ARG F 50 -29.26 23.89 -14.70
N LYS F 51 -30.26 24.53 -15.31
CA LYS F 51 -31.22 25.30 -14.52
C LYS F 51 -32.01 24.40 -13.57
N ALA F 52 -32.29 23.16 -13.99
CA ALA F 52 -32.96 22.22 -13.10
C ALA F 52 -32.03 21.68 -12.02
N ARG F 53 -30.71 21.81 -12.21
CA ARG F 53 -29.71 21.27 -11.27
C ARG F 53 -29.87 19.76 -11.11
N LYS F 54 -30.00 19.05 -12.23
CA LYS F 54 -30.21 17.61 -12.24
C LYS F 54 -29.19 16.93 -13.14
N SER F 55 -28.73 15.75 -12.73
CA SER F 55 -27.70 15.02 -13.45
C SER F 55 -28.28 14.30 -14.65
N CYS F 56 -27.41 14.07 -15.65
CA CYS F 56 -27.81 13.42 -16.89
C CYS F 56 -26.57 12.88 -17.59
N ARG F 57 -26.79 12.04 -18.61
CA ARG F 57 -25.70 11.31 -19.25
C ARG F 57 -25.71 11.53 -20.76
N VAL F 58 -24.56 11.24 -21.37
CA VAL F 58 -24.31 11.47 -22.79
C VAL F 58 -23.63 10.24 -23.35
N VAL F 59 -24.23 9.63 -24.37
CA VAL F 59 -23.71 8.41 -25.00
C VAL F 59 -23.76 8.58 -26.51
N GLY F 60 -22.59 8.65 -27.14
CA GLY F 60 -22.51 8.72 -28.58
C GLY F 60 -21.30 7.98 -29.10
N GLU F 61 -21.38 7.59 -30.37
CA GLU F 61 -20.27 6.89 -31.01
C GLU F 61 -19.13 7.87 -31.28
N SER F 62 -17.94 7.31 -31.52
CA SER F 62 -16.74 8.11 -31.65
C SER F 62 -16.79 9.02 -32.88
N ARG F 63 -15.98 10.07 -32.86
CA ARG F 63 -15.85 11.02 -33.97
C ARG F 63 -17.19 11.70 -34.30
N THR F 64 -17.98 11.99 -33.27
CA THR F 64 -19.26 12.67 -33.46
C THR F 64 -19.24 14.11 -32.97
N GLY F 65 -18.10 14.62 -32.50
CA GLY F 65 -18.00 16.01 -32.11
C GLY F 65 -18.77 16.39 -30.86
N LYS F 66 -19.25 15.43 -30.08
CA LYS F 66 -19.98 15.77 -28.87
C LYS F 66 -19.11 16.52 -27.87
N THR F 67 -17.80 16.22 -27.86
CA THR F 67 -16.89 17.01 -27.03
C THR F 67 -16.70 18.40 -27.60
N VAL F 68 -16.74 18.55 -28.93
CA VAL F 68 -16.73 19.88 -29.53
C VAL F 68 -17.95 20.67 -29.09
N ALA F 69 -19.11 20.01 -29.06
CA ALA F 69 -20.33 20.67 -28.59
C ALA F 69 -20.23 21.02 -27.12
N CYS F 70 -19.59 20.16 -26.32
CA CYS F 70 -19.40 20.48 -24.90
C CYS F 70 -18.51 21.70 -24.74
N ASP F 71 -17.43 21.79 -25.53
CA ASP F 71 -16.57 22.97 -25.49
C ASP F 71 -17.33 24.22 -25.89
N ALA F 72 -18.18 24.11 -26.92
CA ALA F 72 -18.97 25.26 -27.35
C ALA F 72 -19.95 25.69 -26.26
N TYR F 73 -20.63 24.73 -25.64
CA TYR F 73 -21.54 25.05 -24.54
C TYR F 73 -20.80 25.71 -23.39
N ARG F 74 -19.55 25.28 -23.14
CA ARG F 74 -18.73 25.92 -22.12
C ARG F 74 -18.37 27.34 -22.52
N TYR F 75 -18.09 27.56 -23.81
CA TYR F 75 -17.76 28.89 -24.29
C TYR F 75 -18.94 29.84 -24.16
N ARG F 76 -20.17 29.33 -24.34
CA ARG F 76 -21.34 30.21 -24.32
C ARG F 76 -21.51 30.90 -22.97
N HIS F 77 -21.23 30.20 -21.87
CA HIS F 77 -21.36 30.74 -20.53
C HIS F 77 -20.00 31.24 -20.06
N LYS F 78 -19.92 32.55 -19.78
CA LYS F 78 -18.66 33.17 -19.44
C LYS F 78 -18.58 33.42 -17.94
N PRO F 79 -17.58 32.88 -17.24
CA PRO F 79 -17.44 33.14 -15.80
C PRO F 79 -17.29 34.62 -15.50
N GLN F 80 -18.32 35.21 -14.91
CA GLN F 80 -18.34 36.64 -14.64
C GLN F 80 -17.62 36.97 -13.33
N GLN F 81 -16.98 38.13 -13.29
CA GLN F 81 -16.32 38.64 -12.10
C GLN F 81 -16.81 40.07 -11.82
N GLU F 82 -18.11 40.17 -11.52
CA GLU F 82 -18.70 41.47 -11.24
C GLU F 82 -18.13 42.08 -9.97
N ALA F 83 -17.90 41.26 -8.94
CA ALA F 83 -17.51 41.74 -7.62
C ALA F 83 -16.20 41.08 -7.20
N GLY F 84 -15.61 41.63 -6.14
CA GLY F 84 -14.37 41.08 -5.63
C GLY F 84 -14.52 39.68 -5.08
N ARG F 85 -15.72 39.34 -4.60
CA ARG F 85 -15.97 38.01 -4.07
C ARG F 85 -15.74 36.96 -5.16
N PRO F 86 -15.41 35.73 -4.78
CA PRO F 86 -14.98 34.69 -5.74
C PRO F 86 -15.81 34.67 -7.00
N PRO F 87 -15.18 34.53 -8.17
CA PRO F 87 -15.92 34.59 -9.43
C PRO F 87 -16.97 33.51 -9.55
N THR F 88 -18.07 33.85 -10.23
CA THR F 88 -19.24 32.98 -10.34
C THR F 88 -19.10 32.10 -11.58
N VAL F 89 -18.34 31.03 -11.45
CA VAL F 89 -18.19 30.05 -12.52
C VAL F 89 -19.38 29.11 -12.49
N PRO F 90 -20.21 29.09 -13.54
CA PRO F 90 -21.41 28.24 -13.51
C PRO F 90 -21.20 26.86 -14.12
N VAL F 91 -20.17 26.69 -14.96
CA VAL F 91 -19.93 25.45 -15.68
C VAL F 91 -18.53 24.94 -15.34
N VAL F 92 -18.43 23.65 -15.04
CA VAL F 92 -17.15 22.99 -14.79
C VAL F 92 -16.94 21.94 -15.88
N TYR F 93 -15.71 21.86 -16.38
CA TYR F 93 -15.38 20.96 -17.48
C TYR F 93 -14.01 20.33 -17.22
N ILE F 94 -14.02 19.06 -16.81
CA ILE F 94 -12.80 18.31 -16.54
C ILE F 94 -12.75 17.10 -17.45
N ARG F 95 -11.57 16.82 -18.00
CA ARG F 95 -11.36 15.67 -18.87
C ARG F 95 -10.41 14.70 -18.19
N PRO F 96 -10.90 13.65 -17.55
CA PRO F 96 -10.01 12.71 -16.85
C PRO F 96 -9.11 11.95 -17.80
N HIS F 97 -8.03 11.41 -17.24
CA HIS F 97 -7.06 10.63 -17.99
C HIS F 97 -7.42 9.16 -17.97
N GLN F 98 -6.41 8.30 -17.82
CA GLN F 98 -6.60 6.85 -17.74
C GLN F 98 -6.33 6.40 -16.31
N LYS F 99 -7.25 5.60 -15.77
CA LYS F 99 -7.14 5.07 -14.40
C LYS F 99 -7.07 6.21 -13.38
N CYS F 100 -7.93 7.21 -13.55
CA CYS F 100 -7.92 8.36 -12.64
C CYS F 100 -8.53 7.98 -11.30
N GLY F 101 -7.83 8.33 -10.21
CA GLY F 101 -8.30 8.06 -8.88
C GLY F 101 -9.00 9.26 -8.27
N PRO F 102 -9.39 9.16 -6.99
CA PRO F 102 -10.08 10.29 -6.35
C PRO F 102 -9.23 11.55 -6.32
N LYS F 103 -7.92 11.41 -6.10
CA LYS F 103 -7.06 12.57 -5.92
C LYS F 103 -6.91 13.37 -7.20
N ASP F 104 -6.68 12.70 -8.33
CA ASP F 104 -6.53 13.42 -9.59
C ASP F 104 -7.83 14.10 -10.00
N LEU F 105 -8.97 13.43 -9.77
CA LEU F 105 -10.27 14.03 -10.04
C LEU F 105 -10.46 15.31 -9.23
N PHE F 106 -10.27 15.21 -7.90
CA PHE F 106 -10.41 16.38 -7.04
C PHE F 106 -9.44 17.48 -7.44
N LYS F 107 -8.21 17.11 -7.79
CA LYS F 107 -7.19 18.10 -8.13
C LYS F 107 -7.54 18.83 -9.42
N LYS F 108 -8.09 18.12 -10.41
CA LYS F 108 -8.51 18.77 -11.65
C LYS F 108 -9.65 19.75 -11.37
N ILE F 109 -10.58 19.36 -10.50
CA ILE F 109 -11.65 20.31 -10.12
C ILE F 109 -11.04 21.55 -9.48
N THR F 110 -10.06 21.37 -8.59
CA THR F 110 -9.46 22.50 -7.89
C THR F 110 -8.71 23.42 -8.84
N GLU F 111 -7.90 22.84 -9.73
CA GLU F 111 -7.08 23.65 -10.64
C GLU F 111 -7.94 24.35 -11.68
N TYR F 112 -9.02 23.71 -12.14
CA TYR F 112 -9.90 24.32 -13.13
C TYR F 112 -10.42 25.65 -12.65
N LEU F 113 -10.84 25.74 -11.38
CA LEU F 113 -11.30 26.97 -10.79
C LEU F 113 -10.17 27.90 -10.36
N LYS F 114 -8.95 27.64 -10.87
CA LYS F 114 -7.78 28.47 -10.59
C LYS F 114 -7.52 28.61 -9.10
N TYR F 115 -7.58 27.48 -8.39
CA TYR F 115 -7.38 27.48 -6.94
C TYR F 115 -6.19 26.62 -6.57
N ARG F 116 -5.44 27.08 -5.57
CA ARG F 116 -4.18 26.47 -5.19
C ARG F 116 -4.37 25.04 -4.70
N VAL F 117 -3.53 24.13 -5.19
CA VAL F 117 -3.53 22.74 -4.75
C VAL F 117 -2.54 22.62 -3.61
N THR F 118 -3.05 22.51 -2.38
CA THR F 118 -2.19 22.46 -1.20
C THR F 118 -1.70 21.03 -0.97
N LYS F 119 -0.65 20.93 -0.13
CA LYS F 119 -0.17 19.63 0.31
C LYS F 119 -1.04 19.12 1.46
N GLY F 120 -1.14 17.81 1.56
CA GLY F 120 -1.94 17.20 2.61
C GLY F 120 -2.48 15.86 2.15
N THR F 121 -3.25 15.23 3.03
CA THR F 121 -3.78 13.90 2.80
C THR F 121 -4.92 13.94 1.79
N VAL F 122 -5.40 12.75 1.41
CA VAL F 122 -6.50 12.63 0.46
C VAL F 122 -7.82 13.04 1.10
N SER F 123 -8.00 12.77 2.39
CA SER F 123 -9.23 13.16 3.07
C SER F 123 -9.36 14.69 3.11
N ASP F 124 -8.27 15.39 3.43
CA ASP F 124 -8.26 16.85 3.36
C ASP F 124 -8.46 17.31 1.92
N PHE F 125 -7.82 16.60 0.98
CA PHE F 125 -7.95 16.92 -0.44
C PHE F 125 -9.41 16.90 -0.89
N ARG F 126 -10.18 15.95 -0.37
CA ARG F 126 -11.58 15.83 -0.77
C ARG F 126 -12.37 17.05 -0.33
N ASP F 127 -12.06 17.60 0.84
CA ASP F 127 -12.78 18.76 1.33
C ASP F 127 -12.36 20.05 0.65
N ARG F 128 -11.11 20.10 0.15
CA ARG F 128 -10.67 21.31 -0.55
C ARG F 128 -11.58 21.62 -1.75
N THR F 129 -11.89 20.61 -2.54
CA THR F 129 -12.76 20.81 -3.72
C THR F 129 -14.17 21.19 -3.31
N ILE F 130 -14.70 20.53 -2.27
CA ILE F 130 -16.02 20.88 -1.76
C ILE F 130 -16.06 22.35 -1.35
N GLU F 131 -14.99 22.82 -0.71
CA GLU F 131 -14.95 24.21 -0.26
C GLU F 131 -14.89 25.16 -1.45
N VAL F 132 -14.07 24.85 -2.46
CA VAL F 132 -13.94 25.79 -3.57
C VAL F 132 -15.19 25.81 -4.44
N LEU F 133 -15.96 24.72 -4.47
CA LEU F 133 -17.14 24.67 -5.33
C LEU F 133 -18.23 25.63 -4.87
N LYS F 134 -18.33 25.87 -3.56
CA LYS F 134 -19.44 26.68 -3.05
C LYS F 134 -19.29 28.15 -3.45
N GLY F 135 -18.06 28.68 -3.42
CA GLY F 135 -17.86 30.08 -3.75
C GLY F 135 -18.33 30.44 -5.14
N CYS F 136 -18.13 29.53 -6.09
CA CYS F 136 -18.65 29.68 -7.44
C CYS F 136 -19.98 28.95 -7.57
N GLY F 137 -20.79 29.39 -8.52
CA GLY F 137 -22.07 28.73 -8.76
C GLY F 137 -21.91 27.25 -9.03
N VAL F 138 -21.32 26.92 -10.18
CA VAL F 138 -20.96 25.54 -10.52
C VAL F 138 -22.19 24.65 -10.43
N GLU F 139 -23.24 25.01 -11.16
CA GLU F 139 -24.44 24.16 -11.15
C GLU F 139 -24.20 22.88 -11.92
N MET F 140 -23.46 22.96 -13.04
CA MET F 140 -23.26 21.81 -13.91
C MET F 140 -21.76 21.51 -14.03
N LEU F 141 -21.40 20.29 -13.65
CA LEU F 141 -20.07 19.73 -13.92
C LEU F 141 -20.21 18.76 -15.08
N ILE F 142 -19.39 18.93 -16.10
CA ILE F 142 -19.47 18.11 -17.31
C ILE F 142 -18.19 17.30 -17.41
N ILE F 143 -18.32 15.97 -17.43
CA ILE F 143 -17.19 15.05 -17.41
C ILE F 143 -17.07 14.43 -18.79
N ASP F 144 -16.14 14.95 -19.59
CA ASP F 144 -15.82 14.33 -20.87
C ASP F 144 -14.97 13.08 -20.64
N GLU F 145 -15.17 12.09 -21.50
CA GLU F 145 -14.50 10.79 -21.39
C GLU F 145 -14.74 10.18 -20.00
N ALA F 146 -16.02 9.97 -19.69
CA ALA F 146 -16.41 9.46 -18.38
C ALA F 146 -16.02 8.00 -18.19
N ASP F 147 -15.89 7.23 -19.27
CA ASP F 147 -15.52 5.82 -19.13
C ASP F 147 -14.17 5.66 -18.45
N ARG F 148 -13.17 6.42 -18.90
CA ARG F 148 -11.82 6.30 -18.33
C ARG F 148 -11.79 6.84 -16.92
N LEU F 149 -12.43 6.12 -15.99
CA LEU F 149 -12.51 6.54 -14.60
C LEU F 149 -12.70 5.30 -13.74
N LYS F 150 -12.38 5.43 -12.45
CA LYS F 150 -12.50 4.23 -11.62
C LYS F 150 -13.87 4.18 -10.96
N PRO F 151 -14.47 2.98 -10.88
CA PRO F 151 -15.77 2.84 -10.21
C PRO F 151 -15.75 3.28 -8.77
N GLU F 152 -14.58 3.27 -8.13
CA GLU F 152 -14.44 3.80 -6.77
C GLU F 152 -14.32 5.31 -6.75
N THR F 153 -14.28 5.95 -7.93
CA THR F 153 -14.43 7.39 -8.06
C THR F 153 -15.86 7.79 -8.40
N PHE F 154 -16.65 6.84 -8.92
CA PHE F 154 -18.07 7.11 -9.15
C PHE F 154 -18.78 7.43 -7.85
N ALA F 155 -18.33 6.84 -6.73
CA ALA F 155 -18.92 7.17 -5.45
C ALA F 155 -18.68 8.64 -5.07
N ASP F 156 -17.48 9.15 -5.34
CA ASP F 156 -17.21 10.56 -5.10
C ASP F 156 -18.04 11.44 -6.04
N VAL F 157 -18.06 11.06 -7.33
CA VAL F 157 -18.84 11.82 -8.32
C VAL F 157 -20.31 11.88 -7.92
N ARG F 158 -20.87 10.76 -7.46
CA ARG F 158 -22.26 10.72 -7.03
C ARG F 158 -22.46 11.38 -5.68
N ASP F 159 -21.41 11.43 -4.84
CA ASP F 159 -21.48 12.20 -3.61
C ASP F 159 -21.72 13.66 -3.92
N ILE F 160 -21.14 14.15 -5.01
CA ILE F 160 -21.46 15.51 -5.44
C ILE F 160 -22.94 15.65 -5.76
N ALA F 161 -23.52 14.68 -6.47
CA ALA F 161 -24.92 14.78 -6.88
C ALA F 161 -25.87 14.71 -5.69
N GLU F 162 -25.55 13.86 -4.70
CA GLU F 162 -26.40 13.73 -3.52
C GLU F 162 -26.26 14.92 -2.59
N ASP F 163 -25.02 15.33 -2.32
CA ASP F 163 -24.76 16.36 -1.32
C ASP F 163 -25.20 17.74 -1.78
N LEU F 164 -24.86 18.10 -3.01
CA LEU F 164 -25.16 19.41 -3.55
C LEU F 164 -26.09 19.29 -4.75
N GLY F 165 -26.85 20.36 -5.00
CA GLY F 165 -27.69 20.41 -6.17
C GLY F 165 -26.88 20.72 -7.41
N ILE F 166 -26.17 19.71 -7.92
CA ILE F 166 -25.27 19.89 -9.05
C ILE F 166 -25.71 18.98 -10.18
N ALA F 167 -25.80 19.55 -11.38
CA ALA F 167 -26.19 18.80 -12.58
C ALA F 167 -24.94 18.15 -13.18
N VAL F 168 -24.50 17.08 -12.52
CA VAL F 168 -23.31 16.35 -12.96
C VAL F 168 -23.62 15.65 -14.27
N VAL F 169 -22.80 15.93 -15.30
CA VAL F 169 -22.97 15.38 -16.63
C VAL F 169 -21.81 14.44 -16.92
N LEU F 170 -22.13 13.26 -17.46
CA LEU F 170 -21.13 12.24 -17.78
C LEU F 170 -21.10 12.05 -19.30
N VAL F 171 -20.07 12.59 -19.95
CA VAL F 171 -19.88 12.40 -21.38
C VAL F 171 -19.06 11.13 -21.58
N GLY F 172 -19.62 10.14 -22.27
CA GLY F 172 -18.90 8.90 -22.47
C GLY F 172 -19.47 8.07 -23.60
N THR F 173 -18.77 6.97 -23.87
CA THR F 173 -19.10 6.03 -24.93
C THR F 173 -19.90 4.86 -24.36
N ASP F 174 -19.87 3.71 -25.04
CA ASP F 174 -20.67 2.57 -24.61
C ASP F 174 -20.14 1.98 -23.29
N ARG F 175 -18.82 1.99 -23.10
CA ARG F 175 -18.24 1.52 -21.86
C ARG F 175 -18.79 2.29 -20.66
N LEU F 176 -19.19 3.55 -20.88
CA LEU F 176 -19.84 4.33 -19.83
C LEU F 176 -21.13 3.65 -19.37
N ASP F 177 -21.98 3.26 -20.32
CA ASP F 177 -23.19 2.53 -19.99
C ASP F 177 -22.85 1.26 -19.23
N ALA F 178 -21.87 0.51 -19.73
CA ALA F 178 -21.52 -0.77 -19.10
C ALA F 178 -21.10 -0.59 -17.65
N VAL F 179 -20.27 0.42 -17.36
CA VAL F 179 -19.81 0.59 -15.99
C VAL F 179 -20.90 1.17 -15.11
N ILE F 180 -21.81 1.98 -15.68
CA ILE F 180 -22.82 2.63 -14.85
C ILE F 180 -23.88 1.64 -14.41
N LYS F 181 -24.27 0.72 -15.29
CA LYS F 181 -25.35 -0.20 -14.93
C LYS F 181 -24.98 -1.07 -13.73
N ARG F 182 -23.68 -1.30 -13.50
CA ARG F 182 -23.21 -2.13 -12.39
C ARG F 182 -23.45 -1.50 -11.00
N ASP F 183 -24.24 -0.43 -10.90
CA ASP F 183 -24.51 0.21 -9.62
C ASP F 183 -25.87 0.88 -9.73
N GLU F 184 -26.86 0.36 -8.99
CA GLU F 184 -28.23 0.87 -9.12
C GLU F 184 -28.33 2.32 -8.66
N GLN F 185 -27.56 2.70 -7.64
CA GLN F 185 -27.64 4.06 -7.11
C GLN F 185 -27.14 5.07 -8.13
N VAL F 186 -25.97 4.81 -8.72
CA VAL F 186 -25.44 5.67 -9.77
C VAL F 186 -26.42 5.73 -10.94
N LEU F 187 -26.98 4.58 -11.31
CA LEU F 187 -27.92 4.53 -12.43
C LEU F 187 -29.14 5.39 -12.15
N GLU F 188 -29.68 5.32 -10.94
CA GLU F 188 -30.86 6.11 -10.60
C GLU F 188 -30.54 7.60 -10.58
N ARG F 189 -29.36 7.96 -10.07
CA ARG F 189 -28.98 9.38 -10.04
C ARG F 189 -28.69 9.91 -11.44
N PHE F 190 -28.18 9.07 -12.33
CA PHE F 190 -27.83 9.47 -13.69
C PHE F 190 -28.72 8.79 -14.73
N ARG F 191 -29.98 8.53 -14.39
CA ARG F 191 -30.85 7.79 -15.30
C ARG F 191 -31.13 8.58 -16.58
N ALA F 192 -31.47 9.85 -16.44
CA ALA F 192 -31.70 10.70 -17.60
C ALA F 192 -30.43 10.77 -18.46
N HIS F 193 -30.61 10.77 -19.77
CA HIS F 193 -29.47 10.74 -20.68
C HIS F 193 -29.90 11.25 -22.05
N LEU F 194 -28.91 11.45 -22.92
CA LEU F 194 -29.11 11.85 -24.30
C LEU F 194 -28.29 10.94 -25.20
N ARG F 195 -28.86 10.59 -26.34
CA ARG F 195 -28.19 9.74 -27.32
C ARG F 195 -27.91 10.52 -28.60
N PHE F 196 -26.95 10.02 -29.38
CA PHE F 196 -26.58 10.60 -30.65
C PHE F 196 -26.79 9.58 -31.76
N GLY F 197 -26.95 10.09 -32.99
CA GLY F 197 -27.01 9.24 -34.16
C GLY F 197 -25.89 9.57 -35.13
N LYS F 198 -26.06 9.20 -36.40
CA LYS F 198 -25.09 9.48 -37.44
C LYS F 198 -25.76 10.29 -38.55
N LEU F 199 -24.95 10.71 -39.52
CA LEU F 199 -25.44 11.48 -40.67
C LEU F 199 -25.49 10.59 -41.89
N SER F 200 -26.65 10.53 -42.55
CA SER F 200 -26.82 9.66 -43.70
C SER F 200 -27.79 10.30 -44.69
N GLY F 201 -27.61 9.97 -45.97
CA GLY F 201 -28.53 10.43 -46.98
C GLY F 201 -28.45 11.94 -47.20
N GLU F 202 -29.63 12.57 -47.26
CA GLU F 202 -29.68 14.01 -47.52
C GLU F 202 -29.11 14.83 -46.37
N ASP F 203 -29.23 14.34 -45.14
CA ASP F 203 -28.64 15.05 -43.99
C ASP F 203 -27.14 15.18 -44.15
N PHE F 204 -26.48 14.11 -44.60
CA PHE F 204 -25.05 14.15 -44.83
C PHE F 204 -24.69 15.16 -45.93
N LYS F 205 -25.44 15.15 -47.03
CA LYS F 205 -25.17 16.08 -48.12
C LYS F 205 -25.36 17.53 -47.66
N ASN F 206 -26.40 17.79 -46.87
CA ASN F 206 -26.61 19.12 -46.31
C ASN F 206 -25.45 19.54 -45.44
N THR F 207 -24.98 18.64 -44.58
CA THR F 207 -23.81 18.93 -43.75
C THR F 207 -22.58 19.20 -44.61
N VAL F 208 -22.42 18.47 -45.70
CA VAL F 208 -21.25 18.63 -46.56
C VAL F 208 -21.26 20.01 -47.22
N GLU F 209 -22.42 20.42 -47.76
CA GLU F 209 -22.50 21.74 -48.37
C GLU F 209 -22.32 22.85 -47.34
N MET F 210 -22.90 22.66 -46.14
CA MET F 210 -22.68 23.61 -45.06
C MET F 210 -21.20 23.74 -44.73
N TRP F 211 -20.48 22.62 -44.73
CA TRP F 211 -19.03 22.65 -44.53
C TRP F 211 -18.35 23.45 -45.63
N GLU F 212 -18.67 23.13 -46.89
CA GLU F 212 -18.04 23.80 -48.02
C GLU F 212 -18.24 25.31 -47.97
N GLN F 213 -19.39 25.77 -47.48
CA GLN F 213 -19.66 27.20 -47.44
C GLN F 213 -19.20 27.88 -46.16
N MET F 214 -19.07 27.14 -45.06
CA MET F 214 -18.71 27.75 -43.78
C MET F 214 -17.22 27.64 -43.44
N VAL F 215 -16.54 26.58 -43.88
CA VAL F 215 -15.18 26.30 -43.44
C VAL F 215 -14.19 26.27 -44.59
N LEU F 216 -14.54 25.65 -45.70
CA LEU F 216 -13.63 25.58 -46.85
C LEU F 216 -13.19 26.99 -47.26
N LYS F 217 -11.89 27.25 -47.16
CA LYS F 217 -11.32 28.56 -47.45
C LYS F 217 -10.91 28.73 -48.90
N LEU F 218 -11.33 27.83 -49.79
CA LEU F 218 -11.01 27.95 -51.21
C LEU F 218 -11.93 28.97 -51.87
N PRO F 219 -11.41 29.81 -52.77
CA PRO F 219 -12.24 30.89 -53.34
C PRO F 219 -13.33 30.41 -54.27
N VAL F 220 -13.23 29.21 -54.83
CA VAL F 220 -14.21 28.70 -55.78
C VAL F 220 -14.83 27.42 -55.21
N SER F 221 -16.14 27.29 -55.36
CA SER F 221 -16.84 26.11 -54.85
C SER F 221 -16.35 24.84 -55.53
N SER F 222 -16.18 23.79 -54.73
CA SER F 222 -15.78 22.48 -55.23
C SER F 222 -16.96 21.60 -55.60
N ASN F 223 -18.19 22.04 -55.32
CA ASN F 223 -19.41 21.28 -55.59
C ASN F 223 -19.36 19.91 -54.90
N LEU F 224 -19.12 19.92 -53.59
CA LEU F 224 -18.97 18.68 -52.83
C LEU F 224 -20.28 17.92 -52.65
N LYS F 225 -21.41 18.49 -53.09
CA LYS F 225 -22.70 17.80 -53.03
C LYS F 225 -23.02 17.02 -54.29
N SER F 226 -22.04 16.79 -55.16
CA SER F 226 -22.25 16.04 -56.38
C SER F 226 -22.29 14.54 -56.10
N LYS F 227 -22.92 13.80 -57.01
CA LYS F 227 -23.08 12.36 -56.83
C LYS F 227 -21.74 11.66 -56.66
N GLU F 228 -20.73 12.06 -57.43
CA GLU F 228 -19.42 11.41 -57.39
C GLU F 228 -18.69 11.71 -56.08
N MET F 229 -18.62 13.00 -55.72
CA MET F 229 -17.96 13.39 -54.48
C MET F 229 -18.73 12.88 -53.26
N LEU F 230 -20.06 12.86 -53.35
CA LEU F 230 -20.85 12.31 -52.26
C LEU F 230 -20.63 10.81 -52.13
N ARG F 231 -20.48 10.10 -53.24
CA ARG F 231 -20.13 8.68 -53.20
C ARG F 231 -18.84 8.47 -52.43
N ILE F 232 -17.79 9.19 -52.83
CA ILE F 232 -16.49 9.06 -52.16
C ILE F 232 -16.62 9.41 -50.68
N LEU F 233 -17.29 10.51 -50.36
CA LEU F 233 -17.35 10.99 -48.98
C LEU F 233 -18.21 10.08 -48.12
N THR F 234 -19.31 9.56 -48.66
CA THR F 234 -20.14 8.63 -47.91
C THR F 234 -19.38 7.37 -47.56
N SER F 235 -18.59 6.85 -48.52
CA SER F 235 -17.80 5.66 -48.20
C SER F 235 -16.66 5.99 -47.24
N ALA F 236 -16.05 7.15 -47.37
CA ALA F 236 -14.85 7.47 -46.61
C ALA F 236 -15.17 7.89 -45.17
N THR F 237 -16.28 8.61 -44.97
CA THR F 237 -16.63 9.13 -43.66
C THR F 237 -17.57 8.21 -42.90
N GLU F 238 -18.43 7.47 -43.60
CA GLU F 238 -19.42 6.60 -42.99
C GLU F 238 -20.34 7.35 -42.03
N GLY F 239 -20.57 8.63 -42.30
CA GLY F 239 -21.43 9.45 -41.47
C GLY F 239 -20.76 10.07 -40.27
N TYR F 240 -19.46 9.89 -40.10
CA TYR F 240 -18.73 10.48 -38.98
C TYR F 240 -18.21 11.86 -39.38
N ILE F 241 -18.54 12.86 -38.56
CA ILE F 241 -18.26 14.25 -38.91
C ILE F 241 -16.76 14.55 -38.84
N GLY F 242 -16.05 13.90 -37.91
CA GLY F 242 -14.61 14.11 -37.82
C GLY F 242 -13.88 13.71 -39.09
N ARG F 243 -14.25 12.57 -39.66
CA ARG F 243 -13.66 12.12 -40.93
C ARG F 243 -13.95 13.13 -42.03
N LEU F 244 -15.18 13.62 -42.11
CA LEU F 244 -15.53 14.61 -43.13
C LEU F 244 -14.63 15.83 -43.01
N ASP F 245 -14.51 16.37 -41.80
CA ASP F 245 -13.66 17.55 -41.58
C ASP F 245 -12.22 17.29 -42.05
N GLU F 246 -11.62 16.21 -41.53
CA GLU F 246 -10.21 15.92 -41.83
C GLU F 246 -10.01 15.73 -43.33
N ILE F 247 -10.87 14.93 -43.97
CA ILE F 247 -10.72 14.58 -45.37
C ILE F 247 -10.85 15.80 -46.25
N LEU F 248 -11.85 16.66 -45.97
CA LEU F 248 -12.05 17.82 -46.83
C LEU F 248 -10.89 18.81 -46.70
N ARG F 249 -10.40 19.03 -45.47
CA ARG F 249 -9.24 19.90 -45.31
C ARG F 249 -8.04 19.38 -46.09
N GLU F 250 -7.77 18.07 -45.97
CA GLU F 250 -6.61 17.49 -46.65
C GLU F 250 -6.77 17.57 -48.17
N ALA F 251 -7.97 17.29 -48.69
CA ALA F 251 -8.19 17.36 -50.13
C ALA F 251 -8.03 18.78 -50.65
N ALA F 252 -8.52 19.77 -49.89
CA ALA F 252 -8.31 21.15 -50.29
C ALA F 252 -6.83 21.50 -50.37
N ILE F 253 -6.04 21.02 -49.40
CA ILE F 253 -4.60 21.30 -49.42
C ILE F 253 -3.95 20.61 -50.63
N ARG F 254 -4.33 19.35 -50.89
CA ARG F 254 -3.76 18.62 -52.02
C ARG F 254 -4.04 19.34 -53.34
N SER F 255 -5.25 19.91 -53.47
CA SER F 255 -5.59 20.63 -54.69
C SER F 255 -4.86 21.97 -54.75
N LEU F 256 -4.68 22.63 -53.61
CA LEU F 256 -3.94 23.89 -53.59
C LEU F 256 -2.49 23.68 -54.03
N SER F 257 -1.91 22.54 -53.67
CA SER F 257 -0.52 22.25 -54.05
C SER F 257 -0.35 22.19 -55.57
N ARG F 258 -1.42 21.95 -56.31
CA ARG F 258 -1.37 21.93 -57.77
C ARG F 258 -1.78 23.26 -58.39
N GLY F 259 -2.09 24.25 -57.56
CA GLY F 259 -2.46 25.57 -58.06
C GLY F 259 -3.91 25.78 -58.39
N LEU F 260 -4.82 25.01 -57.78
CA LEU F 260 -6.23 25.07 -58.11
C LEU F 260 -6.99 25.95 -57.12
N LYS F 261 -8.14 26.45 -57.57
CA LYS F 261 -9.07 27.18 -56.73
C LYS F 261 -10.13 26.29 -56.12
N LYS F 262 -10.13 25.00 -56.44
CA LYS F 262 -11.13 24.07 -55.92
C LYS F 262 -10.57 22.66 -55.92
N ILE F 263 -11.32 21.74 -55.33
CA ILE F 263 -10.88 20.36 -55.16
C ILE F 263 -11.30 19.55 -56.37
N ASP F 264 -10.32 18.90 -57.01
CA ASP F 264 -10.61 17.97 -58.09
C ASP F 264 -11.15 16.66 -57.53
N LYS F 265 -11.88 15.93 -58.38
CA LYS F 265 -12.49 14.67 -57.95
C LYS F 265 -11.42 13.62 -57.63
N ALA F 266 -10.38 13.55 -58.46
CA ALA F 266 -9.31 12.57 -58.24
C ALA F 266 -8.62 12.80 -56.90
N VAL F 267 -8.46 14.06 -56.51
CA VAL F 267 -7.80 14.38 -55.23
C VAL F 267 -8.62 13.83 -54.07
N LEU F 268 -9.94 14.04 -54.11
CA LEU F 268 -10.81 13.51 -53.06
C LEU F 268 -10.73 11.99 -53.00
N GLN F 269 -10.73 11.33 -54.16
CA GLN F 269 -10.59 9.88 -54.17
C GLN F 269 -9.26 9.45 -53.55
N GLU F 270 -8.19 10.20 -53.83
CA GLU F 270 -6.88 9.87 -53.24
C GLU F 270 -6.92 9.96 -51.73
N VAL F 271 -7.56 11.01 -51.19
CA VAL F 271 -7.68 11.13 -49.74
C VAL F 271 -8.43 9.94 -49.17
N ALA F 272 -9.50 9.52 -49.84
CA ALA F 272 -10.25 8.35 -49.36
C ALA F 272 -9.38 7.10 -49.38
N LYS F 273 -8.57 6.93 -50.43
CA LYS F 273 -7.73 5.74 -50.53
C LYS F 273 -6.68 5.70 -49.43
N GLU F 274 -6.09 6.85 -49.09
CA GLU F 274 -5.07 6.89 -48.05
C GLU F 274 -5.63 6.47 -46.70
N TYR F 275 -6.84 6.91 -46.38
CA TYR F 275 -7.48 6.59 -45.11
C TYR F 275 -8.11 5.20 -45.15
N GLU G 19 -37.20 34.44 44.65
CA GLU G 19 -37.14 35.70 45.38
C GLU G 19 -36.98 36.87 44.41
N TRP G 20 -37.80 37.91 44.58
CA TRP G 20 -37.68 39.11 43.77
C TRP G 20 -36.34 39.79 44.00
N LEU G 21 -35.91 39.87 45.26
CA LEU G 21 -34.61 40.45 45.59
C LEU G 21 -33.50 39.77 44.80
N GLN G 22 -33.51 38.44 44.76
CA GLN G 22 -32.46 37.71 44.05
C GLN G 22 -32.53 37.94 42.56
N ALA G 23 -33.74 38.15 42.01
CA ALA G 23 -33.86 38.50 40.60
C ALA G 23 -33.17 39.84 40.32
N GLU G 24 -33.40 40.83 41.19
CA GLU G 24 -32.72 42.11 41.02
C GLU G 24 -31.21 41.95 41.19
N ILE G 25 -30.78 41.07 42.10
CA ILE G 25 -29.35 40.83 42.29
C ILE G 25 -28.74 40.22 41.03
N ALA G 26 -29.42 39.23 40.44
CA ALA G 26 -28.94 38.63 39.21
C ALA G 26 -28.84 39.66 38.09
N ARG G 27 -29.79 40.60 38.04
CA ARG G 27 -29.69 41.69 37.07
C ARG G 27 -28.48 42.58 37.36
N LEU G 28 -28.23 42.86 38.65
CA LEU G 28 -27.12 43.73 39.02
C LEU G 28 -25.77 43.10 38.74
N LYS G 29 -25.66 41.78 38.90
CA LYS G 29 -24.42 41.07 38.65
C LYS G 29 -24.24 40.69 37.19
N GLY G 30 -25.17 41.09 36.31
CA GLY G 30 -25.10 40.73 34.91
C GLY G 30 -24.36 41.75 34.08
N LYS G 31 -24.31 41.48 32.77
CA LYS G 31 -23.64 42.36 31.81
C LYS G 31 -24.62 43.32 31.18
N SER G 32 -24.19 44.56 31.00
CA SER G 32 -25.03 45.61 30.41
C SER G 32 -24.12 46.68 29.82
N ILE G 33 -24.72 47.53 28.98
CA ILE G 33 -24.00 48.61 28.29
C ILE G 33 -24.66 49.94 28.61
N VAL G 34 -23.85 50.92 28.99
CA VAL G 34 -24.30 52.31 29.11
C VAL G 34 -23.53 53.13 28.10
N PRO G 35 -24.17 53.60 27.02
CA PRO G 35 -23.43 54.34 25.99
C PRO G 35 -22.76 55.59 26.55
N LEU G 36 -21.53 55.84 26.10
CA LEU G 36 -20.75 56.99 26.53
C LEU G 36 -20.43 57.88 25.33
N GLN G 37 -20.08 59.13 25.62
CA GLN G 37 -19.62 60.03 24.56
C GLN G 37 -18.36 59.50 23.91
N GLN G 38 -17.50 58.84 24.69
CA GLN G 38 -16.32 58.19 24.12
C GLN G 38 -16.71 57.19 23.04
N VAL G 39 -17.75 56.39 23.31
CA VAL G 39 -18.18 55.36 22.36
C VAL G 39 -18.69 55.99 21.07
N LYS G 40 -19.54 57.02 21.19
CA LYS G 40 -20.09 57.67 20.00
C LYS G 40 -19.00 58.35 19.18
N THR G 41 -18.10 59.07 19.85
CA THR G 41 -16.98 59.71 19.16
C THR G 41 -16.15 58.68 18.39
N LEU G 42 -15.76 57.60 19.08
CA LEU G 42 -14.98 56.56 18.43
C LEU G 42 -15.74 55.95 17.26
N HIS G 43 -17.05 55.75 17.41
CA HIS G 43 -17.83 55.13 16.33
C HIS G 43 -17.82 56.01 15.09
N ASP G 44 -18.02 57.31 15.25
CA ASP G 44 -17.94 58.21 14.09
C ASP G 44 -16.57 58.11 13.43
N TRP G 45 -15.50 58.19 14.22
CA TRP G 45 -14.16 58.12 13.64
C TRP G 45 -13.89 56.77 12.99
N LEU G 46 -14.45 55.69 13.55
CA LEU G 46 -14.19 54.35 13.04
C LEU G 46 -14.92 54.12 11.72
N ASP G 47 -16.16 54.63 11.60
CA ASP G 47 -16.83 54.57 10.31
C ASP G 47 -16.07 55.38 9.27
N GLY G 48 -15.54 56.54 9.67
CA GLY G 48 -14.68 57.29 8.77
C GLY G 48 -13.48 56.48 8.29
N LYS G 49 -12.76 55.87 9.22
CA LYS G 49 -11.59 55.07 8.86
C LYS G 49 -11.97 53.84 8.04
N ARG G 50 -13.13 53.25 8.31
CA ARG G 50 -13.58 52.08 7.58
C ARG G 50 -13.86 52.41 6.13
N LYS G 51 -14.65 53.46 5.90
CA LYS G 51 -14.94 53.87 4.53
C LYS G 51 -13.66 54.36 3.83
N ALA G 52 -12.79 55.05 4.56
CA ALA G 52 -11.51 55.47 4.00
C ALA G 52 -10.56 54.29 3.81
N ARG G 53 -10.78 53.19 4.52
CA ARG G 53 -9.92 52.01 4.47
C ARG G 53 -8.50 52.37 4.90
N LYS G 54 -8.39 53.05 6.04
CA LYS G 54 -7.12 53.48 6.59
C LYS G 54 -6.88 52.84 7.94
N SER G 55 -5.71 52.24 8.11
CA SER G 55 -5.33 51.67 9.40
C SER G 55 -4.92 52.77 10.36
N CYS G 56 -5.16 52.54 11.64
CA CYS G 56 -4.86 53.53 12.67
C CYS G 56 -4.71 52.79 14.00
N ARG G 57 -4.32 53.54 15.04
CA ARG G 57 -4.25 53.05 16.40
C ARG G 57 -5.37 53.64 17.23
N VAL G 58 -5.56 53.09 18.43
CA VAL G 58 -6.42 53.66 19.46
C VAL G 58 -5.71 53.44 20.79
N VAL G 59 -5.24 54.52 21.41
CA VAL G 59 -4.38 54.45 22.60
C VAL G 59 -5.09 55.16 23.75
N GLY G 60 -5.10 54.52 24.92
CA GLY G 60 -5.71 55.12 26.09
C GLY G 60 -5.69 54.16 27.26
N GLU G 61 -6.21 54.65 28.39
CA GLU G 61 -6.25 53.86 29.62
C GLU G 61 -7.25 52.71 29.49
N SER G 62 -6.96 51.63 30.19
CA SER G 62 -7.88 50.49 30.25
C SER G 62 -9.05 50.79 31.18
N ARG G 63 -10.06 49.91 31.14
CA ARG G 63 -11.29 50.07 31.91
C ARG G 63 -11.99 51.38 31.58
N THR G 64 -11.87 51.84 30.33
CA THR G 64 -12.54 53.03 29.84
C THR G 64 -13.59 52.71 28.79
N GLY G 65 -14.08 51.47 28.77
CA GLY G 65 -15.08 51.05 27.81
C GLY G 65 -14.55 50.54 26.50
N LYS G 66 -13.30 50.06 26.45
CA LYS G 66 -12.74 49.53 25.21
C LYS G 66 -13.57 48.34 24.72
N THR G 67 -13.85 47.40 25.62
CA THR G 67 -14.71 46.27 25.26
C THR G 67 -16.09 46.74 24.83
N VAL G 68 -16.65 47.73 25.53
CA VAL G 68 -17.97 48.25 25.18
C VAL G 68 -17.93 48.89 23.80
N ALA G 69 -16.91 49.68 23.51
CA ALA G 69 -16.80 50.31 22.20
C ALA G 69 -16.71 49.26 21.10
N CYS G 70 -15.88 48.24 21.31
CA CYS G 70 -15.74 47.19 20.30
C CYS G 70 -17.07 46.46 20.07
N ASP G 71 -17.73 46.05 21.16
CA ASP G 71 -18.98 45.31 21.04
C ASP G 71 -20.08 46.15 20.40
N ALA G 72 -20.22 47.41 20.84
CA ALA G 72 -21.26 48.27 20.30
C ALA G 72 -21.01 48.61 18.84
N TYR G 73 -19.74 48.72 18.43
CA TYR G 73 -19.44 48.92 17.01
C TYR G 73 -19.76 47.66 16.20
N ARG G 74 -19.40 46.49 16.74
CA ARG G 74 -19.67 45.24 16.03
C ARG G 74 -21.18 44.98 15.92
N TYR G 75 -21.95 45.46 16.89
CA TYR G 75 -23.40 45.25 16.85
C TYR G 75 -24.03 45.98 15.67
N ARG G 76 -23.49 47.14 15.30
CA ARG G 76 -24.09 47.94 14.22
C ARG G 76 -23.92 47.25 12.88
N HIS G 77 -22.76 46.64 12.63
CA HIS G 77 -22.48 45.96 11.37
C HIS G 77 -22.58 44.46 11.59
N LYS G 78 -23.67 43.86 11.10
CA LYS G 78 -23.89 42.43 11.26
C LYS G 78 -23.83 41.73 9.91
N PRO G 79 -22.98 40.71 9.76
CA PRO G 79 -22.91 39.99 8.49
C PRO G 79 -24.21 39.29 8.14
N GLN G 80 -24.54 39.30 6.86
CA GLN G 80 -25.73 38.62 6.33
C GLN G 80 -25.30 37.63 5.25
N GLN G 81 -25.88 36.43 5.29
CA GLN G 81 -25.50 35.34 4.37
C GLN G 81 -26.78 34.75 3.74
N GLU G 82 -27.32 35.45 2.75
CA GLU G 82 -28.52 34.98 2.07
C GLU G 82 -28.26 33.87 1.07
N ALA G 83 -27.00 33.65 0.69
CA ALA G 83 -26.65 32.66 -0.32
C ALA G 83 -25.52 31.78 0.19
N GLY G 84 -25.21 30.73 -0.58
CA GLY G 84 -24.16 29.80 -0.22
C GLY G 84 -22.76 30.36 -0.31
N ARG G 85 -22.59 31.53 -0.93
CA ARG G 85 -21.29 32.16 -1.03
C ARG G 85 -20.86 32.71 0.33
N PRO G 86 -19.58 33.04 0.50
CA PRO G 86 -19.12 33.56 1.79
C PRO G 86 -19.92 34.78 2.22
N PRO G 87 -20.08 34.98 3.52
CA PRO G 87 -20.93 36.08 4.00
C PRO G 87 -20.31 37.44 3.72
N THR G 88 -21.18 38.44 3.58
CA THR G 88 -20.74 39.82 3.38
C THR G 88 -20.37 40.40 4.75
N VAL G 89 -19.16 40.07 5.20
CA VAL G 89 -18.64 40.53 6.47
C VAL G 89 -17.87 41.82 6.23
N PRO G 90 -18.28 42.95 6.80
CA PRO G 90 -17.52 44.19 6.59
C PRO G 90 -16.32 44.32 7.52
N VAL G 91 -16.43 43.86 8.77
CA VAL G 91 -15.40 44.07 9.77
C VAL G 91 -15.04 42.74 10.43
N VAL G 92 -13.74 42.56 10.70
CA VAL G 92 -13.22 41.40 11.42
C VAL G 92 -12.80 41.87 12.81
N TYR G 93 -13.07 41.05 13.83
CA TYR G 93 -12.74 41.37 15.21
C TYR G 93 -11.98 40.21 15.84
N ILE G 94 -10.77 40.49 16.33
CA ILE G 94 -9.92 39.48 16.96
C ILE G 94 -9.30 40.06 18.22
N ARG G 95 -8.84 39.17 19.10
CA ARG G 95 -8.08 39.53 20.30
C ARG G 95 -6.88 38.61 20.41
N PRO G 96 -5.68 39.10 20.06
CA PRO G 96 -4.49 38.24 20.16
C PRO G 96 -4.21 37.83 21.59
N HIS G 97 -3.73 36.59 21.75
CA HIS G 97 -3.37 36.08 23.06
C HIS G 97 -2.02 36.63 23.49
N GLN G 98 -1.78 36.60 24.80
CA GLN G 98 -0.47 36.98 25.32
C GLN G 98 0.61 36.15 24.65
N LYS G 99 1.63 36.83 24.14
CA LYS G 99 2.70 36.20 23.35
C LYS G 99 2.15 35.57 22.07
N CYS G 100 1.24 36.29 21.41
CA CYS G 100 0.66 35.80 20.17
C CYS G 100 1.68 35.86 19.03
N GLY G 101 1.78 34.76 18.27
CA GLY G 101 2.65 34.71 17.12
C GLY G 101 1.87 34.85 15.83
N PRO G 102 2.58 34.82 14.69
CA PRO G 102 1.88 34.92 13.39
C PRO G 102 0.83 33.84 13.19
N LYS G 103 1.17 32.60 13.55
CA LYS G 103 0.24 31.48 13.41
C LYS G 103 -1.06 31.75 14.16
N ASP G 104 -0.98 32.41 15.32
CA ASP G 104 -2.17 32.65 16.12
C ASP G 104 -3.05 33.73 15.52
N LEU G 105 -2.44 34.80 14.99
CA LEU G 105 -3.22 35.80 14.27
C LEU G 105 -3.98 35.17 13.12
N PHE G 106 -3.28 34.37 12.30
CA PHE G 106 -3.92 33.72 11.17
C PHE G 106 -5.04 32.80 11.63
N LYS G 107 -4.81 32.01 12.69
CA LYS G 107 -5.81 31.08 13.17
C LYS G 107 -7.05 31.80 13.68
N LYS G 108 -6.87 32.88 14.44
CA LYS G 108 -8.01 33.61 14.97
C LYS G 108 -8.82 34.26 13.87
N ILE G 109 -8.15 34.84 12.87
CA ILE G 109 -8.88 35.42 11.73
C ILE G 109 -9.68 34.33 11.02
N THR G 110 -9.06 33.16 10.82
CA THR G 110 -9.75 32.07 10.12
C THR G 110 -10.97 31.59 10.91
N GLU G 111 -10.83 31.43 12.23
CA GLU G 111 -11.94 30.95 13.04
C GLU G 111 -13.07 31.95 13.11
N TYR G 112 -12.74 33.25 13.21
CA TYR G 112 -13.78 34.28 13.26
C TYR G 112 -14.70 34.21 12.05
N LEU G 113 -14.12 34.01 10.86
CA LEU G 113 -14.89 33.97 9.62
C LEU G 113 -15.55 32.62 9.36
N LYS G 114 -15.51 31.72 10.34
CA LYS G 114 -16.20 30.41 10.26
C LYS G 114 -15.59 29.51 9.18
N TYR G 115 -14.26 29.43 9.16
CA TYR G 115 -13.56 28.57 8.22
C TYR G 115 -12.68 27.59 8.99
N ARG G 116 -12.42 26.44 8.36
CA ARG G 116 -11.56 25.42 8.96
C ARG G 116 -10.12 25.90 8.98
N VAL G 117 -9.46 25.70 10.12
CA VAL G 117 -8.05 26.09 10.26
C VAL G 117 -7.18 25.06 9.56
N THR G 118 -6.37 25.51 8.61
CA THR G 118 -5.47 24.59 7.92
C THR G 118 -4.39 24.11 8.87
N LYS G 119 -3.85 22.93 8.56
CA LYS G 119 -2.70 22.40 9.28
C LYS G 119 -1.44 22.69 8.47
N GLY G 120 -0.32 22.86 9.18
CA GLY G 120 0.93 23.19 8.52
C GLY G 120 1.68 24.31 9.22
N THR G 121 2.39 25.13 8.44
CA THR G 121 3.27 26.16 8.98
C THR G 121 2.70 27.56 8.74
N VAL G 122 3.54 28.57 9.01
CA VAL G 122 3.10 29.96 8.93
C VAL G 122 2.78 30.37 7.50
N SER G 123 3.54 29.84 6.52
CA SER G 123 3.26 30.17 5.13
C SER G 123 1.89 29.64 4.71
N ASP G 124 1.55 28.43 5.11
CA ASP G 124 0.25 27.86 4.79
C ASP G 124 -0.88 28.64 5.47
N PHE G 125 -0.70 28.98 6.76
CA PHE G 125 -1.69 29.78 7.45
C PHE G 125 -1.87 31.15 6.79
N ARG G 126 -0.76 31.73 6.31
CA ARG G 126 -0.81 33.03 5.66
C ARG G 126 -1.65 32.96 4.38
N ASP G 127 -1.37 31.96 3.55
CA ASP G 127 -2.16 31.80 2.32
C ASP G 127 -3.63 31.58 2.63
N ARG G 128 -3.92 30.71 3.61
CA ARG G 128 -5.31 30.44 4.01
C ARG G 128 -6.01 31.71 4.46
N THR G 129 -5.33 32.52 5.28
CA THR G 129 -5.92 33.74 5.80
C THR G 129 -6.21 34.74 4.69
N ILE G 130 -5.26 34.92 3.77
CA ILE G 130 -5.50 35.85 2.66
C ILE G 130 -6.68 35.38 1.82
N GLU G 131 -6.80 34.07 1.59
CA GLU G 131 -7.92 33.54 0.83
C GLU G 131 -9.25 33.91 1.50
N VAL G 132 -9.39 33.57 2.78
CA VAL G 132 -10.66 33.82 3.46
C VAL G 132 -10.94 35.33 3.56
N LEU G 133 -9.89 36.14 3.77
CA LEU G 133 -10.07 37.58 3.82
C LEU G 133 -10.53 38.14 2.47
N LYS G 134 -9.99 37.58 1.39
CA LYS G 134 -10.35 38.06 0.05
C LYS G 134 -11.80 37.75 -0.26
N GLY G 135 -12.29 36.58 0.18
CA GLY G 135 -13.69 36.24 -0.07
C GLY G 135 -14.66 37.30 0.44
N CYS G 136 -14.51 37.68 1.71
CA CYS G 136 -15.40 38.66 2.31
C CYS G 136 -14.93 40.08 2.00
N GLY G 137 -15.78 41.05 2.33
CA GLY G 137 -15.43 42.44 2.14
C GLY G 137 -14.24 42.86 2.98
N VAL G 138 -14.34 42.64 4.30
CA VAL G 138 -13.29 42.95 5.25
C VAL G 138 -12.76 44.36 5.04
N GLU G 139 -13.65 45.35 5.14
CA GLU G 139 -13.21 46.73 5.00
C GLU G 139 -12.37 47.18 6.19
N MET G 140 -12.65 46.62 7.37
CA MET G 140 -12.03 47.05 8.61
C MET G 140 -11.71 45.84 9.47
N LEU G 141 -10.66 45.94 10.28
CA LEU G 141 -10.28 44.86 11.19
C LEU G 141 -9.88 45.46 12.52
N ILE G 142 -10.49 44.98 13.60
CA ILE G 142 -10.23 45.47 14.95
C ILE G 142 -9.37 44.45 15.70
N ILE G 143 -8.28 44.94 16.31
CA ILE G 143 -7.37 44.11 17.09
C ILE G 143 -7.45 44.59 18.53
N ASP G 144 -8.19 43.86 19.36
CA ASP G 144 -8.39 44.24 20.75
C ASP G 144 -7.18 43.87 21.59
N GLU G 145 -6.86 44.74 22.57
CA GLU G 145 -5.71 44.55 23.46
C GLU G 145 -4.46 44.24 22.64
N ALA G 146 -4.20 45.09 21.64
CA ALA G 146 -3.07 44.89 20.74
C ALA G 146 -1.74 44.83 21.48
N ASP G 147 -1.70 45.31 22.72
CA ASP G 147 -0.50 45.18 23.54
C ASP G 147 -0.07 43.74 23.70
N ARG G 148 -1.02 42.81 23.74
CA ARG G 148 -0.74 41.38 23.92
C ARG G 148 -0.39 40.74 22.58
N LEU G 149 0.66 41.25 21.96
CA LEU G 149 1.11 40.78 20.66
C LEU G 149 2.62 40.83 20.62
N LYS G 150 3.25 39.75 20.17
CA LYS G 150 4.69 39.70 20.08
C LYS G 150 5.18 40.80 19.14
N PRO G 151 6.19 41.58 19.52
CA PRO G 151 6.66 42.66 18.63
C PRO G 151 7.07 42.19 17.25
N GLU G 152 7.33 40.90 17.07
CA GLU G 152 7.80 40.40 15.78
C GLU G 152 6.71 40.40 14.73
N THR G 153 5.51 39.91 15.08
CA THR G 153 4.43 39.68 14.11
C THR G 153 3.64 40.93 13.78
N PHE G 154 3.97 42.08 14.37
CA PHE G 154 3.45 43.34 13.85
C PHE G 154 3.83 43.50 12.39
N ALA G 155 4.93 42.85 11.98
CA ALA G 155 5.27 42.80 10.57
C ALA G 155 4.16 42.15 9.75
N ASP G 156 3.58 41.05 10.24
CA ASP G 156 2.49 40.39 9.51
C ASP G 156 1.22 41.24 9.53
N VAL G 157 0.94 41.87 10.67
CA VAL G 157 -0.21 42.77 10.74
C VAL G 157 -0.08 43.87 9.69
N ARG G 158 1.10 44.50 9.62
CA ARG G 158 1.35 45.54 8.63
C ARG G 158 1.29 45.00 7.21
N ASP G 159 1.76 43.76 7.00
CA ASP G 159 1.70 43.17 5.68
C ASP G 159 0.26 43.05 5.20
N ILE G 160 -0.63 42.56 6.06
CA ILE G 160 -2.04 42.48 5.68
C ILE G 160 -2.62 43.87 5.48
N ALA G 161 -2.24 44.82 6.34
CA ALA G 161 -2.77 46.19 6.22
C ALA G 161 -2.37 46.81 4.88
N GLU G 162 -1.15 46.54 4.42
CA GLU G 162 -0.68 47.15 3.18
C GLU G 162 -1.17 46.41 1.95
N ASP G 163 -1.26 45.08 2.02
CA ASP G 163 -1.54 44.28 0.83
C ASP G 163 -3.00 44.44 0.38
N LEU G 164 -3.93 44.44 1.32
CA LEU G 164 -5.36 44.56 1.02
C LEU G 164 -5.92 45.84 1.62
N GLY G 165 -7.04 46.28 1.06
CA GLY G 165 -7.71 47.45 1.59
C GLY G 165 -8.44 47.16 2.89
N ILE G 166 -7.70 47.15 4.00
CA ILE G 166 -8.24 46.78 5.30
C ILE G 166 -7.80 47.83 6.32
N ALA G 167 -8.77 48.46 6.97
CA ALA G 167 -8.50 49.45 8.02
C ALA G 167 -8.24 48.70 9.33
N VAL G 168 -6.98 48.36 9.56
CA VAL G 168 -6.58 47.63 10.76
C VAL G 168 -6.45 48.61 11.92
N VAL G 169 -7.12 48.30 13.03
CA VAL G 169 -7.15 49.18 14.20
C VAL G 169 -6.48 48.45 15.36
N LEU G 170 -5.47 49.08 15.96
CA LEU G 170 -4.76 48.54 17.10
C LEU G 170 -5.20 49.31 18.35
N VAL G 171 -5.92 48.63 19.24
CA VAL G 171 -6.40 49.22 20.49
C VAL G 171 -5.50 48.77 21.62
N GLY G 172 -4.96 49.72 22.37
CA GLY G 172 -4.06 49.36 23.45
C GLY G 172 -3.81 50.54 24.38
N THR G 173 -2.96 50.28 25.37
CA THR G 173 -2.55 51.29 26.34
C THR G 173 -1.26 51.94 25.88
N ASP G 174 -0.46 52.47 26.83
CA ASP G 174 0.78 53.14 26.45
C ASP G 174 1.78 52.19 25.81
N ARG G 175 1.70 50.89 26.13
CA ARG G 175 2.71 49.94 25.68
C ARG G 175 2.68 49.71 24.18
N LEU G 176 1.53 49.93 23.54
CA LEU G 176 1.43 49.76 22.09
C LEU G 176 2.42 50.66 21.36
N ASP G 177 2.51 51.92 21.79
CA ASP G 177 3.35 52.90 21.11
C ASP G 177 4.83 52.52 21.14
N ALA G 178 5.28 51.83 22.19
CA ALA G 178 6.69 51.49 22.28
C ALA G 178 7.11 50.54 21.17
N VAL G 179 6.43 49.39 21.07
CA VAL G 179 6.76 48.43 20.02
C VAL G 179 6.48 49.02 18.65
N ILE G 180 5.49 49.90 18.53
CA ILE G 180 5.21 50.48 17.22
C ILE G 180 6.28 51.49 16.83
N LYS G 181 6.79 52.25 17.80
CA LYS G 181 7.87 53.20 17.53
C LYS G 181 9.16 52.49 17.18
N ARG G 182 9.35 51.27 17.71
CA ARG G 182 10.59 50.54 17.44
C ARG G 182 10.79 50.27 15.95
N ASP G 183 9.70 50.13 15.18
CA ASP G 183 9.78 49.89 13.74
C ASP G 183 9.11 51.05 13.02
N GLU G 184 9.90 51.86 12.32
CA GLU G 184 9.39 53.06 11.67
C GLU G 184 8.40 52.75 10.55
N GLN G 185 8.44 51.53 9.99
CA GLN G 185 7.50 51.20 8.92
C GLN G 185 6.11 50.89 9.47
N VAL G 186 6.04 50.15 10.58
CA VAL G 186 4.75 49.93 11.24
C VAL G 186 4.16 51.25 11.72
N LEU G 187 5.00 52.11 12.29
CA LEU G 187 4.55 53.42 12.74
C LEU G 187 4.08 54.26 11.56
N GLU G 188 4.79 54.19 10.43
CA GLU G 188 4.37 54.92 9.24
C GLU G 188 3.00 54.45 8.76
N ARG G 189 2.75 53.14 8.81
CA ARG G 189 1.45 52.63 8.40
C ARG G 189 0.36 52.98 9.42
N PHE G 190 0.69 52.90 10.70
CA PHE G 190 -0.27 53.14 11.78
C PHE G 190 -0.04 54.49 12.45
N ARG G 191 0.28 55.52 11.65
CA ARG G 191 0.55 56.84 12.21
C ARG G 191 -0.71 57.45 12.81
N ALA G 192 -1.78 57.53 12.03
CA ALA G 192 -3.04 58.06 12.53
C ALA G 192 -3.54 57.21 13.70
N HIS G 193 -4.28 57.85 14.59
CA HIS G 193 -4.74 57.17 15.80
C HIS G 193 -5.92 57.92 16.41
N LEU G 194 -6.70 57.19 17.20
CA LEU G 194 -7.70 57.75 18.10
C LEU G 194 -7.23 57.57 19.54
N ARG G 195 -7.98 58.14 20.48
CA ARG G 195 -7.58 58.11 21.87
C ARG G 195 -8.78 57.82 22.76
N PHE G 196 -8.50 57.15 23.89
CA PHE G 196 -9.46 56.98 24.97
C PHE G 196 -9.14 58.00 26.07
N GLY G 197 -10.20 58.54 26.68
CA GLY G 197 -10.02 59.47 27.78
C GLY G 197 -10.59 58.94 29.08
N LYS G 198 -11.00 59.84 29.97
CA LYS G 198 -11.62 59.47 31.24
C LYS G 198 -12.98 60.16 31.35
N LEU G 199 -13.87 59.54 32.13
CA LEU G 199 -15.20 60.10 32.33
C LEU G 199 -15.10 61.42 33.08
N SER G 200 -15.91 62.40 32.66
CA SER G 200 -15.83 63.72 33.26
C SER G 200 -17.11 64.50 32.99
N GLY G 201 -17.46 65.35 33.96
CA GLY G 201 -18.49 66.37 33.76
C GLY G 201 -19.84 65.81 33.35
N GLU G 202 -20.39 66.40 32.28
CA GLU G 202 -21.73 66.03 31.83
C GLU G 202 -21.79 64.57 31.39
N ASP G 203 -20.73 64.09 30.74
CA ASP G 203 -20.71 62.69 30.30
C ASP G 203 -20.80 61.75 31.49
N PHE G 204 -20.04 62.02 32.54
CA PHE G 204 -20.07 61.16 33.73
C PHE G 204 -21.42 61.23 34.43
N LYS G 205 -21.96 62.45 34.61
CA LYS G 205 -23.26 62.60 35.25
C LYS G 205 -24.35 61.86 34.48
N ASN G 206 -24.37 62.03 33.15
CA ASN G 206 -25.32 61.34 32.31
C ASN G 206 -25.13 59.82 32.41
N THR G 207 -23.89 59.36 32.42
CA THR G 207 -23.63 57.93 32.54
C THR G 207 -24.21 57.37 33.83
N VAL G 208 -24.07 58.12 34.92
CA VAL G 208 -24.60 57.67 36.21
C VAL G 208 -26.12 57.55 36.16
N GLU G 209 -26.79 58.58 35.66
CA GLU G 209 -28.26 58.51 35.58
C GLU G 209 -28.72 57.42 34.61
N MET G 210 -28.02 57.28 33.48
CA MET G 210 -28.34 56.24 32.52
C MET G 210 -28.20 54.86 33.14
N TRP G 211 -27.21 54.69 34.00
CA TRP G 211 -27.09 53.43 34.74
C TRP G 211 -28.29 53.22 35.65
N GLU G 212 -28.70 54.28 36.36
CA GLU G 212 -29.87 54.16 37.24
C GLU G 212 -31.11 53.73 36.47
N GLN G 213 -31.23 54.16 35.22
CA GLN G 213 -32.43 53.82 34.43
C GLN G 213 -32.30 52.48 33.69
N MET G 214 -31.11 52.16 33.19
CA MET G 214 -30.91 51.00 32.33
C MET G 214 -30.59 49.73 33.10
N VAL G 215 -29.91 49.84 34.24
CA VAL G 215 -29.46 48.69 35.02
C VAL G 215 -30.29 48.49 36.28
N LEU G 216 -30.42 49.54 37.08
CA LEU G 216 -31.15 49.44 38.35
C LEU G 216 -32.65 49.45 38.10
N LYS G 217 -33.32 48.38 38.54
CA LYS G 217 -34.76 48.23 38.32
C LYS G 217 -35.52 48.23 39.65
N LEU G 218 -34.97 48.88 40.67
CA LEU G 218 -35.65 48.99 41.95
C LEU G 218 -36.87 49.89 41.82
N PRO G 219 -37.92 49.64 42.62
CA PRO G 219 -39.16 50.44 42.47
C PRO G 219 -39.01 51.88 42.92
N VAL G 220 -37.98 52.22 43.69
CA VAL G 220 -37.79 53.57 44.21
C VAL G 220 -36.54 54.16 43.59
N SER G 221 -36.63 55.41 43.14
CA SER G 221 -35.50 56.08 42.50
C SER G 221 -34.37 56.29 43.50
N SER G 222 -33.14 56.14 43.01
CA SER G 222 -31.95 56.42 43.82
C SER G 222 -31.50 57.87 43.69
N ASN G 223 -31.80 58.52 42.57
CA ASN G 223 -31.39 59.91 42.33
C ASN G 223 -29.87 60.07 42.43
N LEU G 224 -29.16 59.22 41.68
CA LEU G 224 -27.71 59.14 41.82
C LEU G 224 -26.98 60.39 41.31
N LYS G 225 -27.63 61.21 40.49
CA LYS G 225 -27.01 62.43 40.00
C LYS G 225 -27.04 63.57 41.01
N SER G 226 -27.62 63.35 42.19
CA SER G 226 -27.77 64.39 43.19
C SER G 226 -26.45 64.65 43.91
N LYS G 227 -26.46 65.64 44.81
CA LYS G 227 -25.22 66.08 45.46
C LYS G 227 -24.68 65.03 46.41
N GLU G 228 -25.56 64.30 47.10
CA GLU G 228 -25.10 63.35 48.12
C GLU G 228 -24.44 62.13 47.49
N MET G 229 -24.82 61.78 46.26
CA MET G 229 -24.39 60.54 45.62
C MET G 229 -23.30 60.74 44.57
N LEU G 230 -23.49 61.73 43.70
CA LEU G 230 -22.58 61.92 42.57
C LEU G 230 -21.17 62.26 43.03
N ARG G 231 -21.02 62.90 44.19
CA ARG G 231 -19.69 63.25 44.68
C ARG G 231 -18.90 62.01 45.07
N ILE G 232 -19.52 61.10 45.83
CA ILE G 232 -18.88 59.84 46.16
C ILE G 232 -18.57 59.05 44.89
N LEU G 233 -19.51 59.06 43.94
CA LEU G 233 -19.28 58.33 42.69
C LEU G 233 -18.11 58.90 41.91
N THR G 234 -17.97 60.22 41.89
CA THR G 234 -16.83 60.85 41.20
C THR G 234 -15.53 60.46 41.87
N SER G 235 -15.50 60.52 43.21
CA SER G 235 -14.25 60.21 43.92
C SER G 235 -13.86 58.74 43.74
N ALA G 236 -14.84 57.83 43.79
CA ALA G 236 -14.51 56.42 43.71
C ALA G 236 -14.28 55.94 42.28
N THR G 237 -14.93 56.57 41.30
CA THR G 237 -14.80 56.13 39.92
C THR G 237 -13.40 56.38 39.37
N GLU G 238 -12.81 57.53 39.73
CA GLU G 238 -11.49 57.94 39.26
C GLU G 238 -11.41 58.02 37.73
N GLY G 239 -12.56 58.18 37.08
CA GLY G 239 -12.62 58.30 35.63
C GLY G 239 -12.73 56.99 34.88
N TYR G 240 -12.73 55.85 35.58
CA TYR G 240 -12.78 54.55 34.93
C TYR G 240 -14.20 54.00 35.00
N ILE G 241 -14.77 53.67 33.83
CA ILE G 241 -16.12 53.16 33.77
C ILE G 241 -16.23 51.82 34.50
N GLY G 242 -15.15 51.04 34.53
CA GLY G 242 -15.18 49.79 35.27
C GLY G 242 -15.40 50.02 36.76
N ARG G 243 -14.79 51.06 37.31
CA ARG G 243 -14.95 51.36 38.73
C ARG G 243 -16.36 51.86 39.04
N LEU G 244 -16.93 52.68 38.16
CA LEU G 244 -18.32 53.10 38.33
C LEU G 244 -19.26 51.90 38.30
N ASP G 245 -19.04 51.00 37.33
CA ASP G 245 -19.79 49.75 37.27
C ASP G 245 -19.74 49.02 38.60
N GLU G 246 -18.52 48.79 39.11
CA GLU G 246 -18.35 48.04 40.35
C GLU G 246 -19.08 48.71 41.51
N ILE G 247 -18.86 50.01 41.70
CA ILE G 247 -19.41 50.67 42.89
C ILE G 247 -20.94 50.70 42.84
N LEU G 248 -21.52 51.00 41.67
CA LEU G 248 -22.97 51.08 41.61
C LEU G 248 -23.63 49.72 41.81
N ARG G 249 -23.09 48.68 41.16
CA ARG G 249 -23.67 47.35 41.33
C ARG G 249 -23.57 46.88 42.76
N GLU G 250 -22.38 47.04 43.38
CA GLU G 250 -22.19 46.59 44.75
C GLU G 250 -23.05 47.38 45.72
N ALA G 251 -23.21 48.70 45.48
CA ALA G 251 -24.05 49.51 46.34
C ALA G 251 -25.49 49.06 46.28
N ALA G 252 -26.00 48.76 45.08
CA ALA G 252 -27.38 48.28 44.97
C ALA G 252 -27.54 46.93 45.67
N ILE G 253 -26.55 46.04 45.52
CA ILE G 253 -26.62 44.74 46.19
C ILE G 253 -26.70 44.92 47.71
N ARG G 254 -25.79 45.74 48.26
CA ARG G 254 -25.77 45.94 49.71
C ARG G 254 -27.03 46.65 50.18
N SER G 255 -27.56 47.57 49.37
CA SER G 255 -28.82 48.25 49.71
C SER G 255 -29.94 47.24 49.85
N LEU G 256 -30.05 46.30 48.91
CA LEU G 256 -31.06 45.27 49.04
C LEU G 256 -30.84 44.42 50.28
N SER G 257 -29.58 44.10 50.59
CA SER G 257 -29.29 43.28 51.77
C SER G 257 -29.57 44.02 53.08
N ARG G 258 -29.56 45.34 53.07
CA ARG G 258 -29.92 46.13 54.24
C ARG G 258 -31.41 46.37 54.37
N GLY G 259 -32.19 45.94 53.38
CA GLY G 259 -33.63 46.14 53.40
C GLY G 259 -34.12 47.40 52.70
N LEU G 260 -33.32 47.99 51.83
CA LEU G 260 -33.66 49.23 51.17
C LEU G 260 -34.25 48.99 49.78
N LYS G 261 -34.96 50.00 49.28
CA LYS G 261 -35.47 50.00 47.91
C LYS G 261 -34.67 50.90 46.99
N LYS G 262 -33.51 51.39 47.44
CA LYS G 262 -32.71 52.31 46.65
C LYS G 262 -31.31 52.39 47.22
N ILE G 263 -30.36 52.75 46.36
CA ILE G 263 -29.04 53.17 46.82
C ILE G 263 -29.22 54.45 47.61
N ASP G 264 -28.63 54.52 48.80
CA ASP G 264 -28.81 55.65 49.68
C ASP G 264 -27.45 56.24 50.08
N LYS G 265 -27.52 57.40 50.73
CA LYS G 265 -26.32 58.12 51.14
C LYS G 265 -25.40 57.24 51.98
N ALA G 266 -25.97 56.34 52.80
CA ALA G 266 -25.14 55.48 53.63
C ALA G 266 -24.49 54.37 52.81
N VAL G 267 -25.16 53.89 51.76
CA VAL G 267 -24.68 52.72 51.04
C VAL G 267 -23.46 53.06 50.20
N LEU G 268 -23.46 54.23 49.54
CA LEU G 268 -22.35 54.58 48.66
C LEU G 268 -21.06 54.77 49.43
N GLN G 269 -21.13 55.24 50.67
CA GLN G 269 -19.91 55.58 51.41
C GLN G 269 -19.15 54.33 51.83
N GLU G 270 -19.86 53.26 52.18
CA GLU G 270 -19.18 52.09 52.73
C GLU G 270 -18.55 51.22 51.65
N VAL G 271 -19.07 51.26 50.42
CA VAL G 271 -18.47 50.51 49.33
C VAL G 271 -17.19 51.17 48.82
N ALA G 272 -17.01 52.47 49.08
CA ALA G 272 -15.86 53.19 48.54
C ALA G 272 -14.54 52.61 49.06
N LYS G 273 -14.49 52.23 50.33
CA LYS G 273 -13.28 51.63 50.88
C LYS G 273 -12.93 50.35 50.15
N GLU G 274 -13.91 49.45 49.99
CA GLU G 274 -13.66 48.17 49.35
C GLU G 274 -13.37 48.33 47.87
N TYR G 275 -14.08 49.23 47.21
CA TYR G 275 -13.92 49.44 45.77
C TYR G 275 -13.60 50.90 45.46
N GLU H 19 -24.82 60.00 -11.22
CA GLU H 19 -24.31 61.16 -10.47
C GLU H 19 -22.85 61.43 -10.84
N TRP H 20 -22.56 62.68 -11.22
CA TRP H 20 -21.21 63.03 -11.65
C TRP H 20 -20.22 62.91 -10.49
N LEU H 21 -20.65 63.29 -9.29
CA LEU H 21 -19.75 63.26 -8.13
C LEU H 21 -19.19 61.88 -7.88
N GLN H 22 -19.96 60.84 -8.19
CA GLN H 22 -19.49 59.47 -8.00
C GLN H 22 -18.28 59.17 -8.88
N ALA H 23 -18.22 59.76 -10.07
CA ALA H 23 -17.05 59.56 -10.93
C ALA H 23 -15.79 60.13 -10.30
N GLU H 24 -15.89 61.35 -9.74
CA GLU H 24 -14.76 61.94 -9.04
C GLU H 24 -14.36 61.10 -7.83
N ILE H 25 -15.34 60.65 -7.05
CA ILE H 25 -15.06 59.81 -5.88
C ILE H 25 -14.33 58.53 -6.30
N ALA H 26 -14.83 57.90 -7.37
CA ALA H 26 -14.24 56.65 -7.83
C ALA H 26 -12.82 56.85 -8.34
N ARG H 27 -12.60 57.91 -9.12
CA ARG H 27 -11.25 58.19 -9.61
C ARG H 27 -10.29 58.45 -8.46
N LEU H 28 -10.73 59.19 -7.44
CA LEU H 28 -9.85 59.54 -6.35
C LEU H 28 -9.58 58.34 -5.44
N LYS H 29 -10.50 57.37 -5.39
CA LYS H 29 -10.29 56.20 -4.54
C LYS H 29 -9.11 55.36 -5.03
N GLY H 30 -8.93 55.24 -6.34
CA GLY H 30 -7.87 54.42 -6.89
C GLY H 30 -6.56 55.16 -7.08
N LYS H 31 -5.46 54.41 -6.96
CA LYS H 31 -4.13 54.96 -7.18
C LYS H 31 -3.78 54.90 -8.66
N SER H 32 -2.68 55.57 -9.03
CA SER H 32 -2.29 55.68 -10.42
C SER H 32 -0.79 55.84 -10.52
N ILE H 33 -0.30 56.12 -11.73
CA ILE H 33 1.12 56.33 -12.00
C ILE H 33 1.29 57.71 -12.61
N VAL H 34 2.19 58.51 -12.05
CA VAL H 34 2.43 59.87 -12.51
C VAL H 34 3.89 60.00 -12.90
N PRO H 35 4.18 60.21 -14.19
CA PRO H 35 5.58 60.27 -14.64
C PRO H 35 6.40 61.29 -13.87
N LEU H 36 7.57 60.86 -13.40
CA LEU H 36 8.46 61.70 -12.60
C LEU H 36 9.88 61.52 -13.10
N GLN H 37 10.74 62.49 -12.74
CA GLN H 37 12.13 62.41 -13.14
C GLN H 37 12.84 61.23 -12.50
N GLN H 38 12.49 60.93 -11.25
CA GLN H 38 13.13 59.83 -10.52
C GLN H 38 12.85 58.48 -11.19
N VAL H 39 11.61 58.28 -11.64
CA VAL H 39 11.23 57.03 -12.28
C VAL H 39 12.05 56.81 -13.56
N LYS H 40 12.08 57.82 -14.43
CA LYS H 40 12.83 57.72 -15.67
C LYS H 40 14.32 57.50 -15.39
N THR H 41 14.85 58.16 -14.36
CA THR H 41 16.23 57.92 -13.96
C THR H 41 16.47 56.44 -13.67
N LEU H 42 15.61 55.84 -12.84
CA LEU H 42 15.76 54.42 -12.52
C LEU H 42 15.66 53.55 -13.76
N HIS H 43 14.71 53.86 -14.65
CA HIS H 43 14.52 53.02 -15.84
C HIS H 43 15.74 53.03 -16.75
N ASP H 44 16.25 54.25 -17.03
CA ASP H 44 17.46 54.37 -17.84
C ASP H 44 18.63 53.65 -17.18
N TRP H 45 18.72 53.71 -15.85
CA TRP H 45 19.78 52.98 -15.16
C TRP H 45 19.62 51.47 -15.30
N LEU H 46 18.38 50.98 -15.25
CA LEU H 46 18.13 49.54 -15.19
C LEU H 46 18.39 48.88 -16.54
N ASP H 47 18.04 49.54 -17.64
CA ASP H 47 18.24 48.93 -18.95
C ASP H 47 19.71 48.62 -19.19
N GLY H 48 20.61 49.49 -18.72
CA GLY H 48 22.03 49.27 -18.92
C GLY H 48 22.53 48.01 -18.26
N LYS H 49 22.06 47.72 -17.04
CA LYS H 49 22.49 46.52 -16.34
C LYS H 49 21.79 45.27 -16.85
N ARG H 50 20.58 45.43 -17.38
CA ARG H 50 19.94 44.31 -18.07
C ARG H 50 20.78 43.88 -19.27
N LYS H 51 21.22 44.85 -20.08
CA LYS H 51 22.10 44.53 -21.20
C LYS H 51 23.46 44.03 -20.71
N ALA H 52 23.97 44.61 -19.63
CA ALA H 52 25.30 44.29 -19.13
C ALA H 52 25.33 42.98 -18.34
N ARG H 53 24.18 42.47 -17.93
CA ARG H 53 24.08 41.21 -17.18
C ARG H 53 24.91 41.26 -15.91
N LYS H 54 24.75 42.35 -15.16
CA LYS H 54 25.48 42.57 -13.91
C LYS H 54 24.50 42.93 -12.81
N SER H 55 24.56 42.19 -11.70
CA SER H 55 23.62 42.40 -10.61
C SER H 55 23.85 43.75 -9.94
N CYS H 56 22.77 44.32 -9.39
CA CYS H 56 22.80 45.65 -8.81
C CYS H 56 22.00 45.69 -7.53
N ARG H 57 22.09 46.83 -6.84
CA ARG H 57 21.37 47.09 -5.62
C ARG H 57 20.67 48.44 -5.74
N VAL H 58 19.52 48.56 -5.07
CA VAL H 58 18.78 49.82 -5.01
C VAL H 58 18.36 50.03 -3.56
N VAL H 59 18.69 51.20 -3.02
CA VAL H 59 18.45 51.48 -1.61
C VAL H 59 17.86 52.87 -1.47
N GLY H 60 16.73 52.98 -0.77
CA GLY H 60 16.10 54.25 -0.51
C GLY H 60 15.06 54.13 0.59
N GLU H 61 14.54 55.28 1.01
CA GLU H 61 13.55 55.32 2.07
C GLU H 61 12.20 54.83 1.58
N SER H 62 11.30 54.59 2.53
CA SER H 62 9.93 54.22 2.20
C SER H 62 9.14 55.44 1.74
N ARG H 63 8.03 55.19 1.05
CA ARG H 63 7.16 56.23 0.51
C ARG H 63 7.91 57.14 -0.47
N THR H 64 8.88 56.58 -1.19
CA THR H 64 9.61 57.32 -2.22
C THR H 64 9.18 56.93 -3.62
N GLY H 65 8.39 55.88 -3.76
CA GLY H 65 7.93 55.44 -5.06
C GLY H 65 8.81 54.45 -5.78
N LYS H 66 9.87 53.96 -5.13
CA LYS H 66 10.76 53.00 -5.79
C LYS H 66 9.98 51.74 -6.20
N THR H 67 9.04 51.31 -5.37
CA THR H 67 8.22 50.15 -5.72
C THR H 67 7.37 50.41 -6.95
N VAL H 68 6.90 51.64 -7.12
CA VAL H 68 6.11 51.97 -8.31
C VAL H 68 6.97 51.94 -9.55
N ALA H 69 8.18 52.48 -9.45
CA ALA H 69 9.09 52.49 -10.60
C ALA H 69 9.49 51.09 -11.01
N CYS H 70 9.62 50.17 -10.05
CA CYS H 70 9.91 48.78 -10.39
C CYS H 70 8.80 48.18 -11.26
N ASP H 71 7.55 48.33 -10.82
CA ASP H 71 6.41 47.84 -11.60
C ASP H 71 6.35 48.50 -12.97
N ALA H 72 6.62 49.81 -13.02
CA ALA H 72 6.57 50.53 -14.29
C ALA H 72 7.64 50.00 -15.26
N TYR H 73 8.82 49.68 -14.73
CA TYR H 73 9.85 49.07 -15.57
C TYR H 73 9.40 47.72 -16.10
N ARG H 74 8.79 46.90 -15.23
CA ARG H 74 8.40 45.56 -15.66
C ARG H 74 7.27 45.58 -16.69
N TYR H 75 6.34 46.53 -16.57
CA TYR H 75 5.18 46.51 -17.46
C TYR H 75 5.55 46.77 -18.92
N ARG H 76 6.64 47.50 -19.15
CA ARG H 76 7.03 47.79 -20.53
C ARG H 76 7.55 46.55 -21.23
N HIS H 77 8.26 45.67 -20.51
CA HIS H 77 8.83 44.45 -21.08
C HIS H 77 7.95 43.27 -20.70
N LYS H 78 7.32 42.67 -21.70
CA LYS H 78 6.36 41.59 -21.46
C LYS H 78 6.83 40.28 -22.08
N PRO H 79 6.21 39.15 -21.73
CA PRO H 79 6.59 37.87 -22.36
C PRO H 79 6.13 37.82 -23.82
N GLN H 80 7.05 37.43 -24.71
CA GLN H 80 6.76 37.30 -26.13
C GLN H 80 6.65 35.82 -26.48
N GLN H 81 5.54 35.44 -27.13
CA GLN H 81 5.30 34.05 -27.50
C GLN H 81 4.76 34.00 -28.94
N GLU H 82 5.60 34.38 -29.90
CA GLU H 82 5.24 34.21 -31.30
C GLU H 82 5.33 32.74 -31.71
N ALA H 83 6.42 32.09 -31.37
CA ALA H 83 6.60 30.67 -31.66
C ALA H 83 5.74 29.82 -30.73
N GLY H 84 5.58 28.55 -31.10
CA GLY H 84 4.83 27.63 -30.27
C GLY H 84 5.53 27.17 -29.01
N ARG H 85 6.78 27.60 -28.82
CA ARG H 85 7.64 27.18 -27.72
C ARG H 85 7.40 28.05 -26.49
N PRO H 86 8.09 27.81 -25.37
CA PRO H 86 7.82 28.58 -24.15
C PRO H 86 8.01 30.07 -24.39
N PRO H 87 7.28 30.90 -23.66
CA PRO H 87 7.42 32.36 -23.82
C PRO H 87 8.64 32.88 -23.08
N THR H 88 9.23 33.93 -23.66
CA THR H 88 10.44 34.54 -23.11
C THR H 88 10.06 35.68 -22.18
N VAL H 89 10.27 35.48 -20.88
CA VAL H 89 10.01 36.52 -19.87
C VAL H 89 11.32 37.19 -19.51
N PRO H 90 11.63 38.35 -20.08
CA PRO H 90 12.94 38.97 -19.83
C PRO H 90 13.11 39.48 -18.41
N VAL H 91 12.03 39.90 -17.74
CA VAL H 91 12.10 40.51 -16.42
C VAL H 91 11.15 39.78 -15.49
N VAL H 92 11.64 39.41 -14.31
CA VAL H 92 10.86 38.73 -13.29
C VAL H 92 10.87 39.58 -12.03
N TYR H 93 9.69 39.86 -11.48
CA TYR H 93 9.54 40.67 -10.27
C TYR H 93 8.82 39.84 -9.23
N ILE H 94 9.43 39.69 -8.04
CA ILE H 94 8.89 38.84 -6.99
C ILE H 94 8.98 39.57 -5.65
N ARG H 95 8.09 39.20 -4.74
CA ARG H 95 8.01 39.79 -3.40
C ARG H 95 8.10 38.68 -2.35
N PRO H 96 9.25 38.48 -1.74
CA PRO H 96 9.35 37.50 -0.65
C PRO H 96 8.59 37.98 0.59
N HIS H 97 8.06 37.01 1.34
CA HIS H 97 7.34 37.32 2.56
C HIS H 97 8.32 37.56 3.71
N GLN H 98 7.78 37.92 4.88
CA GLN H 98 8.62 38.16 6.03
C GLN H 98 9.30 36.88 6.48
N LYS H 99 10.63 36.94 6.62
CA LYS H 99 11.46 35.78 6.95
C LYS H 99 11.27 34.66 5.93
N CYS H 100 11.31 35.03 4.65
CA CYS H 100 11.13 34.07 3.57
C CYS H 100 12.38 33.21 3.41
N GLY H 101 12.21 31.89 3.47
CA GLY H 101 13.30 30.96 3.36
C GLY H 101 13.66 30.61 1.94
N PRO H 102 14.73 29.83 1.77
CA PRO H 102 15.14 29.44 0.40
C PRO H 102 14.09 28.64 -0.35
N LYS H 103 13.47 27.67 0.32
CA LYS H 103 12.42 26.86 -0.30
C LYS H 103 11.29 27.75 -0.82
N ASP H 104 10.80 28.66 0.03
CA ASP H 104 9.68 29.51 -0.35
C ASP H 104 10.08 30.47 -1.48
N LEU H 105 11.30 31.01 -1.42
CA LEU H 105 11.76 31.91 -2.47
C LEU H 105 11.79 31.18 -3.82
N PHE H 106 12.30 29.95 -3.84
CA PHE H 106 12.33 29.20 -5.10
C PHE H 106 10.92 28.92 -5.61
N LYS H 107 10.00 28.59 -4.69
CA LYS H 107 8.62 28.34 -5.09
C LYS H 107 8.01 29.55 -5.77
N LYS H 108 8.31 30.75 -5.26
CA LYS H 108 7.74 31.96 -5.85
C LYS H 108 8.20 32.16 -7.29
N ILE H 109 9.50 31.96 -7.55
CA ILE H 109 10.02 32.08 -8.91
C ILE H 109 9.34 31.07 -9.82
N THR H 110 9.21 29.82 -9.36
CA THR H 110 8.60 28.80 -10.20
C THR H 110 7.16 29.16 -10.56
N GLU H 111 6.39 29.66 -9.59
CA GLU H 111 5.01 30.02 -9.88
C GLU H 111 4.91 31.24 -10.79
N TYR H 112 5.85 32.18 -10.68
CA TYR H 112 5.81 33.36 -11.54
C TYR H 112 5.93 32.99 -13.01
N LEU H 113 6.61 31.89 -13.33
CA LEU H 113 6.84 31.47 -14.70
C LEU H 113 5.80 30.48 -15.20
N LYS H 114 4.69 30.32 -14.48
CA LYS H 114 3.58 29.45 -14.88
C LYS H 114 4.04 28.00 -15.07
N TYR H 115 4.88 27.53 -14.15
CA TYR H 115 5.35 26.16 -14.13
C TYR H 115 4.90 25.48 -12.84
N ARG H 116 4.45 24.23 -12.96
CA ARG H 116 3.96 23.50 -11.80
C ARG H 116 5.07 23.33 -10.76
N VAL H 117 4.71 23.54 -9.49
CA VAL H 117 5.67 23.42 -8.40
C VAL H 117 5.64 21.99 -7.89
N THR H 118 6.72 21.25 -8.16
CA THR H 118 6.86 19.91 -7.62
C THR H 118 7.07 19.96 -6.12
N LYS H 119 6.71 18.87 -5.44
CA LYS H 119 6.80 18.78 -3.99
C LYS H 119 8.02 17.96 -3.60
N GLY H 120 8.82 18.49 -2.68
CA GLY H 120 10.01 17.79 -2.24
C GLY H 120 10.86 18.67 -1.34
N THR H 121 12.14 18.31 -1.24
CA THR H 121 13.08 19.04 -0.40
C THR H 121 13.61 20.28 -1.12
N VAL H 122 14.46 21.03 -0.43
CA VAL H 122 14.95 22.30 -0.97
C VAL H 122 15.82 22.06 -2.21
N SER H 123 16.61 20.99 -2.22
CA SER H 123 17.47 20.71 -3.37
C SER H 123 16.64 20.44 -4.62
N ASP H 124 15.51 19.75 -4.47
CA ASP H 124 14.62 19.49 -5.60
C ASP H 124 14.03 20.79 -6.14
N PHE H 125 13.57 21.66 -5.25
CA PHE H 125 13.07 22.97 -5.65
C PHE H 125 14.15 23.76 -6.37
N ARG H 126 15.39 23.65 -5.91
CA ARG H 126 16.50 24.36 -6.55
C ARG H 126 16.69 23.89 -7.99
N ASP H 127 16.73 22.57 -8.19
CA ASP H 127 16.85 22.04 -9.55
C ASP H 127 15.71 22.52 -10.43
N ARG H 128 14.48 22.47 -9.92
CA ARG H 128 13.31 22.91 -10.69
C ARG H 128 13.43 24.39 -11.07
N THR H 129 13.88 25.23 -10.14
CA THR H 129 14.01 26.66 -10.41
C THR H 129 15.08 26.93 -11.46
N ILE H 130 16.24 26.29 -11.36
CA ILE H 130 17.29 26.49 -12.35
C ILE H 130 16.78 26.09 -13.73
N GLU H 131 16.07 24.97 -13.81
CA GLU H 131 15.53 24.53 -15.10
C GLU H 131 14.61 25.58 -15.71
N VAL H 132 13.61 26.03 -14.94
CA VAL H 132 12.63 26.96 -15.50
C VAL H 132 13.27 28.31 -15.81
N LEU H 133 14.33 28.69 -15.10
CA LEU H 133 15.00 29.95 -15.40
C LEU H 133 15.83 29.85 -16.67
N LYS H 134 16.45 28.69 -16.90
CA LYS H 134 17.24 28.52 -18.12
C LYS H 134 16.33 28.44 -19.35
N GLY H 135 15.16 27.84 -19.21
CA GLY H 135 14.25 27.73 -20.35
C GLY H 135 13.86 29.09 -20.91
N CYS H 136 13.46 30.01 -20.04
CA CYS H 136 13.07 31.34 -20.46
C CYS H 136 14.31 32.23 -20.58
N GLY H 137 14.09 33.45 -21.08
CA GLY H 137 15.18 34.41 -21.22
C GLY H 137 15.75 34.84 -19.89
N VAL H 138 14.92 35.48 -19.07
CA VAL H 138 15.28 35.99 -17.75
C VAL H 138 16.54 36.84 -17.84
N GLU H 139 16.41 38.04 -18.41
CA GLU H 139 17.55 38.96 -18.43
C GLU H 139 17.78 39.59 -17.06
N MET H 140 16.73 39.74 -16.25
CA MET H 140 16.85 40.43 -14.97
C MET H 140 15.87 39.82 -13.96
N LEU H 141 16.32 39.69 -12.72
CA LEU H 141 15.50 39.21 -11.61
C LEU H 141 15.50 40.27 -10.51
N ILE H 142 14.31 40.63 -10.03
CA ILE H 142 14.15 41.69 -9.04
C ILE H 142 13.60 41.08 -7.75
N ILE H 143 14.30 41.33 -6.64
CA ILE H 143 13.87 40.90 -5.32
C ILE H 143 13.32 42.12 -4.58
N ASP H 144 11.99 42.18 -4.45
CA ASP H 144 11.34 43.35 -3.88
C ASP H 144 11.37 43.30 -2.36
N GLU H 145 11.77 44.42 -1.74
CA GLU H 145 11.82 44.57 -0.29
C GLU H 145 12.60 43.41 0.34
N ALA H 146 13.86 43.30 -0.04
CA ALA H 146 14.73 42.26 0.50
C ALA H 146 15.04 42.43 1.98
N ASP H 147 14.47 43.45 2.63
CA ASP H 147 14.68 43.63 4.06
C ASP H 147 14.09 42.46 4.85
N ARG H 148 12.90 42.01 4.49
CA ARG H 148 12.27 40.88 5.16
C ARG H 148 12.80 39.54 4.69
N LEU H 149 13.66 39.52 3.67
CA LEU H 149 14.26 38.27 3.23
C LEU H 149 15.15 37.69 4.32
N LYS H 150 15.09 36.37 4.50
CA LYS H 150 15.85 35.71 5.54
C LYS H 150 17.34 35.87 5.29
N PRO H 151 18.15 35.99 6.35
CA PRO H 151 19.60 36.13 6.16
C PRO H 151 20.25 34.94 5.46
N GLU H 152 19.69 33.74 5.59
CA GLU H 152 20.28 32.56 4.98
C GLU H 152 20.14 32.58 3.45
N THR H 153 19.11 33.26 2.94
CA THR H 153 18.77 33.19 1.52
C THR H 153 19.79 33.90 0.63
N PHE H 154 20.41 34.97 1.14
CA PHE H 154 21.39 35.75 0.37
C PHE H 154 22.51 34.89 -0.19
N ALA H 155 22.67 33.65 0.27
CA ALA H 155 23.65 32.74 -0.32
C ALA H 155 23.12 32.11 -1.60
N ASP H 156 21.86 31.66 -1.59
CA ASP H 156 21.27 31.06 -2.77
C ASP H 156 21.03 32.10 -3.87
N VAL H 157 20.66 33.32 -3.47
CA VAL H 157 20.51 34.39 -4.45
C VAL H 157 21.83 34.61 -5.19
N ARG H 158 22.94 34.65 -4.45
CA ARG H 158 24.26 34.83 -5.05
C ARG H 158 24.63 33.65 -5.94
N ASP H 159 24.30 32.43 -5.50
CA ASP H 159 24.49 31.25 -6.34
C ASP H 159 23.88 31.46 -7.72
N ILE H 160 22.60 31.80 -7.75
CA ILE H 160 21.92 32.02 -9.03
C ILE H 160 22.61 33.13 -9.81
N ALA H 161 22.97 34.22 -9.13
CA ALA H 161 23.60 35.35 -9.81
C ALA H 161 24.83 34.92 -10.61
N GLU H 162 25.74 34.21 -9.96
CA GLU H 162 26.96 33.79 -10.68
C GLU H 162 26.66 32.74 -11.73
N ASP H 163 25.78 31.79 -11.43
CA ASP H 163 25.66 30.60 -12.28
C ASP H 163 24.93 30.87 -13.59
N LEU H 164 23.87 31.68 -13.55
CA LEU H 164 23.00 31.84 -14.72
C LEU H 164 23.25 33.12 -15.48
N GLY H 165 24.18 33.96 -15.03
CA GLY H 165 24.41 35.23 -15.70
C GLY H 165 23.19 36.13 -15.72
N ILE H 166 22.40 36.10 -14.66
CA ILE H 166 21.17 36.89 -14.56
C ILE H 166 21.46 38.09 -13.67
N ALA H 167 21.22 39.29 -14.20
CA ALA H 167 21.33 40.49 -13.39
C ALA H 167 20.26 40.47 -12.30
N VAL H 168 20.68 40.68 -11.06
CA VAL H 168 19.78 40.64 -9.91
C VAL H 168 19.77 42.02 -9.26
N VAL H 169 18.58 42.54 -8.99
CA VAL H 169 18.40 43.85 -8.38
C VAL H 169 17.68 43.67 -7.06
N LEU H 170 18.25 44.22 -5.99
CA LEU H 170 17.65 44.21 -4.67
C LEU H 170 17.09 45.59 -4.36
N VAL H 171 15.78 45.66 -4.16
CA VAL H 171 15.08 46.92 -3.91
C VAL H 171 14.64 46.90 -2.46
N GLY H 172 15.44 47.51 -1.57
CA GLY H 172 15.15 47.49 -0.16
C GLY H 172 15.48 48.82 0.51
N THR H 173 15.25 48.85 1.83
CA THR H 173 15.51 50.05 2.61
C THR H 173 16.92 50.07 3.17
N ASP H 174 17.11 50.78 4.29
CA ASP H 174 18.45 50.94 4.86
C ASP H 174 18.97 49.67 5.51
N ARG H 175 18.07 48.87 6.11
CA ARG H 175 18.48 47.62 6.74
C ARG H 175 19.22 46.70 5.77
N LEU H 176 18.91 46.82 4.48
CA LEU H 176 19.61 46.05 3.46
C LEU H 176 21.12 46.23 3.57
N ASP H 177 21.57 47.48 3.70
CA ASP H 177 23.00 47.73 3.87
C ASP H 177 23.56 46.99 5.08
N ALA H 178 22.76 46.89 6.15
CA ALA H 178 23.22 46.18 7.34
C ALA H 178 23.42 44.70 7.06
N VAL H 179 22.41 44.03 6.49
CA VAL H 179 22.53 42.59 6.28
C VAL H 179 23.54 42.26 5.19
N ILE H 180 23.66 43.13 4.17
CA ILE H 180 24.56 42.85 3.06
C ILE H 180 26.02 42.88 3.53
N LYS H 181 26.34 43.79 4.45
CA LYS H 181 27.72 43.95 4.88
C LYS H 181 28.24 42.75 5.65
N ARG H 182 27.36 42.01 6.33
CA ARG H 182 27.81 40.90 7.17
C ARG H 182 28.45 39.80 6.34
N ASP H 183 27.88 39.48 5.19
CA ASP H 183 28.45 38.48 4.28
C ASP H 183 29.36 39.19 3.29
N GLU H 184 30.67 38.97 3.40
CA GLU H 184 31.63 39.64 2.52
C GLU H 184 31.37 39.31 1.06
N GLN H 185 30.98 38.06 0.78
CA GLN H 185 30.74 37.66 -0.61
C GLN H 185 29.47 38.31 -1.16
N VAL H 186 28.41 38.38 -0.35
CA VAL H 186 27.17 39.01 -0.80
C VAL H 186 27.39 40.50 -1.05
N LEU H 187 28.19 41.14 -0.20
CA LEU H 187 28.54 42.54 -0.42
C LEU H 187 29.37 42.71 -1.69
N GLU H 188 30.28 41.75 -1.95
CA GLU H 188 31.06 41.79 -3.17
C GLU H 188 30.19 41.62 -4.40
N ARG H 189 29.12 40.82 -4.30
CA ARG H 189 28.27 40.55 -5.46
C ARG H 189 27.52 41.80 -5.90
N PHE H 190 27.02 42.59 -4.95
CA PHE H 190 26.26 43.80 -5.24
C PHE H 190 27.00 44.99 -4.63
N ARG H 191 28.14 45.35 -5.22
CA ARG H 191 28.90 46.49 -4.72
C ARG H 191 28.26 47.80 -5.13
N ALA H 192 27.82 47.91 -6.38
CA ALA H 192 27.23 49.13 -6.89
C ALA H 192 25.74 49.19 -6.58
N HIS H 193 25.19 50.40 -6.60
CA HIS H 193 23.79 50.60 -6.28
C HIS H 193 23.32 51.97 -6.75
N LEU H 194 22.00 52.14 -6.81
CA LEU H 194 21.36 53.41 -7.05
C LEU H 194 20.61 53.84 -5.80
N ARG H 195 20.64 55.13 -5.50
CA ARG H 195 20.03 55.68 -4.30
C ARG H 195 18.75 56.43 -4.64
N PHE H 196 17.69 56.15 -3.88
CA PHE H 196 16.45 56.93 -3.92
C PHE H 196 16.44 57.89 -2.75
N GLY H 197 15.90 59.09 -2.97
CA GLY H 197 15.84 60.10 -1.94
C GLY H 197 14.46 60.68 -1.70
N LYS H 198 14.39 61.90 -1.17
CA LYS H 198 13.13 62.58 -0.88
C LYS H 198 13.02 63.84 -1.73
N LEU H 199 11.80 64.38 -1.79
CA LEU H 199 11.56 65.63 -2.49
C LEU H 199 11.93 66.82 -1.60
N SER H 200 12.31 67.92 -2.25
CA SER H 200 12.69 69.12 -1.51
C SER H 200 12.70 70.33 -2.45
N GLY H 201 12.41 71.50 -1.87
CA GLY H 201 12.61 72.76 -2.58
C GLY H 201 11.81 72.87 -3.86
N GLU H 202 12.50 73.32 -4.92
CA GLU H 202 11.85 73.53 -6.20
C GLU H 202 11.36 72.22 -6.79
N ASP H 203 12.12 71.13 -6.60
CA ASP H 203 11.66 69.83 -7.08
C ASP H 203 10.34 69.43 -6.42
N PHE H 204 10.23 69.65 -5.11
CA PHE H 204 8.99 69.34 -4.42
C PHE H 204 7.84 70.22 -4.91
N LYS H 205 8.09 71.52 -5.06
CA LYS H 205 7.03 72.42 -5.52
C LYS H 205 6.56 72.04 -6.91
N ASN H 206 7.50 71.77 -7.82
CA ASN H 206 7.15 71.36 -9.18
C ASN H 206 6.37 70.06 -9.17
N THR H 207 6.78 69.11 -8.33
CA THR H 207 6.04 67.85 -8.23
C THR H 207 4.62 68.09 -7.72
N VAL H 208 4.45 69.01 -6.78
CA VAL H 208 3.12 69.29 -6.24
C VAL H 208 2.22 69.90 -7.30
N GLU H 209 2.73 70.89 -8.04
CA GLU H 209 1.93 71.52 -9.09
C GLU H 209 1.61 70.53 -10.21
N MET H 210 2.63 69.77 -10.64
CA MET H 210 2.41 68.75 -11.66
C MET H 210 1.41 67.71 -11.18
N TRP H 211 1.41 67.40 -9.88
CA TRP H 211 0.43 66.48 -9.31
C TRP H 211 -0.98 67.05 -9.42
N GLU H 212 -1.13 68.32 -9.05
CA GLU H 212 -2.43 68.98 -9.20
C GLU H 212 -2.91 68.98 -10.64
N GLN H 213 -1.98 69.07 -11.60
CA GLN H 213 -2.36 69.07 -13.00
C GLN H 213 -2.63 67.68 -13.56
N MET H 214 -1.97 66.66 -13.03
CA MET H 214 -2.07 65.29 -13.54
C MET H 214 -3.05 64.43 -12.76
N VAL H 215 -2.96 64.44 -11.43
CA VAL H 215 -3.73 63.52 -10.60
C VAL H 215 -5.09 64.10 -10.25
N LEU H 216 -5.10 65.26 -9.60
CA LEU H 216 -6.35 65.85 -9.12
C LEU H 216 -7.23 66.26 -10.29
N LYS H 217 -8.51 65.87 -10.23
CA LYS H 217 -9.47 66.19 -11.26
C LYS H 217 -10.51 67.20 -10.79
N LEU H 218 -10.18 67.98 -9.76
CA LEU H 218 -11.13 68.94 -9.22
C LEU H 218 -11.46 70.00 -10.27
N PRO H 219 -12.72 70.45 -10.34
CA PRO H 219 -13.08 71.43 -11.38
C PRO H 219 -12.31 72.73 -11.33
N VAL H 220 -11.91 73.18 -10.15
CA VAL H 220 -11.19 74.45 -9.99
C VAL H 220 -9.84 74.16 -9.34
N SER H 221 -8.78 74.73 -9.92
CA SER H 221 -7.46 74.63 -9.30
C SER H 221 -7.41 75.50 -8.06
N SER H 222 -6.91 74.93 -6.96
CA SER H 222 -6.74 75.67 -5.72
C SER H 222 -5.44 76.44 -5.66
N ASN H 223 -4.68 76.45 -6.76
CA ASN H 223 -3.35 77.06 -6.79
C ASN H 223 -2.48 76.52 -5.67
N LEU H 224 -2.44 75.19 -5.56
CA LEU H 224 -1.64 74.53 -4.52
C LEU H 224 -0.18 74.95 -4.57
N LYS H 225 0.30 75.41 -5.72
CA LYS H 225 1.66 75.92 -5.81
C LYS H 225 1.82 77.29 -5.16
N SER H 226 0.73 77.92 -4.73
CA SER H 226 0.82 79.23 -4.08
C SER H 226 1.55 79.12 -2.74
N LYS H 227 2.08 80.25 -2.30
CA LYS H 227 2.94 80.27 -1.12
C LYS H 227 2.17 79.92 0.15
N GLU H 228 0.87 80.24 0.21
CA GLU H 228 0.13 80.05 1.46
C GLU H 228 -0.16 78.57 1.74
N MET H 229 -0.27 77.74 0.70
CA MET H 229 -0.62 76.33 0.87
C MET H 229 0.52 75.36 0.57
N LEU H 230 1.39 75.71 -0.39
CA LEU H 230 2.52 74.85 -0.71
C LEU H 230 3.44 74.66 0.49
N ARG H 231 3.51 75.66 1.37
CA ARG H 231 4.32 75.50 2.59
C ARG H 231 3.72 74.43 3.50
N ILE H 232 2.40 74.37 3.60
CA ILE H 232 1.76 73.32 4.38
C ILE H 232 2.09 71.95 3.79
N LEU H 233 2.00 71.85 2.46
CA LEU H 233 2.32 70.58 1.81
C LEU H 233 3.78 70.19 2.05
N THR H 234 4.69 71.16 1.94
CA THR H 234 6.11 70.90 2.18
C THR H 234 6.34 70.36 3.58
N SER H 235 5.77 71.02 4.58
CA SER H 235 6.01 70.61 5.96
C SER H 235 5.34 69.27 6.28
N ALA H 236 4.14 69.04 5.76
CA ALA H 236 3.39 67.84 6.12
C ALA H 236 3.94 66.60 5.42
N THR H 237 4.23 66.69 4.13
CA THR H 237 4.69 65.51 3.41
C THR H 237 6.15 65.16 3.73
N GLU H 238 6.98 66.16 3.98
CA GLU H 238 8.40 65.97 4.32
C GLU H 238 9.15 65.24 3.21
N GLY H 239 8.77 65.52 1.96
CA GLY H 239 9.44 64.92 0.82
C GLY H 239 9.01 63.51 0.49
N TYR H 240 8.01 62.96 1.18
CA TYR H 240 7.53 61.61 0.92
C TYR H 240 6.40 61.68 -0.09
N ILE H 241 6.66 61.20 -1.31
CA ILE H 241 5.63 61.22 -2.36
C ILE H 241 4.41 60.42 -1.92
N GLY H 242 4.60 59.40 -1.09
CA GLY H 242 3.47 58.65 -0.59
C GLY H 242 2.55 59.50 0.28
N ARG H 243 3.16 60.27 1.20
CA ARG H 243 2.37 61.15 2.05
C ARG H 243 1.67 62.23 1.23
N LEU H 244 2.36 62.80 0.24
CA LEU H 244 1.76 63.78 -0.64
C LEU H 244 0.54 63.20 -1.33
N ASP H 245 0.68 62.01 -1.91
CA ASP H 245 -0.43 61.32 -2.53
C ASP H 245 -1.60 61.17 -1.56
N GLU H 246 -1.32 60.64 -0.36
CA GLU H 246 -2.38 60.39 0.61
C GLU H 246 -3.14 61.66 0.94
N ILE H 247 -2.43 62.72 1.33
CA ILE H 247 -3.11 63.93 1.80
C ILE H 247 -3.86 64.61 0.67
N LEU H 248 -3.24 64.71 -0.51
CA LEU H 248 -3.90 65.40 -1.62
C LEU H 248 -5.19 64.68 -2.01
N ARG H 249 -5.11 63.36 -2.22
CA ARG H 249 -6.31 62.62 -2.59
C ARG H 249 -7.39 62.73 -1.52
N GLU H 250 -7.00 62.64 -0.24
CA GLU H 250 -8.00 62.62 0.83
C GLU H 250 -8.74 63.95 0.95
N ALA H 251 -8.00 65.07 1.09
CA ALA H 251 -8.67 66.36 1.21
C ALA H 251 -9.47 66.68 -0.05
N ALA H 252 -8.95 66.30 -1.22
CA ALA H 252 -9.68 66.52 -2.46
C ALA H 252 -11.01 65.80 -2.46
N ILE H 253 -11.04 64.54 -1.99
CA ILE H 253 -12.32 63.82 -1.90
C ILE H 253 -13.24 64.51 -0.91
N ARG H 254 -12.69 64.96 0.21
CA ARG H 254 -13.55 65.50 1.28
C ARG H 254 -14.27 66.77 0.86
N SER H 255 -13.64 67.59 0.00
CA SER H 255 -14.25 68.87 -0.36
C SER H 255 -15.62 68.72 -1.03
N LEU H 256 -15.86 67.60 -1.71
CA LEU H 256 -17.00 67.51 -2.61
C LEU H 256 -18.32 67.23 -1.91
N SER H 257 -18.31 66.47 -0.82
CA SER H 257 -19.54 66.26 -0.06
C SER H 257 -20.10 67.59 0.43
N ARG H 258 -19.24 68.48 0.89
CA ARG H 258 -19.69 69.82 1.28
C ARG H 258 -20.08 70.64 0.05
N GLY H 259 -19.44 70.40 -1.08
CA GLY H 259 -19.74 71.14 -2.29
C GLY H 259 -18.71 72.20 -2.59
N LEU H 260 -17.49 71.77 -2.92
CA LEU H 260 -16.39 72.67 -3.19
C LEU H 260 -15.70 72.28 -4.50
N LYS H 261 -15.36 73.27 -5.30
CA LYS H 261 -14.65 73.04 -6.55
C LYS H 261 -13.14 72.98 -6.37
N LYS H 262 -12.65 73.15 -5.14
CA LYS H 262 -11.23 73.21 -4.89
C LYS H 262 -10.97 73.03 -3.40
N ILE H 263 -9.83 72.41 -3.08
CA ILE H 263 -9.44 72.24 -1.68
C ILE H 263 -9.12 73.60 -1.07
N ASP H 264 -9.56 73.82 0.16
CA ASP H 264 -9.28 75.05 0.87
C ASP H 264 -8.13 74.86 1.84
N LYS H 265 -7.48 75.98 2.19
CA LYS H 265 -6.37 75.96 3.13
C LYS H 265 -6.74 75.26 4.43
N ALA H 266 -7.93 75.54 4.95
CA ALA H 266 -8.39 74.88 6.16
C ALA H 266 -8.57 73.38 5.96
N VAL H 267 -9.10 72.98 4.79
CA VAL H 267 -9.23 71.57 4.46
C VAL H 267 -7.87 70.91 4.44
N LEU H 268 -6.88 71.58 3.84
CA LEU H 268 -5.52 71.05 3.82
C LEU H 268 -4.96 70.88 5.23
N GLN H 269 -5.26 71.84 6.11
CA GLN H 269 -4.74 71.75 7.48
C GLN H 269 -5.41 70.65 8.28
N GLU H 270 -6.69 70.39 8.04
CA GLU H 270 -7.42 69.42 8.87
C GLU H 270 -6.86 68.01 8.71
N VAL H 271 -6.45 67.65 7.50
CA VAL H 271 -6.06 66.27 7.21
C VAL H 271 -4.69 65.95 7.82
N ALA H 272 -3.74 66.88 7.71
CA ALA H 272 -2.37 66.60 8.15
C ALA H 272 -2.32 66.33 9.65
N LYS H 273 -3.15 67.01 10.43
CA LYS H 273 -3.18 66.75 11.86
C LYS H 273 -3.64 65.33 12.16
N GLU H 274 -4.66 64.86 11.46
CA GLU H 274 -5.16 63.51 11.69
C GLU H 274 -4.18 62.46 11.19
N TYR H 275 -3.54 62.70 10.05
CA TYR H 275 -2.59 61.75 9.49
C TYR H 275 -1.17 62.31 9.53
N GLU I 19 27.20 44.03 -37.56
CA GLU I 19 28.11 45.11 -37.16
C GLU I 19 29.43 44.54 -36.63
N TRP I 20 30.54 44.94 -37.25
CA TRP I 20 31.86 44.49 -36.80
C TRP I 20 32.13 44.94 -35.38
N LEU I 21 31.82 46.20 -35.07
CA LEU I 21 32.05 46.73 -33.73
C LEU I 21 31.29 45.93 -32.67
N GLN I 22 30.06 45.54 -32.98
CA GLN I 22 29.28 44.74 -32.04
C GLN I 22 29.90 43.37 -31.82
N ALA I 23 30.49 42.79 -32.87
CA ALA I 23 31.19 41.51 -32.71
C ALA I 23 32.38 41.66 -31.77
N GLU I 24 33.16 42.74 -31.93
CA GLU I 24 34.27 42.97 -31.02
C GLU I 24 33.78 43.21 -29.59
N ILE I 25 32.68 43.95 -29.44
CA ILE I 25 32.13 44.21 -28.11
C ILE I 25 31.67 42.91 -27.47
N ALA I 26 31.02 42.04 -28.23
CA ALA I 26 30.57 40.76 -27.70
C ALA I 26 31.76 39.88 -27.31
N ARG I 27 32.84 39.94 -28.10
CA ARG I 27 34.06 39.24 -27.72
C ARG I 27 34.58 39.75 -26.38
N LEU I 28 34.56 41.07 -26.18
CA LEU I 28 35.00 41.64 -24.91
C LEU I 28 34.07 41.22 -23.77
N LYS I 29 32.77 41.13 -24.04
CA LYS I 29 31.81 40.74 -23.00
C LYS I 29 32.00 39.29 -22.57
N GLY I 30 32.47 38.43 -23.46
CA GLY I 30 32.71 37.05 -23.13
C GLY I 30 33.90 36.88 -22.22
N LYS I 31 34.08 35.63 -21.76
CA LYS I 31 35.13 35.29 -20.82
C LYS I 31 36.23 34.47 -21.51
N SER I 32 37.48 34.77 -21.15
CA SER I 32 38.63 34.07 -21.68
C SER I 32 39.60 33.77 -20.54
N ILE I 33 40.52 32.84 -20.79
CA ILE I 33 41.45 32.35 -19.78
C ILE I 33 42.87 32.76 -20.16
N VAL I 34 43.57 33.39 -19.22
CA VAL I 34 44.92 33.92 -19.43
C VAL I 34 45.89 33.17 -18.54
N PRO I 35 47.13 32.91 -18.98
CA PRO I 35 48.09 32.19 -18.13
C PRO I 35 48.87 33.11 -17.21
N LEU I 36 49.02 32.67 -15.96
CA LEU I 36 49.75 33.42 -14.95
C LEU I 36 50.63 32.47 -14.16
N GLN I 37 51.64 33.03 -13.51
CA GLN I 37 52.58 32.21 -12.73
C GLN I 37 51.87 31.49 -11.59
N GLN I 38 50.88 32.14 -10.98
CA GLN I 38 50.10 31.51 -9.93
C GLN I 38 49.44 30.23 -10.41
N VAL I 39 48.92 30.23 -11.64
CA VAL I 39 48.27 29.05 -12.18
C VAL I 39 49.28 27.92 -12.40
N LYS I 40 50.44 28.25 -12.96
CA LYS I 40 51.47 27.23 -13.18
C LYS I 40 51.93 26.61 -11.86
N THR I 41 52.12 27.45 -10.84
CA THR I 41 52.48 26.95 -9.52
C THR I 41 51.42 25.97 -9.00
N LEU I 42 50.15 26.36 -9.09
CA LEU I 42 49.07 25.47 -8.64
C LEU I 42 49.10 24.15 -9.39
N HIS I 43 49.31 24.19 -10.70
CA HIS I 43 49.27 22.96 -11.50
C HIS I 43 50.40 22.02 -11.10
N ASP I 44 51.61 22.55 -10.92
CA ASP I 44 52.72 21.71 -10.47
C ASP I 44 52.42 21.08 -9.11
N TRP I 45 51.92 21.88 -8.17
CA TRP I 45 51.58 21.37 -6.85
C TRP I 45 50.55 20.24 -6.93
N LEU I 46 49.51 20.45 -7.72
CA LEU I 46 48.44 19.45 -7.83
C LEU I 46 48.94 18.17 -8.49
N ASP I 47 49.83 18.27 -9.48
CA ASP I 47 50.36 17.08 -10.12
C ASP I 47 51.22 16.26 -9.16
N GLY I 48 52.06 16.94 -8.39
CA GLY I 48 52.82 16.23 -7.36
C GLY I 48 51.91 15.48 -6.39
N LYS I 49 50.86 16.17 -5.92
CA LYS I 49 49.93 15.52 -4.99
C LYS I 49 49.23 14.34 -5.64
N ARG I 50 48.87 14.46 -6.92
CA ARG I 50 48.19 13.36 -7.60
C ARG I 50 49.09 12.13 -7.69
N LYS I 51 50.36 12.32 -8.03
CA LYS I 51 51.28 11.19 -8.10
C LYS I 51 51.47 10.56 -6.72
N ALA I 52 51.52 11.39 -5.67
CA ALA I 52 51.69 10.86 -4.32
C ALA I 52 50.38 10.42 -3.67
N ARG I 53 49.23 10.69 -4.30
CA ARG I 53 47.91 10.33 -3.77
C ARG I 53 47.72 10.85 -2.36
N LYS I 54 48.19 12.07 -2.11
CA LYS I 54 48.13 12.70 -0.80
C LYS I 54 47.09 13.82 -0.82
N SER I 55 46.14 13.75 0.11
CA SER I 55 45.09 14.75 0.20
C SER I 55 45.61 16.05 0.79
N CYS I 56 45.03 17.17 0.37
CA CYS I 56 45.48 18.49 0.78
C CYS I 56 44.33 19.47 0.61
N ARG I 57 44.64 20.76 0.68
CA ARG I 57 43.64 21.81 0.55
C ARG I 57 44.26 23.03 -0.13
N VAL I 58 43.39 23.93 -0.60
CA VAL I 58 43.80 25.18 -1.24
C VAL I 58 43.04 26.31 -0.56
N VAL I 59 43.77 27.27 0.01
CA VAL I 59 43.19 28.37 0.78
C VAL I 59 43.59 29.69 0.15
N GLY I 60 42.62 30.59 0.02
CA GLY I 60 42.88 31.91 -0.54
C GLY I 60 41.65 32.80 -0.42
N GLU I 61 41.83 34.05 -0.88
CA GLU I 61 40.76 35.04 -0.83
C GLU I 61 39.82 34.89 -2.03
N SER I 62 38.68 35.55 -1.95
CA SER I 62 37.72 35.54 -3.05
C SER I 62 38.17 36.47 -4.17
N ARG I 63 37.66 36.21 -5.37
CA ARG I 63 37.97 36.99 -6.58
C ARG I 63 39.47 36.95 -6.89
N THR I 64 40.14 35.87 -6.51
CA THR I 64 41.55 35.66 -6.83
C THR I 64 41.76 34.74 -8.02
N GLY I 65 40.72 34.03 -8.46
CA GLY I 65 40.79 33.23 -9.66
C GLY I 65 41.24 31.80 -9.49
N LYS I 66 41.41 31.33 -8.26
CA LYS I 66 41.90 29.96 -8.06
C LYS I 66 40.90 28.93 -8.61
N THR I 67 39.62 29.28 -8.64
CA THR I 67 38.62 28.40 -9.26
C THR I 67 38.98 28.10 -10.70
N VAL I 68 39.31 29.14 -11.47
CA VAL I 68 39.65 28.97 -12.87
C VAL I 68 40.93 28.15 -13.03
N ALA I 69 41.90 28.35 -12.13
CA ALA I 69 43.15 27.60 -12.23
C ALA I 69 42.92 26.11 -12.00
N CYS I 70 42.07 25.76 -11.02
CA CYS I 70 41.73 24.36 -10.81
C CYS I 70 41.00 23.77 -12.03
N ASP I 71 40.04 24.53 -12.58
CA ASP I 71 39.35 24.06 -13.78
C ASP I 71 40.33 23.84 -14.93
N ALA I 72 41.31 24.74 -15.06
CA ALA I 72 42.32 24.59 -16.10
C ALA I 72 43.12 23.32 -15.91
N TYR I 73 43.48 23.00 -14.66
CA TYR I 73 44.11 21.71 -14.40
C TYR I 73 43.24 20.56 -14.90
N ARG I 74 41.92 20.67 -14.68
CA ARG I 74 41.02 19.61 -15.16
C ARG I 74 41.10 19.45 -16.67
N TYR I 75 41.15 20.56 -17.41
CA TYR I 75 41.16 20.44 -18.87
C TYR I 75 42.50 19.96 -19.43
N ARG I 76 43.52 19.85 -18.59
CA ARG I 76 44.82 19.39 -19.04
C ARG I 76 44.65 17.97 -19.56
N HIS I 77 44.15 17.10 -18.70
CA HIS I 77 43.91 15.71 -19.06
C HIS I 77 42.43 15.37 -18.90
N LYS I 78 41.85 14.81 -19.96
CA LYS I 78 40.43 14.46 -19.94
C LYS I 78 40.24 12.97 -19.74
N PRO I 79 38.98 12.52 -19.75
CA PRO I 79 38.69 11.09 -19.57
C PRO I 79 38.89 10.28 -20.83
N GLN I 80 40.04 9.60 -20.94
CA GLN I 80 40.31 8.79 -22.12
C GLN I 80 39.35 7.61 -22.18
N GLN I 81 38.77 7.39 -23.37
CA GLN I 81 37.81 6.30 -23.57
C GLN I 81 38.18 5.45 -24.78
N GLU I 82 39.45 5.44 -25.18
CA GLU I 82 39.86 4.73 -26.39
C GLU I 82 39.69 3.22 -26.25
N ALA I 83 39.89 2.67 -25.05
CA ALA I 83 39.81 1.23 -24.86
C ALA I 83 38.35 0.77 -24.91
N GLY I 84 38.17 -0.55 -24.97
CA GLY I 84 36.84 -1.12 -24.99
C GLY I 84 36.09 -1.00 -23.67
N ARG I 85 36.81 -0.74 -22.59
CA ARG I 85 36.26 -0.65 -21.24
C ARG I 85 35.76 0.75 -20.98
N PRO I 86 35.10 1.00 -19.84
CA PRO I 86 34.47 2.31 -19.60
C PRO I 86 35.48 3.44 -19.63
N PRO I 87 35.04 4.66 -19.87
CA PRO I 87 35.96 5.81 -19.89
C PRO I 87 36.66 5.97 -18.55
N THR I 88 37.98 6.17 -18.60
CA THR I 88 38.79 6.33 -17.41
C THR I 88 38.95 7.81 -17.10
N VAL I 89 38.45 8.22 -15.93
CA VAL I 89 38.46 9.63 -15.51
C VAL I 89 39.55 9.78 -14.45
N PRO I 90 40.65 10.49 -14.76
CA PRO I 90 41.69 10.67 -13.73
C PRO I 90 41.34 11.74 -12.72
N VAL I 91 40.52 12.72 -13.11
CA VAL I 91 40.25 13.90 -12.29
C VAL I 91 38.74 14.14 -12.25
N VAL I 92 38.19 14.21 -11.05
CA VAL I 92 36.78 14.53 -10.82
C VAL I 92 36.71 15.92 -10.19
N TYR I 93 35.81 16.76 -10.70
CA TYR I 93 35.65 18.13 -10.22
C TYR I 93 34.17 18.41 -9.99
N ILE I 94 33.81 18.80 -8.78
CA ILE I 94 32.43 19.06 -8.40
C ILE I 94 32.33 20.38 -7.66
N ARG I 95 31.13 20.98 -7.72
CA ARG I 95 30.84 22.23 -7.01
C ARG I 95 29.60 22.02 -6.16
N PRO I 96 29.76 21.58 -4.92
CA PRO I 96 28.60 21.34 -4.05
C PRO I 96 27.80 22.61 -3.79
N HIS I 97 26.47 22.47 -3.78
CA HIS I 97 25.61 23.61 -3.52
C HIS I 97 25.55 23.90 -2.01
N GLN I 98 24.89 25.00 -1.67
CA GLN I 98 24.85 25.46 -0.29
C GLN I 98 24.24 24.42 0.63
N LYS I 99 24.97 24.09 1.70
CA LYS I 99 24.50 23.17 2.74
C LYS I 99 24.12 21.81 2.17
N CYS I 100 24.99 21.27 1.33
CA CYS I 100 24.75 19.94 0.78
C CYS I 100 25.17 18.88 1.80
N GLY I 101 24.31 17.87 1.97
CA GLY I 101 24.53 16.86 2.96
C GLY I 101 25.38 15.70 2.46
N PRO I 102 25.26 14.55 3.11
CA PRO I 102 26.04 13.38 2.71
C PRO I 102 25.41 12.56 1.60
N LYS I 103 24.32 13.04 1.00
CA LYS I 103 23.63 12.37 -0.10
C LYS I 103 23.88 13.06 -1.43
N ASP I 104 23.64 14.37 -1.47
CA ASP I 104 23.84 15.15 -2.69
C ASP I 104 25.28 15.05 -3.18
N LEU I 105 26.26 14.95 -2.27
CA LEU I 105 27.65 14.81 -2.67
C LEU I 105 27.87 13.54 -3.49
N PHE I 106 27.44 12.40 -2.95
CA PHE I 106 27.52 11.14 -3.68
C PHE I 106 26.81 11.23 -5.01
N LYS I 107 25.61 11.84 -5.02
CA LYS I 107 24.84 11.95 -6.26
C LYS I 107 25.61 12.73 -7.32
N LYS I 108 26.24 13.84 -6.93
CA LYS I 108 26.97 14.65 -7.90
C LYS I 108 28.16 13.89 -8.46
N ILE I 109 28.89 13.15 -7.61
CA ILE I 109 29.99 12.34 -8.11
C ILE I 109 29.49 11.35 -9.17
N THR I 110 28.43 10.61 -8.82
CA THR I 110 27.88 9.61 -9.74
C THR I 110 27.47 10.23 -11.07
N GLU I 111 26.80 11.39 -11.03
CA GLU I 111 26.35 12.02 -12.26
C GLU I 111 27.53 12.53 -13.08
N TYR I 112 28.57 13.05 -12.42
CA TYR I 112 29.76 13.50 -13.14
C TYR I 112 30.41 12.35 -13.88
N LEU I 113 30.26 11.12 -13.39
CA LEU I 113 30.82 9.98 -14.12
C LEU I 113 29.86 9.37 -15.15
N LYS I 114 28.78 10.09 -15.52
CA LYS I 114 27.83 9.65 -16.56
C LYS I 114 27.20 8.30 -16.22
N TYR I 115 26.85 8.11 -14.95
CA TYR I 115 26.22 6.88 -14.49
C TYR I 115 24.84 7.19 -13.90
N ARG I 116 23.96 6.20 -13.97
CA ARG I 116 22.59 6.38 -13.50
C ARG I 116 22.54 6.56 -11.99
N VAL I 117 21.45 7.17 -11.53
CA VAL I 117 21.19 7.39 -10.10
C VAL I 117 20.08 6.44 -9.70
N THR I 118 20.33 5.61 -8.69
CA THR I 118 19.34 4.65 -8.20
C THR I 118 18.70 5.17 -6.92
N LYS I 119 17.39 4.97 -6.80
CA LYS I 119 16.67 5.39 -5.61
C LYS I 119 17.05 4.50 -4.43
N GLY I 120 17.19 5.13 -3.27
CA GLY I 120 17.57 4.38 -2.07
C GLY I 120 17.96 5.33 -0.96
N THR I 121 18.72 4.79 0.00
CA THR I 121 19.16 5.54 1.16
C THR I 121 20.59 6.03 0.96
N VAL I 122 21.14 6.66 2.02
CA VAL I 122 22.52 7.14 1.97
C VAL I 122 23.49 5.97 1.86
N SER I 123 23.17 4.85 2.52
CA SER I 123 24.03 3.66 2.42
C SER I 123 24.09 3.14 0.98
N ASP I 124 22.94 3.15 0.29
CA ASP I 124 22.91 2.71 -1.11
C ASP I 124 23.75 3.63 -1.99
N PHE I 125 23.57 4.95 -1.82
CA PHE I 125 24.35 5.92 -2.59
C PHE I 125 25.84 5.76 -2.30
N ARG I 126 26.19 5.49 -1.05
CA ARG I 126 27.59 5.31 -0.67
C ARG I 126 28.21 4.13 -1.39
N ASP I 127 27.53 2.98 -1.35
CA ASP I 127 28.03 1.79 -2.06
C ASP I 127 28.16 2.06 -3.55
N ARG I 128 27.13 2.67 -4.14
CA ARG I 128 27.15 2.99 -5.57
C ARG I 128 28.33 3.88 -5.93
N THR I 129 28.60 4.89 -5.10
CA THR I 129 29.68 5.82 -5.36
C THR I 129 31.04 5.13 -5.28
N ILE I 130 31.26 4.32 -4.24
CA ILE I 130 32.53 3.61 -4.15
C ILE I 130 32.73 2.72 -5.37
N GLU I 131 31.66 2.07 -5.82
CA GLU I 131 31.76 1.22 -7.01
C GLU I 131 32.22 2.03 -8.22
N VAL I 132 31.54 3.13 -8.52
CA VAL I 132 31.91 3.89 -9.72
C VAL I 132 33.28 4.55 -9.58
N LEU I 133 33.71 4.82 -8.34
CA LEU I 133 35.05 5.37 -8.14
C LEU I 133 36.14 4.33 -8.36
N LYS I 134 35.85 3.07 -8.03
CA LYS I 134 36.84 2.02 -8.24
C LYS I 134 36.93 1.64 -9.72
N GLY I 135 35.80 1.61 -10.42
CA GLY I 135 35.82 1.24 -11.83
C GLY I 135 36.68 2.17 -12.66
N CYS I 136 36.44 3.47 -12.54
CA CYS I 136 37.28 4.46 -13.20
C CYS I 136 38.53 4.73 -12.35
N GLY I 137 39.52 5.36 -12.97
CA GLY I 137 40.75 5.68 -12.27
C GLY I 137 40.52 6.53 -11.04
N VAL I 138 39.97 7.72 -11.24
CA VAL I 138 39.68 8.68 -10.17
C VAL I 138 40.91 8.82 -9.28
N GLU I 139 42.02 9.27 -9.86
CA GLU I 139 43.23 9.43 -9.08
C GLU I 139 43.12 10.55 -8.06
N MET I 140 42.39 11.61 -8.40
CA MET I 140 42.20 12.73 -7.50
C MET I 140 40.78 13.26 -7.63
N LEU I 141 40.29 13.87 -6.55
CA LEU I 141 38.96 14.46 -6.50
C LEU I 141 39.09 15.89 -5.98
N ILE I 142 38.56 16.84 -6.74
CA ILE I 142 38.61 18.26 -6.38
C ILE I 142 37.22 18.70 -5.96
N ILE I 143 37.10 19.16 -4.73
CA ILE I 143 35.84 19.65 -4.17
C ILE I 143 35.97 21.15 -3.99
N ASP I 144 35.29 21.92 -4.84
CA ASP I 144 35.40 23.38 -4.85
C ASP I 144 34.38 24.01 -3.93
N GLU I 145 34.65 25.27 -3.57
CA GLU I 145 33.79 26.05 -2.67
C GLU I 145 33.41 25.22 -1.44
N ALA I 146 34.41 24.55 -0.87
CA ALA I 146 34.18 23.65 0.25
C ALA I 146 33.68 24.38 1.50
N ASP I 147 33.70 25.71 1.49
CA ASP I 147 33.26 26.47 2.66
C ASP I 147 31.79 26.23 2.98
N ARG I 148 30.98 25.92 1.96
CA ARG I 148 29.57 25.67 2.16
C ARG I 148 29.24 24.19 2.35
N LEU I 149 30.23 23.31 2.23
CA LEU I 149 30.02 21.89 2.51
C LEU I 149 29.66 21.70 3.97
N LYS I 150 28.59 20.96 4.22
CA LYS I 150 28.11 20.78 5.59
C LYS I 150 29.16 20.06 6.43
N PRO I 151 29.31 20.42 7.71
CA PRO I 151 30.31 19.76 8.56
C PRO I 151 30.14 18.25 8.66
N GLU I 152 28.91 17.77 8.54
CA GLU I 152 28.64 16.33 8.70
C GLU I 152 29.27 15.51 7.57
N THR I 153 29.39 16.09 6.37
CA THR I 153 29.89 15.37 5.21
C THR I 153 31.40 15.18 5.20
N PHE I 154 32.13 15.99 5.98
CA PHE I 154 33.57 15.84 6.04
C PHE I 154 33.98 14.45 6.50
N ALA I 155 33.17 13.84 7.37
CA ALA I 155 33.46 12.47 7.80
C ALA I 155 33.43 11.51 6.60
N ASP I 156 32.48 11.69 5.69
CA ASP I 156 32.41 10.83 4.50
C ASP I 156 33.56 11.12 3.54
N VAL I 157 33.91 12.41 3.37
CA VAL I 157 35.04 12.76 2.52
C VAL I 157 36.32 12.13 3.05
N ARG I 158 36.52 12.20 4.38
CA ARG I 158 37.67 11.57 5.01
C ARG I 158 37.64 10.07 4.82
N ASP I 159 36.45 9.46 4.97
CA ASP I 159 36.33 8.02 4.78
C ASP I 159 36.72 7.61 3.37
N ILE I 160 36.37 8.43 2.37
CA ILE I 160 36.79 8.13 1.01
C ILE I 160 38.29 8.31 0.85
N ALA I 161 38.84 9.38 1.43
CA ALA I 161 40.27 9.66 1.28
C ALA I 161 41.14 8.59 1.94
N GLU I 162 40.61 7.90 2.96
CA GLU I 162 41.36 6.84 3.62
C GLU I 162 41.03 5.45 3.10
N ASP I 163 39.75 5.20 2.79
CA ASP I 163 39.31 3.87 2.37
C ASP I 163 39.94 3.47 1.05
N LEU I 164 40.00 4.40 0.09
CA LEU I 164 40.58 4.16 -1.21
C LEU I 164 41.64 5.20 -1.50
N GLY I 165 42.65 4.81 -2.28
CA GLY I 165 43.70 5.73 -2.67
C GLY I 165 43.19 6.81 -3.62
N ILE I 166 42.91 7.99 -3.08
CA ILE I 166 42.38 9.11 -3.84
C ILE I 166 42.89 10.40 -3.23
N ALA I 167 43.50 11.26 -4.05
CA ALA I 167 43.99 12.55 -3.57
C ALA I 167 42.82 13.54 -3.58
N VAL I 168 42.28 13.84 -2.40
CA VAL I 168 41.15 14.74 -2.26
C VAL I 168 41.65 16.14 -1.98
N VAL I 169 41.13 17.12 -2.72
CA VAL I 169 41.54 18.52 -2.60
C VAL I 169 40.33 19.35 -2.22
N LEU I 170 40.45 20.11 -1.12
CA LEU I 170 39.41 21.02 -0.66
C LEU I 170 39.86 22.45 -0.94
N VAL I 171 39.17 23.12 -1.86
CA VAL I 171 39.49 24.49 -2.24
C VAL I 171 38.54 25.42 -1.48
N GLY I 172 39.09 26.34 -0.69
CA GLY I 172 38.25 27.22 0.08
C GLY I 172 39.00 28.41 0.64
N THR I 173 38.24 29.29 1.28
CA THR I 173 38.77 30.48 1.94
C THR I 173 38.91 30.20 3.45
N ASP I 174 38.99 31.25 4.27
CA ASP I 174 39.30 31.08 5.69
C ASP I 174 38.22 30.29 6.44
N ARG I 175 36.95 30.46 6.06
CA ARG I 175 35.86 29.79 6.76
C ARG I 175 36.02 28.27 6.70
N LEU I 176 36.52 27.76 5.58
CA LEU I 176 36.74 26.32 5.47
C LEU I 176 37.74 25.84 6.52
N ASP I 177 38.82 26.60 6.73
CA ASP I 177 39.77 26.26 7.77
C ASP I 177 39.11 26.28 9.15
N ALA I 178 38.26 27.29 9.38
CA ALA I 178 37.52 27.34 10.65
C ALA I 178 36.70 26.08 10.87
N VAL I 179 36.09 25.56 9.81
CA VAL I 179 35.30 24.34 9.95
C VAL I 179 36.19 23.12 10.16
N ILE I 180 37.28 23.03 9.40
CA ILE I 180 38.16 21.86 9.46
C ILE I 180 38.75 21.71 10.86
N LYS I 181 39.12 22.82 11.50
CA LYS I 181 39.76 22.74 12.81
C LYS I 181 38.86 22.11 13.86
N ARG I 182 37.55 21.99 13.61
CA ARG I 182 36.61 21.50 14.60
C ARG I 182 36.77 20.01 14.90
N ASP I 183 37.41 19.25 14.01
CA ASP I 183 37.58 17.82 14.19
C ASP I 183 39.05 17.47 14.01
N GLU I 184 39.59 16.69 14.96
CA GLU I 184 41.01 16.37 14.91
C GLU I 184 41.34 15.38 13.79
N GLN I 185 40.44 14.45 13.50
CA GLN I 185 40.70 13.49 12.43
C GLN I 185 40.68 14.17 11.06
N VAL I 186 39.64 14.97 10.80
CA VAL I 186 39.54 15.70 9.55
C VAL I 186 40.73 16.66 9.41
N LEU I 187 41.12 17.31 10.50
CA LEU I 187 42.28 18.20 10.46
C LEU I 187 43.56 17.42 10.21
N GLU I 188 43.66 16.21 10.76
CA GLU I 188 44.84 15.39 10.54
C GLU I 188 44.99 15.00 9.08
N ARG I 189 43.86 14.77 8.40
CA ARG I 189 43.94 14.32 7.01
C ARG I 189 44.50 15.42 6.10
N PHE I 190 44.06 16.66 6.27
CA PHE I 190 44.46 17.76 5.39
C PHE I 190 45.35 18.74 6.14
N ARG I 191 46.58 18.91 5.66
CA ARG I 191 47.52 19.82 6.32
C ARG I 191 48.45 20.51 5.33
N ALA I 192 48.56 19.97 4.12
CA ALA I 192 49.35 20.59 3.07
C ALA I 192 48.47 21.53 2.26
N HIS I 193 49.00 22.73 1.96
CA HIS I 193 48.16 23.72 1.30
C HIS I 193 49.01 24.74 0.57
N LEU I 194 48.32 25.59 -0.19
CA LEU I 194 48.91 26.71 -0.91
C LEU I 194 48.14 27.97 -0.55
N ARG I 195 48.74 29.13 -0.84
CA ARG I 195 48.15 30.41 -0.50
C ARG I 195 47.98 31.25 -1.76
N PHE I 196 46.76 31.75 -1.96
CA PHE I 196 46.43 32.66 -3.04
C PHE I 196 46.26 34.06 -2.47
N GLY I 197 47.01 35.02 -3.01
CA GLY I 197 47.00 36.37 -2.48
C GLY I 197 46.81 37.40 -3.58
N LYS I 198 46.36 38.58 -3.17
CA LYS I 198 46.17 39.69 -4.09
C LYS I 198 47.51 40.14 -4.66
N LEU I 199 47.49 40.56 -5.93
CA LEU I 199 48.71 40.96 -6.61
C LEU I 199 49.19 42.32 -6.11
N SER I 200 50.45 42.64 -6.40
CA SER I 200 51.05 43.88 -5.94
C SER I 200 52.33 44.16 -6.72
N GLY I 201 52.72 45.43 -6.74
CA GLY I 201 54.03 45.83 -7.25
C GLY I 201 54.25 45.49 -8.70
N GLU I 202 55.47 45.01 -8.99
CA GLU I 202 55.83 44.66 -10.36
C GLU I 202 54.96 43.53 -10.90
N ASP I 203 54.57 42.58 -10.05
CA ASP I 203 53.70 41.50 -10.49
C ASP I 203 52.35 42.05 -10.94
N PHE I 204 51.78 43.00 -10.18
CA PHE I 204 50.54 43.64 -10.59
C PHE I 204 50.71 44.40 -11.89
N LYS I 205 51.81 45.17 -12.01
CA LYS I 205 52.06 45.93 -13.22
C LYS I 205 52.19 45.02 -14.43
N ASN I 206 52.90 43.91 -14.30
CA ASN I 206 53.08 42.98 -15.41
C ASN I 206 51.77 42.28 -15.74
N THR I 207 51.00 41.90 -14.72
CA THR I 207 49.67 41.36 -14.97
C THR I 207 48.84 42.31 -15.80
N VAL I 208 48.82 43.60 -15.41
CA VAL I 208 48.01 44.59 -16.12
C VAL I 208 48.55 44.82 -17.53
N GLU I 209 49.88 44.94 -17.66
CA GLU I 209 50.49 45.21 -18.95
C GLU I 209 50.23 44.07 -19.93
N MET I 210 50.45 42.83 -19.48
CA MET I 210 50.14 41.67 -20.31
C MET I 210 48.65 41.55 -20.56
N TRP I 211 47.82 41.95 -19.60
CA TRP I 211 46.37 41.85 -19.74
C TRP I 211 45.86 42.78 -20.83
N GLU I 212 46.45 43.98 -20.93
CA GLU I 212 46.01 44.93 -21.95
C GLU I 212 46.19 44.36 -23.35
N GLN I 213 47.26 43.60 -23.58
CA GLN I 213 47.54 43.08 -24.91
C GLN I 213 47.03 41.65 -25.10
N MET I 214 46.70 40.94 -24.02
CA MET I 214 46.30 39.55 -24.13
C MET I 214 44.81 39.41 -24.44
N VAL I 215 43.97 40.22 -23.79
CA VAL I 215 42.53 40.17 -23.99
C VAL I 215 42.12 41.31 -24.90
N LEU I 216 42.35 42.55 -24.45
CA LEU I 216 41.98 43.71 -25.24
C LEU I 216 42.76 43.73 -26.55
N LYS I 217 42.06 43.98 -27.64
CA LYS I 217 42.65 44.07 -28.97
C LYS I 217 42.34 45.41 -29.62
N LEU I 218 42.30 46.46 -28.81
CA LEU I 218 41.97 47.79 -29.31
C LEU I 218 43.03 48.26 -30.29
N PRO I 219 42.64 49.01 -31.32
CA PRO I 219 43.61 49.42 -32.35
C PRO I 219 44.80 50.21 -31.81
N VAL I 220 44.62 50.96 -30.73
CA VAL I 220 45.69 51.76 -30.14
C VAL I 220 45.91 51.30 -28.70
N SER I 221 47.18 51.16 -28.32
CA SER I 221 47.51 50.77 -26.95
C SER I 221 46.96 51.77 -25.95
N SER I 222 46.37 51.26 -24.88
CA SER I 222 45.85 52.12 -23.82
C SER I 222 46.94 52.55 -22.85
N ASN I 223 48.08 51.87 -22.85
CA ASN I 223 49.23 52.19 -21.99
C ASN I 223 48.81 52.26 -20.53
N LEU I 224 48.29 51.13 -20.04
CA LEU I 224 47.90 51.01 -18.64
C LEU I 224 49.10 51.02 -17.71
N LYS I 225 50.32 50.92 -18.24
CA LYS I 225 51.54 50.98 -17.43
C LYS I 225 52.00 52.43 -17.39
N SER I 226 51.73 53.10 -16.29
CA SER I 226 52.15 54.48 -16.05
C SER I 226 51.83 54.81 -14.61
N LYS I 227 52.51 55.83 -14.07
CA LYS I 227 52.21 56.28 -12.72
C LYS I 227 50.76 56.70 -12.60
N GLU I 228 50.30 57.54 -13.54
CA GLU I 228 48.92 58.04 -13.50
C GLU I 228 47.92 56.90 -13.68
N MET I 229 48.17 56.00 -14.63
CA MET I 229 47.23 54.91 -14.90
C MET I 229 47.14 53.96 -13.71
N LEU I 230 48.28 53.64 -13.11
CA LEU I 230 48.28 52.74 -11.95
C LEU I 230 47.56 53.37 -10.77
N ARG I 231 47.75 54.68 -10.56
CA ARG I 231 47.08 55.35 -9.46
C ARG I 231 45.58 55.13 -9.49
N ILE I 232 45.01 54.97 -10.69
CA ILE I 232 43.58 54.70 -10.83
C ILE I 232 43.27 53.21 -10.79
N LEU I 233 44.10 52.40 -11.44
CA LEU I 233 43.80 50.97 -11.56
C LEU I 233 43.97 50.25 -10.22
N THR I 234 45.09 50.52 -9.52
CA THR I 234 45.40 49.89 -8.25
C THR I 234 44.46 50.33 -7.13
N SER I 235 43.68 51.40 -7.33
CA SER I 235 42.76 51.83 -6.29
C SER I 235 41.46 51.04 -6.33
N ALA I 236 40.88 50.88 -7.52
CA ALA I 236 39.66 50.12 -7.66
C ALA I 236 39.91 48.61 -7.63
N THR I 237 41.05 48.17 -8.15
CA THR I 237 41.32 46.73 -8.24
C THR I 237 41.68 46.16 -6.87
N GLU I 238 42.56 46.84 -6.13
CA GLU I 238 43.04 46.39 -4.83
C GLU I 238 43.68 45.01 -4.91
N GLY I 239 44.26 44.67 -6.05
CA GLY I 239 44.97 43.42 -6.22
C GLY I 239 44.11 42.22 -6.58
N TYR I 240 42.79 42.39 -6.68
CA TYR I 240 41.91 41.30 -7.06
C TYR I 240 41.92 41.11 -8.58
N ILE I 241 42.18 39.88 -9.03
CA ILE I 241 42.15 39.60 -10.46
C ILE I 241 40.75 39.80 -11.02
N GLY I 242 39.73 39.38 -10.27
CA GLY I 242 38.36 39.47 -10.76
C GLY I 242 37.91 40.90 -10.97
N ARG I 243 38.26 41.80 -10.06
CA ARG I 243 37.93 43.21 -10.24
C ARG I 243 38.59 43.77 -11.50
N LEU I 244 39.88 43.45 -11.69
CA LEU I 244 40.64 44.01 -12.80
C LEU I 244 40.08 43.57 -14.14
N ASP I 245 39.75 42.29 -14.27
CA ASP I 245 39.19 41.79 -15.53
C ASP I 245 37.94 42.57 -15.94
N GLU I 246 36.98 42.66 -15.02
CA GLU I 246 35.72 43.33 -15.32
C GLU I 246 35.94 44.80 -15.63
N ILE I 247 36.80 45.48 -14.86
CA ILE I 247 37.03 46.90 -15.08
C ILE I 247 37.60 47.14 -16.47
N LEU I 248 38.62 46.35 -16.85
CA LEU I 248 39.25 46.56 -18.15
C LEU I 248 38.28 46.29 -19.28
N ARG I 249 37.52 45.18 -19.19
CA ARG I 249 36.56 44.85 -20.25
C ARG I 249 35.53 45.95 -20.40
N GLU I 250 34.95 46.41 -19.29
CA GLU I 250 33.88 47.41 -19.35
C GLU I 250 34.41 48.75 -19.87
N ALA I 251 35.59 49.16 -19.40
CA ALA I 251 36.16 50.43 -19.87
C ALA I 251 36.41 50.37 -21.38
N ALA I 252 36.93 49.24 -21.87
CA ALA I 252 37.17 49.11 -23.30
C ALA I 252 35.87 49.16 -24.09
N ILE I 253 34.83 48.48 -23.60
CA ILE I 253 33.56 48.46 -24.31
C ILE I 253 32.96 49.85 -24.38
N ARG I 254 33.00 50.60 -23.26
CA ARG I 254 32.45 51.94 -23.26
C ARG I 254 33.23 52.86 -24.20
N SER I 255 34.57 52.80 -24.14
CA SER I 255 35.38 53.60 -25.04
C SER I 255 35.07 53.30 -26.49
N LEU I 256 34.86 52.02 -26.82
CA LEU I 256 34.47 51.67 -28.18
C LEU I 256 33.13 52.29 -28.55
N SER I 257 32.14 52.15 -27.65
CA SER I 257 30.82 52.72 -27.90
C SER I 257 30.86 54.22 -28.11
N ARG I 258 31.91 54.89 -27.64
CA ARG I 258 32.08 56.31 -27.95
C ARG I 258 32.98 56.56 -29.17
N GLY I 259 33.42 55.51 -29.85
CA GLY I 259 34.21 55.66 -31.06
C GLY I 259 35.70 55.78 -30.85
N LEU I 260 36.24 55.33 -29.73
CA LEU I 260 37.65 55.48 -29.41
C LEU I 260 38.43 54.23 -29.80
N LYS I 261 39.73 54.44 -30.04
CA LYS I 261 40.68 53.35 -30.25
C LYS I 261 41.54 53.08 -29.01
N LYS I 262 41.30 53.82 -27.94
CA LYS I 262 41.99 53.66 -26.67
C LYS I 262 41.05 54.11 -25.57
N ILE I 263 41.41 53.80 -24.32
CA ILE I 263 40.61 54.17 -23.16
C ILE I 263 41.16 55.45 -22.56
N ASP I 264 40.30 56.46 -22.42
CA ASP I 264 40.70 57.72 -21.81
C ASP I 264 40.71 57.61 -20.30
N LYS I 265 41.49 58.50 -19.67
CA LYS I 265 41.58 58.51 -18.21
C LYS I 265 40.25 58.87 -17.58
N ALA I 266 39.52 59.81 -18.19
CA ALA I 266 38.22 60.20 -17.65
C ALA I 266 37.23 59.05 -17.71
N VAL I 267 37.26 58.26 -18.79
CA VAL I 267 36.38 57.09 -18.90
C VAL I 267 36.69 56.10 -17.79
N LEU I 268 37.98 55.84 -17.56
CA LEU I 268 38.38 54.90 -16.52
C LEU I 268 37.94 55.38 -15.14
N GLN I 269 38.12 56.67 -14.86
CA GLN I 269 37.70 57.21 -13.57
C GLN I 269 36.20 57.13 -13.40
N GLU I 270 35.44 57.37 -14.47
CA GLU I 270 33.99 57.23 -14.40
C GLU I 270 33.59 55.80 -14.04
N VAL I 271 34.21 54.83 -14.71
CA VAL I 271 33.94 53.42 -14.39
C VAL I 271 34.26 53.13 -12.94
N ALA I 272 35.39 53.66 -12.45
CA ALA I 272 35.78 53.42 -11.06
C ALA I 272 34.75 53.99 -10.09
N LYS I 273 34.27 55.21 -10.34
CA LYS I 273 33.24 55.79 -9.48
C LYS I 273 31.95 54.98 -9.53
N GLU I 274 31.69 54.30 -10.65
CA GLU I 274 30.48 53.50 -10.75
C GLU I 274 30.54 52.26 -9.85
N TYR I 275 31.69 51.61 -9.77
CA TYR I 275 31.82 50.40 -8.95
C TYR I 275 32.44 50.69 -7.60
N GLU J 19 64.91 0.91 -14.78
CA GLU J 19 65.46 1.77 -13.74
C GLU J 19 65.31 1.14 -12.36
N TRP J 20 66.44 0.88 -11.72
CA TRP J 20 66.43 0.32 -10.36
C TRP J 20 65.74 1.28 -9.38
N LEU J 21 65.92 2.58 -9.59
CA LEU J 21 65.28 3.57 -8.74
C LEU J 21 63.76 3.46 -8.79
N GLN J 22 63.20 3.12 -9.95
CA GLN J 22 61.76 2.99 -10.07
C GLN J 22 61.23 1.84 -9.21
N ALA J 23 61.93 0.71 -9.22
CA ALA J 23 61.55 -0.41 -8.35
C ALA J 23 61.64 -0.03 -6.89
N GLU J 24 62.71 0.68 -6.51
CA GLU J 24 62.82 1.13 -5.11
C GLU J 24 61.66 2.05 -4.74
N ILE J 25 61.27 2.93 -5.66
CA ILE J 25 60.15 3.84 -5.41
C ILE J 25 58.87 3.06 -5.16
N ALA J 26 58.60 2.06 -6.02
CA ALA J 26 57.42 1.23 -5.84
C ALA J 26 57.43 0.55 -4.47
N ARG J 27 58.60 0.07 -4.05
CA ARG J 27 58.70 -0.54 -2.72
C ARG J 27 58.35 0.46 -1.62
N LEU J 28 58.89 1.67 -1.72
CA LEU J 28 58.66 2.66 -0.67
C LEU J 28 57.19 3.07 -0.60
N LYS J 29 56.51 3.15 -1.75
CA LYS J 29 55.12 3.61 -1.74
C LYS J 29 54.18 2.57 -1.13
N GLY J 30 54.46 1.29 -1.32
CA GLY J 30 53.58 0.26 -0.80
C GLY J 30 53.67 0.13 0.71
N LYS J 31 52.53 -0.19 1.33
CA LYS J 31 52.44 -0.32 2.77
C LYS J 31 53.00 -1.65 3.24
N SER J 32 53.54 -1.65 4.46
CA SER J 32 54.13 -2.84 5.06
C SER J 32 53.77 -2.87 6.55
N ILE J 33 53.91 -4.05 7.15
CA ILE J 33 53.56 -4.27 8.55
C ILE J 33 54.78 -4.78 9.30
N VAL J 34 55.10 -4.13 10.43
CA VAL J 34 56.24 -4.50 11.26
C VAL J 34 55.74 -4.73 12.68
N PRO J 35 56.51 -5.43 13.50
CA PRO J 35 56.11 -5.67 14.89
C PRO J 35 56.58 -4.59 15.86
N LEU J 36 55.74 -4.34 16.86
CA LEU J 36 56.02 -3.35 17.89
C LEU J 36 55.53 -3.85 19.24
N GLN J 37 56.05 -3.25 20.31
CA GLN J 37 55.67 -3.64 21.66
C GLN J 37 54.17 -3.47 21.90
N GLN J 38 53.62 -2.34 21.44
CA GLN J 38 52.19 -2.12 21.59
C GLN J 38 51.38 -3.19 20.86
N VAL J 39 51.84 -3.58 19.67
CA VAL J 39 51.12 -4.59 18.88
C VAL J 39 51.11 -5.92 19.60
N LYS J 40 52.27 -6.37 20.07
CA LYS J 40 52.36 -7.65 20.77
C LYS J 40 51.54 -7.64 22.06
N THR J 41 51.61 -6.53 22.80
CA THR J 41 50.80 -6.39 24.01
C THR J 41 49.32 -6.54 23.70
N LEU J 42 48.85 -5.83 22.67
CA LEU J 42 47.44 -5.92 22.30
C LEU J 42 47.07 -7.33 21.87
N HIS J 43 47.95 -8.00 21.12
CA HIS J 43 47.64 -9.33 20.63
C HIS J 43 47.49 -10.31 21.78
N ASP J 44 48.42 -10.28 22.75
CA ASP J 44 48.30 -11.16 23.91
C ASP J 44 47.05 -10.85 24.73
N TRP J 45 46.78 -9.56 24.96
CA TRP J 45 45.60 -9.15 25.72
C TRP J 45 44.32 -9.65 25.06
N LEU J 46 44.21 -9.44 23.74
CA LEU J 46 43.01 -9.86 23.02
C LEU J 46 42.87 -11.37 22.96
N ASP J 47 43.99 -12.10 22.88
CA ASP J 47 43.91 -13.56 22.93
C ASP J 47 43.33 -14.02 24.27
N GLY J 48 43.78 -13.40 25.37
CA GLY J 48 43.18 -13.70 26.66
C GLY J 48 41.67 -13.43 26.67
N LYS J 49 41.27 -12.25 26.20
CA LYS J 49 39.85 -11.90 26.20
C LYS J 49 39.04 -12.85 25.33
N ARG J 50 39.61 -13.28 24.20
CA ARG J 50 38.91 -14.20 23.31
C ARG J 50 38.72 -15.56 23.95
N LYS J 51 39.75 -16.05 24.67
CA LYS J 51 39.62 -17.35 25.32
C LYS J 51 38.61 -17.30 26.46
N ALA J 52 38.57 -16.20 27.20
CA ALA J 52 37.63 -16.10 28.33
C ALA J 52 36.24 -15.62 27.92
N ARG J 53 36.04 -15.28 26.66
CA ARG J 53 34.74 -14.80 26.15
C ARG J 53 34.24 -13.61 26.97
N LYS J 54 35.06 -12.57 27.03
CA LYS J 54 34.76 -11.36 27.80
C LYS J 54 34.83 -10.15 26.88
N SER J 55 33.84 -9.28 26.99
CA SER J 55 33.83 -8.05 26.19
C SER J 55 34.86 -7.06 26.72
N CYS J 56 35.48 -6.31 25.80
CA CYS J 56 36.50 -5.34 26.17
C CYS J 56 36.59 -4.28 25.08
N ARG J 57 37.34 -3.22 25.36
CA ARG J 57 37.46 -2.10 24.44
C ARG J 57 38.91 -1.64 24.36
N VAL J 58 39.26 -1.02 23.23
CA VAL J 58 40.59 -0.46 23.00
C VAL J 58 40.43 1.02 22.70
N VAL J 59 41.13 1.86 23.46
CA VAL J 59 41.03 3.30 23.32
C VAL J 59 42.43 3.88 23.18
N GLY J 60 42.58 4.85 22.27
CA GLY J 60 43.84 5.52 22.07
C GLY J 60 43.66 6.67 21.08
N GLU J 61 44.74 7.41 20.89
CA GLU J 61 44.71 8.55 19.96
C GLU J 61 44.79 8.06 18.53
N SER J 62 44.38 8.94 17.61
CA SER J 62 44.51 8.64 16.19
C SER J 62 45.97 8.66 15.76
N ARG J 63 46.24 8.02 14.62
CA ARG J 63 47.58 7.90 14.05
C ARG J 63 48.54 7.15 14.98
N THR J 64 48.01 6.31 15.87
CA THR J 64 48.83 5.46 16.73
C THR J 64 48.91 4.03 16.21
N GLY J 65 48.18 3.71 15.16
CA GLY J 65 48.33 2.42 14.49
C GLY J 65 47.59 1.26 15.11
N LYS J 66 46.64 1.50 16.01
CA LYS J 66 45.91 0.39 16.63
C LYS J 66 45.11 -0.40 15.61
N THR J 67 44.63 0.28 14.56
CA THR J 67 43.85 -0.39 13.51
C THR J 67 44.67 -1.48 12.83
N VAL J 68 45.93 -1.18 12.49
CA VAL J 68 46.78 -2.18 11.86
C VAL J 68 47.03 -3.34 12.82
N ALA J 69 47.07 -3.07 14.13
CA ALA J 69 47.21 -4.15 15.10
C ALA J 69 46.02 -5.11 15.02
N CYS J 70 44.80 -4.56 14.96
CA CYS J 70 43.63 -5.42 14.79
C CYS J 70 43.70 -6.22 13.50
N ASP J 71 44.12 -5.57 12.41
CA ASP J 71 44.24 -6.26 11.11
C ASP J 71 45.21 -7.43 11.19
N ALA J 72 46.38 -7.20 11.81
CA ALA J 72 47.37 -8.26 11.94
C ALA J 72 46.84 -9.41 12.79
N TYR J 73 46.18 -9.09 13.90
CA TYR J 73 45.60 -10.14 14.73
C TYR J 73 44.63 -11.00 13.93
N ARG J 74 43.80 -10.36 13.10
CA ARG J 74 42.87 -11.13 12.26
C ARG J 74 43.62 -12.04 11.30
N TYR J 75 44.67 -11.53 10.66
CA TYR J 75 45.40 -12.36 9.71
C TYR J 75 46.06 -13.55 10.37
N ARG J 76 46.48 -13.42 11.63
CA ARG J 76 47.06 -14.57 12.33
C ARG J 76 46.03 -15.68 12.49
N HIS J 77 44.79 -15.33 12.82
CA HIS J 77 43.72 -16.32 13.03
C HIS J 77 42.93 -16.47 11.73
N LYS J 78 43.49 -17.21 10.79
CA LYS J 78 42.83 -17.41 9.51
C LYS J 78 41.74 -18.47 9.63
N PRO J 79 40.59 -18.28 8.98
CA PRO J 79 39.55 -19.31 8.99
C PRO J 79 40.04 -20.61 8.39
N GLN J 80 39.64 -21.73 9.00
CA GLN J 80 40.04 -23.06 8.57
C GLN J 80 38.81 -23.87 8.21
N GLN J 81 38.84 -24.51 7.02
CA GLN J 81 37.72 -25.33 6.54
C GLN J 81 38.26 -26.64 5.96
N GLU J 82 38.76 -27.50 6.84
CA GLU J 82 39.21 -28.82 6.38
C GLU J 82 38.03 -29.66 5.92
N ALA J 83 36.90 -29.58 6.61
CA ALA J 83 35.73 -30.37 6.29
C ALA J 83 34.91 -29.70 5.19
N GLY J 84 33.95 -30.45 4.64
CA GLY J 84 33.06 -29.93 3.63
C GLY J 84 31.94 -29.04 4.15
N ARG J 85 31.86 -28.87 5.47
CA ARG J 85 30.82 -28.13 6.15
C ARG J 85 31.15 -26.63 6.19
N PRO J 86 30.32 -25.79 6.78
CA PRO J 86 30.64 -24.36 6.89
C PRO J 86 32.01 -24.14 7.50
N PRO J 87 32.88 -23.40 6.79
CA PRO J 87 34.21 -23.08 7.33
C PRO J 87 34.14 -22.41 8.69
N THR J 88 35.04 -22.82 9.58
CA THR J 88 35.17 -22.16 10.87
C THR J 88 35.69 -20.74 10.69
N VAL J 89 35.05 -19.78 11.35
CA VAL J 89 35.48 -18.40 11.31
C VAL J 89 35.70 -17.92 12.75
N PRO J 90 36.93 -17.99 13.26
CA PRO J 90 37.17 -17.64 14.67
C PRO J 90 36.97 -16.16 14.98
N VAL J 91 37.56 -15.27 14.20
CA VAL J 91 37.56 -13.84 14.49
C VAL J 91 36.89 -13.08 13.35
N VAL J 92 36.01 -12.15 13.71
CA VAL J 92 35.29 -11.31 12.75
C VAL J 92 35.68 -9.86 13.01
N TYR J 93 35.89 -9.10 11.93
CA TYR J 93 36.32 -7.71 12.00
C TYR J 93 35.46 -6.89 11.07
N ILE J 94 34.79 -5.87 11.60
CA ILE J 94 33.88 -5.04 10.84
C ILE J 94 34.26 -3.58 11.01
N ARG J 95 34.09 -2.81 9.93
CA ARG J 95 34.42 -1.39 9.90
C ARG J 95 33.18 -0.61 9.51
N PRO J 96 32.40 -0.15 10.49
CA PRO J 96 31.18 0.60 10.17
C PRO J 96 31.51 1.97 9.59
N HIS J 97 30.62 2.45 8.72
CA HIS J 97 30.75 3.76 8.12
C HIS J 97 30.10 4.82 9.02
N GLN J 98 30.14 6.07 8.58
CA GLN J 98 29.64 7.17 9.39
C GLN J 98 28.14 7.05 9.64
N LYS J 99 27.72 7.36 10.86
CA LYS J 99 26.31 7.33 11.26
C LYS J 99 25.69 5.96 10.98
N CYS J 100 26.40 4.92 11.42
CA CYS J 100 25.99 3.55 11.15
C CYS J 100 24.81 3.14 12.03
N GLY J 101 23.89 2.38 11.45
CA GLY J 101 22.73 1.88 12.17
C GLY J 101 22.80 0.40 12.44
N PRO J 102 21.77 -0.15 13.07
CA PRO J 102 21.76 -1.60 13.33
C PRO J 102 21.66 -2.44 12.07
N LYS J 103 20.81 -2.04 11.12
CA LYS J 103 20.60 -2.82 9.91
C LYS J 103 21.90 -2.97 9.11
N ASP J 104 22.62 -1.86 8.92
CA ASP J 104 23.87 -1.91 8.17
C ASP J 104 24.93 -2.73 8.89
N LEU J 105 24.97 -2.65 10.23
CA LEU J 105 25.90 -3.47 11.00
C LEU J 105 25.63 -4.95 10.77
N PHE J 106 24.36 -5.35 10.86
CA PHE J 106 23.99 -6.73 10.58
C PHE J 106 24.40 -7.14 9.16
N LYS J 107 24.18 -6.25 8.19
CA LYS J 107 24.55 -6.56 6.81
C LYS J 107 26.05 -6.78 6.67
N LYS J 108 26.87 -5.95 7.31
CA LYS J 108 28.32 -6.10 7.22
C LYS J 108 28.76 -7.43 7.84
N ILE J 109 28.20 -7.77 9.00
CA ILE J 109 28.53 -9.07 9.61
C ILE J 109 28.16 -10.21 8.67
N THR J 110 26.98 -10.13 8.05
CA THR J 110 26.53 -11.20 7.17
C THR J 110 27.42 -11.34 5.94
N GLU J 111 27.74 -10.20 5.30
CA GLU J 111 28.55 -10.25 4.09
C GLU J 111 29.98 -10.69 4.37
N TYR J 112 30.53 -10.35 5.54
CA TYR J 112 31.87 -10.78 5.87
C TYR J 112 31.99 -12.30 5.91
N LEU J 113 30.89 -13.00 6.20
CA LEU J 113 30.89 -14.46 6.28
C LEU J 113 30.46 -15.12 4.98
N LYS J 114 30.39 -14.37 3.88
CA LYS J 114 30.06 -14.89 2.56
C LYS J 114 28.68 -15.56 2.56
N TYR J 115 27.72 -14.94 3.22
CA TYR J 115 26.35 -15.41 3.26
C TYR J 115 25.43 -14.37 2.62
N ARG J 116 24.47 -14.84 1.83
CA ARG J 116 23.56 -13.94 1.12
C ARG J 116 22.70 -13.16 2.12
N VAL J 117 22.36 -11.94 1.73
CA VAL J 117 21.58 -11.03 2.57
C VAL J 117 20.13 -11.10 2.12
N THR J 118 19.28 -11.75 2.91
CA THR J 118 17.86 -11.82 2.60
C THR J 118 17.18 -10.49 2.90
N LYS J 119 16.14 -10.19 2.11
CA LYS J 119 15.41 -8.94 2.26
C LYS J 119 14.30 -9.08 3.31
N GLY J 120 13.82 -7.94 3.79
CA GLY J 120 12.74 -7.90 4.74
C GLY J 120 12.97 -6.81 5.78
N THR J 121 12.28 -6.94 6.90
CA THR J 121 12.36 -5.98 7.99
C THR J 121 13.58 -6.28 8.86
N VAL J 122 13.79 -5.43 9.87
CA VAL J 122 15.00 -5.54 10.71
C VAL J 122 14.98 -6.83 11.53
N SER J 123 13.80 -7.27 11.97
CA SER J 123 13.71 -8.51 12.74
C SER J 123 14.35 -9.68 11.99
N ASP J 124 14.10 -9.77 10.69
CA ASP J 124 14.72 -10.82 9.89
C ASP J 124 16.24 -10.69 9.87
N PHE J 125 16.74 -9.44 9.81
CA PHE J 125 18.18 -9.24 9.81
C PHE J 125 18.81 -9.71 11.12
N ARG J 126 18.16 -9.39 12.24
CA ARG J 126 18.65 -9.86 13.54
C ARG J 126 18.66 -11.38 13.60
N ASP J 127 17.56 -12.01 13.14
CA ASP J 127 17.48 -13.47 13.16
C ASP J 127 18.56 -14.10 12.28
N ARG J 128 18.76 -13.55 11.08
CA ARG J 128 19.75 -14.10 10.16
C ARG J 128 21.17 -13.92 10.70
N THR J 129 21.44 -12.77 11.32
CA THR J 129 22.77 -12.53 11.90
C THR J 129 23.06 -13.51 13.02
N ILE J 130 22.08 -13.72 13.92
CA ILE J 130 22.27 -14.69 14.99
C ILE J 130 22.51 -16.07 14.42
N GLU J 131 21.77 -16.43 13.37
CA GLU J 131 21.93 -17.75 12.75
C GLU J 131 23.35 -17.94 12.24
N VAL J 132 23.84 -16.99 11.43
CA VAL J 132 25.16 -17.17 10.82
C VAL J 132 26.27 -17.08 11.86
N LEU J 133 26.04 -16.35 12.97
CA LEU J 133 27.05 -16.30 14.02
C LEU J 133 27.07 -17.59 14.83
N LYS J 134 25.92 -18.26 14.97
CA LYS J 134 25.89 -19.54 15.66
C LYS J 134 26.54 -20.63 14.83
N GLY J 135 26.24 -20.67 13.53
CA GLY J 135 26.77 -21.73 12.68
C GLY J 135 28.29 -21.75 12.62
N CYS J 136 28.89 -20.59 12.47
CA CYS J 136 30.34 -20.48 12.44
C CYS J 136 30.89 -20.35 13.87
N GLY J 137 32.21 -20.44 13.98
CA GLY J 137 32.86 -20.30 15.27
C GLY J 137 32.54 -18.97 15.92
N VAL J 138 32.92 -17.87 15.25
CA VAL J 138 32.67 -16.51 15.70
C VAL J 138 33.04 -16.36 17.16
N GLU J 139 34.30 -16.63 17.50
CA GLU J 139 34.75 -16.49 18.88
C GLU J 139 34.64 -15.05 19.35
N MET J 140 35.28 -14.14 18.62
CA MET J 140 35.38 -12.74 19.03
C MET J 140 35.05 -11.84 17.84
N LEU J 141 34.28 -10.79 18.10
CA LEU J 141 33.87 -9.82 17.09
C LEU J 141 34.53 -8.49 17.41
N ILE J 142 35.29 -7.95 16.45
CA ILE J 142 36.03 -6.70 16.63
C ILE J 142 35.38 -5.63 15.76
N ILE J 143 35.14 -4.47 16.36
CA ILE J 143 34.50 -3.34 15.68
C ILE J 143 35.50 -2.19 15.60
N ASP J 144 35.94 -1.88 14.40
CA ASP J 144 36.87 -0.77 14.17
C ASP J 144 36.11 0.55 14.08
N GLU J 145 36.77 1.61 14.56
CA GLU J 145 36.21 2.96 14.54
C GLU J 145 34.78 2.96 15.10
N ALA J 146 34.68 2.50 16.35
CA ALA J 146 33.37 2.31 16.98
C ALA J 146 32.65 3.63 17.24
N ASP J 147 33.36 4.76 17.19
CA ASP J 147 32.72 6.05 17.42
C ASP J 147 31.66 6.36 16.38
N ARG J 148 31.84 5.85 15.15
CA ARG J 148 30.90 6.13 14.07
C ARG J 148 29.53 5.53 14.32
N LEU J 149 29.41 4.52 15.17
CA LEU J 149 28.13 3.90 15.44
C LEU J 149 27.21 4.86 16.19
N LYS J 150 25.91 4.68 15.97
CA LYS J 150 24.89 5.46 16.65
C LYS J 150 24.69 4.94 18.07
N PRO J 151 24.04 5.74 18.94
CA PRO J 151 23.72 5.23 20.28
C PRO J 151 22.81 4.01 20.26
N GLU J 152 21.93 3.91 19.28
CA GLU J 152 20.98 2.79 19.23
C GLU J 152 21.66 1.48 18.85
N THR J 153 22.79 1.55 18.15
CA THR J 153 23.46 0.32 17.71
C THR J 153 24.12 -0.42 18.87
N PHE J 154 24.55 0.31 19.89
CA PHE J 154 25.13 -0.34 21.07
C PHE J 154 24.09 -1.21 21.78
N ALA J 155 22.83 -0.78 21.77
CA ALA J 155 21.77 -1.56 22.40
C ALA J 155 21.61 -2.94 21.76
N ASP J 156 22.10 -3.12 20.54
CA ASP J 156 22.09 -4.42 19.88
C ASP J 156 23.42 -5.14 19.97
N VAL J 157 24.54 -4.40 19.95
CA VAL J 157 25.85 -5.00 20.18
C VAL J 157 25.89 -5.68 21.54
N ARG J 158 25.45 -4.96 22.58
CA ARG J 158 25.41 -5.54 23.92
C ARG J 158 24.44 -6.71 23.99
N ASP J 159 23.31 -6.61 23.27
CA ASP J 159 22.37 -7.71 23.22
C ASP J 159 23.02 -8.98 22.71
N ILE J 160 23.81 -8.86 21.64
CA ILE J 160 24.54 -10.02 21.13
C ILE J 160 25.50 -10.55 22.18
N ALA J 161 26.24 -9.65 22.84
CA ALA J 161 27.21 -10.08 23.84
C ALA J 161 26.54 -10.89 24.95
N GLU J 162 25.39 -10.44 25.44
CA GLU J 162 24.67 -11.20 26.47
C GLU J 162 24.11 -12.51 25.90
N ASP J 163 23.69 -12.49 24.64
CA ASP J 163 22.98 -13.64 24.08
C ASP J 163 23.93 -14.81 23.80
N LEU J 164 25.09 -14.54 23.22
CA LEU J 164 26.00 -15.59 22.80
C LEU J 164 27.40 -15.33 23.37
N GLY J 165 28.20 -16.38 23.38
CA GLY J 165 29.57 -16.29 23.86
C GLY J 165 30.52 -15.71 22.83
N ILE J 166 30.41 -14.40 22.59
CA ILE J 166 31.29 -13.69 21.68
C ILE J 166 31.94 -12.54 22.45
N ALA J 167 33.26 -12.40 22.33
CA ALA J 167 33.98 -11.33 23.02
C ALA J 167 34.00 -10.10 22.12
N VAL J 168 32.91 -9.33 22.17
CA VAL J 168 32.83 -8.12 21.37
C VAL J 168 33.91 -7.14 21.79
N VAL J 169 34.56 -6.53 20.82
CA VAL J 169 35.67 -5.61 21.07
C VAL J 169 35.39 -4.29 20.35
N LEU J 170 35.33 -3.20 21.10
CA LEU J 170 35.13 -1.87 20.54
C LEU J 170 36.47 -1.14 20.48
N VAL J 171 36.77 -0.54 19.33
CA VAL J 171 38.01 0.19 19.10
C VAL J 171 37.67 1.62 18.70
N GLY J 172 38.28 2.58 19.38
CA GLY J 172 38.02 3.98 19.07
C GLY J 172 38.90 4.91 19.86
N THR J 173 38.50 6.18 19.90
CA THR J 173 39.23 7.24 20.59
C THR J 173 38.57 7.56 21.94
N ASP J 174 39.03 8.64 22.58
CA ASP J 174 38.46 9.07 23.85
C ASP J 174 36.98 9.39 23.73
N ARG J 175 36.53 9.78 22.53
CA ARG J 175 35.11 10.03 22.30
C ARG J 175 34.27 8.80 22.61
N LEU J 176 34.84 7.60 22.43
CA LEU J 176 34.11 6.36 22.66
C LEU J 176 33.60 6.26 24.09
N ASP J 177 34.47 6.55 25.06
CA ASP J 177 34.05 6.51 26.46
C ASP J 177 32.97 7.54 26.74
N ALA J 178 33.10 8.73 26.13
CA ALA J 178 32.10 9.78 26.31
C ALA J 178 30.73 9.33 25.80
N VAL J 179 30.69 8.51 24.76
CA VAL J 179 29.40 8.00 24.29
C VAL J 179 28.93 6.83 25.16
N ILE J 180 29.84 5.93 25.54
CA ILE J 180 29.47 4.74 26.29
C ILE J 180 28.87 5.13 27.64
N LYS J 181 29.42 6.16 28.28
CA LYS J 181 28.93 6.57 29.59
C LYS J 181 27.46 7.02 29.57
N ARG J 182 26.88 7.23 28.39
CA ARG J 182 25.49 7.68 28.31
C ARG J 182 24.52 6.62 28.80
N ASP J 183 24.86 5.34 28.65
CA ASP J 183 24.02 4.24 29.09
C ASP J 183 24.71 3.49 30.21
N GLU J 184 23.98 3.23 31.30
CA GLU J 184 24.56 2.52 32.43
C GLU J 184 24.84 1.07 32.10
N GLN J 185 23.95 0.43 31.33
CA GLN J 185 24.12 -0.99 31.03
C GLN J 185 25.30 -1.22 30.09
N VAL J 186 25.46 -0.38 29.07
CA VAL J 186 26.57 -0.52 28.15
C VAL J 186 27.90 -0.36 28.87
N LEU J 187 27.99 0.61 29.78
CA LEU J 187 29.21 0.79 30.56
C LEU J 187 29.41 -0.37 31.52
N GLU J 188 28.33 -0.91 32.07
CA GLU J 188 28.45 -2.06 32.96
C GLU J 188 29.03 -3.26 32.22
N ARG J 189 28.64 -3.45 30.97
CA ARG J 189 29.15 -4.59 30.20
C ARG J 189 30.64 -4.47 29.94
N PHE J 190 31.11 -3.30 29.54
CA PHE J 190 32.51 -3.07 29.19
C PHE J 190 33.20 -2.35 30.34
N ARG J 191 33.95 -3.10 31.16
CA ARG J 191 34.72 -2.49 32.24
C ARG J 191 36.23 -2.64 32.08
N ALA J 192 36.69 -3.43 31.11
CA ALA J 192 38.12 -3.63 30.86
C ALA J 192 38.53 -2.92 29.57
N HIS J 193 39.78 -2.44 29.55
CA HIS J 193 40.26 -1.68 28.40
C HIS J 193 41.78 -1.67 28.36
N LEU J 194 42.30 -1.34 27.17
CA LEU J 194 43.74 -1.17 26.93
C LEU J 194 43.96 0.17 26.25
N ARG J 195 45.05 0.85 26.61
CA ARG J 195 45.36 2.17 26.09
C ARG J 195 46.48 2.10 25.05
N PHE J 196 46.32 2.86 23.97
CA PHE J 196 47.37 3.14 23.01
C PHE J 196 47.80 4.60 23.16
N GLY J 197 49.07 4.89 22.86
CA GLY J 197 49.56 6.22 23.09
C GLY J 197 50.81 6.55 22.29
N LYS J 198 51.40 7.71 22.62
CA LYS J 198 52.51 8.29 21.89
C LYS J 198 53.83 7.56 22.15
N LEU J 199 54.74 7.67 21.19
CA LEU J 199 56.12 7.21 21.35
C LEU J 199 56.97 8.35 21.90
N SER J 200 58.02 7.98 22.64
CA SER J 200 58.87 8.98 23.27
C SER J 200 60.19 8.36 23.68
N GLY J 201 61.21 9.22 23.78
CA GLY J 201 62.47 8.84 24.41
C GLY J 201 63.17 7.69 23.71
N GLU J 202 63.65 6.75 24.52
CA GLU J 202 64.38 5.60 24.00
C GLU J 202 63.50 4.73 23.11
N ASP J 203 62.22 4.59 23.47
CA ASP J 203 61.31 3.83 22.65
C ASP J 203 61.17 4.45 21.26
N PHE J 204 61.03 5.77 21.19
CA PHE J 204 60.94 6.45 19.91
C PHE J 204 62.23 6.27 19.11
N LYS J 205 63.39 6.47 19.75
CA LYS J 205 64.65 6.33 19.04
C LYS J 205 64.84 4.92 18.49
N ASN J 206 64.54 3.90 19.31
CA ASN J 206 64.65 2.52 18.87
C ASN J 206 63.69 2.24 17.72
N THR J 207 62.48 2.78 17.79
CA THR J 207 61.51 2.60 16.71
C THR J 207 62.04 3.20 15.41
N VAL J 208 62.62 4.40 15.49
CA VAL J 208 63.17 5.03 14.29
C VAL J 208 64.31 4.20 13.70
N GLU J 209 65.19 3.71 14.57
CA GLU J 209 66.33 2.90 14.11
C GLU J 209 65.85 1.61 13.46
N MET J 210 64.84 0.96 14.04
CA MET J 210 64.28 -0.25 13.45
C MET J 210 63.59 0.04 12.13
N TRP J 211 62.87 1.16 12.07
CA TRP J 211 62.14 1.55 10.86
C TRP J 211 63.08 1.77 9.69
N GLU J 212 64.21 2.43 9.93
CA GLU J 212 65.16 2.67 8.86
C GLU J 212 65.64 1.36 8.24
N GLN J 213 65.84 0.34 9.08
CA GLN J 213 66.37 -0.93 8.58
C GLN J 213 65.33 -1.75 7.84
N MET J 214 64.08 -1.76 8.31
CA MET J 214 63.09 -2.63 7.68
C MET J 214 62.28 -1.93 6.59
N VAL J 215 61.62 -0.82 6.94
CA VAL J 215 60.68 -0.20 6.01
C VAL J 215 61.43 0.49 4.87
N LEU J 216 62.50 1.22 5.18
CA LEU J 216 63.25 1.94 4.17
C LEU J 216 64.20 0.98 3.44
N LYS J 217 64.45 1.29 2.17
CA LYS J 217 65.29 0.46 1.32
C LYS J 217 66.56 1.18 0.89
N LEU J 218 67.00 2.16 1.67
CA LEU J 218 68.19 2.91 1.29
C LEU J 218 69.44 2.06 1.42
N PRO J 219 70.41 2.20 0.51
CA PRO J 219 71.58 1.31 0.52
C PRO J 219 72.60 1.61 1.61
N VAL J 220 72.97 2.87 1.82
CA VAL J 220 74.06 3.20 2.73
C VAL J 220 73.62 4.23 3.76
N SER J 221 74.33 4.23 4.89
CA SER J 221 74.29 5.28 5.93
C SER J 221 72.86 5.43 6.44
N SER J 222 72.32 6.66 6.52
CA SER J 222 70.96 6.93 7.00
C SER J 222 70.79 6.52 8.46
N ASN J 223 71.78 6.82 9.28
CA ASN J 223 71.70 6.55 10.71
C ASN J 223 70.84 7.63 11.36
N LEU J 224 69.63 7.26 11.76
CA LEU J 224 68.72 8.18 12.41
C LEU J 224 68.87 8.20 13.93
N LYS J 225 69.83 7.43 14.46
CA LYS J 225 70.10 7.45 15.90
C LYS J 225 70.70 8.77 16.33
N SER J 226 71.41 9.45 15.43
CA SER J 226 72.13 10.67 15.78
C SER J 226 71.15 11.76 16.24
N LYS J 227 71.66 12.65 17.10
CA LYS J 227 70.80 13.63 17.76
C LYS J 227 70.28 14.68 16.79
N GLU J 228 71.10 15.07 15.80
CA GLU J 228 70.68 16.12 14.88
C GLU J 228 69.44 15.72 14.09
N MET J 229 69.44 14.52 13.52
CA MET J 229 68.28 14.04 12.78
C MET J 229 67.14 13.67 13.74
N LEU J 230 67.47 13.17 14.93
CA LEU J 230 66.45 12.81 15.90
C LEU J 230 65.65 14.03 16.33
N ARG J 231 66.31 15.19 16.46
CA ARG J 231 65.60 16.40 16.82
C ARG J 231 64.57 16.77 15.76
N ILE J 232 64.95 16.68 14.48
CA ILE J 232 64.03 16.98 13.40
C ILE J 232 62.82 16.05 13.45
N LEU J 233 63.08 14.73 13.45
CA LEU J 233 61.99 13.77 13.41
C LEU J 233 61.12 13.86 14.65
N THR J 234 61.73 14.15 15.81
CA THR J 234 60.98 14.28 17.05
C THR J 234 60.08 15.50 17.01
N SER J 235 60.61 16.64 16.57
CA SER J 235 59.83 17.87 16.52
C SER J 235 58.67 17.73 15.53
N ALA J 236 58.90 17.06 14.40
CA ALA J 236 57.86 16.96 13.39
C ALA J 236 56.84 15.86 13.71
N THR J 237 57.26 14.81 14.40
CA THR J 237 56.43 13.61 14.53
C THR J 237 55.46 13.71 15.71
N GLU J 238 55.92 14.24 16.85
CA GLU J 238 55.12 14.35 18.07
C GLU J 238 54.71 12.99 18.63
N GLY J 239 55.46 11.93 18.30
CA GLY J 239 55.21 10.62 18.87
C GLY J 239 54.18 9.78 18.14
N TYR J 240 53.58 10.29 17.07
CA TYR J 240 52.56 9.54 16.34
C TYR J 240 53.25 8.69 15.27
N ILE J 241 52.99 7.38 15.32
CA ILE J 241 53.71 6.43 14.48
C ILE J 241 53.35 6.62 13.01
N GLY J 242 52.07 6.88 12.71
CA GLY J 242 51.67 7.09 11.34
C GLY J 242 52.37 8.28 10.70
N ARG J 243 52.47 9.39 11.43
CA ARG J 243 53.19 10.55 10.93
C ARG J 243 54.64 10.22 10.63
N LEU J 244 55.28 9.44 11.50
CA LEU J 244 56.66 9.04 11.29
C LEU J 244 56.80 8.24 10.00
N ASP J 245 55.89 7.28 9.78
CA ASP J 245 55.91 6.50 8.55
C ASP J 245 55.84 7.41 7.32
N GLU J 246 54.89 8.35 7.34
CA GLU J 246 54.73 9.27 6.22
C GLU J 246 56.04 10.02 5.93
N ILE J 247 56.61 10.62 6.98
CA ILE J 247 57.80 11.46 6.80
C ILE J 247 58.94 10.64 6.20
N LEU J 248 59.18 9.45 6.75
CA LEU J 248 60.33 8.67 6.30
C LEU J 248 60.17 8.22 4.84
N ARG J 249 58.98 7.74 4.48
CA ARG J 249 58.79 7.30 3.09
C ARG J 249 58.98 8.45 2.11
N GLU J 250 58.40 9.62 2.43
CA GLU J 250 58.51 10.74 1.50
C GLU J 250 59.95 11.22 1.36
N ALA J 251 60.67 11.33 2.49
CA ALA J 251 62.06 11.75 2.42
C ALA J 251 62.89 10.78 1.58
N ALA J 252 62.67 9.48 1.74
CA ALA J 252 63.43 8.49 0.98
C ALA J 252 63.14 8.61 -0.52
N ILE J 253 61.87 8.73 -0.89
CA ILE J 253 61.52 8.82 -2.31
C ILE J 253 62.13 10.07 -2.93
N ARG J 254 61.98 11.22 -2.26
CA ARG J 254 62.53 12.46 -2.79
C ARG J 254 64.05 12.39 -2.91
N SER J 255 64.71 11.77 -1.92
CA SER J 255 66.16 11.64 -1.96
C SER J 255 66.62 10.77 -3.12
N LEU J 256 65.91 9.67 -3.37
CA LEU J 256 66.24 8.82 -4.51
C LEU J 256 66.05 9.58 -5.83
N SER J 257 64.99 10.38 -5.92
CA SER J 257 64.79 11.20 -7.12
C SER J 257 65.93 12.18 -7.33
N ARG J 258 66.50 12.70 -6.24
CA ARG J 258 67.61 13.63 -6.30
C ARG J 258 68.95 12.97 -6.55
N GLY J 259 68.97 11.66 -6.80
CA GLY J 259 70.21 10.95 -7.02
C GLY J 259 70.96 10.58 -5.76
N LEU J 260 70.34 10.69 -4.60
CA LEU J 260 70.98 10.37 -3.33
C LEU J 260 70.61 8.95 -2.90
N LYS J 261 71.56 8.27 -2.27
CA LYS J 261 71.36 6.92 -1.75
C LYS J 261 71.12 6.89 -0.25
N LYS J 262 71.41 7.99 0.45
CA LYS J 262 71.22 8.07 1.89
C LYS J 262 70.46 9.36 2.22
N ILE J 263 69.69 9.32 3.31
CA ILE J 263 68.98 10.51 3.75
C ILE J 263 69.97 11.58 4.18
N ASP J 264 69.74 12.81 3.72
CA ASP J 264 70.56 13.95 4.12
C ASP J 264 69.69 14.94 4.89
N LYS J 265 70.34 15.67 5.80
CA LYS J 265 69.61 16.56 6.71
C LYS J 265 68.78 17.60 5.96
N ALA J 266 69.29 18.10 4.84
CA ALA J 266 68.59 19.14 4.10
C ALA J 266 67.27 18.62 3.54
N VAL J 267 67.28 17.42 2.97
CA VAL J 267 66.04 16.84 2.42
C VAL J 267 65.04 16.56 3.54
N LEU J 268 65.53 16.03 4.66
CA LEU J 268 64.67 15.79 5.82
C LEU J 268 64.01 17.09 6.28
N GLN J 269 64.77 18.19 6.26
CA GLN J 269 64.20 19.48 6.66
C GLN J 269 63.19 19.97 5.64
N GLU J 270 63.46 19.76 4.35
CA GLU J 270 62.59 20.28 3.30
C GLU J 270 61.22 19.62 3.33
N VAL J 271 61.18 18.32 3.61
CA VAL J 271 59.90 17.60 3.55
C VAL J 271 58.95 18.08 4.63
N ALA J 272 59.43 18.21 5.88
CA ALA J 272 58.55 18.41 7.02
C ALA J 272 57.86 19.76 7.01
N LYS J 273 58.41 20.77 6.34
CA LYS J 273 57.79 22.09 6.29
C LYS J 273 56.69 22.18 5.25
N GLU J 274 56.60 21.21 4.34
CA GLU J 274 55.47 21.14 3.43
C GLU J 274 54.29 20.41 4.07
N TYR J 275 54.57 19.46 4.96
CA TYR J 275 53.54 18.71 5.65
C TYR J 275 53.33 19.25 7.06
N GLU K 19 44.66 -33.75 31.59
CA GLU K 19 44.94 -32.76 32.61
C GLU K 19 43.69 -32.44 33.43
N TRP K 20 43.79 -32.67 34.74
CA TRP K 20 42.67 -32.39 35.65
C TRP K 20 42.37 -30.90 35.69
N LEU K 21 43.40 -30.06 35.60
CA LEU K 21 43.21 -28.62 35.57
C LEU K 21 42.33 -28.22 34.39
N GLN K 22 42.51 -28.87 33.24
CA GLN K 22 41.67 -28.56 32.08
C GLN K 22 40.20 -28.81 32.37
N ALA K 23 39.90 -29.93 33.05
CA ALA K 23 38.52 -30.23 33.41
C ALA K 23 37.96 -29.18 34.35
N GLU K 24 38.75 -28.73 35.32
CA GLU K 24 38.27 -27.70 36.24
C GLU K 24 38.05 -26.37 35.53
N ILE K 25 38.94 -26.02 34.61
CA ILE K 25 38.78 -24.79 33.83
C ILE K 25 37.47 -24.84 33.05
N ALA K 26 37.22 -25.95 32.38
CA ALA K 26 35.98 -26.09 31.62
C ALA K 26 34.76 -26.04 32.53
N ARG K 27 34.85 -26.65 33.72
CA ARG K 27 33.72 -26.63 34.65
C ARG K 27 33.44 -25.23 35.14
N LEU K 28 34.48 -24.45 35.45
CA LEU K 28 34.28 -23.10 35.97
C LEU K 28 33.75 -22.16 34.90
N LYS K 29 34.10 -22.39 33.64
CA LYS K 29 33.68 -21.52 32.54
C LYS K 29 32.17 -21.61 32.31
N GLY K 30 31.48 -22.44 33.09
CA GLY K 30 30.05 -22.60 32.97
C GLY K 30 29.29 -21.67 33.89
N LYS K 31 27.98 -21.94 34.01
CA LYS K 31 27.08 -21.16 34.85
C LYS K 31 26.25 -22.10 35.70
N SER K 32 26.07 -21.73 36.97
CA SER K 32 25.31 -22.54 37.92
C SER K 32 24.40 -21.64 38.73
N ILE K 33 23.39 -22.25 39.34
CA ILE K 33 22.41 -21.54 40.16
C ILE K 33 22.71 -21.81 41.62
N VAL K 34 22.82 -20.75 42.41
CA VAL K 34 23.09 -20.85 43.85
C VAL K 34 21.88 -20.29 44.59
N PRO K 35 21.18 -21.09 45.39
CA PRO K 35 19.96 -20.62 46.07
C PRO K 35 20.22 -19.38 46.93
N LEU K 36 19.26 -18.46 46.91
CA LEU K 36 19.34 -17.22 47.68
C LEU K 36 17.97 -16.86 48.22
N GLN K 37 17.96 -16.00 49.24
CA GLN K 37 16.72 -15.63 49.90
C GLN K 37 15.81 -14.81 49.00
N GLN K 38 16.36 -13.73 48.40
CA GLN K 38 15.59 -12.87 47.52
C GLN K 38 14.92 -13.67 46.40
N VAL K 39 15.60 -14.72 45.92
CA VAL K 39 15.04 -15.58 44.89
C VAL K 39 13.78 -16.28 45.41
N LYS K 40 13.87 -16.85 46.62
CA LYS K 40 12.71 -17.52 47.20
C LYS K 40 11.56 -16.56 47.45
N THR K 41 11.89 -15.34 47.91
CA THR K 41 10.85 -14.33 48.10
C THR K 41 10.13 -14.03 46.80
N LEU K 42 10.88 -13.82 45.72
CA LEU K 42 10.26 -13.57 44.42
C LEU K 42 9.40 -14.75 44.00
N HIS K 43 9.89 -15.97 44.19
CA HIS K 43 9.15 -17.15 43.75
C HIS K 43 7.82 -17.27 44.49
N ASP K 44 7.85 -17.09 45.82
CA ASP K 44 6.61 -17.17 46.60
C ASP K 44 5.63 -16.07 46.22
N TRP K 45 6.14 -14.84 46.05
CA TRP K 45 5.28 -13.71 45.67
C TRP K 45 4.62 -13.96 44.31
N LEU K 46 5.40 -14.42 43.33
CA LEU K 46 4.88 -14.68 42.01
C LEU K 46 3.90 -15.85 42.01
N ASP K 47 4.14 -16.86 42.86
CA ASP K 47 3.20 -17.98 42.95
C ASP K 47 1.86 -17.52 43.52
N GLY K 48 1.90 -16.64 44.52
CA GLY K 48 0.67 -16.02 45.00
C GLY K 48 -0.07 -15.30 43.90
N LYS K 49 0.65 -14.48 43.13
CA LYS K 49 0.02 -13.77 42.02
C LYS K 49 -0.51 -14.73 40.95
N ARG K 50 0.16 -15.86 40.75
CA ARG K 50 -0.27 -16.82 39.74
C ARG K 50 -1.57 -17.49 40.16
N LYS K 51 -1.71 -17.80 41.46
CA LYS K 51 -2.97 -18.37 41.92
C LYS K 51 -4.09 -17.33 41.93
N ALA K 52 -3.76 -16.07 42.23
CA ALA K 52 -4.77 -15.02 42.17
C ALA K 52 -5.07 -14.55 40.76
N ARG K 53 -4.21 -14.89 39.79
CA ARG K 53 -4.33 -14.41 38.41
C ARG K 53 -4.30 -12.88 38.37
N LYS K 54 -3.45 -12.28 39.18
CA LYS K 54 -3.34 -10.83 39.30
C LYS K 54 -2.07 -10.36 38.60
N SER K 55 -2.21 -9.46 37.64
CA SER K 55 -1.06 -8.92 36.93
C SER K 55 -0.26 -8.00 37.84
N CYS K 56 1.04 -7.92 37.57
CA CYS K 56 1.96 -7.17 38.42
C CYS K 56 3.23 -6.86 37.62
N ARG K 57 4.15 -6.15 38.27
CA ARG K 57 5.44 -5.82 37.68
C ARG K 57 6.53 -5.99 38.73
N VAL K 58 7.78 -6.10 38.27
CA VAL K 58 8.94 -6.29 39.14
C VAL K 58 10.03 -5.32 38.72
N VAL K 59 10.59 -4.60 39.69
CA VAL K 59 11.57 -3.54 39.43
C VAL K 59 12.86 -3.85 40.18
N GLY K 60 13.99 -3.64 39.51
CA GLY K 60 15.29 -3.85 40.12
C GLY K 60 16.40 -3.28 39.26
N GLU K 61 17.60 -3.25 39.84
CA GLU K 61 18.77 -2.73 39.14
C GLU K 61 19.40 -3.82 38.26
N SER K 62 20.25 -3.37 37.34
CA SER K 62 20.96 -4.30 36.47
C SER K 62 22.01 -5.08 37.26
N ARG K 63 22.34 -6.27 36.75
CA ARG K 63 23.34 -7.15 37.36
C ARG K 63 22.95 -7.57 38.77
N THR K 64 21.65 -7.66 39.05
CA THR K 64 21.15 -8.19 40.30
C THR K 64 20.60 -9.61 40.16
N GLY K 65 20.55 -10.14 38.95
CA GLY K 65 20.16 -11.52 38.72
C GLY K 65 18.67 -11.77 38.60
N LYS K 66 17.86 -10.74 38.34
CA LYS K 66 16.41 -10.92 38.29
C LYS K 66 16.00 -11.85 37.15
N THR K 67 16.75 -11.83 36.04
CA THR K 67 16.46 -12.76 34.95
C THR K 67 16.67 -14.20 35.41
N VAL K 68 17.69 -14.44 36.23
CA VAL K 68 17.93 -15.79 36.72
C VAL K 68 16.79 -16.25 37.61
N ALA K 69 16.25 -15.36 38.44
CA ALA K 69 15.13 -15.75 39.30
C ALA K 69 13.89 -16.03 38.48
N CYS K 70 13.56 -15.14 37.53
CA CYS K 70 12.43 -15.36 36.65
C CYS K 70 12.57 -16.64 35.85
N ASP K 71 13.80 -17.00 35.47
CA ASP K 71 14.05 -18.19 34.66
C ASP K 71 14.08 -19.46 35.51
N ALA K 72 14.68 -19.39 36.69
CA ALA K 72 14.74 -20.54 37.59
C ALA K 72 13.35 -20.92 38.08
N TYR K 73 12.47 -19.94 38.26
CA TYR K 73 11.09 -20.27 38.64
C TYR K 73 10.43 -21.14 37.58
N ARG K 74 10.65 -20.84 36.30
CA ARG K 74 9.93 -21.52 35.23
C ARG K 74 10.35 -22.97 35.07
N TYR K 75 11.57 -23.34 35.48
CA TYR K 75 12.00 -24.73 35.36
C TYR K 75 11.17 -25.64 36.25
N ARG K 76 10.79 -25.16 37.44
CA ARG K 76 10.00 -25.98 38.36
C ARG K 76 8.62 -26.29 37.78
N HIS K 77 8.04 -25.34 37.04
CA HIS K 77 6.68 -25.47 36.52
C HIS K 77 6.65 -25.83 35.04
N LYS K 78 7.67 -26.55 34.57
CA LYS K 78 7.77 -26.90 33.16
C LYS K 78 6.52 -27.62 32.69
N PRO K 79 6.05 -27.35 31.48
CA PRO K 79 4.80 -27.96 31.01
C PRO K 79 4.99 -29.44 30.69
N GLN K 80 4.12 -30.26 31.26
CA GLN K 80 4.15 -31.71 31.06
C GLN K 80 2.79 -32.19 30.61
N GLN K 81 2.77 -32.98 29.53
CA GLN K 81 1.52 -33.51 28.97
C GLN K 81 1.71 -34.99 28.68
N GLU K 82 0.89 -35.82 29.30
CA GLU K 82 0.94 -37.27 29.08
C GLU K 82 -0.11 -37.76 28.09
N ALA K 83 -1.25 -37.09 28.00
CA ALA K 83 -2.33 -37.52 27.13
C ALA K 83 -2.13 -37.02 25.70
N GLY K 84 -3.01 -37.46 24.81
CA GLY K 84 -2.93 -37.07 23.41
C GLY K 84 -3.28 -35.61 23.17
N ARG K 85 -3.95 -34.96 24.11
CA ARG K 85 -4.31 -33.57 23.96
C ARG K 85 -3.07 -32.68 24.03
N PRO K 86 -3.10 -31.51 23.38
CA PRO K 86 -1.91 -30.64 23.29
C PRO K 86 -1.35 -30.25 24.65
N PRO K 87 -0.10 -29.76 24.68
CA PRO K 87 0.50 -29.37 25.97
C PRO K 87 -0.29 -28.26 26.66
N THR K 88 -0.38 -28.36 27.98
CA THR K 88 -0.93 -27.31 28.83
C THR K 88 0.25 -26.68 29.57
N VAL K 89 0.57 -25.45 29.24
CA VAL K 89 1.70 -24.75 29.84
C VAL K 89 1.17 -23.74 30.85
N PRO K 90 1.67 -23.72 32.08
CA PRO K 90 1.22 -22.72 33.05
C PRO K 90 1.94 -21.38 32.92
N VAL K 91 3.25 -21.41 32.69
CA VAL K 91 4.08 -20.21 32.66
C VAL K 91 4.82 -20.15 31.34
N VAL K 92 4.67 -19.04 30.62
CA VAL K 92 5.37 -18.78 29.37
C VAL K 92 6.29 -17.57 29.58
N TYR K 93 7.46 -17.60 28.95
CA TYR K 93 8.52 -16.63 29.23
C TYR K 93 9.17 -16.22 27.93
N ILE K 94 9.20 -14.90 27.64
CA ILE K 94 9.76 -14.38 26.40
C ILE K 94 10.60 -13.14 26.70
N ARG K 95 11.66 -12.97 25.91
CA ARG K 95 12.50 -11.78 25.99
C ARG K 95 12.38 -10.99 24.69
N PRO K 96 11.69 -9.85 24.67
CA PRO K 96 11.57 -9.09 23.43
C PRO K 96 12.89 -8.48 23.00
N HIS K 97 13.01 -8.28 21.69
CA HIS K 97 14.17 -7.61 21.11
C HIS K 97 14.00 -6.10 21.23
N GLN K 98 15.04 -5.36 20.85
CA GLN K 98 15.01 -3.91 20.95
C GLN K 98 13.91 -3.33 20.08
N LYS K 99 13.12 -2.43 20.67
CA LYS K 99 12.00 -1.76 19.98
C LYS K 99 11.02 -2.79 19.40
N CYS K 100 10.75 -3.84 20.16
CA CYS K 100 9.83 -4.88 19.71
C CYS K 100 8.43 -4.32 19.55
N GLY K 101 7.85 -4.51 18.36
CA GLY K 101 6.52 -4.03 18.07
C GLY K 101 5.45 -5.04 18.44
N PRO K 102 4.21 -4.76 18.04
CA PRO K 102 3.11 -5.69 18.37
C PRO K 102 3.24 -7.04 17.68
N LYS K 103 3.43 -6.99 16.34
CA LYS K 103 3.56 -8.21 15.57
C LYS K 103 4.74 -9.05 16.03
N ASP K 104 5.88 -8.41 16.30
CA ASP K 104 7.07 -9.14 16.74
C ASP K 104 6.83 -9.85 18.06
N LEU K 105 6.08 -9.22 18.97
CA LEU K 105 5.82 -9.83 20.28
C LEU K 105 4.88 -11.02 20.15
N PHE K 106 3.80 -10.85 19.38
CA PHE K 106 2.88 -11.97 19.17
C PHE K 106 3.61 -13.17 18.57
N LYS K 107 4.50 -12.91 17.61
CA LYS K 107 5.26 -14.01 16.99
C LYS K 107 6.07 -14.77 18.01
N LYS K 108 6.68 -14.07 18.97
CA LYS K 108 7.47 -14.74 19.99
C LYS K 108 6.59 -15.59 20.91
N ILE K 109 5.42 -15.07 21.30
CA ILE K 109 4.51 -15.88 22.10
C ILE K 109 4.16 -17.17 21.37
N THR K 110 3.89 -17.07 20.06
CA THR K 110 3.56 -18.26 19.29
C THR K 110 4.77 -19.21 19.16
N GLU K 111 5.96 -18.64 18.96
CA GLU K 111 7.16 -19.45 18.78
C GLU K 111 7.49 -20.23 20.05
N TYR K 112 7.24 -19.62 21.22
CA TYR K 112 7.57 -20.30 22.48
C TYR K 112 6.74 -21.56 22.68
N LEU K 113 5.51 -21.57 22.18
CA LEU K 113 4.62 -22.71 22.34
C LEU K 113 4.83 -23.78 21.28
N LYS K 114 5.86 -23.63 20.44
CA LYS K 114 6.18 -24.60 19.37
C LYS K 114 5.00 -24.77 18.42
N TYR K 115 4.31 -23.67 18.13
CA TYR K 115 3.21 -23.66 17.18
C TYR K 115 3.64 -22.94 15.90
N ARG K 116 3.22 -23.48 14.76
CA ARG K 116 3.63 -22.92 13.48
C ARG K 116 3.05 -21.51 13.31
N VAL K 117 3.94 -20.54 13.11
CA VAL K 117 3.50 -19.17 12.85
C VAL K 117 2.75 -19.13 11.51
N THR K 118 1.63 -18.43 11.51
CA THR K 118 0.82 -18.29 10.30
C THR K 118 1.24 -17.02 9.57
N LYS K 119 1.69 -17.17 8.33
CA LYS K 119 2.00 -15.99 7.51
C LYS K 119 0.73 -15.18 7.30
N GLY K 120 0.82 -13.88 7.54
CA GLY K 120 -0.35 -13.02 7.41
C GLY K 120 -0.13 -11.69 8.09
N THR K 121 -1.24 -11.03 8.39
CA THR K 121 -1.23 -9.66 8.90
C THR K 121 -1.27 -9.64 10.42
N VAL K 122 -1.31 -8.43 10.99
CA VAL K 122 -1.25 -8.25 12.43
C VAL K 122 -2.53 -8.75 13.10
N SER K 123 -3.68 -8.48 12.49
CA SER K 123 -4.95 -8.98 13.04
C SER K 123 -4.96 -10.51 13.09
N ASP K 124 -4.40 -11.15 12.06
CA ASP K 124 -4.27 -12.59 12.07
C ASP K 124 -3.37 -13.05 13.21
N PHE K 125 -2.28 -12.32 13.46
CA PHE K 125 -1.39 -12.65 14.57
C PHE K 125 -2.12 -12.52 15.91
N ARG K 126 -2.94 -11.48 16.06
CA ARG K 126 -3.69 -11.30 17.31
C ARG K 126 -4.64 -12.46 17.55
N ASP K 127 -5.45 -12.79 16.52
CA ASP K 127 -6.38 -13.91 16.65
C ASP K 127 -5.64 -15.22 16.96
N ARG K 128 -4.54 -15.46 16.24
CA ARG K 128 -3.78 -16.70 16.44
C ARG K 128 -3.19 -16.78 17.84
N THR K 129 -2.68 -15.65 18.35
CA THR K 129 -2.14 -15.61 19.70
C THR K 129 -3.21 -15.93 20.74
N ILE K 130 -4.38 -15.32 20.59
CA ILE K 130 -5.47 -15.61 21.52
C ILE K 130 -5.82 -17.09 21.46
N GLU K 131 -5.82 -17.68 20.27
CA GLU K 131 -6.19 -19.08 20.15
C GLU K 131 -5.20 -19.99 20.84
N VAL K 132 -3.90 -19.80 20.60
CA VAL K 132 -2.90 -20.67 21.22
C VAL K 132 -2.89 -20.48 22.73
N LEU K 133 -3.11 -19.25 23.20
CA LEU K 133 -3.13 -19.03 24.64
C LEU K 133 -4.38 -19.61 25.29
N LYS K 134 -5.51 -19.60 24.57
CA LYS K 134 -6.73 -20.19 25.10
C LYS K 134 -6.61 -21.71 25.18
N GLY K 135 -5.97 -22.33 24.17
CA GLY K 135 -5.86 -23.78 24.17
C GLY K 135 -5.05 -24.31 25.35
N CYS K 136 -3.91 -23.69 25.62
CA CYS K 136 -3.05 -24.11 26.72
C CYS K 136 -3.46 -23.41 28.01
N GLY K 137 -2.77 -23.73 29.09
CA GLY K 137 -2.98 -23.05 30.35
C GLY K 137 -2.47 -21.63 30.31
N VAL K 138 -1.15 -21.48 30.45
CA VAL K 138 -0.45 -20.20 30.36
C VAL K 138 -1.11 -19.20 31.30
N GLU K 139 -1.18 -19.57 32.59
CA GLU K 139 -1.77 -18.67 33.58
C GLU K 139 -0.91 -17.44 33.81
N MET K 140 0.41 -17.62 33.82
CA MET K 140 1.33 -16.52 34.07
C MET K 140 2.29 -16.36 32.90
N LEU K 141 2.48 -15.11 32.48
CA LEU K 141 3.40 -14.75 31.41
C LEU K 141 4.48 -13.84 31.99
N ILE K 142 5.74 -14.24 31.87
CA ILE K 142 6.86 -13.47 32.40
C ILE K 142 7.55 -12.78 31.23
N ILE K 143 7.45 -11.46 31.18
CA ILE K 143 8.12 -10.65 30.17
C ILE K 143 9.38 -10.07 30.78
N ASP K 144 10.52 -10.39 30.18
CA ASP K 144 11.78 -9.82 30.61
C ASP K 144 12.15 -8.63 29.73
N GLU K 145 12.98 -7.75 30.28
CA GLU K 145 13.46 -6.57 29.57
C GLU K 145 12.29 -5.75 29.04
N ALA K 146 11.35 -5.42 29.93
CA ALA K 146 10.16 -4.69 29.53
C ALA K 146 10.45 -3.25 29.16
N ASP K 147 11.62 -2.72 29.52
CA ASP K 147 11.99 -1.38 29.10
C ASP K 147 12.11 -1.29 27.58
N ARG K 148 12.62 -2.35 26.96
CA ARG K 148 12.80 -2.36 25.52
C ARG K 148 11.49 -2.38 24.75
N LEU K 149 10.39 -2.75 25.40
CA LEU K 149 9.11 -2.85 24.72
C LEU K 149 8.67 -1.49 24.19
N LYS K 150 8.15 -1.48 22.97
CA LYS K 150 7.72 -0.26 22.31
C LYS K 150 6.41 0.25 22.91
N PRO K 151 6.29 1.56 23.11
CA PRO K 151 5.09 2.12 23.76
C PRO K 151 3.76 1.68 23.16
N GLU K 152 3.72 1.36 21.86
CA GLU K 152 2.47 0.98 21.22
C GLU K 152 1.96 -0.37 21.73
N THR K 153 2.86 -1.24 22.19
CA THR K 153 2.53 -2.63 22.49
C THR K 153 1.90 -2.84 23.87
N PHE K 154 2.12 -1.92 24.81
CA PHE K 154 1.61 -2.12 26.17
C PHE K 154 0.09 -2.22 26.17
N ALA K 155 -0.57 -1.48 25.29
CA ALA K 155 -2.02 -1.58 25.16
C ALA K 155 -2.43 -3.01 24.80
N ASP K 156 -1.71 -3.64 23.87
CA ASP K 156 -1.99 -5.03 23.54
C ASP K 156 -1.74 -5.96 24.73
N VAL K 157 -0.69 -5.68 25.49
CA VAL K 157 -0.37 -6.50 26.67
C VAL K 157 -1.54 -6.51 27.65
N ARG K 158 -2.02 -5.32 28.02
CA ARG K 158 -3.13 -5.26 28.96
C ARG K 158 -4.45 -5.70 28.32
N ASP K 159 -4.57 -5.55 27.00
CA ASP K 159 -5.73 -6.08 26.28
C ASP K 159 -5.83 -7.58 26.47
N ILE K 160 -4.70 -8.29 26.33
CA ILE K 160 -4.66 -9.72 26.61
C ILE K 160 -4.99 -9.98 28.07
N ALA K 161 -4.38 -9.21 28.97
CA ALA K 161 -4.61 -9.43 30.40
C ALA K 161 -6.09 -9.28 30.78
N GLU K 162 -6.83 -8.47 30.04
CA GLU K 162 -8.25 -8.27 30.34
C GLU K 162 -9.14 -9.28 29.61
N ASP K 163 -8.81 -9.63 28.37
CA ASP K 163 -9.65 -10.52 27.59
C ASP K 163 -9.68 -11.92 28.20
N LEU K 164 -8.55 -12.39 28.71
CA LEU K 164 -8.44 -13.69 29.34
C LEU K 164 -7.90 -13.51 30.75
N GLY K 165 -8.24 -14.45 31.63
CA GLY K 165 -7.76 -14.41 33.00
C GLY K 165 -6.33 -14.92 33.13
N ILE K 166 -5.37 -14.15 32.63
CA ILE K 166 -3.97 -14.55 32.61
C ILE K 166 -3.15 -13.45 33.28
N ALA K 167 -2.33 -13.83 34.27
CA ALA K 167 -1.47 -12.87 34.93
C ALA K 167 -0.29 -12.51 34.03
N VAL K 168 0.02 -11.22 33.98
CA VAL K 168 1.14 -10.70 33.19
C VAL K 168 2.14 -10.06 34.14
N VAL K 169 3.42 -10.40 33.99
CA VAL K 169 4.48 -9.92 34.85
C VAL K 169 5.46 -9.12 34.00
N LEU K 170 5.62 -7.83 34.33
CA LEU K 170 6.55 -6.95 33.62
C LEU K 170 7.79 -6.76 34.48
N VAL K 171 8.91 -7.33 34.06
CA VAL K 171 10.17 -7.25 34.78
C VAL K 171 11.04 -6.20 34.13
N GLY K 172 11.41 -5.17 34.89
CA GLY K 172 12.22 -4.10 34.32
C GLY K 172 12.91 -3.28 35.38
N THR K 173 13.71 -2.32 34.91
CA THR K 173 14.48 -1.41 35.74
C THR K 173 13.70 -0.12 35.95
N ASP K 174 14.41 0.97 36.27
CA ASP K 174 13.74 2.25 36.53
C ASP K 174 13.02 2.78 35.29
N ARG K 175 13.53 2.46 34.11
CA ARG K 175 12.88 2.90 32.88
C ARG K 175 11.48 2.30 32.74
N LEU K 176 11.25 1.11 33.30
CA LEU K 176 9.91 0.54 33.31
C LEU K 176 8.95 1.42 34.11
N ASP K 177 9.37 1.82 35.31
CA ASP K 177 8.60 2.78 36.09
C ASP K 177 8.29 4.02 35.27
N ALA K 178 9.32 4.59 34.64
CA ALA K 178 9.15 5.84 33.89
C ALA K 178 8.15 5.68 32.75
N VAL K 179 8.25 4.58 31.99
CA VAL K 179 7.38 4.40 30.83
C VAL K 179 5.95 4.11 31.27
N ILE K 180 5.78 3.26 32.28
CA ILE K 180 4.45 2.87 32.72
C ILE K 180 3.70 4.09 33.25
N LYS K 181 4.38 4.96 33.99
CA LYS K 181 3.69 6.10 34.59
C LYS K 181 3.16 7.11 33.57
N ARG K 182 3.43 6.92 32.28
CA ARG K 182 2.94 7.85 31.26
C ARG K 182 1.52 7.55 30.82
N ASP K 183 1.07 6.30 30.96
CA ASP K 183 -0.26 5.88 30.57
C ASP K 183 -1.05 5.48 31.80
N GLU K 184 -2.29 5.98 31.91
CA GLU K 184 -3.08 5.75 33.11
C GLU K 184 -3.51 4.29 33.23
N GLN K 185 -4.03 3.71 32.14
CA GLN K 185 -4.59 2.37 32.20
C GLN K 185 -3.52 1.34 32.55
N VAL K 186 -2.36 1.42 31.90
CA VAL K 186 -1.28 0.48 32.18
C VAL K 186 -0.84 0.58 33.63
N LEU K 187 -0.72 1.82 34.13
CA LEU K 187 -0.33 2.01 35.53
C LEU K 187 -1.36 1.40 36.47
N GLU K 188 -2.65 1.61 36.20
CA GLU K 188 -3.69 1.04 37.03
C GLU K 188 -3.63 -0.48 37.01
N ARG K 189 -3.31 -1.07 35.86
CA ARG K 189 -3.29 -2.53 35.76
C ARG K 189 -2.12 -3.15 36.52
N PHE K 190 -0.97 -2.48 36.56
CA PHE K 190 0.26 -3.06 37.11
C PHE K 190 0.71 -2.35 38.39
N ARG K 191 -0.24 -1.96 39.25
CA ARG K 191 0.12 -1.21 40.45
C ARG K 191 0.98 -2.04 41.40
N ALA K 192 0.51 -3.23 41.77
CA ALA K 192 1.25 -4.08 42.69
C ALA K 192 2.59 -4.50 42.10
N HIS K 193 3.62 -4.57 42.93
CA HIS K 193 4.97 -4.82 42.44
C HIS K 193 5.86 -5.36 43.56
N LEU K 194 7.00 -5.90 43.15
CA LEU K 194 8.09 -6.31 44.03
C LEU K 194 9.37 -5.61 43.61
N ARG K 195 10.18 -5.21 44.58
CA ARG K 195 11.42 -4.51 44.32
C ARG K 195 12.60 -5.34 44.82
N PHE K 196 13.66 -5.42 44.01
CA PHE K 196 14.88 -6.10 44.39
C PHE K 196 15.81 -5.14 45.13
N GLY K 197 16.66 -5.72 45.98
CA GLY K 197 17.69 -4.97 46.68
C GLY K 197 19.08 -5.46 46.30
N LYS K 198 20.08 -4.84 46.93
CA LYS K 198 21.48 -5.18 46.72
C LYS K 198 22.08 -5.78 47.98
N LEU K 199 23.23 -6.43 47.81
CA LEU K 199 23.90 -7.10 48.92
C LEU K 199 24.73 -6.12 49.75
N SER K 200 24.74 -6.34 51.06
CA SER K 200 25.49 -5.48 51.97
C SER K 200 25.65 -6.19 53.31
N GLY K 201 26.74 -5.86 54.00
CA GLY K 201 26.93 -6.32 55.38
C GLY K 201 26.91 -7.83 55.51
N GLU K 202 26.12 -8.30 56.49
CA GLU K 202 26.02 -9.72 56.75
C GLU K 202 25.42 -10.47 55.57
N ASP K 203 24.45 -9.86 54.89
CA ASP K 203 23.89 -10.49 53.70
C ASP K 203 24.97 -10.74 52.65
N PHE K 204 25.80 -9.74 52.39
CA PHE K 204 26.87 -9.87 51.42
C PHE K 204 27.90 -10.92 51.85
N LYS K 205 28.30 -10.90 53.11
CA LYS K 205 29.30 -11.86 53.57
C LYS K 205 28.77 -13.30 53.50
N ASN K 206 27.55 -13.52 53.98
CA ASN K 206 26.94 -14.84 53.89
C ASN K 206 26.80 -15.27 52.44
N THR K 207 26.45 -14.33 51.55
CA THR K 207 26.34 -14.67 50.14
C THR K 207 27.67 -15.07 49.54
N VAL K 208 28.76 -14.36 49.90
CA VAL K 208 30.07 -14.72 49.38
C VAL K 208 30.46 -16.12 49.85
N GLU K 209 30.27 -16.39 51.15
CA GLU K 209 30.62 -17.71 51.68
C GLU K 209 29.82 -18.81 51.01
N MET K 210 28.49 -18.63 50.93
CA MET K 210 27.63 -19.62 50.32
C MET K 210 27.98 -19.83 48.85
N TRP K 211 28.21 -18.73 48.12
CA TRP K 211 28.52 -18.82 46.70
C TRP K 211 29.81 -19.57 46.46
N GLU K 212 30.85 -19.31 47.27
CA GLU K 212 32.10 -20.03 47.08
C GLU K 212 31.96 -21.50 47.44
N GLN K 213 31.22 -21.81 48.50
CA GLN K 213 31.00 -23.21 48.85
C GLN K 213 30.20 -23.93 47.76
N MET K 214 29.31 -23.22 47.07
CA MET K 214 28.45 -23.83 46.06
C MET K 214 29.07 -23.92 44.69
N VAL K 215 29.97 -23.00 44.34
CA VAL K 215 30.52 -22.93 42.99
C VAL K 215 31.98 -23.38 42.93
N LEU K 216 32.74 -23.23 44.00
CA LEU K 216 34.17 -23.51 43.99
C LEU K 216 34.46 -24.79 44.78
N LYS K 217 35.08 -25.76 44.10
CA LYS K 217 35.56 -26.98 44.73
C LYS K 217 37.09 -27.01 44.77
N LEU K 218 37.71 -25.84 44.85
CA LEU K 218 39.16 -25.75 44.86
C LEU K 218 39.72 -26.51 46.05
N PRO K 219 40.87 -27.19 45.90
CA PRO K 219 41.39 -28.04 46.97
C PRO K 219 41.49 -27.39 48.35
N VAL K 220 41.72 -26.08 48.42
CA VAL K 220 41.95 -25.40 49.70
C VAL K 220 41.04 -24.18 49.82
N SER K 221 40.68 -23.84 51.06
CA SER K 221 39.84 -22.70 51.34
C SER K 221 40.49 -21.40 50.87
N SER K 222 39.65 -20.42 50.55
CA SER K 222 40.11 -19.13 50.03
C SER K 222 40.19 -18.04 51.10
N ASN K 223 39.87 -18.37 52.36
CA ASN K 223 39.89 -17.40 53.46
C ASN K 223 39.06 -16.17 53.12
N LEU K 224 37.84 -16.41 52.63
CA LEU K 224 36.96 -15.33 52.24
C LEU K 224 36.49 -14.51 53.44
N LYS K 225 36.39 -15.12 54.61
CA LYS K 225 35.88 -14.43 55.80
C LYS K 225 36.79 -13.30 56.25
N SER K 226 38.08 -13.35 55.88
CA SER K 226 39.02 -12.33 56.30
C SER K 226 38.54 -10.93 55.95
N LYS K 227 38.76 -9.99 56.87
CA LYS K 227 38.25 -8.63 56.69
C LYS K 227 38.74 -8.01 55.39
N GLU K 228 39.98 -8.29 55.01
CA GLU K 228 40.58 -7.64 53.84
C GLU K 228 39.98 -8.16 52.54
N MET K 229 39.77 -9.48 52.43
CA MET K 229 39.17 -10.04 51.23
C MET K 229 37.74 -9.55 51.06
N LEU K 230 36.97 -9.53 52.15
CA LEU K 230 35.62 -8.98 52.10
C LEU K 230 35.65 -7.51 51.71
N ARG K 231 36.64 -6.77 52.20
CA ARG K 231 36.73 -5.34 51.88
C ARG K 231 36.95 -5.11 50.39
N ILE K 232 37.93 -5.82 49.81
CA ILE K 232 38.21 -5.59 48.39
C ILE K 232 37.07 -6.12 47.51
N LEU K 233 36.44 -7.23 47.92
CA LEU K 233 35.31 -7.74 47.15
C LEU K 233 34.11 -6.80 47.24
N THR K 234 33.89 -6.18 48.39
CA THR K 234 32.83 -5.18 48.51
C THR K 234 33.13 -3.97 47.65
N SER K 235 34.39 -3.51 47.66
CA SER K 235 34.76 -2.35 46.86
C SER K 235 34.57 -2.61 45.38
N ALA K 236 34.93 -3.81 44.91
CA ALA K 236 34.79 -4.12 43.48
C ALA K 236 33.38 -4.52 43.09
N THR K 237 32.58 -5.02 44.04
CA THR K 237 31.26 -5.58 43.76
C THR K 237 30.15 -4.56 43.91
N GLU K 238 30.19 -3.76 44.99
CA GLU K 238 29.16 -2.76 45.28
C GLU K 238 27.78 -3.38 45.40
N GLY K 239 27.71 -4.64 45.85
CA GLY K 239 26.45 -5.31 46.10
C GLY K 239 25.82 -5.98 44.89
N TYR K 240 26.45 -5.93 43.72
CA TYR K 240 25.89 -6.51 42.51
C TYR K 240 26.40 -7.94 42.36
N ILE K 241 25.49 -8.90 42.46
CA ILE K 241 25.86 -10.31 42.33
C ILE K 241 26.44 -10.59 40.94
N GLY K 242 25.96 -9.88 39.92
CA GLY K 242 26.47 -10.01 38.57
C GLY K 242 27.90 -9.57 38.40
N ARG K 243 28.47 -8.89 39.39
CA ARG K 243 29.89 -8.59 39.42
C ARG K 243 30.68 -9.59 40.25
N LEU K 244 30.13 -9.99 41.41
CA LEU K 244 30.82 -10.94 42.28
C LEU K 244 31.04 -12.28 41.59
N ASP K 245 30.02 -12.78 40.89
CA ASP K 245 30.15 -14.05 40.20
C ASP K 245 31.31 -14.02 39.20
N GLU K 246 31.35 -12.99 38.35
CA GLU K 246 32.37 -12.90 37.33
C GLU K 246 33.76 -12.74 37.96
N ILE K 247 33.88 -11.86 38.95
CA ILE K 247 35.17 -11.61 39.58
C ILE K 247 35.72 -12.89 40.17
N LEU K 248 34.91 -13.60 40.95
CA LEU K 248 35.40 -14.79 41.63
C LEU K 248 35.70 -15.91 40.65
N ARG K 249 34.89 -16.05 39.59
CA ARG K 249 35.16 -17.11 38.61
C ARG K 249 36.46 -16.85 37.85
N GLU K 250 36.70 -15.60 37.44
CA GLU K 250 37.95 -15.27 36.75
C GLU K 250 39.14 -15.47 37.69
N ALA K 251 39.02 -15.02 38.93
CA ALA K 251 40.11 -15.22 39.89
C ALA K 251 40.38 -16.70 40.11
N ALA K 252 39.33 -17.53 40.12
CA ALA K 252 39.51 -18.96 40.33
C ALA K 252 40.25 -19.59 39.15
N ILE K 253 39.80 -19.31 37.92
CA ILE K 253 40.46 -19.87 36.74
C ILE K 253 41.92 -19.44 36.71
N ARG K 254 42.19 -18.15 36.95
CA ARG K 254 43.56 -17.64 36.89
C ARG K 254 44.41 -18.22 38.02
N SER K 255 43.83 -18.39 39.21
CA SER K 255 44.58 -18.93 40.34
C SER K 255 44.98 -20.37 40.09
N LEU K 256 44.03 -21.19 39.61
CA LEU K 256 44.36 -22.57 39.28
C LEU K 256 45.36 -22.65 38.13
N SER K 257 45.27 -21.73 37.17
CA SER K 257 46.18 -21.76 36.02
C SER K 257 47.62 -21.49 36.41
N ARG K 258 47.85 -20.71 37.47
CA ARG K 258 49.20 -20.40 37.94
C ARG K 258 49.70 -21.37 38.99
N GLY K 259 48.95 -22.44 39.27
CA GLY K 259 49.36 -23.42 40.26
C GLY K 259 48.89 -23.15 41.66
N LEU K 260 48.01 -22.18 41.88
CA LEU K 260 47.48 -21.85 43.19
C LEU K 260 46.14 -22.55 43.35
N LYS K 261 46.09 -23.51 44.28
CA LYS K 261 44.85 -24.24 44.51
C LYS K 261 43.74 -23.32 44.99
N LYS K 262 44.07 -22.36 45.85
CA LYS K 262 43.10 -21.43 46.41
C LYS K 262 43.29 -20.05 45.79
N ILE K 263 42.19 -19.28 45.76
CA ILE K 263 42.28 -17.90 45.34
C ILE K 263 43.11 -17.12 46.35
N ASP K 264 44.00 -16.26 45.86
CA ASP K 264 44.91 -15.54 46.72
C ASP K 264 44.64 -14.04 46.67
N LYS K 265 45.11 -13.36 47.72
CA LYS K 265 44.87 -11.93 47.88
C LYS K 265 45.37 -11.14 46.68
N ALA K 266 46.60 -11.42 46.23
CA ALA K 266 47.17 -10.68 45.10
C ALA K 266 46.39 -10.93 43.82
N VAL K 267 45.92 -12.17 43.62
CA VAL K 267 45.12 -12.48 42.45
C VAL K 267 43.82 -11.68 42.45
N LEU K 268 43.17 -11.61 43.62
CA LEU K 268 41.96 -10.81 43.76
C LEU K 268 42.22 -9.35 43.40
N GLN K 269 43.33 -8.80 43.91
CA GLN K 269 43.67 -7.41 43.62
C GLN K 269 43.88 -7.19 42.12
N GLU K 270 44.58 -8.12 41.47
CA GLU K 270 44.82 -8.00 40.03
C GLU K 270 43.51 -7.96 39.25
N VAL K 271 42.63 -8.95 39.51
CA VAL K 271 41.36 -9.02 38.78
C VAL K 271 40.54 -7.76 39.02
N ALA K 272 40.51 -7.27 40.26
CA ALA K 272 39.75 -6.05 40.54
C ALA K 272 40.32 -4.85 39.79
N LYS K 273 41.65 -4.79 39.69
CA LYS K 273 42.28 -3.67 39.00
C LYS K 273 41.91 -3.65 37.52
N GLU K 274 41.80 -4.82 36.90
CA GLU K 274 41.48 -4.85 35.47
C GLU K 274 40.16 -4.17 35.16
N TYR K 275 39.16 -4.32 36.02
CA TYR K 275 37.86 -3.68 35.81
C TYR K 275 37.71 -2.46 36.70
N GLU L 19 -11.77 -29.60 49.03
CA GLU L 19 -11.73 -28.66 50.15
C GLU L 19 -12.85 -27.62 50.03
N TRP L 20 -13.60 -27.44 51.12
CA TRP L 20 -14.71 -26.47 51.12
C TRP L 20 -14.20 -25.06 50.93
N LEU L 21 -13.09 -24.71 51.59
CA LEU L 21 -12.52 -23.37 51.46
C LEU L 21 -12.19 -23.07 50.00
N GLN L 22 -11.73 -24.07 49.25
CA GLN L 22 -11.43 -23.85 47.83
C GLN L 22 -12.68 -23.54 47.04
N ALA L 23 -13.80 -24.19 47.36
CA ALA L 23 -15.06 -23.88 46.70
C ALA L 23 -15.49 -22.44 46.99
N GLU L 24 -15.38 -22.03 48.25
CA GLU L 24 -15.73 -20.64 48.60
C GLU L 24 -14.80 -19.65 47.88
N ILE L 25 -13.52 -19.98 47.79
CA ILE L 25 -12.56 -19.12 47.10
C ILE L 25 -12.90 -19.01 45.63
N ALA L 26 -13.25 -20.13 45.01
CA ALA L 26 -13.63 -20.11 43.59
C ALA L 26 -14.88 -19.25 43.38
N ARG L 27 -15.83 -19.32 44.30
CA ARG L 27 -17.01 -18.46 44.22
C ARG L 27 -16.62 -16.99 44.34
N LEU L 28 -15.66 -16.69 45.22
CA LEU L 28 -15.21 -15.30 45.37
C LEU L 28 -14.45 -14.81 44.15
N LYS L 29 -13.69 -15.69 43.49
CA LYS L 29 -12.92 -15.29 42.31
C LYS L 29 -13.82 -15.00 41.12
N GLY L 30 -14.96 -15.69 41.02
CA GLY L 30 -15.84 -15.49 39.88
C GLY L 30 -16.47 -14.12 39.87
N LYS L 31 -16.83 -13.68 38.66
CA LYS L 31 -17.43 -12.37 38.45
C LYS L 31 -18.94 -12.42 38.65
N SER L 32 -19.51 -11.26 38.99
CA SER L 32 -20.95 -11.12 39.16
C SER L 32 -21.30 -9.65 39.00
N ILE L 33 -22.60 -9.37 38.91
CA ILE L 33 -23.13 -8.02 38.72
C ILE L 33 -24.10 -7.69 39.84
N VAL L 34 -23.93 -6.53 40.46
CA VAL L 34 -24.81 -6.05 41.52
C VAL L 34 -25.66 -4.92 40.93
N PRO L 35 -26.98 -4.95 41.11
CA PRO L 35 -27.82 -3.82 40.64
C PRO L 35 -27.42 -2.53 41.35
N LEU L 36 -27.26 -1.47 40.57
CA LEU L 36 -26.79 -0.19 41.10
C LEU L 36 -27.54 0.95 40.43
N GLN L 37 -27.45 2.12 41.07
CA GLN L 37 -28.15 3.31 40.58
C GLN L 37 -27.70 3.69 39.17
N GLN L 38 -26.39 3.69 38.94
CA GLN L 38 -25.85 4.11 37.65
C GLN L 38 -26.25 3.16 36.52
N VAL L 39 -26.26 1.85 36.80
CA VAL L 39 -26.62 0.87 35.78
C VAL L 39 -28.06 1.06 35.34
N LYS L 40 -28.97 1.21 36.31
CA LYS L 40 -30.37 1.41 35.99
C LYS L 40 -30.59 2.72 35.24
N THR L 41 -29.89 3.78 35.66
CA THR L 41 -29.96 5.05 34.96
C THR L 41 -29.61 4.88 33.48
N LEU L 42 -28.47 4.24 33.22
CA LEU L 42 -28.04 4.02 31.83
C LEU L 42 -29.07 3.18 31.07
N HIS L 43 -29.62 2.15 31.72
CA HIS L 43 -30.56 1.27 31.03
C HIS L 43 -31.82 2.02 30.59
N ASP L 44 -32.40 2.80 31.52
CA ASP L 44 -33.58 3.58 31.17
C ASP L 44 -33.28 4.57 30.05
N TRP L 45 -32.13 5.26 30.14
CA TRP L 45 -31.73 6.20 29.09
C TRP L 45 -31.62 5.50 27.74
N LEU L 46 -31.01 4.31 27.71
CA LEU L 46 -30.81 3.59 26.45
C LEU L 46 -32.13 3.13 25.86
N ASP L 47 -33.05 2.66 26.70
CA ASP L 47 -34.36 2.28 26.20
C ASP L 47 -35.06 3.46 25.54
N GLY L 48 -35.01 4.63 26.20
CA GLY L 48 -35.57 5.82 25.58
C GLY L 48 -34.96 6.13 24.24
N LYS L 49 -33.62 6.06 24.15
CA LYS L 49 -32.93 6.41 22.92
C LYS L 49 -33.30 5.45 21.79
N ARG L 50 -33.29 4.15 22.07
CA ARG L 50 -33.60 3.16 21.03
C ARG L 50 -35.05 3.26 20.57
N LYS L 51 -35.95 3.66 21.46
CA LYS L 51 -37.32 3.90 21.02
C LYS L 51 -37.40 5.14 20.13
N ALA L 52 -36.61 6.16 20.45
CA ALA L 52 -36.54 7.34 19.58
C ALA L 52 -35.68 7.11 18.34
N ARG L 53 -34.89 6.03 18.31
CA ARG L 53 -33.96 5.76 17.21
C ARG L 53 -32.98 6.91 17.02
N LYS L 54 -32.40 7.37 18.14
CA LYS L 54 -31.48 8.49 18.15
C LYS L 54 -30.11 8.04 18.64
N SER L 55 -29.05 8.54 17.98
CA SER L 55 -27.69 8.24 18.38
C SER L 55 -27.23 9.18 19.51
N CYS L 56 -26.23 8.73 20.27
CA CYS L 56 -25.79 9.46 21.45
C CYS L 56 -24.42 8.92 21.88
N ARG L 57 -23.91 9.48 22.98
CA ARG L 57 -22.60 9.13 23.52
C ARG L 57 -22.69 8.82 25.02
N VAL L 58 -21.76 7.99 25.49
CA VAL L 58 -21.62 7.67 26.91
C VAL L 58 -20.15 7.87 27.28
N VAL L 59 -19.90 8.75 28.25
CA VAL L 59 -18.54 9.18 28.61
C VAL L 59 -18.34 8.97 30.11
N GLY L 60 -17.19 8.39 30.48
CA GLY L 60 -16.87 8.18 31.87
C GLY L 60 -15.41 7.87 32.06
N GLU L 61 -15.02 7.68 33.32
CA GLU L 61 -13.65 7.38 33.68
C GLU L 61 -13.41 5.87 33.70
N SER L 62 -12.15 5.49 33.88
CA SER L 62 -11.80 4.08 33.99
C SER L 62 -12.27 3.51 35.32
N ARG L 63 -12.50 2.19 35.34
CA ARG L 63 -12.90 1.46 36.55
C ARG L 63 -14.23 1.97 37.11
N THR L 64 -15.09 2.52 36.23
CA THR L 64 -16.40 2.99 36.63
C THR L 64 -17.51 1.98 36.36
N GLY L 65 -17.20 0.88 35.67
CA GLY L 65 -18.18 -0.15 35.41
C GLY L 65 -19.16 0.15 34.29
N LYS L 66 -18.83 1.08 33.39
CA LYS L 66 -19.76 1.40 32.31
C LYS L 66 -19.85 0.27 31.29
N THR L 67 -18.74 -0.44 31.04
CA THR L 67 -18.78 -1.60 30.16
C THR L 67 -19.68 -2.69 30.72
N VAL L 68 -19.58 -2.93 32.03
CA VAL L 68 -20.44 -3.92 32.69
C VAL L 68 -21.90 -3.51 32.57
N ALA L 69 -22.18 -2.22 32.69
CA ALA L 69 -23.55 -1.75 32.54
C ALA L 69 -24.07 -2.00 31.13
N CYS L 70 -23.21 -1.80 30.12
CA CYS L 70 -23.61 -2.10 28.75
C CYS L 70 -23.92 -3.58 28.57
N ASP L 71 -23.07 -4.45 29.13
CA ASP L 71 -23.33 -5.89 29.05
C ASP L 71 -24.64 -6.26 29.74
N ALA L 72 -24.89 -5.67 30.91
CA ALA L 72 -26.13 -5.95 31.64
C ALA L 72 -27.35 -5.49 30.85
N TYR L 73 -27.21 -4.38 30.13
CA TYR L 73 -28.30 -3.95 29.25
C TYR L 73 -28.54 -4.96 28.14
N ARG L 74 -27.46 -5.42 27.49
CA ARG L 74 -27.59 -6.36 26.38
C ARG L 74 -28.26 -7.67 26.84
N TYR L 75 -27.96 -8.11 28.06
CA TYR L 75 -28.49 -9.38 28.52
C TYR L 75 -30.01 -9.39 28.62
N ARG L 76 -30.61 -8.26 28.99
CA ARG L 76 -32.06 -8.22 29.20
C ARG L 76 -32.82 -8.41 27.90
N HIS L 77 -32.34 -7.82 26.82
CA HIS L 77 -33.03 -7.90 25.52
C HIS L 77 -32.56 -9.13 24.75
N LYS L 78 -33.05 -10.28 25.21
CA LYS L 78 -32.68 -11.54 24.56
C LYS L 78 -33.39 -11.66 23.21
N PRO L 79 -32.69 -12.12 22.17
CA PRO L 79 -33.32 -12.28 20.86
C PRO L 79 -34.13 -13.56 20.81
N GLN L 80 -35.45 -13.42 20.77
CA GLN L 80 -36.37 -14.55 20.75
C GLN L 80 -37.01 -14.65 19.36
N GLN L 81 -36.90 -15.81 18.74
CA GLN L 81 -37.52 -16.07 17.45
C GLN L 81 -38.71 -16.99 17.65
N GLU L 82 -39.88 -16.55 17.19
CA GLU L 82 -41.11 -17.33 17.29
C GLU L 82 -41.65 -17.69 15.92
N ALA L 83 -40.76 -17.84 14.94
CA ALA L 83 -41.16 -18.14 13.58
C ALA L 83 -40.00 -18.83 12.86
N GLY L 84 -40.31 -19.41 11.71
CA GLY L 84 -39.29 -20.08 10.92
C GLY L 84 -38.28 -19.14 10.29
N ARG L 85 -38.65 -17.88 10.12
CA ARG L 85 -37.75 -16.91 9.50
C ARG L 85 -36.54 -16.64 10.39
N PRO L 86 -35.44 -16.17 9.80
CA PRO L 86 -34.18 -16.00 10.55
C PRO L 86 -34.36 -15.21 11.84
N PRO L 87 -33.55 -15.50 12.85
CA PRO L 87 -33.67 -14.77 14.12
C PRO L 87 -33.29 -13.30 13.96
N THR L 88 -33.95 -12.47 14.75
CA THR L 88 -33.77 -11.01 14.71
C THR L 88 -33.06 -10.56 15.99
N VAL L 89 -31.95 -9.83 15.83
CA VAL L 89 -31.16 -9.34 16.94
C VAL L 89 -31.47 -7.86 17.12
N PRO L 90 -32.08 -7.44 18.23
CA PRO L 90 -32.40 -6.02 18.40
C PRO L 90 -31.21 -5.17 18.86
N VAL L 91 -30.23 -5.77 19.54
CA VAL L 91 -29.12 -5.03 20.12
C VAL L 91 -27.80 -5.70 19.71
N VAL L 92 -26.85 -4.91 19.21
CA VAL L 92 -25.53 -5.37 18.83
C VAL L 92 -24.49 -4.65 19.68
N TYR L 93 -23.49 -5.39 20.16
CA TYR L 93 -22.44 -4.83 21.00
C TYR L 93 -21.08 -5.22 20.43
N ILE L 94 -20.20 -4.23 20.26
CA ILE L 94 -18.89 -4.43 19.64
C ILE L 94 -17.84 -3.66 20.44
N ARG L 95 -16.69 -4.29 20.65
CA ARG L 95 -15.51 -3.63 21.22
C ARG L 95 -14.36 -3.69 20.21
N PRO L 96 -14.12 -2.63 19.46
CA PRO L 96 -13.07 -2.68 18.43
C PRO L 96 -11.68 -2.84 19.04
N HIS L 97 -10.77 -3.38 18.22
CA HIS L 97 -9.37 -3.53 18.59
C HIS L 97 -8.62 -2.23 18.35
N GLN L 98 -7.32 -2.21 18.68
CA GLN L 98 -6.51 -1.01 18.54
C GLN L 98 -6.43 -0.57 17.10
N LYS L 99 -6.76 0.71 16.85
CA LYS L 99 -6.72 1.31 15.52
C LYS L 99 -7.56 0.50 14.53
N CYS L 100 -8.83 0.31 14.90
CA CYS L 100 -9.74 -0.47 14.08
C CYS L 100 -10.07 0.28 12.79
N GLY L 101 -9.85 -0.38 11.66
CA GLY L 101 -10.17 0.19 10.37
C GLY L 101 -11.58 -0.15 9.93
N PRO L 102 -12.00 0.37 8.77
CA PRO L 102 -13.36 0.06 8.29
C PRO L 102 -13.62 -1.43 8.12
N LYS L 103 -12.74 -2.13 7.40
CA LYS L 103 -12.94 -3.55 7.14
C LYS L 103 -13.02 -4.35 8.44
N ASP L 104 -12.17 -4.02 9.42
CA ASP L 104 -12.18 -4.73 10.69
C ASP L 104 -13.52 -4.55 11.41
N LEU L 105 -14.08 -3.34 11.36
CA LEU L 105 -15.36 -3.09 12.02
C LEU L 105 -16.50 -3.83 11.32
N PHE L 106 -16.50 -3.83 9.98
CA PHE L 106 -17.51 -4.59 9.26
C PHE L 106 -17.41 -6.09 9.59
N LYS L 107 -16.18 -6.59 9.69
CA LYS L 107 -15.98 -7.98 10.10
C LYS L 107 -16.55 -8.24 11.49
N LYS L 108 -16.34 -7.31 12.42
CA LYS L 108 -16.90 -7.47 13.76
C LYS L 108 -18.43 -7.53 13.71
N ILE L 109 -19.05 -6.67 12.90
CA ILE L 109 -20.51 -6.66 12.79
C ILE L 109 -21.01 -8.01 12.27
N THR L 110 -20.38 -8.51 11.21
CA THR L 110 -20.85 -9.76 10.61
C THR L 110 -20.42 -11.01 11.37
N GLU L 111 -19.48 -10.89 12.30
CA GLU L 111 -19.10 -11.99 13.19
C GLU L 111 -20.00 -12.05 14.41
N TYR L 112 -20.39 -10.89 14.95
CA TYR L 112 -21.37 -10.85 16.02
C TYR L 112 -22.65 -11.54 15.59
N LEU L 113 -23.22 -11.13 14.46
CA LEU L 113 -24.34 -11.83 13.88
C LEU L 113 -23.88 -13.16 13.28
N LYS L 114 -24.77 -14.15 13.30
CA LYS L 114 -24.42 -15.50 12.88
C LYS L 114 -24.44 -15.58 11.35
N TYR L 115 -23.44 -14.92 10.75
CA TYR L 115 -23.20 -14.95 9.31
C TYR L 115 -21.71 -15.16 9.07
N ARG L 116 -21.35 -15.30 7.80
CA ARG L 116 -19.96 -15.38 7.38
C ARG L 116 -19.75 -14.44 6.20
N VAL L 117 -18.51 -14.04 5.98
CA VAL L 117 -18.15 -13.16 4.88
C VAL L 117 -17.05 -13.85 4.07
N THR L 118 -17.24 -13.92 2.76
CA THR L 118 -16.25 -14.49 1.87
C THR L 118 -15.15 -13.48 1.55
N LYS L 119 -14.08 -13.97 0.92
CA LYS L 119 -13.00 -13.09 0.51
C LYS L 119 -13.48 -12.05 -0.48
N GLY L 120 -13.20 -10.78 -0.21
CA GLY L 120 -13.68 -9.73 -1.07
C GLY L 120 -13.10 -8.38 -0.72
N THR L 121 -13.67 -7.34 -1.33
CA THR L 121 -13.17 -5.97 -1.20
C THR L 121 -13.87 -5.24 -0.05
N VAL L 122 -13.39 -4.02 0.22
CA VAL L 122 -14.02 -3.17 1.24
C VAL L 122 -15.45 -2.82 0.83
N SER L 123 -15.66 -2.53 -0.46
CA SER L 123 -17.01 -2.27 -0.95
C SER L 123 -17.91 -3.47 -0.72
N ASP L 124 -17.38 -4.68 -0.96
CA ASP L 124 -18.15 -5.89 -0.71
C ASP L 124 -18.49 -6.05 0.77
N PHE L 125 -17.56 -5.69 1.65
CA PHE L 125 -17.83 -5.77 3.09
C PHE L 125 -18.89 -4.78 3.50
N ARG L 126 -18.81 -3.54 3.00
CA ARG L 126 -19.86 -2.55 3.25
C ARG L 126 -21.22 -3.12 2.84
N ASP L 127 -21.30 -3.70 1.64
CA ASP L 127 -22.57 -4.20 1.14
C ASP L 127 -23.08 -5.37 1.98
N ARG L 128 -22.22 -6.33 2.29
CA ARG L 128 -22.63 -7.50 3.08
C ARG L 128 -23.08 -7.09 4.47
N THR L 129 -22.36 -6.14 5.08
CA THR L 129 -22.74 -5.64 6.40
C THR L 129 -24.10 -4.96 6.36
N ILE L 130 -24.34 -4.11 5.36
CA ILE L 130 -25.63 -3.46 5.23
C ILE L 130 -26.72 -4.50 5.00
N GLU L 131 -26.40 -5.56 4.25
CA GLU L 131 -27.39 -6.60 3.95
C GLU L 131 -27.84 -7.29 5.23
N VAL L 132 -26.88 -7.72 6.07
CA VAL L 132 -27.29 -8.41 7.30
C VAL L 132 -27.88 -7.42 8.30
N LEU L 133 -27.46 -6.15 8.26
CA LEU L 133 -28.03 -5.14 9.14
C LEU L 133 -29.48 -4.87 8.79
N LYS L 134 -29.81 -4.85 7.49
CA LYS L 134 -31.19 -4.72 7.06
C LYS L 134 -31.98 -5.98 7.40
N GLY L 135 -31.38 -7.16 7.18
CA GLY L 135 -32.06 -8.39 7.52
C GLY L 135 -32.32 -8.53 9.01
N CYS L 136 -31.34 -8.17 9.82
CA CYS L 136 -31.52 -8.18 11.26
C CYS L 136 -32.28 -6.94 11.71
N GLY L 137 -32.76 -6.97 12.95
CA GLY L 137 -33.47 -5.83 13.49
C GLY L 137 -32.54 -4.68 13.78
N VAL L 138 -31.55 -4.93 14.63
CA VAL L 138 -30.54 -3.95 15.03
C VAL L 138 -31.23 -2.63 15.39
N GLU L 139 -32.05 -2.66 16.44
CA GLU L 139 -32.70 -1.43 16.87
C GLU L 139 -31.68 -0.43 17.40
N MET L 140 -30.64 -0.92 18.07
CA MET L 140 -29.57 -0.07 18.59
C MET L 140 -28.24 -0.78 18.43
N LEU L 141 -27.18 0.00 18.23
CA LEU L 141 -25.83 -0.52 18.08
C LEU L 141 -24.93 0.17 19.09
N ILE L 142 -24.28 -0.60 19.96
CA ILE L 142 -23.43 -0.09 21.02
C ILE L 142 -21.98 -0.44 20.69
N ILE L 143 -21.11 0.58 20.67
CA ILE L 143 -19.70 0.42 20.32
C ILE L 143 -18.86 0.92 21.48
N ASP L 144 -18.07 0.02 22.06
CA ASP L 144 -17.18 0.38 23.16
C ASP L 144 -15.88 0.97 22.64
N GLU L 145 -15.20 1.72 23.50
CA GLU L 145 -13.88 2.29 23.24
C GLU L 145 -13.84 3.03 21.90
N ALA L 146 -14.61 4.12 21.84
CA ALA L 146 -14.75 4.86 20.59
C ALA L 146 -13.45 5.55 20.19
N ASP L 147 -12.60 5.90 21.15
CA ASP L 147 -11.39 6.66 20.83
C ASP L 147 -10.45 5.89 19.92
N ARG L 148 -10.42 4.56 20.03
CA ARG L 148 -9.48 3.76 19.26
C ARG L 148 -9.81 3.79 17.76
N LEU L 149 -11.08 3.97 17.41
CA LEU L 149 -11.50 3.91 16.01
C LEU L 149 -10.76 4.93 15.16
N LYS L 150 -10.44 4.53 13.93
CA LYS L 150 -9.82 5.46 12.99
C LYS L 150 -10.86 6.47 12.49
N PRO L 151 -10.43 7.66 12.10
CA PRO L 151 -11.39 8.68 11.61
C PRO L 151 -12.27 8.20 10.47
N GLU L 152 -11.71 7.48 9.50
CA GLU L 152 -12.51 6.94 8.40
C GLU L 152 -13.54 5.94 8.92
N THR L 153 -13.17 5.14 9.92
CA THR L 153 -14.12 4.23 10.55
C THR L 153 -15.26 5.00 11.20
N PHE L 154 -14.96 6.17 11.77
CA PHE L 154 -16.02 7.04 12.30
C PHE L 154 -16.96 7.50 11.19
N ALA L 155 -16.40 7.90 10.05
CA ALA L 155 -17.24 8.27 8.92
C ALA L 155 -18.16 7.11 8.52
N ASP L 156 -17.65 5.89 8.54
CA ASP L 156 -18.47 4.73 8.17
C ASP L 156 -19.57 4.46 9.21
N VAL L 157 -19.26 4.65 10.49
CA VAL L 157 -20.28 4.51 11.53
C VAL L 157 -21.41 5.50 11.30
N ARG L 158 -21.04 6.76 11.01
CA ARG L 158 -22.06 7.76 10.71
C ARG L 158 -22.85 7.39 9.47
N ASP L 159 -22.18 6.84 8.45
CA ASP L 159 -22.87 6.40 7.23
C ASP L 159 -23.95 5.38 7.57
N ILE L 160 -23.62 4.39 8.40
CA ILE L 160 -24.62 3.39 8.78
C ILE L 160 -25.76 4.04 9.55
N ALA L 161 -25.42 4.92 10.51
CA ALA L 161 -26.45 5.56 11.31
C ALA L 161 -27.39 6.41 10.46
N GLU L 162 -26.90 6.95 9.35
CA GLU L 162 -27.71 7.79 8.49
C GLU L 162 -28.48 6.99 7.43
N ASP L 163 -27.95 5.85 7.00
CA ASP L 163 -28.60 5.08 5.94
C ASP L 163 -29.72 4.20 6.47
N LEU L 164 -29.56 3.64 7.67
CA LEU L 164 -30.52 2.71 8.24
C LEU L 164 -31.19 3.31 9.48
N GLY L 165 -32.38 2.82 9.77
CA GLY L 165 -33.10 3.24 10.96
C GLY L 165 -32.55 2.61 12.21
N ILE L 166 -31.27 2.85 12.48
CA ILE L 166 -30.54 2.22 13.58
C ILE L 166 -29.86 3.32 14.39
N ALA L 167 -30.00 3.24 15.72
CA ALA L 167 -29.34 4.17 16.62
C ALA L 167 -27.96 3.64 17.00
N VAL L 168 -27.03 4.57 17.24
CA VAL L 168 -25.64 4.24 17.53
C VAL L 168 -25.21 4.89 18.84
N VAL L 169 -24.68 4.09 19.75
CA VAL L 169 -24.18 4.55 21.04
C VAL L 169 -22.66 4.39 21.04
N LEU L 170 -21.95 5.48 21.33
CA LEU L 170 -20.48 5.48 21.35
C LEU L 170 -20.00 5.58 22.79
N VAL L 171 -19.69 4.43 23.39
CA VAL L 171 -19.11 4.41 24.73
C VAL L 171 -17.68 4.96 24.66
N GLY L 172 -17.33 5.81 25.62
CA GLY L 172 -16.01 6.41 25.59
C GLY L 172 -15.57 6.94 26.94
N THR L 173 -14.31 7.33 26.99
CA THR L 173 -13.69 7.93 28.17
C THR L 173 -13.72 9.45 28.05
N ASP L 174 -12.91 10.14 28.86
CA ASP L 174 -12.91 11.60 28.84
C ASP L 174 -12.47 12.15 27.48
N ARG L 175 -11.68 11.38 26.73
CA ARG L 175 -11.15 11.83 25.45
C ARG L 175 -12.14 11.71 24.29
N LEU L 176 -13.35 11.19 24.54
CA LEU L 176 -14.30 10.99 23.45
C LEU L 176 -14.73 12.32 22.83
N ASP L 177 -14.99 13.32 23.66
CA ASP L 177 -15.30 14.65 23.15
C ASP L 177 -14.18 15.14 22.24
N ALA L 178 -12.93 14.99 22.68
CA ALA L 178 -11.79 15.45 21.90
C ALA L 178 -11.72 14.72 20.55
N VAL L 179 -12.00 13.42 20.54
CA VAL L 179 -11.97 12.68 19.29
C VAL L 179 -13.03 13.20 18.33
N ILE L 180 -14.24 13.48 18.84
CA ILE L 180 -15.31 13.93 17.96
C ILE L 180 -15.28 15.42 17.67
N LYS L 181 -14.35 16.17 18.25
CA LYS L 181 -14.26 17.60 17.96
C LYS L 181 -13.61 17.90 16.61
N ARG L 182 -12.90 16.94 16.02
CA ARG L 182 -12.23 17.14 14.74
C ARG L 182 -13.14 16.91 13.54
N ASP L 183 -14.43 16.62 13.77
CA ASP L 183 -15.37 16.32 12.71
C ASP L 183 -16.69 16.99 13.07
N GLU L 184 -17.10 17.97 12.26
CA GLU L 184 -18.31 18.73 12.55
C GLU L 184 -19.57 17.85 12.48
N GLN L 185 -19.57 16.85 11.59
CA GLN L 185 -20.78 16.06 11.35
C GLN L 185 -21.15 15.21 12.56
N VAL L 186 -20.16 14.58 13.20
CA VAL L 186 -20.45 13.77 14.38
C VAL L 186 -20.88 14.66 15.55
N LEU L 187 -20.32 15.87 15.64
CA LEU L 187 -20.81 16.84 16.61
C LEU L 187 -22.27 17.18 16.35
N GLU L 188 -22.67 17.20 15.08
CA GLU L 188 -24.06 17.52 14.75
C GLU L 188 -25.01 16.39 15.10
N ARG L 189 -24.58 15.13 14.92
CA ARG L 189 -25.50 14.01 15.14
C ARG L 189 -25.42 13.41 16.53
N PHE L 190 -24.30 13.57 17.24
CA PHE L 190 -24.09 12.94 18.54
C PHE L 190 -24.08 13.96 19.67
N ARG L 191 -24.96 14.96 19.61
CA ARG L 191 -24.95 16.03 20.61
C ARG L 191 -25.34 15.51 21.99
N ALA L 192 -26.37 14.67 22.06
CA ALA L 192 -26.82 14.15 23.35
C ALA L 192 -25.78 13.20 23.93
N HIS L 193 -25.62 13.25 25.25
CA HIS L 193 -24.62 12.41 25.90
C HIS L 193 -25.00 12.19 27.36
N LEU L 194 -24.47 11.10 27.92
CA LEU L 194 -24.64 10.74 29.32
C LEU L 194 -23.27 10.59 29.96
N ARG L 195 -23.15 11.01 31.22
CA ARG L 195 -21.88 10.92 31.94
C ARG L 195 -21.99 9.91 33.07
N PHE L 196 -20.91 9.16 33.27
CA PHE L 196 -20.72 8.33 34.44
C PHE L 196 -19.79 9.05 35.42
N GLY L 197 -20.05 8.90 36.71
CA GLY L 197 -19.24 9.57 37.71
C GLY L 197 -18.54 8.61 38.66
N LYS L 198 -18.30 9.06 39.89
CA LYS L 198 -17.66 8.24 40.91
C LYS L 198 -18.59 8.08 42.10
N LEU L 199 -18.18 7.24 43.04
CA LEU L 199 -18.93 6.97 44.26
C LEU L 199 -18.33 7.75 45.42
N SER L 200 -19.16 8.53 46.11
CA SER L 200 -18.68 9.35 47.21
C SER L 200 -19.77 9.51 48.26
N GLY L 201 -19.34 9.71 49.50
CA GLY L 201 -20.29 10.01 50.56
C GLY L 201 -21.18 8.83 50.91
N GLU L 202 -22.47 9.11 51.03
CA GLU L 202 -23.43 8.06 51.41
C GLU L 202 -23.57 6.99 50.35
N ASP L 203 -23.46 7.36 49.07
CA ASP L 203 -23.59 6.38 48.00
C ASP L 203 -22.55 5.28 48.13
N PHE L 204 -21.29 5.67 48.35
CA PHE L 204 -20.21 4.70 48.51
C PHE L 204 -20.48 3.78 49.69
N LYS L 205 -20.93 4.34 50.81
CA LYS L 205 -21.16 3.52 52.02
C LYS L 205 -22.31 2.54 51.81
N ASN L 206 -23.42 3.02 51.26
CA ASN L 206 -24.55 2.15 50.98
C ASN L 206 -24.14 1.00 50.07
N THR L 207 -23.44 1.32 48.97
CA THR L 207 -22.97 0.27 48.09
C THR L 207 -22.06 -0.70 48.82
N VAL L 208 -21.17 -0.19 49.69
CA VAL L 208 -20.22 -1.06 50.38
C VAL L 208 -20.95 -2.10 51.22
N GLU L 209 -21.98 -1.67 51.97
CA GLU L 209 -22.78 -2.63 52.72
C GLU L 209 -23.41 -3.65 51.78
N MET L 210 -23.96 -3.17 50.66
CA MET L 210 -24.55 -4.08 49.69
C MET L 210 -23.53 -5.07 49.14
N TRP L 211 -22.28 -4.61 48.96
CA TRP L 211 -21.23 -5.48 48.43
C TRP L 211 -20.89 -6.57 49.43
N GLU L 212 -20.81 -6.21 50.71
CA GLU L 212 -20.52 -7.19 51.75
C GLU L 212 -21.61 -8.25 51.82
N GLN L 213 -22.87 -7.87 51.58
CA GLN L 213 -23.95 -8.86 51.73
C GLN L 213 -24.28 -9.61 50.44
N MET L 214 -24.12 -8.99 49.27
CA MET L 214 -24.60 -9.52 48.00
C MET L 214 -23.54 -10.28 47.22
N VAL L 215 -22.26 -9.96 47.40
CA VAL L 215 -21.17 -10.57 46.64
C VAL L 215 -20.35 -11.53 47.50
N LEU L 216 -19.81 -11.03 48.61
CA LEU L 216 -18.92 -11.81 49.44
C LEU L 216 -19.66 -12.99 50.08
N LYS L 217 -18.98 -14.13 50.17
CA LYS L 217 -19.50 -15.30 50.86
C LYS L 217 -19.05 -15.37 52.31
N LEU L 218 -18.63 -14.24 52.88
CA LEU L 218 -18.12 -14.19 54.24
C LEU L 218 -19.15 -14.72 55.22
N PRO L 219 -18.85 -15.81 55.94
CA PRO L 219 -19.87 -16.39 56.85
C PRO L 219 -20.34 -15.44 57.93
N VAL L 220 -19.48 -14.56 58.43
CA VAL L 220 -19.83 -13.61 59.49
C VAL L 220 -19.52 -12.20 58.99
N SER L 221 -20.48 -11.30 59.14
CA SER L 221 -20.33 -9.94 58.64
C SER L 221 -19.15 -9.25 59.31
N SER L 222 -18.46 -8.41 58.53
CA SER L 222 -17.25 -7.71 59.00
C SER L 222 -17.49 -6.23 59.29
N ASN L 223 -18.69 -5.72 59.06
CA ASN L 223 -19.05 -4.33 59.36
C ASN L 223 -18.10 -3.35 58.66
N LEU L 224 -18.07 -3.44 57.33
CA LEU L 224 -17.17 -2.60 56.56
C LEU L 224 -17.55 -1.13 56.63
N LYS L 225 -18.82 -0.83 56.88
CA LYS L 225 -19.29 0.55 56.91
C LYS L 225 -18.73 1.33 58.09
N SER L 226 -18.20 0.65 59.11
CA SER L 226 -17.66 1.35 60.26
C SER L 226 -16.46 2.18 59.87
N LYS L 227 -16.21 3.24 60.65
CA LYS L 227 -15.16 4.20 60.32
C LYS L 227 -13.80 3.54 60.22
N GLU L 228 -13.48 2.63 61.15
CA GLU L 228 -12.19 1.96 61.16
C GLU L 228 -11.92 1.26 59.83
N MET L 229 -12.91 0.56 59.28
CA MET L 229 -12.76 -0.12 58.01
C MET L 229 -13.21 0.71 56.82
N LEU L 230 -13.87 1.85 57.06
CA LEU L 230 -14.23 2.73 55.95
C LEU L 230 -13.04 3.54 55.47
N ARG L 231 -12.20 4.00 56.40
CA ARG L 231 -11.06 4.83 56.01
C ARG L 231 -10.14 4.08 55.03
N ILE L 232 -9.91 2.80 55.26
CA ILE L 232 -9.00 2.02 54.42
C ILE L 232 -9.56 1.88 53.01
N LEU L 233 -10.78 1.35 52.90
CA LEU L 233 -11.42 1.18 51.61
C LEU L 233 -11.48 2.49 50.85
N THR L 234 -11.92 3.56 51.52
CA THR L 234 -12.09 4.83 50.84
C THR L 234 -10.75 5.41 50.38
N SER L 235 -9.72 5.30 51.21
CA SER L 235 -8.42 5.88 50.85
C SER L 235 -7.82 5.16 49.64
N ALA L 236 -7.83 3.83 49.65
CA ALA L 236 -7.19 3.11 48.55
C ALA L 236 -8.04 3.17 47.28
N THR L 237 -9.36 3.15 47.43
CA THR L 237 -10.26 2.99 46.29
C THR L 237 -10.44 4.29 45.51
N GLU L 238 -10.56 5.42 46.22
CA GLU L 238 -10.73 6.74 45.61
C GLU L 238 -12.02 6.85 44.80
N GLY L 239 -13.02 6.05 45.14
CA GLY L 239 -14.32 6.16 44.51
C GLY L 239 -14.51 5.34 43.24
N TYR L 240 -13.52 4.56 42.83
CA TYR L 240 -13.64 3.74 41.63
C TYR L 240 -14.17 2.36 41.99
N ILE L 241 -15.19 1.90 41.25
CA ILE L 241 -15.88 0.66 41.60
C ILE L 241 -14.93 -0.53 41.50
N GLY L 242 -14.14 -0.57 40.42
CA GLY L 242 -13.29 -1.74 40.18
C GLY L 242 -12.30 -2.00 41.30
N ARG L 243 -11.62 -0.95 41.75
CA ARG L 243 -10.65 -1.09 42.84
C ARG L 243 -11.32 -1.65 44.09
N LEU L 244 -12.52 -1.17 44.41
CA LEU L 244 -13.22 -1.61 45.61
C LEU L 244 -13.58 -3.09 45.54
N ASP L 245 -14.20 -3.52 44.44
CA ASP L 245 -14.58 -4.93 44.33
C ASP L 245 -13.36 -5.83 44.34
N GLU L 246 -12.28 -5.43 43.64
CA GLU L 246 -11.04 -6.19 43.66
C GLU L 246 -10.55 -6.38 45.09
N ILE L 247 -10.46 -5.28 45.85
CA ILE L 247 -9.95 -5.33 47.21
C ILE L 247 -10.79 -6.25 48.08
N LEU L 248 -12.12 -6.13 47.98
CA LEU L 248 -12.99 -6.90 48.87
C LEU L 248 -12.92 -8.40 48.57
N ARG L 249 -12.95 -8.77 47.28
CA ARG L 249 -12.83 -10.18 46.93
C ARG L 249 -11.51 -10.76 47.41
N GLU L 250 -10.41 -10.02 47.21
CA GLU L 250 -9.11 -10.54 47.64
C GLU L 250 -9.03 -10.66 49.17
N ALA L 251 -9.57 -9.67 49.89
CA ALA L 251 -9.56 -9.73 51.35
C ALA L 251 -10.35 -10.92 51.85
N ALA L 252 -11.51 -11.19 51.26
CA ALA L 252 -12.30 -12.34 51.68
C ALA L 252 -11.57 -13.65 51.39
N ILE L 253 -10.92 -13.75 50.23
CA ILE L 253 -10.18 -14.96 49.90
C ILE L 253 -9.05 -15.18 50.90
N ARG L 254 -8.27 -14.13 51.17
CA ARG L 254 -7.15 -14.25 52.11
C ARG L 254 -7.65 -14.60 53.51
N SER L 255 -8.79 -14.04 53.92
CA SER L 255 -9.32 -14.30 55.25
C SER L 255 -9.80 -15.75 55.38
N LEU L 256 -10.51 -16.26 54.36
CA LEU L 256 -10.96 -17.65 54.42
C LEU L 256 -9.78 -18.61 54.38
N SER L 257 -8.75 -18.30 53.58
CA SER L 257 -7.56 -19.14 53.54
C SER L 257 -6.91 -19.24 54.91
N ARG L 258 -6.95 -18.16 55.69
CA ARG L 258 -6.40 -18.15 57.05
C ARG L 258 -7.33 -18.79 58.07
N GLY L 259 -8.47 -19.33 57.64
CA GLY L 259 -9.40 -19.95 58.56
C GLY L 259 -10.36 -19.00 59.24
N LEU L 260 -10.40 -17.73 58.83
CA LEU L 260 -11.28 -16.76 59.44
C LEU L 260 -12.69 -16.88 58.86
N LYS L 261 -13.69 -16.66 59.71
CA LYS L 261 -15.06 -16.48 59.26
C LYS L 261 -15.43 -15.02 59.10
N LYS L 262 -14.48 -14.11 59.35
CA LYS L 262 -14.70 -12.67 59.30
C LYS L 262 -13.37 -12.00 59.01
N ILE L 263 -13.41 -10.94 58.20
CA ILE L 263 -12.19 -10.25 57.78
C ILE L 263 -11.68 -9.38 58.92
N ASP L 264 -10.44 -9.62 59.34
CA ASP L 264 -9.82 -8.83 60.40
C ASP L 264 -9.31 -7.50 59.84
N LYS L 265 -8.97 -6.58 60.76
CA LYS L 265 -8.50 -5.26 60.35
C LYS L 265 -7.15 -5.34 59.66
N ALA L 266 -6.23 -6.15 60.20
CA ALA L 266 -4.91 -6.28 59.59
C ALA L 266 -5.01 -6.87 58.18
N VAL L 267 -5.87 -7.87 58.00
CA VAL L 267 -6.05 -8.47 56.68
C VAL L 267 -6.56 -7.45 55.68
N LEU L 268 -7.54 -6.64 56.10
CA LEU L 268 -8.09 -5.63 55.21
C LEU L 268 -7.04 -4.58 54.85
N GLN L 269 -6.18 -4.23 55.81
CA GLN L 269 -5.17 -3.20 55.56
C GLN L 269 -4.07 -3.70 54.64
N GLU L 270 -3.72 -4.99 54.72
CA GLU L 270 -2.60 -5.51 53.93
C GLU L 270 -2.86 -5.39 52.42
N VAL L 271 -4.08 -5.73 51.99
CA VAL L 271 -4.41 -5.73 50.57
C VAL L 271 -4.25 -4.34 49.97
N ALA L 272 -4.69 -3.32 50.69
CA ALA L 272 -4.64 -1.95 50.18
C ALA L 272 -3.22 -1.55 49.81
N LYS L 273 -2.27 -1.77 50.72
CA LYS L 273 -0.88 -1.42 50.43
C LYS L 273 -0.32 -2.30 49.31
N GLU L 274 -0.64 -3.59 49.33
CA GLU L 274 -0.10 -4.47 48.28
C GLU L 274 -0.61 -4.07 46.91
N TYR L 275 -1.89 -3.71 46.81
CA TYR L 275 -2.49 -3.37 45.53
C TYR L 275 -2.63 -1.86 45.37
N GLU O 19 -11.53 0.72 -73.29
CA GLU O 19 -12.29 0.03 -74.33
C GLU O 19 -13.78 0.00 -73.99
N TRP O 20 -14.60 0.57 -74.88
CA TRP O 20 -16.04 0.59 -74.64
C TRP O 20 -16.62 -0.82 -74.61
N LEU O 21 -16.12 -1.70 -75.47
CA LEU O 21 -16.64 -3.06 -75.54
C LEU O 21 -16.50 -3.77 -74.20
N GLN O 22 -15.38 -3.56 -73.51
CA GLN O 22 -15.18 -4.19 -72.21
C GLN O 22 -16.15 -3.63 -71.17
N ALA O 23 -16.44 -2.33 -71.24
CA ALA O 23 -17.44 -1.75 -70.34
C ALA O 23 -18.83 -2.32 -70.63
N GLU O 24 -19.15 -2.50 -71.91
CA GLU O 24 -20.43 -3.09 -72.28
C GLU O 24 -20.53 -4.53 -71.80
N ILE O 25 -19.42 -5.28 -71.87
CA ILE O 25 -19.39 -6.63 -71.32
C ILE O 25 -19.58 -6.60 -69.80
N ALA O 26 -18.88 -5.69 -69.13
CA ALA O 26 -19.00 -5.57 -67.68
C ALA O 26 -20.41 -5.23 -67.25
N ARG O 27 -21.14 -4.47 -68.08
CA ARG O 27 -22.55 -4.19 -67.78
C ARG O 27 -23.37 -5.48 -67.72
N LEU O 28 -23.01 -6.48 -68.53
CA LEU O 28 -23.74 -7.74 -68.58
C LEU O 28 -23.17 -8.76 -67.61
N LYS O 29 -21.85 -8.94 -67.59
CA LYS O 29 -21.23 -9.79 -66.60
C LYS O 29 -21.45 -9.18 -65.22
N GLY O 30 -22.10 -9.93 -64.35
CA GLY O 30 -22.45 -9.44 -63.03
C GLY O 30 -23.78 -10.01 -62.59
N LYS O 31 -24.41 -9.32 -61.64
CA LYS O 31 -25.66 -9.76 -61.06
C LYS O 31 -26.68 -8.63 -61.07
N SER O 32 -27.91 -8.95 -61.48
CA SER O 32 -29.01 -8.01 -61.51
C SER O 32 -30.27 -8.70 -61.03
N ILE O 33 -31.23 -7.90 -60.55
CA ILE O 33 -32.46 -8.40 -59.97
C ILE O 33 -33.56 -8.37 -61.04
N VAL O 34 -34.22 -9.51 -61.24
CA VAL O 34 -35.37 -9.62 -62.13
C VAL O 34 -36.57 -10.04 -61.30
N PRO O 35 -37.46 -9.11 -60.96
CA PRO O 35 -38.59 -9.43 -60.09
C PRO O 35 -39.51 -10.48 -60.71
N LEU O 36 -40.01 -11.37 -59.87
CA LEU O 36 -40.94 -12.41 -60.30
C LEU O 36 -42.07 -12.52 -59.28
N GLN O 37 -43.16 -13.16 -59.72
CA GLN O 37 -44.30 -13.36 -58.83
C GLN O 37 -43.91 -14.15 -57.59
N GLN O 38 -42.94 -15.06 -57.73
CA GLN O 38 -42.42 -15.79 -56.57
C GLN O 38 -41.87 -14.81 -55.51
N VAL O 39 -41.11 -13.81 -55.96
CA VAL O 39 -40.49 -12.87 -55.04
C VAL O 39 -41.54 -11.98 -54.38
N LYS O 40 -42.46 -11.45 -55.18
CA LYS O 40 -43.52 -10.60 -54.62
C LYS O 40 -44.40 -11.38 -53.64
N THR O 41 -44.71 -12.63 -53.98
CA THR O 41 -45.45 -13.49 -53.07
C THR O 41 -44.73 -13.65 -51.74
N LEU O 42 -43.42 -13.94 -51.80
CA LEU O 42 -42.65 -14.07 -50.56
C LEU O 42 -42.66 -12.77 -49.78
N HIS O 43 -42.55 -11.62 -50.45
CA HIS O 43 -42.49 -10.34 -49.74
C HIS O 43 -43.80 -10.06 -49.01
N ASP O 44 -44.94 -10.26 -49.69
CA ASP O 44 -46.23 -10.06 -49.03
C ASP O 44 -46.43 -11.05 -47.90
N TRP O 45 -46.00 -12.31 -48.11
CA TRP O 45 -46.07 -13.32 -47.07
C TRP O 45 -45.31 -12.90 -45.83
N LEU O 46 -44.08 -12.41 -46.03
CA LEU O 46 -43.25 -11.97 -44.90
C LEU O 46 -43.85 -10.75 -44.22
N ASP O 47 -44.47 -9.85 -44.98
CA ASP O 47 -45.17 -8.72 -44.37
C ASP O 47 -46.26 -9.20 -43.43
N GLY O 48 -47.09 -10.13 -43.90
CA GLY O 48 -48.12 -10.69 -43.05
C GLY O 48 -47.56 -11.35 -41.80
N LYS O 49 -46.45 -12.07 -41.95
CA LYS O 49 -45.83 -12.72 -40.80
C LYS O 49 -45.26 -11.70 -39.81
N ARG O 50 -44.76 -10.57 -40.32
CA ARG O 50 -44.28 -9.50 -39.45
C ARG O 50 -45.43 -8.94 -38.63
N LYS O 51 -46.56 -8.67 -39.28
CA LYS O 51 -47.71 -8.13 -38.56
C LYS O 51 -48.17 -9.09 -37.46
N ALA O 52 -48.09 -10.39 -37.71
CA ALA O 52 -48.52 -11.39 -36.74
C ALA O 52 -47.42 -11.81 -35.78
N ARG O 53 -46.18 -11.36 -35.99
CA ARG O 53 -45.03 -11.82 -35.22
C ARG O 53 -44.98 -13.35 -35.20
N LYS O 54 -45.17 -13.94 -36.38
CA LYS O 54 -45.30 -15.39 -36.53
C LYS O 54 -44.07 -15.95 -37.22
N SER O 55 -43.52 -17.02 -36.66
CA SER O 55 -42.37 -17.70 -37.23
C SER O 55 -42.82 -18.66 -38.33
N CYS O 56 -41.89 -18.96 -39.24
CA CYS O 56 -42.22 -19.80 -40.39
C CYS O 56 -40.92 -20.28 -41.05
N ARG O 57 -41.08 -21.09 -42.09
CA ARG O 57 -39.98 -21.64 -42.86
C ARG O 57 -40.10 -21.24 -44.33
N VAL O 58 -38.97 -21.21 -45.01
CA VAL O 58 -38.91 -21.01 -46.46
C VAL O 58 -38.07 -22.15 -47.04
N VAL O 59 -38.73 -23.06 -47.76
CA VAL O 59 -38.11 -24.30 -48.23
C VAL O 59 -38.01 -24.24 -49.74
N GLY O 60 -36.81 -24.51 -50.26
CA GLY O 60 -36.60 -24.50 -51.70
C GLY O 60 -35.22 -24.98 -52.07
N GLU O 61 -35.06 -25.32 -53.35
CA GLU O 61 -33.79 -25.82 -53.85
C GLU O 61 -32.79 -24.67 -54.05
N SER O 62 -31.53 -25.04 -54.21
CA SER O 62 -30.47 -24.05 -54.34
C SER O 62 -30.51 -23.39 -55.72
N ARG O 63 -29.93 -22.19 -55.79
CA ARG O 63 -29.85 -21.39 -57.01
C ARG O 63 -31.23 -21.07 -57.58
N THR O 64 -32.22 -20.88 -56.70
CA THR O 64 -33.57 -20.51 -57.11
C THR O 64 -33.85 -19.02 -56.95
N GLY O 65 -32.87 -18.24 -56.47
CA GLY O 65 -33.08 -16.83 -56.26
C GLY O 65 -33.70 -16.46 -54.93
N LYS O 66 -33.86 -17.42 -54.01
CA LYS O 66 -34.43 -17.12 -52.70
C LYS O 66 -33.50 -16.22 -51.88
N THR O 67 -32.19 -16.48 -51.97
CA THR O 67 -31.22 -15.66 -51.27
C THR O 67 -31.29 -14.21 -51.73
N VAL O 68 -31.60 -13.98 -53.01
CA VAL O 68 -31.75 -12.63 -53.52
C VAL O 68 -33.04 -12.00 -52.99
N ALA O 69 -34.11 -12.80 -52.92
CA ALA O 69 -35.39 -12.27 -52.45
C ALA O 69 -35.30 -11.84 -50.99
N CYS O 70 -34.53 -12.56 -50.18
CA CYS O 70 -34.35 -12.16 -48.79
C CYS O 70 -33.75 -10.75 -48.69
N ASP O 71 -32.66 -10.51 -49.41
CA ASP O 71 -32.02 -9.20 -49.39
C ASP O 71 -32.92 -8.14 -50.02
N ALA O 72 -33.63 -8.48 -51.09
CA ALA O 72 -34.52 -7.52 -51.74
C ALA O 72 -35.63 -7.08 -50.80
N TYR O 73 -36.12 -8.01 -49.97
CA TYR O 73 -37.09 -7.63 -48.95
C TYR O 73 -36.45 -6.76 -47.87
N ARG O 74 -35.25 -7.14 -47.42
CA ARG O 74 -34.58 -6.38 -46.37
C ARG O 74 -34.35 -4.93 -46.79
N TYR O 75 -33.97 -4.71 -48.05
CA TYR O 75 -33.65 -3.37 -48.53
C TYR O 75 -34.89 -2.51 -48.76
N ARG O 76 -36.08 -3.05 -48.57
CA ARG O 76 -37.30 -2.25 -48.59
C ARG O 76 -37.71 -1.78 -47.21
N HIS O 77 -37.09 -2.30 -46.15
CA HIS O 77 -37.44 -2.01 -44.77
C HIS O 77 -36.02 -1.80 -44.24
N LYS O 78 -35.61 -0.54 -44.12
CA LYS O 78 -34.26 -0.20 -43.72
C LYS O 78 -34.45 0.39 -42.32
N PRO O 79 -33.44 0.30 -41.46
CA PRO O 79 -33.56 0.87 -40.10
C PRO O 79 -33.82 2.36 -40.13
N GLN O 80 -34.47 2.84 -39.07
CA GLN O 80 -34.82 4.26 -38.92
C GLN O 80 -34.12 4.82 -37.70
N GLN O 81 -33.40 5.93 -37.89
CA GLN O 81 -32.65 6.58 -36.83
C GLN O 81 -33.05 8.05 -36.65
N GLU O 82 -34.32 8.36 -36.95
CA GLU O 82 -34.75 9.76 -36.95
C GLU O 82 -34.78 10.34 -35.54
N ALA O 83 -35.27 9.57 -34.57
CA ALA O 83 -35.40 10.08 -33.22
C ALA O 83 -34.07 9.99 -32.48
N GLY O 84 -33.95 10.79 -31.41
CA GLY O 84 -32.74 10.82 -30.60
C GLY O 84 -32.38 9.48 -29.97
N ARG O 85 -33.28 8.51 -30.03
CA ARG O 85 -33.05 7.18 -29.49
C ARG O 85 -32.17 6.36 -30.43
N PRO O 86 -31.58 5.27 -29.92
CA PRO O 86 -30.77 4.38 -30.76
C PRO O 86 -31.55 3.91 -31.97
N PRO O 87 -30.87 3.64 -33.09
CA PRO O 87 -31.56 3.25 -34.32
C PRO O 87 -32.39 1.99 -34.15
N THR O 88 -33.51 1.94 -34.87
CA THR O 88 -34.48 0.84 -34.77
C THR O 88 -34.37 -0.04 -36.01
N VAL O 89 -33.99 -1.29 -35.80
CA VAL O 89 -33.80 -2.26 -36.88
C VAL O 89 -35.05 -3.15 -36.92
N PRO O 90 -35.85 -3.10 -37.99
CA PRO O 90 -37.03 -3.97 -38.05
C PRO O 90 -36.70 -5.41 -38.44
N VAL O 91 -35.67 -5.59 -39.27
CA VAL O 91 -35.36 -6.89 -39.86
C VAL O 91 -33.88 -7.18 -39.68
N VAL O 92 -33.57 -8.35 -39.13
CA VAL O 92 -32.19 -8.84 -39.02
C VAL O 92 -32.03 -10.01 -39.98
N TYR O 93 -30.93 -10.01 -40.73
CA TYR O 93 -30.66 -11.04 -41.74
C TYR O 93 -29.24 -11.53 -41.58
N ILE O 94 -29.07 -12.81 -41.27
CA ILE O 94 -27.76 -13.39 -40.99
C ILE O 94 -27.59 -14.67 -41.81
N ARG O 95 -26.32 -15.02 -42.05
CA ARG O 95 -25.96 -16.27 -42.72
C ARG O 95 -24.87 -16.95 -41.90
N PRO O 96 -25.21 -17.97 -41.11
CA PRO O 96 -24.19 -18.69 -40.34
C PRO O 96 -23.14 -19.33 -41.23
N HIS O 97 -21.92 -19.44 -40.70
CA HIS O 97 -20.78 -19.98 -41.45
C HIS O 97 -20.75 -21.50 -41.30
N GLN O 98 -21.49 -22.18 -42.18
CA GLN O 98 -21.57 -23.65 -42.20
C GLN O 98 -22.00 -24.11 -40.81
N LYS O 99 -21.33 -25.10 -40.21
CA LYS O 99 -21.69 -25.51 -38.86
C LYS O 99 -21.46 -24.37 -37.87
N CYS O 100 -22.41 -24.17 -36.97
CA CYS O 100 -22.33 -23.06 -36.02
C CYS O 100 -22.94 -23.46 -34.70
N GLY O 101 -22.46 -22.80 -33.63
CA GLY O 101 -22.99 -23.02 -32.31
C GLY O 101 -23.77 -21.82 -31.81
N PRO O 102 -24.43 -21.95 -30.65
CA PRO O 102 -25.19 -20.81 -30.10
C PRO O 102 -24.35 -19.56 -29.92
N LYS O 103 -23.10 -19.73 -29.48
CA LYS O 103 -22.20 -18.60 -29.29
C LYS O 103 -22.00 -17.83 -30.59
N ASP O 104 -21.93 -18.53 -31.72
CA ASP O 104 -21.66 -17.87 -32.99
C ASP O 104 -22.88 -17.12 -33.50
N LEU O 105 -24.07 -17.70 -33.35
CA LEU O 105 -25.29 -16.97 -33.69
C LEU O 105 -25.40 -15.70 -32.86
N PHE O 106 -25.14 -15.81 -31.55
CA PHE O 106 -25.19 -14.64 -30.68
C PHE O 106 -24.19 -13.58 -31.14
N LYS O 107 -22.96 -14.00 -31.44
CA LYS O 107 -21.93 -13.07 -31.89
C LYS O 107 -22.34 -12.36 -33.17
N LYS O 108 -22.85 -13.11 -34.15
CA LYS O 108 -23.21 -12.51 -35.43
C LYS O 108 -24.41 -11.57 -35.30
N ILE O 109 -25.41 -11.96 -34.51
CA ILE O 109 -26.56 -11.09 -34.30
C ILE O 109 -26.12 -9.79 -33.61
N THR O 110 -25.22 -9.90 -32.64
CA THR O 110 -24.72 -8.71 -31.95
C THR O 110 -23.96 -7.80 -32.92
N GLU O 111 -23.13 -8.38 -33.78
CA GLU O 111 -22.38 -7.57 -34.74
C GLU O 111 -23.30 -6.91 -35.76
N TYR O 112 -24.32 -7.64 -36.22
CA TYR O 112 -25.27 -7.10 -37.19
C TYR O 112 -25.89 -5.80 -36.67
N LEU O 113 -26.31 -5.79 -35.41
CA LEU O 113 -26.92 -4.62 -34.78
C LEU O 113 -25.91 -3.57 -34.37
N LYS O 114 -24.63 -3.74 -34.76
CA LYS O 114 -23.58 -2.74 -34.52
C LYS O 114 -23.30 -2.56 -33.02
N TYR O 115 -23.15 -3.67 -32.32
CA TYR O 115 -22.81 -3.66 -30.90
C TYR O 115 -21.54 -4.45 -30.66
N ARG O 116 -20.83 -4.08 -29.58
CA ARG O 116 -19.62 -4.79 -29.20
C ARG O 116 -19.97 -6.18 -28.66
N VAL O 117 -19.23 -7.18 -29.11
CA VAL O 117 -19.43 -8.56 -28.64
C VAL O 117 -18.70 -8.71 -27.30
N THR O 118 -19.45 -9.10 -26.26
CA THR O 118 -18.84 -9.33 -24.97
C THR O 118 -17.96 -10.57 -25.02
N LYS O 119 -16.98 -10.62 -24.11
CA LYS O 119 -16.17 -11.81 -23.91
C LYS O 119 -16.73 -12.61 -22.75
N GLY O 120 -16.56 -13.92 -22.81
CA GLY O 120 -17.13 -14.80 -21.81
C GLY O 120 -17.67 -16.09 -22.38
N THR O 121 -18.70 -16.65 -21.75
CA THR O 121 -19.26 -17.93 -22.14
C THR O 121 -20.66 -17.76 -22.75
N VAL O 122 -21.25 -18.90 -23.16
CA VAL O 122 -22.52 -18.89 -23.88
C VAL O 122 -23.62 -18.12 -23.16
N SER O 123 -23.73 -18.28 -21.83
CA SER O 123 -24.78 -17.60 -21.09
C SER O 123 -24.63 -16.08 -21.18
N ASP O 124 -23.39 -15.58 -21.13
CA ASP O 124 -23.16 -14.14 -21.22
C ASP O 124 -23.54 -13.61 -22.61
N PHE O 125 -23.09 -14.31 -23.66
CA PHE O 125 -23.46 -13.94 -25.02
C PHE O 125 -24.98 -13.91 -25.17
N ARG O 126 -25.67 -14.88 -24.57
CA ARG O 126 -27.13 -14.96 -24.70
C ARG O 126 -27.81 -13.78 -24.00
N ASP O 127 -27.39 -13.48 -22.77
CA ASP O 127 -27.96 -12.33 -22.07
C ASP O 127 -27.80 -11.06 -22.89
N ARG O 128 -26.60 -10.85 -23.44
CA ARG O 128 -26.36 -9.64 -24.23
C ARG O 128 -27.19 -9.64 -25.52
N THR O 129 -27.36 -10.81 -26.14
CA THR O 129 -28.11 -10.90 -27.38
C THR O 129 -29.58 -10.56 -27.16
N ILE O 130 -30.19 -11.13 -26.12
CA ILE O 130 -31.58 -10.82 -25.84
C ILE O 130 -31.74 -9.39 -25.37
N GLU O 131 -30.67 -8.76 -24.86
CA GLU O 131 -30.73 -7.33 -24.58
C GLU O 131 -30.81 -6.50 -25.86
N VAL O 132 -29.88 -6.74 -26.79
CA VAL O 132 -29.87 -5.94 -28.02
C VAL O 132 -31.08 -6.24 -28.90
N LEU O 133 -31.70 -7.41 -28.75
CA LEU O 133 -32.91 -7.71 -29.50
C LEU O 133 -34.14 -6.99 -28.94
N LYS O 134 -34.03 -6.40 -27.75
CA LYS O 134 -35.06 -5.52 -27.23
C LYS O 134 -34.73 -4.05 -27.42
N GLY O 135 -33.44 -3.70 -27.44
CA GLY O 135 -33.05 -2.34 -27.80
C GLY O 135 -33.58 -1.94 -29.16
N CYS O 136 -33.29 -2.75 -30.17
CA CYS O 136 -33.90 -2.58 -31.48
C CYS O 136 -35.24 -3.30 -31.51
N GLY O 137 -36.13 -2.82 -32.38
CA GLY O 137 -37.44 -3.44 -32.50
C GLY O 137 -37.35 -4.90 -32.90
N VAL O 138 -36.58 -5.20 -33.95
CA VAL O 138 -36.39 -6.54 -34.48
C VAL O 138 -37.64 -7.34 -34.80
N GLU O 139 -38.63 -6.68 -35.40
CA GLU O 139 -39.85 -7.38 -35.78
C GLU O 139 -39.71 -8.77 -36.37
N MET O 140 -38.60 -9.04 -37.07
CA MET O 140 -38.43 -10.33 -37.73
C MET O 140 -36.97 -10.63 -37.92
N LEU O 141 -36.57 -11.86 -37.60
CA LEU O 141 -35.21 -12.35 -37.81
C LEU O 141 -35.24 -13.43 -38.89
N ILE O 142 -34.41 -13.25 -39.92
CA ILE O 142 -34.31 -14.21 -41.03
C ILE O 142 -32.94 -14.86 -40.97
N ILE O 143 -32.91 -16.19 -40.95
CA ILE O 143 -31.68 -16.97 -40.86
C ILE O 143 -31.49 -17.70 -42.18
N ASP O 144 -30.42 -17.36 -42.90
CA ASP O 144 -30.09 -17.98 -44.17
C ASP O 144 -29.28 -19.25 -43.96
N GLU O 145 -29.31 -20.14 -44.97
CA GLU O 145 -28.59 -21.41 -44.93
C GLU O 145 -28.84 -22.14 -43.61
N ALA O 146 -30.10 -22.14 -43.17
CA ALA O 146 -30.44 -22.72 -41.88
C ALA O 146 -30.18 -24.21 -41.83
N ASP O 147 -30.23 -24.88 -43.00
CA ASP O 147 -29.89 -26.30 -43.04
C ASP O 147 -28.49 -26.55 -42.52
N ARG O 148 -27.53 -25.72 -42.94
CA ARG O 148 -26.15 -25.81 -42.50
C ARG O 148 -26.01 -25.11 -41.16
N LEU O 149 -26.51 -25.76 -40.11
CA LEU O 149 -26.49 -25.21 -38.77
C LEU O 149 -26.65 -26.36 -37.79
N LYS O 150 -25.88 -26.33 -36.72
CA LYS O 150 -25.92 -27.41 -35.74
C LYS O 150 -27.35 -27.56 -35.22
N PRO O 151 -27.86 -28.80 -35.11
CA PRO O 151 -29.22 -28.98 -34.59
C PRO O 151 -29.41 -28.49 -33.16
N GLU O 152 -28.31 -28.25 -32.44
CA GLU O 152 -28.40 -27.82 -31.06
C GLU O 152 -28.86 -26.37 -30.94
N THR O 153 -28.58 -25.53 -31.94
CA THR O 153 -28.93 -24.12 -31.87
C THR O 153 -30.43 -23.88 -31.99
N PHE O 154 -31.17 -24.83 -32.56
CA PHE O 154 -32.60 -24.66 -32.71
C PHE O 154 -33.32 -24.67 -31.37
N ALA O 155 -32.73 -25.29 -30.34
CA ALA O 155 -33.30 -25.21 -28.99
C ALA O 155 -33.32 -23.78 -28.48
N ASP O 156 -32.27 -23.02 -28.79
CA ASP O 156 -32.23 -21.61 -28.41
C ASP O 156 -33.12 -20.77 -29.32
N VAL O 157 -33.19 -21.13 -30.61
CA VAL O 157 -34.00 -20.36 -31.55
C VAL O 157 -35.47 -20.43 -31.18
N ARG O 158 -35.97 -21.63 -30.91
CA ARG O 158 -37.39 -21.80 -30.56
C ARG O 158 -37.72 -21.07 -29.26
N ASP O 159 -36.74 -20.91 -28.37
CA ASP O 159 -36.99 -20.22 -27.11
C ASP O 159 -36.99 -18.71 -27.31
N ILE O 160 -36.05 -18.19 -28.09
CA ILE O 160 -36.00 -16.75 -28.33
C ILE O 160 -37.26 -16.32 -29.10
N ALA O 161 -37.73 -17.14 -30.02
CA ALA O 161 -38.91 -16.80 -30.79
C ALA O 161 -40.15 -16.64 -29.92
N GLU O 162 -40.17 -17.22 -28.73
CA GLU O 162 -41.32 -17.15 -27.84
C GLU O 162 -41.11 -16.19 -26.67
N ASP O 163 -39.90 -16.15 -26.10
CA ASP O 163 -39.62 -15.22 -25.01
C ASP O 163 -39.75 -13.77 -25.47
N LEU O 164 -39.25 -13.48 -26.67
CA LEU O 164 -39.33 -12.16 -27.27
C LEU O 164 -40.29 -12.20 -28.45
N GLY O 165 -41.04 -11.12 -28.64
CA GLY O 165 -41.99 -11.05 -29.74
C GLY O 165 -41.32 -10.79 -31.07
N ILE O 166 -40.57 -11.77 -31.57
CA ILE O 166 -39.84 -11.66 -32.83
C ILE O 166 -40.21 -12.84 -33.70
N ALA O 167 -40.50 -12.57 -34.97
CA ALA O 167 -40.79 -13.62 -35.93
C ALA O 167 -39.49 -14.16 -36.52
N VAL O 168 -39.32 -15.47 -36.49
CA VAL O 168 -38.10 -16.12 -36.97
C VAL O 168 -38.42 -16.88 -38.25
N VAL O 169 -37.65 -16.62 -39.29
CA VAL O 169 -37.80 -17.27 -40.60
C VAL O 169 -36.57 -18.13 -40.85
N LEU O 170 -36.79 -19.43 -41.08
CA LEU O 170 -35.71 -20.38 -41.36
C LEU O 170 -35.72 -20.69 -42.85
N VAL O 171 -34.64 -20.28 -43.54
CA VAL O 171 -34.52 -20.45 -44.99
C VAL O 171 -33.58 -21.63 -45.25
N GLY O 172 -34.06 -22.62 -46.01
CA GLY O 172 -33.27 -23.79 -46.31
C GLY O 172 -33.89 -24.73 -47.33
N THR O 173 -33.59 -26.02 -47.23
CA THR O 173 -34.09 -27.01 -48.18
C THR O 173 -34.45 -28.29 -47.42
N ASP O 174 -34.83 -29.33 -48.17
CA ASP O 174 -35.39 -30.55 -47.58
C ASP O 174 -34.71 -31.06 -46.32
N ARG O 175 -33.37 -31.05 -46.29
CA ARG O 175 -32.65 -31.54 -45.12
C ARG O 175 -32.96 -30.70 -43.88
N LEU O 176 -33.22 -29.41 -44.08
CA LEU O 176 -33.66 -28.58 -42.97
C LEU O 176 -35.01 -29.06 -42.42
N ASP O 177 -35.93 -29.41 -43.31
CA ASP O 177 -37.21 -29.95 -42.86
C ASP O 177 -37.01 -31.27 -42.12
N ALA O 178 -36.07 -32.09 -42.57
CA ALA O 178 -35.74 -33.31 -41.84
C ALA O 178 -35.30 -33.00 -40.41
N VAL O 179 -34.41 -32.03 -40.26
CA VAL O 179 -33.94 -31.66 -38.92
C VAL O 179 -35.10 -31.10 -38.08
N ILE O 180 -35.94 -30.26 -38.68
CA ILE O 180 -37.02 -29.62 -37.94
C ILE O 180 -38.04 -30.64 -37.48
N LYS O 181 -38.41 -31.58 -38.37
CA LYS O 181 -39.33 -32.63 -38.00
C LYS O 181 -38.72 -33.59 -36.98
N ARG O 182 -37.40 -33.74 -37.00
CA ARG O 182 -36.74 -34.66 -36.07
C ARG O 182 -37.05 -34.30 -34.62
N ASP O 183 -36.92 -33.03 -34.26
CA ASP O 183 -37.25 -32.55 -32.91
C ASP O 183 -38.63 -31.92 -32.95
N GLU O 184 -39.61 -32.62 -32.38
CA GLU O 184 -41.01 -32.20 -32.48
C GLU O 184 -41.25 -30.84 -31.86
N GLN O 185 -40.54 -30.52 -30.77
CA GLN O 185 -40.76 -29.25 -30.08
C GLN O 185 -40.42 -28.05 -30.97
N VAL O 186 -39.65 -28.26 -32.03
CA VAL O 186 -39.37 -27.18 -32.98
C VAL O 186 -40.38 -27.17 -34.13
N LEU O 187 -40.71 -28.35 -34.67
CA LEU O 187 -41.71 -28.42 -35.72
C LEU O 187 -43.05 -27.87 -35.26
N GLU O 188 -43.36 -28.00 -33.96
CA GLU O 188 -44.63 -27.53 -33.43
C GLU O 188 -44.86 -26.06 -33.72
N ARG O 189 -43.80 -25.25 -33.68
CA ARG O 189 -43.92 -23.84 -34.02
C ARG O 189 -43.74 -23.59 -35.51
N PHE O 190 -42.75 -24.23 -36.12
CA PHE O 190 -42.42 -23.98 -37.52
C PHE O 190 -43.23 -24.89 -38.45
N ARG O 191 -44.55 -24.76 -38.38
CA ARG O 191 -45.44 -25.47 -39.28
C ARG O 191 -45.73 -24.67 -40.54
N ALA O 192 -45.91 -23.36 -40.39
CA ALA O 192 -46.12 -22.50 -41.55
C ALA O 192 -44.88 -22.47 -42.42
N HIS O 193 -45.07 -22.46 -43.73
CA HIS O 193 -43.95 -22.49 -44.66
C HIS O 193 -44.40 -21.99 -46.03
N LEU O 194 -43.41 -21.50 -46.78
CA LEU O 194 -43.58 -21.12 -48.18
C LEU O 194 -42.60 -21.92 -49.02
N ARG O 195 -43.03 -22.33 -50.21
CA ARG O 195 -42.19 -23.11 -51.11
C ARG O 195 -41.75 -22.26 -52.30
N PHE O 196 -40.52 -22.48 -52.74
CA PHE O 196 -40.02 -21.98 -54.01
C PHE O 196 -40.14 -23.09 -55.05
N GLY O 197 -40.61 -22.73 -56.24
CA GLY O 197 -40.80 -23.69 -57.32
C GLY O 197 -39.69 -23.64 -58.35
N LYS O 198 -39.90 -24.37 -59.44
CA LYS O 198 -38.97 -24.41 -60.56
C LYS O 198 -39.64 -23.86 -61.82
N LEU O 199 -38.81 -23.49 -62.80
CA LEU O 199 -39.31 -22.92 -64.03
C LEU O 199 -39.75 -24.01 -65.00
N SER O 200 -40.80 -23.72 -65.76
CA SER O 200 -41.33 -24.67 -66.72
C SER O 200 -42.30 -23.99 -67.68
N GLY O 201 -42.27 -24.39 -68.94
CA GLY O 201 -43.30 -24.02 -69.90
C GLY O 201 -43.39 -22.53 -70.14
N GLU O 202 -44.63 -22.01 -70.11
CA GLU O 202 -44.86 -20.59 -70.35
C GLU O 202 -44.24 -19.74 -69.26
N ASP O 203 -44.27 -20.21 -68.01
CA ASP O 203 -43.61 -19.47 -66.94
C ASP O 203 -42.12 -19.32 -67.23
N PHE O 204 -41.47 -20.40 -67.69
CA PHE O 204 -40.06 -20.34 -68.02
C PHE O 204 -39.80 -19.42 -69.22
N LYS O 205 -40.64 -19.49 -70.24
CA LYS O 205 -40.48 -18.62 -71.41
C LYS O 205 -40.58 -17.16 -71.01
N ASN O 206 -41.60 -16.82 -70.21
CA ASN O 206 -41.75 -15.44 -69.74
C ASN O 206 -40.60 -15.03 -68.85
N THR O 207 -40.11 -15.94 -68.01
CA THR O 207 -38.99 -15.63 -67.14
C THR O 207 -37.75 -15.28 -67.94
N VAL O 208 -37.41 -16.10 -68.93
CA VAL O 208 -36.19 -15.86 -69.70
C VAL O 208 -36.36 -14.65 -70.61
N GLU O 209 -37.57 -14.39 -71.12
CA GLU O 209 -37.78 -13.22 -71.96
C GLU O 209 -37.68 -11.93 -71.16
N MET O 210 -38.30 -11.90 -69.98
CA MET O 210 -38.19 -10.74 -69.10
C MET O 210 -36.74 -10.55 -68.65
N TRP O 211 -36.07 -11.64 -68.27
CA TRP O 211 -34.65 -11.57 -67.92
C TRP O 211 -33.83 -10.98 -69.06
N GLU O 212 -34.10 -11.41 -70.29
CA GLU O 212 -33.32 -10.93 -71.43
C GLU O 212 -33.58 -9.46 -71.69
N GLN O 213 -34.85 -9.04 -71.67
CA GLN O 213 -35.17 -7.65 -71.93
C GLN O 213 -34.55 -6.74 -70.88
N MET O 214 -34.52 -7.19 -69.62
CA MET O 214 -34.00 -6.34 -68.55
C MET O 214 -32.47 -6.36 -68.51
N VAL O 215 -31.86 -7.52 -68.65
CA VAL O 215 -30.42 -7.68 -68.45
C VAL O 215 -29.67 -7.35 -69.73
N LEU O 216 -29.97 -8.05 -70.82
CA LEU O 216 -29.23 -7.89 -72.06
C LEU O 216 -29.48 -6.49 -72.63
N LYS O 217 -28.47 -5.65 -72.60
CA LYS O 217 -28.55 -4.29 -73.13
C LYS O 217 -28.20 -4.23 -74.62
N LEU O 218 -27.94 -5.37 -75.25
CA LEU O 218 -27.57 -5.37 -76.65
C LEU O 218 -28.71 -4.82 -77.50
N PRO O 219 -28.46 -3.84 -78.36
CA PRO O 219 -29.55 -3.27 -79.17
C PRO O 219 -30.20 -4.27 -80.11
N VAL O 220 -29.53 -5.35 -80.46
CA VAL O 220 -30.08 -6.36 -81.37
C VAL O 220 -30.77 -7.44 -80.54
N SER O 221 -32.04 -7.69 -80.85
CA SER O 221 -32.81 -8.68 -80.11
C SER O 221 -32.29 -10.10 -80.38
N SER O 222 -32.27 -10.91 -79.34
CA SER O 222 -31.87 -12.31 -79.48
C SER O 222 -33.02 -13.20 -79.94
N ASN O 223 -34.27 -12.73 -79.79
CA ASN O 223 -35.46 -13.55 -80.06
C ASN O 223 -35.42 -14.85 -79.27
N LEU O 224 -34.96 -14.75 -78.01
CA LEU O 224 -34.72 -15.92 -77.18
C LEU O 224 -35.97 -16.77 -76.99
N LYS O 225 -37.15 -16.14 -77.00
CA LYS O 225 -38.40 -16.87 -76.77
C LYS O 225 -38.70 -17.89 -77.86
N SER O 226 -38.03 -17.82 -79.01
CA SER O 226 -38.25 -18.79 -80.07
C SER O 226 -37.80 -20.18 -79.63
N LYS O 227 -38.42 -21.20 -80.22
CA LYS O 227 -38.26 -22.56 -79.74
C LYS O 227 -36.82 -23.05 -79.87
N GLU O 228 -36.14 -22.66 -80.95
CA GLU O 228 -34.79 -23.17 -81.19
C GLU O 228 -33.83 -22.80 -80.07
N MET O 229 -33.93 -21.58 -79.56
CA MET O 229 -33.08 -21.13 -78.47
C MET O 229 -33.68 -21.47 -77.11
N LEU O 230 -35.01 -21.41 -77.01
CA LEU O 230 -35.68 -21.73 -75.75
C LEU O 230 -35.41 -23.17 -75.33
N ARG O 231 -35.33 -24.09 -76.28
CA ARG O 231 -35.11 -25.50 -75.96
C ARG O 231 -33.69 -25.73 -75.42
N ILE O 232 -32.69 -25.17 -76.10
CA ILE O 232 -31.31 -25.31 -75.64
C ILE O 232 -31.15 -24.68 -74.26
N LEU O 233 -31.74 -23.50 -74.06
CA LEU O 233 -31.68 -22.84 -72.76
C LEU O 233 -32.41 -23.65 -71.70
N THR O 234 -33.50 -24.33 -72.06
CA THR O 234 -34.18 -25.20 -71.10
C THR O 234 -33.28 -26.33 -70.68
N SER O 235 -32.63 -26.98 -71.64
CA SER O 235 -31.73 -28.09 -71.33
C SER O 235 -30.58 -27.64 -70.44
N ALA O 236 -30.01 -26.46 -70.70
CA ALA O 236 -28.92 -25.97 -69.88
C ALA O 236 -29.40 -25.45 -68.53
N THR O 237 -30.63 -24.97 -68.45
CA THR O 237 -31.14 -24.31 -67.25
C THR O 237 -31.58 -25.30 -66.19
N GLU O 238 -32.22 -26.40 -66.62
CA GLU O 238 -32.76 -27.43 -65.73
C GLU O 238 -33.80 -26.86 -64.76
N GLY O 239 -34.37 -25.70 -65.07
CA GLY O 239 -35.39 -25.09 -64.25
C GLY O 239 -34.88 -24.17 -63.15
N TYR O 240 -33.58 -23.93 -63.07
CA TYR O 240 -32.99 -23.09 -62.03
C TYR O 240 -32.69 -21.71 -62.59
N ILE O 241 -33.14 -20.68 -61.87
CA ILE O 241 -32.98 -19.30 -62.34
C ILE O 241 -31.51 -18.94 -62.45
N GLY O 242 -30.72 -19.30 -61.43
CA GLY O 242 -29.29 -18.99 -61.46
C GLY O 242 -28.59 -19.60 -62.65
N ARG O 243 -29.05 -20.76 -63.10
CA ARG O 243 -28.39 -21.43 -64.24
C ARG O 243 -28.66 -20.69 -65.54
N LEU O 244 -29.91 -20.27 -65.78
CA LEU O 244 -30.18 -19.47 -66.97
C LEU O 244 -29.45 -18.15 -66.89
N ASP O 245 -29.34 -17.57 -65.70
CA ASP O 245 -28.55 -16.37 -65.50
C ASP O 245 -27.12 -16.57 -66.02
N GLU O 246 -26.45 -17.61 -65.50
CA GLU O 246 -25.09 -17.90 -65.94
C GLU O 246 -25.01 -18.13 -67.44
N ILE O 247 -25.92 -18.94 -67.97
CA ILE O 247 -25.84 -19.35 -69.38
C ILE O 247 -25.99 -18.15 -70.31
N LEU O 248 -27.02 -17.34 -70.08
CA LEU O 248 -27.28 -16.22 -70.99
C LEU O 248 -26.22 -15.13 -70.84
N ARG O 249 -25.74 -14.89 -69.61
CA ARG O 249 -24.68 -13.90 -69.44
C ARG O 249 -23.40 -14.34 -70.14
N GLU O 250 -23.06 -15.63 -70.04
CA GLU O 250 -21.87 -16.13 -70.72
C GLU O 250 -22.04 -16.06 -72.24
N ALA O 251 -23.24 -16.37 -72.74
CA ALA O 251 -23.50 -16.24 -74.17
C ALA O 251 -23.32 -14.80 -74.63
N ALA O 252 -23.80 -13.84 -73.82
CA ALA O 252 -23.64 -12.43 -74.17
C ALA O 252 -22.17 -12.03 -74.16
N ILE O 253 -21.41 -12.52 -73.17
CA ILE O 253 -19.97 -12.20 -73.10
C ILE O 253 -19.26 -12.72 -74.35
N ARG O 254 -19.52 -13.99 -74.71
CA ARG O 254 -18.89 -14.57 -75.88
C ARG O 254 -19.33 -13.87 -77.16
N SER O 255 -20.60 -13.46 -77.24
CA SER O 255 -21.10 -12.79 -78.43
C SER O 255 -20.46 -11.41 -78.60
N LEU O 256 -20.32 -10.66 -77.50
CA LEU O 256 -19.67 -9.36 -77.57
C LEU O 256 -18.18 -9.51 -77.89
N SER O 257 -17.54 -10.53 -77.33
CA SER O 257 -16.10 -10.70 -77.52
C SER O 257 -15.78 -11.14 -78.95
N ARG O 258 -16.53 -12.10 -79.48
CA ARG O 258 -16.30 -12.57 -80.85
C ARG O 258 -16.95 -11.68 -81.90
N GLY O 259 -17.75 -10.71 -81.48
CA GLY O 259 -18.33 -9.75 -82.41
C GLY O 259 -19.65 -10.15 -83.04
N LEU O 260 -20.47 -10.92 -82.34
CA LEU O 260 -21.71 -11.42 -82.91
C LEU O 260 -22.82 -10.37 -82.83
N LYS O 261 -23.70 -10.39 -83.83
CA LYS O 261 -24.84 -9.48 -83.83
C LYS O 261 -25.81 -9.77 -82.70
N LYS O 262 -25.95 -11.04 -82.32
CA LYS O 262 -26.90 -11.42 -81.28
C LYS O 262 -26.55 -12.80 -80.76
N ILE O 263 -27.02 -13.09 -79.54
CA ILE O 263 -27.01 -14.46 -79.05
C ILE O 263 -27.92 -15.28 -79.95
N ASP O 264 -27.40 -16.39 -80.47
CA ASP O 264 -28.13 -17.23 -81.40
C ASP O 264 -28.11 -18.67 -80.88
N LYS O 265 -28.75 -19.57 -81.63
CA LYS O 265 -28.84 -20.95 -81.16
C LYS O 265 -27.46 -21.60 -81.04
N ALA O 266 -26.56 -21.27 -81.98
CA ALA O 266 -25.21 -21.83 -81.92
C ALA O 266 -24.45 -21.34 -80.69
N VAL O 267 -24.61 -20.07 -80.33
CA VAL O 267 -23.96 -19.52 -79.14
C VAL O 267 -24.47 -20.21 -77.89
N LEU O 268 -25.80 -20.34 -77.80
CA LEU O 268 -26.40 -21.02 -76.66
C LEU O 268 -25.88 -22.45 -76.55
N GLN O 269 -25.71 -23.13 -77.69
CA GLN O 269 -25.19 -24.49 -77.66
C GLN O 269 -23.72 -24.50 -77.21
N GLU O 270 -22.93 -23.53 -77.66
CA GLU O 270 -21.51 -23.49 -77.30
C GLU O 270 -21.33 -23.31 -75.81
N VAL O 271 -22.19 -22.51 -75.17
CA VAL O 271 -21.98 -22.18 -73.76
C VAL O 271 -22.19 -23.40 -72.87
N ALA O 272 -23.23 -24.20 -73.14
CA ALA O 272 -23.59 -25.32 -72.26
C ALA O 272 -22.54 -26.44 -72.25
N LYS O 273 -21.55 -26.39 -73.13
CA LYS O 273 -20.58 -27.48 -73.23
C LYS O 273 -19.70 -27.56 -71.99
N GLU O 274 -19.25 -26.41 -71.47
CA GLU O 274 -18.31 -26.41 -70.35
C GLU O 274 -18.94 -27.01 -69.10
N TYR O 275 -20.21 -26.71 -68.86
CA TYR O 275 -20.91 -27.23 -67.70
C TYR O 275 -21.63 -28.54 -68.02
N GLU P 19 4.32 1.47 73.52
CA GLU P 19 4.46 2.41 74.63
C GLU P 19 3.43 3.53 74.54
N TRP P 20 2.74 3.78 75.66
CA TRP P 20 1.78 4.89 75.70
C TRP P 20 2.48 6.23 75.49
N LEU P 21 3.64 6.41 76.12
CA LEU P 21 4.44 7.62 75.94
C LEU P 21 4.70 7.89 74.46
N GLN P 22 5.12 6.85 73.73
CA GLN P 22 5.43 7.02 72.32
C GLN P 22 4.18 7.33 71.50
N ALA P 23 3.02 6.80 71.92
CA ALA P 23 1.78 7.18 71.24
C ALA P 23 1.50 8.66 71.40
N GLU P 24 1.67 9.18 72.62
CA GLU P 24 1.51 10.62 72.83
C GLU P 24 2.54 11.42 72.04
N ILE P 25 3.76 10.90 71.93
CA ILE P 25 4.79 11.58 71.15
C ILE P 25 4.41 11.64 69.68
N ALA P 26 3.91 10.53 69.14
CA ALA P 26 3.46 10.50 67.75
C ALA P 26 2.33 11.49 67.53
N ARG P 27 1.43 11.63 68.50
CA ARG P 27 0.40 12.65 68.40
C ARG P 27 1.00 14.05 68.41
N LEU P 28 2.00 14.28 69.26
CA LEU P 28 2.60 15.60 69.38
C LEU P 28 3.38 15.98 68.13
N LYS P 29 4.00 15.02 67.47
CA LYS P 29 4.77 15.27 66.25
C LYS P 29 3.90 15.25 64.99
N GLY P 30 2.58 15.09 65.15
CA GLY P 30 1.68 15.01 64.00
C GLY P 30 1.13 16.37 63.61
N LYS P 31 0.27 16.34 62.60
CA LYS P 31 -0.37 17.54 62.06
C LYS P 31 -1.73 17.75 62.71
N SER P 32 -2.04 19.01 63.02
CA SER P 32 -3.31 19.36 63.64
C SER P 32 -3.61 20.82 63.35
N ILE P 33 -4.88 21.22 63.58
CA ILE P 33 -5.35 22.57 63.31
C ILE P 33 -5.94 23.14 64.59
N VAL P 34 -5.54 24.36 64.93
CA VAL P 34 -6.17 25.14 65.98
C VAL P 34 -6.78 26.38 65.35
N PRO P 35 -8.11 26.48 65.25
CA PRO P 35 -8.72 27.63 64.58
C PRO P 35 -8.35 28.94 65.25
N LEU P 36 -8.08 29.95 64.42
CA LEU P 36 -7.71 31.28 64.89
C LEU P 36 -8.74 32.29 64.41
N GLN P 37 -8.75 33.45 65.08
CA GLN P 37 -9.58 34.57 64.63
C GLN P 37 -9.18 35.02 63.23
N GLN P 38 -7.89 34.95 62.92
CA GLN P 38 -7.43 35.25 61.57
C GLN P 38 -8.12 34.35 60.55
N VAL P 39 -8.23 33.06 60.85
CA VAL P 39 -8.83 32.11 59.92
C VAL P 39 -10.30 32.43 59.70
N LYS P 40 -11.04 32.68 60.78
CA LYS P 40 -12.47 32.98 60.65
C LYS P 40 -12.71 34.28 59.90
N THR P 41 -11.94 35.32 60.23
CA THR P 41 -12.04 36.59 59.51
C THR P 41 -11.80 36.41 58.02
N LEU P 42 -10.69 35.74 57.68
CA LEU P 42 -10.39 35.50 56.28
C LEU P 42 -11.48 34.68 55.61
N HIS P 43 -12.05 33.69 56.30
CA HIS P 43 -13.08 32.86 55.70
C HIS P 43 -14.32 33.68 55.34
N ASP P 44 -14.74 34.55 56.25
CA ASP P 44 -15.87 35.43 55.94
C ASP P 44 -15.57 36.29 54.71
N TRP P 45 -14.40 36.92 54.70
CA TRP P 45 -14.04 37.77 53.55
C TRP P 45 -13.92 36.96 52.26
N LEU P 46 -13.45 35.72 52.35
CA LEU P 46 -13.24 34.90 51.16
C LEU P 46 -14.55 34.42 50.58
N ASP P 47 -15.51 34.05 51.44
CA ASP P 47 -16.84 33.75 50.93
C ASP P 47 -17.48 34.97 50.28
N GLY P 48 -17.27 36.15 50.87
CA GLY P 48 -17.72 37.37 50.22
C GLY P 48 -17.13 37.54 48.83
N LYS P 49 -15.80 37.41 48.71
CA LYS P 49 -15.15 37.58 47.42
C LYS P 49 -15.54 36.48 46.44
N ARG P 50 -15.80 35.27 46.93
CA ARG P 50 -16.20 34.17 46.06
C ARG P 50 -17.57 34.42 45.46
N LYS P 51 -18.54 34.76 46.29
CA LYS P 51 -19.87 35.06 45.78
C LYS P 51 -19.85 36.31 44.90
N ALA P 52 -19.05 37.30 45.27
CA ALA P 52 -18.88 38.49 44.44
C ALA P 52 -18.08 38.20 43.17
N ARG P 53 -17.31 37.12 43.16
CA ARG P 53 -16.44 36.76 42.04
C ARG P 53 -15.44 37.87 41.74
N LYS P 54 -14.76 38.33 42.78
CA LYS P 54 -13.78 39.40 42.68
C LYS P 54 -12.41 38.89 43.09
N SER P 55 -11.41 39.14 42.25
CA SER P 55 -10.04 38.78 42.58
C SER P 55 -9.46 39.79 43.57
N CYS P 56 -8.56 39.30 44.42
CA CYS P 56 -7.95 40.13 45.45
C CYS P 56 -6.61 39.51 45.84
N ARG P 57 -5.88 40.20 46.71
CA ARG P 57 -4.64 39.71 47.28
C ARG P 57 -4.85 39.36 48.75
N VAL P 58 -3.87 38.68 49.33
CA VAL P 58 -3.78 38.46 50.78
C VAL P 58 -2.30 38.59 51.13
N VAL P 59 -1.94 39.64 51.86
CA VAL P 59 -0.55 39.98 52.14
C VAL P 59 -0.32 39.95 53.65
N GLY P 60 0.77 39.32 54.07
CA GLY P 60 1.10 39.26 55.49
C GLY P 60 2.32 38.40 55.72
N GLU P 61 2.70 38.32 57.00
CA GLU P 61 3.87 37.54 57.39
C GLU P 61 3.61 36.05 57.24
N SER P 62 4.66 35.30 56.96
CA SER P 62 4.58 33.85 56.88
C SER P 62 4.51 33.24 58.28
N ARG P 63 4.22 31.94 58.33
CA ARG P 63 4.04 31.21 59.59
C ARG P 63 2.95 31.82 60.44
N THR P 64 1.93 32.38 59.80
CA THR P 64 0.77 32.95 60.49
C THR P 64 -0.50 32.17 60.20
N GLY P 65 -0.37 30.91 59.79
CA GLY P 65 -1.51 30.08 59.49
C GLY P 65 -2.02 30.17 58.08
N LYS P 66 -1.18 30.58 57.12
CA LYS P 66 -1.62 30.66 55.72
C LYS P 66 -2.05 29.29 55.21
N THR P 67 -1.22 28.27 55.46
CA THR P 67 -1.58 26.91 55.08
C THR P 67 -2.85 26.46 55.79
N VAL P 68 -2.97 26.80 57.09
CA VAL P 68 -4.16 26.41 57.84
C VAL P 68 -5.40 27.09 57.27
N ALA P 69 -5.30 28.37 56.96
CA ALA P 69 -6.44 29.09 56.38
C ALA P 69 -6.86 28.45 55.05
N CYS P 70 -5.88 28.17 54.18
CA CYS P 70 -6.20 27.55 52.90
C CYS P 70 -6.87 26.19 53.08
N ASP P 71 -6.30 25.33 53.93
CA ASP P 71 -6.84 23.99 54.12
C ASP P 71 -8.21 24.03 54.76
N ALA P 72 -8.40 24.87 55.79
CA ALA P 72 -9.69 24.94 56.46
C ALA P 72 -10.76 25.53 55.55
N TYR P 73 -10.39 26.46 54.66
CA TYR P 73 -11.35 26.96 53.69
C TYR P 73 -11.71 25.90 52.66
N ARG P 74 -10.71 25.16 52.18
CA ARG P 74 -10.96 24.10 51.22
C ARG P 74 -11.80 22.98 51.81
N TYR P 75 -11.67 22.74 53.12
CA TYR P 75 -12.46 21.69 53.77
C TYR P 75 -13.95 22.00 53.73
N ARG P 76 -14.32 23.27 53.81
CA ARG P 76 -15.73 23.64 53.85
C ARG P 76 -16.42 23.36 52.52
N HIS P 77 -15.74 23.65 51.41
CA HIS P 77 -16.29 23.45 50.08
C HIS P 77 -15.67 22.20 49.48
N LYS P 78 -16.45 21.11 49.42
CA LYS P 78 -15.96 19.85 48.88
C LYS P 78 -16.70 19.50 47.60
N PRO P 79 -15.98 19.26 46.50
CA PRO P 79 -16.65 18.91 45.25
C PRO P 79 -17.41 17.59 45.35
N GLN P 80 -18.57 17.53 44.70
CA GLN P 80 -19.39 16.34 44.63
C GLN P 80 -19.63 15.97 43.17
N GLN P 81 -19.50 14.66 42.86
CA GLN P 81 -19.61 14.17 41.48
C GLN P 81 -20.61 12.99 41.45
N GLU P 82 -21.89 13.31 41.48
CA GLU P 82 -22.93 12.28 41.44
C GLU P 82 -23.15 11.70 40.04
N ALA P 83 -22.65 12.36 39.00
CA ALA P 83 -22.86 11.93 37.63
C ALA P 83 -21.54 11.89 36.88
N GLY P 84 -21.59 11.36 35.65
CA GLY P 84 -20.41 11.26 34.82
C GLY P 84 -19.87 12.58 34.30
N ARG P 85 -20.64 13.66 34.42
CA ARG P 85 -20.20 14.97 34.00
C ARG P 85 -19.13 15.51 34.96
N PRO P 86 -18.40 16.54 34.55
CA PRO P 86 -17.34 17.08 35.41
C PRO P 86 -17.89 17.46 36.77
N PRO P 87 -17.07 17.38 37.82
CA PRO P 87 -17.56 17.64 39.17
C PRO P 87 -17.88 19.11 39.38
N THR P 88 -18.83 19.35 40.29
CA THR P 88 -19.21 20.72 40.66
C THR P 88 -18.17 21.23 41.65
N VAL P 89 -17.04 21.68 41.12
CA VAL P 89 -15.94 22.21 41.92
C VAL P 89 -16.13 23.73 42.04
N PRO P 90 -16.32 24.27 43.23
CA PRO P 90 -16.47 25.73 43.34
C PRO P 90 -15.14 26.46 43.37
N VAL P 91 -14.12 25.90 44.00
CA VAL P 91 -12.84 26.58 44.20
C VAL P 91 -11.69 25.71 43.73
N VAL P 92 -10.69 26.34 43.09
CA VAL P 92 -9.46 25.69 42.67
C VAL P 92 -8.33 26.15 43.59
N TYR P 93 -7.45 25.23 43.97
CA TYR P 93 -6.33 25.53 44.87
C TYR P 93 -5.04 25.03 44.23
N ILE P 94 -4.07 25.93 44.05
CA ILE P 94 -2.78 25.61 43.47
C ILE P 94 -1.68 26.31 44.25
N ARG P 95 -0.46 25.79 44.10
CA ARG P 95 0.74 26.41 44.67
C ARG P 95 1.82 26.44 43.60
N PRO P 96 2.07 27.60 42.99
CA PRO P 96 3.11 27.67 41.95
C PRO P 96 4.49 27.36 42.51
N HIS P 97 5.29 26.69 41.70
CA HIS P 97 6.66 26.35 42.08
C HIS P 97 7.57 27.57 41.93
N GLN P 98 8.69 27.54 42.64
CA GLN P 98 9.69 28.59 42.47
C GLN P 98 10.08 28.71 41.00
N LYS P 99 10.05 29.94 40.48
CA LYS P 99 10.28 30.21 39.05
C LYS P 99 9.22 29.52 38.19
N CYS P 100 7.96 29.59 38.62
CA CYS P 100 6.87 28.99 37.86
C CYS P 100 6.58 29.81 36.61
N GLY P 101 6.43 29.12 35.49
CA GLY P 101 6.07 29.75 34.24
C GLY P 101 4.62 29.52 33.88
N PRO P 102 4.17 30.07 32.75
CA PRO P 102 2.77 29.87 32.34
C PRO P 102 2.40 28.40 32.20
N LYS P 103 3.28 27.61 31.58
CA LYS P 103 3.04 26.18 31.40
C LYS P 103 2.77 25.49 32.73
N ASP P 104 3.46 25.92 33.79
CA ASP P 104 3.32 25.26 35.09
C ASP P 104 1.99 25.62 35.75
N LEU P 105 1.57 26.89 35.65
CA LEU P 105 0.25 27.26 36.14
C LEU P 105 -0.83 26.44 35.45
N PHE P 106 -0.77 26.35 34.12
CA PHE P 106 -1.76 25.58 33.38
C PHE P 106 -1.74 24.11 33.79
N LYS P 107 -0.55 23.53 33.93
CA LYS P 107 -0.42 22.13 34.29
C LYS P 107 -0.99 21.85 35.68
N LYS P 108 -0.69 22.71 36.66
CA LYS P 108 -1.18 22.50 38.01
C LYS P 108 -2.69 22.63 38.08
N ILE P 109 -3.26 23.61 37.37
CA ILE P 109 -4.72 23.73 37.33
C ILE P 109 -5.33 22.48 36.72
N THR P 110 -4.74 21.98 35.63
CA THR P 110 -5.28 20.79 34.98
C THR P 110 -5.21 19.57 35.88
N GLU P 111 -4.09 19.38 36.58
CA GLU P 111 -3.93 18.22 37.45
C GLU P 111 -4.88 18.28 38.64
N TYR P 112 -5.06 19.47 39.22
CA TYR P 112 -5.96 19.62 40.36
C TYR P 112 -7.36 19.14 40.04
N LEU P 113 -7.86 19.47 38.86
CA LEU P 113 -9.21 19.12 38.44
C LEU P 113 -9.32 17.70 37.90
N LYS P 114 -8.25 16.90 38.02
CA LYS P 114 -8.24 15.48 37.66
C LYS P 114 -8.42 15.28 36.15
N TYR P 115 -7.65 16.05 35.37
CA TYR P 115 -7.65 15.93 33.92
C TYR P 115 -6.25 15.63 33.42
N ARG P 116 -6.19 14.98 32.25
CA ARG P 116 -4.90 14.66 31.64
C ARG P 116 -4.23 15.94 31.13
N VAL P 117 -2.94 16.06 31.40
CA VAL P 117 -2.17 17.21 30.95
C VAL P 117 -1.85 17.04 29.47
N THR P 118 -2.27 18.00 28.66
CA THR P 118 -1.96 17.94 27.23
C THR P 118 -0.47 18.13 27.00
N LYS P 119 0.02 17.59 25.89
CA LYS P 119 1.38 17.82 25.45
C LYS P 119 1.39 18.92 24.40
N GLY P 120 2.49 19.67 24.34
CA GLY P 120 2.59 20.78 23.42
C GLY P 120 3.16 22.02 24.06
N THR P 121 2.70 23.20 23.62
CA THR P 121 3.25 24.48 24.04
C THR P 121 2.26 25.23 24.94
N VAL P 122 2.59 26.50 25.20
CA VAL P 122 1.81 27.31 26.13
C VAL P 122 0.42 27.59 25.59
N SER P 123 0.30 27.78 24.27
CA SER P 123 -1.03 28.02 23.69
C SER P 123 -1.94 26.81 23.87
N ASP P 124 -1.40 25.61 23.66
CA ASP P 124 -2.19 24.40 23.86
C ASP P 124 -2.58 24.22 25.32
N PHE P 125 -1.64 24.44 26.24
CA PHE P 125 -1.94 24.36 27.66
C PHE P 125 -3.00 25.38 28.05
N ARG P 126 -2.94 26.58 27.45
CA ARG P 126 -3.91 27.63 27.75
C ARG P 126 -5.32 27.21 27.33
N ASP P 127 -5.45 26.69 26.11
CA ASP P 127 -6.76 26.23 25.65
C ASP P 127 -7.28 25.10 26.54
N ARG P 128 -6.41 24.13 26.86
CA ARG P 128 -6.80 23.02 27.71
C ARG P 128 -7.29 23.50 29.09
N THR P 129 -6.57 24.46 29.67
CA THR P 129 -6.93 24.98 30.98
C THR P 129 -8.27 25.69 30.95
N ILE P 130 -8.49 26.54 29.93
CA ILE P 130 -9.77 27.24 29.84
C ILE P 130 -10.91 26.24 29.69
N GLU P 131 -10.69 25.19 28.90
CA GLU P 131 -11.72 24.16 28.73
C GLU P 131 -12.10 23.53 30.07
N VAL P 132 -11.10 23.04 30.80
CA VAL P 132 -11.40 22.36 32.07
C VAL P 132 -11.99 23.34 33.07
N LEU P 133 -11.53 24.59 33.08
CA LEU P 133 -12.08 25.58 33.99
C LEU P 133 -13.53 25.89 33.65
N LYS P 134 -13.86 25.93 32.36
CA LYS P 134 -15.23 26.23 31.95
C LYS P 134 -16.18 25.11 32.35
N GLY P 135 -15.73 23.85 32.29
CA GLY P 135 -16.58 22.75 32.70
C GLY P 135 -17.11 22.90 34.12
N CYS P 136 -16.21 23.14 35.07
CA CYS P 136 -16.59 23.28 36.47
C CYS P 136 -17.05 24.71 36.76
N GLY P 137 -17.62 24.89 37.95
CA GLY P 137 -18.04 26.21 38.39
C GLY P 137 -16.87 27.16 38.52
N VAL P 138 -15.87 26.79 39.31
CA VAL P 138 -14.65 27.57 39.52
C VAL P 138 -15.00 29.01 39.85
N GLU P 139 -15.77 29.20 40.92
CA GLU P 139 -16.10 30.57 41.34
C GLU P 139 -14.88 31.29 41.90
N MET P 140 -13.95 30.56 42.52
CA MET P 140 -12.83 31.14 43.22
C MET P 140 -11.58 30.29 42.96
N LEU P 141 -10.42 30.93 42.97
CA LEU P 141 -9.16 30.23 42.78
C LEU P 141 -8.14 30.79 43.76
N ILE P 142 -7.50 29.90 44.52
CA ILE P 142 -6.51 30.28 45.52
C ILE P 142 -5.12 29.95 45.00
N ILE P 143 -4.22 30.93 45.07
CA ILE P 143 -2.83 30.77 44.64
C ILE P 143 -1.96 30.92 45.88
N ASP P 144 -1.50 29.79 46.43
CA ASP P 144 -0.69 29.81 47.65
C ASP P 144 0.74 30.18 47.34
N GLU P 145 1.36 30.92 48.26
CA GLU P 145 2.73 31.39 48.13
C GLU P 145 2.95 32.03 46.75
N ALA P 146 2.05 32.97 46.41
CA ALA P 146 2.08 33.62 45.11
C ALA P 146 3.40 34.33 44.85
N ASP P 147 4.20 34.57 45.89
CA ASP P 147 5.53 35.14 45.71
C ASP P 147 6.40 34.26 44.80
N ARG P 148 6.20 32.94 44.85
CA ARG P 148 6.99 32.00 44.04
C ARG P 148 6.39 31.87 42.64
N LEU P 149 6.34 32.99 41.94
CA LEU P 149 5.78 33.07 40.60
C LEU P 149 6.60 34.05 39.79
N LYS P 150 6.99 33.65 38.58
CA LYS P 150 7.75 34.53 37.72
C LYS P 150 6.93 35.80 37.43
N PRO P 151 7.53 36.99 37.55
CA PRO P 151 6.75 38.22 37.30
C PRO P 151 6.11 38.28 35.93
N GLU P 152 6.56 37.45 34.98
CA GLU P 152 6.04 37.52 33.62
C GLU P 152 4.63 36.95 33.52
N THR P 153 4.38 35.79 34.14
CA THR P 153 3.13 35.05 33.97
C THR P 153 1.99 35.56 34.85
N PHE P 154 2.23 36.58 35.68
CA PHE P 154 1.12 37.31 36.28
C PHE P 154 0.19 37.83 35.20
N ALA P 155 0.71 38.06 34.01
CA ALA P 155 -0.13 38.40 32.87
C ALA P 155 -1.15 37.30 32.59
N ASP P 156 -0.73 36.04 32.64
CA ASP P 156 -1.67 34.93 32.40
C ASP P 156 -2.66 34.79 33.55
N VAL P 157 -2.18 34.97 34.79
CA VAL P 157 -3.09 34.94 35.94
C VAL P 157 -4.18 36.00 35.77
N ARG P 158 -3.78 37.22 35.42
CA ARG P 158 -4.74 38.30 35.20
C ARG P 158 -5.65 38.01 34.02
N ASP P 159 -5.13 37.38 32.97
CA ASP P 159 -5.95 37.03 31.82
C ASP P 159 -7.08 36.09 32.22
N ILE P 160 -6.77 35.06 33.00
CA ILE P 160 -7.82 34.17 33.47
C ILE P 160 -8.77 34.90 34.40
N ALA P 161 -8.24 35.77 35.27
CA ALA P 161 -9.09 36.52 36.20
C ALA P 161 -10.10 37.39 35.45
N GLU P 162 -9.66 38.01 34.35
CA GLU P 162 -10.53 38.93 33.60
C GLU P 162 -11.48 38.18 32.68
N ASP P 163 -11.02 37.09 32.05
CA ASP P 163 -11.80 36.43 31.02
C ASP P 163 -13.01 35.70 31.59
N LEU P 164 -12.84 35.01 32.71
CA LEU P 164 -13.90 34.25 33.34
C LEU P 164 -14.21 34.82 34.72
N GLY P 165 -15.41 34.53 35.21
CA GLY P 165 -15.80 34.95 36.53
C GLY P 165 -15.13 34.12 37.61
N ILE P 166 -13.88 34.45 37.94
CA ILE P 166 -13.08 33.67 38.87
C ILE P 166 -12.43 34.63 39.86
N ALA P 167 -12.70 34.43 41.15
CA ALA P 167 -12.10 35.24 42.21
C ALA P 167 -10.72 34.69 42.51
N VAL P 168 -9.71 35.18 41.80
CA VAL P 168 -8.33 34.72 41.98
C VAL P 168 -7.73 35.43 43.19
N VAL P 169 -7.17 34.64 44.11
CA VAL P 169 -6.61 35.16 45.35
C VAL P 169 -5.11 34.88 45.36
N LEU P 170 -4.31 35.93 45.54
CA LEU P 170 -2.85 35.82 45.61
C LEU P 170 -2.43 36.00 47.07
N VAL P 171 -1.93 34.92 47.67
CA VAL P 171 -1.48 34.93 49.06
C VAL P 171 0.04 35.01 49.06
N GLY P 172 0.58 36.00 49.77
CA GLY P 172 2.02 36.15 49.81
C GLY P 172 2.46 37.11 50.90
N THR P 173 3.78 37.31 50.95
CA THR P 173 4.38 38.25 51.90
C THR P 173 4.55 39.61 51.25
N ASP P 174 5.54 40.40 51.70
CA ASP P 174 5.72 41.74 51.15
C ASP P 174 6.12 41.70 49.68
N ARG P 175 6.77 40.61 49.25
CA ARG P 175 7.33 40.56 47.89
C ARG P 175 6.26 40.54 46.81
N LEU P 176 5.05 40.06 47.14
CA LEU P 176 3.96 40.05 46.15
C LEU P 176 3.67 41.45 45.63
N ASP P 177 3.62 42.42 46.53
CA ASP P 177 3.24 43.78 46.16
C ASP P 177 4.23 44.40 45.18
N ALA P 178 5.50 44.03 45.25
CA ALA P 178 6.50 44.63 44.36
C ALA P 178 6.21 44.28 42.91
N VAL P 179 6.15 42.99 42.60
CA VAL P 179 5.88 42.58 41.23
C VAL P 179 4.49 43.02 40.79
N ILE P 180 3.54 43.09 41.73
CA ILE P 180 2.20 43.52 41.33
C ILE P 180 2.16 45.02 41.04
N LYS P 181 2.91 45.81 41.80
CA LYS P 181 3.01 47.25 41.56
C LYS P 181 3.71 47.54 40.26
N ARG P 182 4.64 46.66 39.84
CA ARG P 182 5.38 46.89 38.61
C ARG P 182 4.47 46.98 37.38
N ASP P 183 3.33 46.30 37.40
CA ASP P 183 2.37 46.32 36.28
C ASP P 183 1.05 46.89 36.80
N GLU P 184 0.70 48.10 36.35
CA GLU P 184 -0.49 48.77 36.85
C GLU P 184 -1.79 48.05 36.48
N GLN P 185 -1.77 47.20 35.45
CA GLN P 185 -2.98 46.48 35.08
C GLN P 185 -3.25 45.31 36.03
N VAL P 186 -2.21 44.56 36.40
CA VAL P 186 -2.36 43.51 37.40
C VAL P 186 -2.78 44.11 38.73
N LEU P 187 -2.17 45.24 39.11
CA LEU P 187 -2.55 45.91 40.35
C LEU P 187 -3.98 46.41 40.29
N GLU P 188 -4.41 46.92 39.13
CA GLU P 188 -5.79 47.36 38.97
C GLU P 188 -6.75 46.20 39.16
N ARG P 189 -6.42 45.03 38.61
CA ARG P 189 -7.29 43.87 38.78
C ARG P 189 -7.25 43.35 40.22
N PHE P 190 -6.08 43.33 40.83
CA PHE P 190 -5.89 42.80 42.18
C PHE P 190 -5.72 43.91 43.21
N ARG P 191 -6.49 44.99 43.07
CA ARG P 191 -6.37 46.12 44.00
C ARG P 191 -6.84 45.74 45.39
N ALA P 192 -8.06 45.22 45.50
CA ALA P 192 -8.58 44.79 46.80
C ALA P 192 -7.69 43.68 47.37
N HIS P 193 -7.66 43.61 48.70
CA HIS P 193 -6.78 42.66 49.36
C HIS P 193 -7.23 42.43 50.80
N LEU P 194 -6.84 41.28 51.33
CA LEU P 194 -6.93 41.00 52.76
C LEU P 194 -5.52 40.98 53.34
N ARG P 195 -5.43 40.84 54.66
CA ARG P 195 -4.14 40.90 55.34
C ARG P 195 -4.05 39.83 56.41
N PHE P 196 -2.83 39.35 56.64
CA PHE P 196 -2.50 38.49 57.77
C PHE P 196 -1.85 39.35 58.86
N GLY P 197 -2.16 39.03 60.11
CA GLY P 197 -1.56 39.74 61.23
C GLY P 197 -0.71 38.83 62.10
N LYS P 198 -0.60 39.15 63.39
CA LYS P 198 0.13 38.34 64.34
C LYS P 198 -0.79 38.01 65.52
N LEU P 199 -0.49 36.89 66.17
CA LEU P 199 -1.28 36.46 67.32
C LEU P 199 -1.12 37.46 68.46
N SER P 200 -2.22 37.76 69.15
CA SER P 200 -2.19 38.77 70.20
C SER P 200 -3.37 38.60 71.13
N GLY P 201 -3.13 38.93 72.41
CA GLY P 201 -4.22 39.10 73.37
C GLY P 201 -5.10 37.86 73.55
N GLU P 202 -6.42 38.10 73.46
CA GLU P 202 -7.38 37.04 73.70
C GLU P 202 -7.25 35.93 72.67
N ASP P 203 -6.97 36.29 71.41
CA ASP P 203 -6.81 35.28 70.38
C ASP P 203 -5.65 34.34 70.69
N PHE P 204 -4.52 34.91 71.10
CA PHE P 204 -3.35 34.08 71.43
C PHE P 204 -3.61 33.22 72.66
N LYS P 205 -4.20 33.80 73.71
CA LYS P 205 -4.51 33.03 74.91
C LYS P 205 -5.44 31.87 74.60
N ASN P 206 -6.51 32.15 73.85
CA ASN P 206 -7.44 31.10 73.44
C ASN P 206 -6.74 30.05 72.60
N THR P 207 -5.88 30.47 71.68
CA THR P 207 -5.15 29.51 70.85
C THR P 207 -4.32 28.56 71.72
N VAL P 208 -3.67 29.10 72.75
CA VAL P 208 -2.84 28.27 73.63
C VAL P 208 -3.70 27.23 74.34
N GLU P 209 -4.82 27.68 74.94
CA GLU P 209 -5.68 26.72 75.64
C GLU P 209 -6.29 25.70 74.68
N MET P 210 -6.70 26.16 73.50
CA MET P 210 -7.26 25.27 72.48
C MET P 210 -6.24 24.22 72.09
N TRP P 211 -4.96 24.60 72.02
CA TRP P 211 -3.91 23.61 71.76
C TRP P 211 -3.83 22.60 72.88
N GLU P 212 -3.89 23.07 74.13
CA GLU P 212 -3.85 22.15 75.27
C GLU P 212 -4.98 21.13 75.21
N GLN P 213 -6.14 21.54 74.70
CA GLN P 213 -7.29 20.62 74.65
C GLN P 213 -7.31 19.76 73.38
N MET P 214 -6.91 20.31 72.23
CA MET P 214 -7.04 19.64 70.95
C MET P 214 -5.85 18.76 70.60
N VAL P 215 -4.65 19.13 71.04
CA VAL P 215 -3.42 18.44 70.68
C VAL P 215 -2.88 17.61 71.85
N LEU P 216 -2.70 18.26 73.00
CA LEU P 216 -2.13 17.59 74.16
C LEU P 216 -3.17 16.68 74.81
N LYS P 217 -2.86 15.38 74.89
CA LYS P 217 -3.76 14.39 75.46
C LYS P 217 -3.20 13.76 76.72
N LEU P 218 -2.36 14.49 77.43
CA LEU P 218 -1.81 14.00 78.70
C LEU P 218 -2.91 13.95 79.76
N PRO P 219 -2.83 13.01 80.70
CA PRO P 219 -3.90 12.87 81.70
C PRO P 219 -3.98 14.03 82.69
N VAL P 220 -2.94 14.84 82.81
CA VAL P 220 -2.89 15.94 83.77
C VAL P 220 -2.85 17.26 83.01
N SER P 221 -3.68 18.21 83.43
CA SER P 221 -3.74 19.51 82.77
C SER P 221 -2.42 20.26 82.90
N SER P 222 -2.05 20.98 81.85
CA SER P 222 -0.87 21.83 81.88
C SER P 222 -1.20 23.25 82.33
N ASN P 223 -2.43 23.71 82.11
CA ASN P 223 -2.86 25.06 82.48
C ASN P 223 -1.98 26.11 81.80
N LEU P 224 -1.85 25.99 80.49
CA LEU P 224 -0.90 26.81 79.73
C LEU P 224 -1.30 28.29 79.68
N LYS P 225 -2.56 28.61 79.94
CA LYS P 225 -3.00 30.00 79.94
C LYS P 225 -2.65 30.75 81.22
N SER P 226 -2.01 30.07 82.18
CA SER P 226 -1.70 30.67 83.47
C SER P 226 -0.50 31.61 83.37
N LYS P 227 -0.18 32.28 84.48
CA LYS P 227 0.86 33.31 84.47
C LYS P 227 2.24 32.72 84.24
N GLU P 228 2.52 31.53 84.78
CA GLU P 228 3.86 30.96 84.69
C GLU P 228 4.18 30.50 83.27
N MET P 229 3.17 30.14 82.47
CA MET P 229 3.35 29.53 81.17
C MET P 229 3.10 30.47 80.01
N LEU P 230 2.01 31.23 80.07
CA LEU P 230 1.61 32.08 78.95
C LEU P 230 2.64 33.16 78.66
N ARG P 231 3.37 33.62 79.68
CA ARG P 231 4.37 34.66 79.47
C ARG P 231 5.54 34.14 78.62
N ILE P 232 6.07 32.96 78.97
CA ILE P 232 7.11 32.35 78.16
C ILE P 232 6.60 32.08 76.76
N LEU P 233 5.35 31.63 76.65
CA LEU P 233 4.79 31.34 75.33
C LEU P 233 4.68 32.60 74.48
N THR P 234 4.28 33.71 75.09
CA THR P 234 4.19 34.98 74.37
C THR P 234 5.57 35.42 73.90
N SER P 235 6.58 35.34 74.79
CA SER P 235 7.92 35.78 74.41
C SER P 235 8.50 34.92 73.30
N ALA P 236 8.31 33.60 73.37
CA ALA P 236 8.92 32.71 72.39
C ALA P 236 8.13 32.65 71.08
N THR P 237 6.81 32.86 71.13
CA THR P 237 5.99 32.76 69.93
C THR P 237 6.29 33.89 68.95
N GLU P 238 6.50 35.10 69.48
CA GLU P 238 6.76 36.30 68.68
C GLU P 238 5.63 36.59 67.68
N GLY P 239 4.43 36.08 67.97
CA GLY P 239 3.27 36.30 67.11
C GLY P 239 3.08 35.30 65.99
N TYR P 240 3.99 34.35 65.84
CA TYR P 240 3.94 33.37 64.75
C TYR P 240 3.37 32.06 65.26
N ILE P 241 2.28 31.59 64.63
CA ILE P 241 1.66 30.35 65.06
C ILE P 241 2.60 29.17 64.87
N GLY P 242 3.50 29.24 63.90
CA GLY P 242 4.47 28.17 63.73
C GLY P 242 5.38 28.02 64.93
N ARG P 243 5.78 29.15 65.52
CA ARG P 243 6.66 29.11 66.69
C ARG P 243 5.92 28.59 67.92
N LEU P 244 4.65 28.98 68.09
CA LEU P 244 3.86 28.41 69.17
C LEU P 244 3.71 26.90 69.02
N ASP P 245 3.41 26.46 67.79
CA ASP P 245 3.37 25.03 67.50
C ASP P 245 4.65 24.34 67.95
N GLU P 246 5.80 24.86 67.49
CA GLU P 246 7.07 24.24 67.80
C GLU P 246 7.31 24.17 69.31
N ILE P 247 7.14 25.29 70.02
CA ILE P 247 7.49 25.32 71.43
C ILE P 247 6.58 24.40 72.23
N LEU P 248 5.27 24.39 71.95
CA LEU P 248 4.37 23.56 72.74
C LEU P 248 4.62 22.08 72.50
N ARG P 249 4.79 21.69 71.23
CA ARG P 249 5.05 20.28 70.94
C ARG P 249 6.36 19.81 71.57
N GLU P 250 7.42 20.60 71.41
CA GLU P 250 8.71 20.21 71.97
C GLU P 250 8.68 20.17 73.49
N ALA P 251 7.98 21.12 74.11
CA ALA P 251 7.86 21.12 75.56
C ALA P 251 7.15 19.88 76.05
N ALA P 252 6.07 19.48 75.40
CA ALA P 252 5.37 18.26 75.82
C ALA P 252 6.27 17.03 75.63
N ILE P 253 7.02 16.98 74.52
CA ILE P 253 7.94 15.86 74.31
C ILE P 253 8.96 15.77 75.43
N ARG P 254 9.62 16.89 75.73
CA ARG P 254 10.64 16.90 76.78
C ARG P 254 10.04 16.61 78.15
N SER P 255 8.81 17.08 78.40
CA SER P 255 8.12 16.78 79.64
C SER P 255 7.95 15.29 79.83
N LEU P 256 7.49 14.60 78.77
CA LEU P 256 7.37 13.15 78.84
C LEU P 256 8.73 12.50 79.08
N SER P 257 9.78 12.99 78.42
CA SER P 257 11.11 12.40 78.60
C SER P 257 11.68 12.64 80.00
N ARG P 258 11.22 13.69 80.69
CA ARG P 258 11.63 13.94 82.07
C ARG P 258 10.80 13.17 83.08
N GLY P 259 9.76 12.47 82.63
CA GLY P 259 8.89 11.73 83.53
C GLY P 259 7.67 12.46 84.01
N LEU P 260 7.27 13.53 83.32
CA LEU P 260 6.14 14.36 83.75
C LEU P 260 4.86 13.96 83.03
N LYS P 261 3.73 14.35 83.62
CA LYS P 261 2.42 14.19 83.02
C LYS P 261 1.88 15.51 82.47
N LYS P 262 2.70 16.55 82.40
CA LYS P 262 2.24 17.85 81.93
C LYS P 262 3.43 18.72 81.60
N ILE P 263 3.20 19.69 80.71
CA ILE P 263 4.14 20.78 80.53
C ILE P 263 4.20 21.58 81.82
N ASP P 264 5.40 21.85 82.30
CA ASP P 264 5.58 22.51 83.58
C ASP P 264 6.43 23.77 83.43
N LYS P 265 6.48 24.55 84.50
CA LYS P 265 7.23 25.80 84.51
C LYS P 265 8.68 25.60 84.08
N ALA P 266 9.28 24.46 84.45
CA ALA P 266 10.67 24.21 84.07
C ALA P 266 10.80 23.85 82.60
N VAL P 267 9.80 23.18 82.03
CA VAL P 267 9.93 22.66 80.68
C VAL P 267 9.88 23.79 79.65
N LEU P 268 8.98 24.76 79.85
CA LEU P 268 8.83 25.83 78.86
C LEU P 268 10.07 26.69 78.75
N GLN P 269 10.79 26.88 79.86
CA GLN P 269 11.92 27.80 79.86
C GLN P 269 13.09 27.27 79.07
N GLU P 270 13.33 25.95 79.10
CA GLU P 270 14.53 25.41 78.46
C GLU P 270 14.37 25.26 76.95
N VAL P 271 13.14 25.11 76.46
CA VAL P 271 12.92 25.04 75.02
C VAL P 271 13.03 26.40 74.35
N ALA P 272 12.88 27.48 75.12
CA ALA P 272 12.88 28.82 74.52
C ALA P 272 14.20 29.14 73.85
N LYS P 273 15.32 28.72 74.44
CA LYS P 273 16.63 28.95 73.83
C LYS P 273 16.72 28.25 72.48
N GLU P 274 16.35 26.97 72.43
CA GLU P 274 16.45 26.22 71.19
C GLU P 274 15.44 26.68 70.16
N TYR P 275 14.23 27.03 70.59
CA TYR P 275 13.18 27.45 69.68
C TYR P 275 12.63 28.82 70.09
#